data_2XNX
#
_entry.id   2XNX
#
_cell.length_a   112.723
_cell.length_b   216.866
_cell.length_c   140.807
_cell.angle_alpha   90.00
_cell.angle_beta   102.54
_cell.angle_gamma   90.00
#
_symmetry.space_group_name_H-M   'P 1 21 1'
#
loop_
_entity.id
_entity.type
_entity.pdbx_description
1 polymer 'FIBRINOGEN ALPHA CHAIN'
2 polymer 'FIBRINOGEN BETA CHAIN'
3 polymer 'FIBRINOGEN GAMMA CHAIN'
4 polymer 'M PROTEIN'
#
loop_
_entity_poly.entity_id
_entity_poly.type
_entity_poly.pdbx_seq_one_letter_code
_entity_poly.pdbx_strand_id
1 'polypeptide(L)'
;VSEDLRSRIEVLKRKVIEKVQHIQLLQKNVRAQLVDMKRLEVDIDIKIRSCRGSCSRALAREVDLKDYEDQQKQLEQVIA
KDLLPSR
;
A,D,G,J
2 'polypeptide(L)'
;DNENVVNEYSSELEKHQLYIDETVNSNIPTNLRVLRSILENLRSKIQKLESDVSAQMEYCRTPCTVSCNIPVVSGKECEE
IIRKGGETSEMYLIQPDSSVKPYRVYCDMNTENGGWTVIQNRQDGSVDFGRKWDPYKQGFGNVATNTDGKNYCGLPGEYW
LGNDKISQLTRMGPTELLIEMEDWKGDKVKAHYGGFTVQNEANKYQISVNKYRGTAGNALMDGASQLMGENRTMTIHNGM
FFSTYDRDNDGWLTSDPRKQCSKEDGGGWWYNRCHAANPNGRYYWGGQYTWDMAKHGTDDGVVWMNWKGSWYSMRKMSMK
IRPFFPQQ
;
B,E,H,K
3 'polypeptide(L)'
;KMLEEIMKYEASILTHDSSIRYLQEIYNSNNQKIVNLKEKVAQLEAQCQEPCKDTVQIHDITGKDCQDIANKGAKQSGLY
FIKPLKANQQFLVYCEIDGSGNGWTVFQKRLDGSVDFKKNWIQYKEGFGHLSPTGTTEFWLGNEKIHLISTQSAIPYALR
VELEDWNGRTSTADYAMFKVGPEADKYRLTYAYFAGGDAGDAFDGFDFGDDPSDKFFTSHNGMQFSTWDNDNDKFEGNCA
EQDGSGWWMNKCHAGHLNGVYYQGGTYSKASTPNGYDNGIIWATWKTRWYSMKKTTMKIIPFNRLTIGEGQQHHLGGAK
;
C,F,I,L
4 'polypeptide(L)'
;MVWDRQRLEKELEEKKEALELAIDQASRDYHRATALEKELEEKKKALELAIDQASQDYNRANVLEKELEAITREQEINRN
LLGNAKLELDQLSSEKEQLTIEKAKLEEEKQISDASRQSLRRDLDASREAKKQVEKDLLEHHHHHH
;
M,N
#
# COMPACT_ATOMS: atom_id res chain seq x y z
N ILE A 9 34.52 13.38 -14.30
CA ILE A 9 34.46 14.81 -13.84
C ILE A 9 34.38 15.79 -15.03
N GLU A 10 34.29 15.22 -16.23
CA GLU A 10 34.02 15.99 -17.45
C GLU A 10 32.98 15.24 -18.29
N VAL A 11 32.64 14.03 -17.84
CA VAL A 11 31.50 13.29 -18.36
C VAL A 11 30.45 13.15 -17.23
N LEU A 12 30.81 13.69 -16.06
CA LEU A 12 29.93 13.68 -14.88
C LEU A 12 29.53 15.08 -14.43
N LYS A 13 30.46 16.02 -14.50
CA LYS A 13 30.15 17.43 -14.19
C LYS A 13 29.66 18.19 -15.43
N ARG A 14 29.56 17.47 -16.55
CA ARG A 14 28.96 18.00 -17.78
C ARG A 14 27.54 17.46 -17.91
N LYS A 15 27.04 16.85 -16.83
CA LYS A 15 25.67 16.34 -16.78
C LYS A 15 24.95 16.89 -15.55
N VAL A 16 25.59 16.82 -14.38
CA VAL A 16 25.06 17.43 -13.16
C VAL A 16 25.24 18.96 -13.22
N ILE A 17 25.10 19.51 -14.43
CA ILE A 17 25.03 20.95 -14.71
C ILE A 17 24.08 21.10 -15.92
N GLU A 18 24.19 20.16 -16.85
CA GLU A 18 23.36 20.12 -18.06
C GLU A 18 22.00 19.47 -17.77
N LYS A 19 21.91 18.74 -16.66
CA LYS A 19 20.65 18.16 -16.20
C LYS A 19 20.22 18.79 -14.87
N VAL A 20 20.86 19.91 -14.52
CA VAL A 20 20.46 20.72 -13.37
C VAL A 20 19.94 22.08 -13.85
N GLN A 21 20.47 22.55 -14.97
CA GLN A 21 19.89 23.68 -15.69
C GLN A 21 18.51 23.29 -16.22
N HIS A 22 18.38 22.04 -16.68
CA HIS A 22 17.13 21.52 -17.23
C HIS A 22 16.02 21.37 -16.19
N ILE A 23 16.38 21.05 -14.95
CA ILE A 23 15.42 20.96 -13.86
C ILE A 23 15.05 22.33 -13.30
N GLN A 24 16.04 23.19 -13.08
CA GLN A 24 15.78 24.48 -12.45
C GLN A 24 15.04 25.51 -13.33
N LEU A 25 15.17 25.39 -14.65
CA LEU A 25 14.34 26.17 -15.58
C LEU A 25 12.92 25.61 -15.56
N LEU A 26 12.81 24.30 -15.64
CA LEU A 26 11.52 23.60 -15.61
C LEU A 26 10.66 24.03 -14.43
N GLN A 27 11.21 24.02 -13.21
CA GLN A 27 10.45 24.37 -12.01
C GLN A 27 9.90 25.79 -12.12
N LYS A 28 10.75 26.69 -12.60
CA LYS A 28 10.36 28.07 -12.85
C LYS A 28 9.27 28.18 -13.93
N ASN A 29 9.39 27.37 -14.99
CA ASN A 29 8.35 27.31 -16.02
C ASN A 29 7.05 26.65 -15.58
N VAL A 30 7.14 25.69 -14.67
CA VAL A 30 5.96 25.05 -14.08
C VAL A 30 5.28 25.96 -13.06
N ARG A 31 6.09 26.58 -12.19
CA ARG A 31 5.60 27.59 -11.25
C ARG A 31 4.73 28.61 -11.98
N ALA A 32 5.22 29.07 -13.14
CA ALA A 32 4.47 29.98 -14.01
C ALA A 32 3.12 29.40 -14.43
N GLN A 33 3.10 28.11 -14.74
CA GLN A 33 1.88 27.43 -15.13
C GLN A 33 0.98 27.12 -13.93
N LEU A 34 1.56 27.03 -12.73
CA LEU A 34 0.78 26.86 -11.51
C LEU A 34 0.00 28.12 -11.15
N VAL A 35 0.65 29.28 -11.30
CA VAL A 35 -0.03 30.57 -11.18
C VAL A 35 -1.18 30.66 -12.19
N ASP A 36 -0.87 30.45 -13.46
CA ASP A 36 -1.87 30.61 -14.51
C ASP A 36 -3.10 29.73 -14.31
N MET A 37 -2.94 28.57 -13.67
CA MET A 37 -4.07 27.71 -13.35
C MET A 37 -4.87 28.18 -12.15
N LYS A 38 -4.25 28.97 -11.28
CA LYS A 38 -4.98 29.62 -10.18
C LYS A 38 -5.91 30.68 -10.77
N ARG A 39 -5.34 31.52 -11.65
CA ARG A 39 -6.12 32.51 -12.38
C ARG A 39 -7.33 31.84 -12.98
N LEU A 40 -7.10 30.88 -13.87
CA LEU A 40 -8.19 30.20 -14.56
C LEU A 40 -9.19 29.51 -13.62
N GLU A 41 -8.68 28.81 -12.61
CA GLU A 41 -9.57 28.15 -11.64
C GLU A 41 -10.53 29.17 -11.04
N VAL A 42 -10.02 30.34 -10.70
CA VAL A 42 -10.83 31.41 -10.09
C VAL A 42 -11.70 32.13 -11.13
N ASP A 43 -11.05 32.66 -12.17
CA ASP A 43 -11.72 33.23 -13.32
C ASP A 43 -12.93 32.40 -13.75
N ILE A 44 -12.81 31.08 -13.73
CA ILE A 44 -13.91 30.19 -14.12
C ILE A 44 -15.04 30.19 -13.09
N ASP A 45 -14.71 29.90 -11.84
CA ASP A 45 -15.69 29.89 -10.74
C ASP A 45 -16.55 31.15 -10.73
N ILE A 46 -15.93 32.28 -11.13
CA ILE A 46 -16.63 33.54 -11.32
C ILE A 46 -17.59 33.41 -12.50
N LYS A 47 -17.07 33.38 -13.72
CA LYS A 47 -17.87 33.23 -14.94
C LYS A 47 -18.96 32.16 -14.88
N ILE A 48 -18.77 31.16 -14.03
CA ILE A 48 -19.75 30.09 -13.90
C ILE A 48 -20.94 30.58 -13.10
N ARG A 49 -20.66 31.29 -12.02
CA ARG A 49 -21.73 31.78 -11.15
C ARG A 49 -22.50 32.92 -11.83
N SER A 50 -21.78 33.69 -12.65
CA SER A 50 -22.36 34.77 -13.44
C SER A 50 -23.35 34.25 -14.48
N CYS A 51 -23.75 32.99 -14.32
CA CYS A 51 -24.68 32.33 -15.23
C CYS A 51 -26.07 32.20 -14.67
N ARG A 52 -26.17 31.96 -13.36
CA ARG A 52 -27.47 31.86 -12.73
C ARG A 52 -28.42 32.91 -13.30
N GLY A 53 -27.94 34.15 -13.39
CA GLY A 53 -28.73 35.22 -13.98
C GLY A 53 -28.85 35.15 -15.49
N SER A 54 -29.04 33.94 -16.01
CA SER A 54 -29.26 33.72 -17.44
C SER A 54 -29.86 32.35 -17.73
N CYS A 55 -29.41 31.34 -16.98
CA CYS A 55 -29.59 29.92 -17.35
C CYS A 55 -30.42 29.09 -16.39
N SER A 56 -31.08 28.07 -16.94
CA SER A 56 -31.89 27.10 -16.21
C SER A 56 -31.47 26.97 -14.75
N ARG A 57 -30.30 26.37 -14.56
CA ARG A 57 -29.70 26.21 -13.23
C ARG A 57 -28.24 26.66 -13.21
N ALA A 58 -27.61 26.54 -12.03
CA ALA A 58 -26.21 26.90 -11.87
C ALA A 58 -25.48 25.83 -11.07
N LEU A 59 -24.33 25.44 -11.59
CA LEU A 59 -23.51 24.39 -11.01
C LEU A 59 -22.97 24.78 -9.62
N ALA A 60 -23.52 24.15 -8.58
CA ALA A 60 -23.09 24.42 -7.22
C ALA A 60 -21.70 23.80 -6.97
N ARG A 61 -20.67 24.65 -6.96
CA ARG A 61 -19.28 24.19 -6.90
C ARG A 61 -18.38 25.16 -6.14
N GLU A 62 -17.21 24.67 -5.72
CA GLU A 62 -16.24 25.45 -4.94
C GLU A 62 -14.86 25.43 -5.57
N VAL A 63 -13.99 26.32 -5.09
CA VAL A 63 -12.56 26.27 -5.39
C VAL A 63 -11.81 25.77 -4.16
N ASP A 64 -10.90 24.82 -4.37
CA ASP A 64 -10.03 24.34 -3.30
C ASP A 64 -8.77 25.19 -3.31
N LEU A 65 -8.76 26.24 -2.50
CA LEU A 65 -7.62 27.16 -2.47
C LEU A 65 -6.52 26.69 -1.54
N LYS A 66 -6.90 26.18 -0.37
CA LYS A 66 -5.93 25.63 0.58
C LYS A 66 -5.00 24.64 -0.10
N ASP A 67 -5.43 24.10 -1.25
CA ASP A 67 -4.62 23.17 -2.05
C ASP A 67 -3.67 23.91 -2.97
N TYR A 68 -4.19 24.87 -3.73
CA TYR A 68 -3.38 25.69 -4.63
C TYR A 68 -2.22 26.38 -3.90
N GLU A 69 -2.43 26.69 -2.63
CA GLU A 69 -1.40 27.36 -1.83
C GLU A 69 -0.55 26.38 -1.05
N ASP A 70 -1.04 25.15 -0.86
CA ASP A 70 -0.28 24.08 -0.19
C ASP A 70 0.89 23.63 -1.07
N GLN A 71 0.59 23.35 -2.33
CA GLN A 71 1.63 23.08 -3.31
C GLN A 71 1.93 24.34 -4.12
N GLN A 72 2.22 25.38 -3.36
CA GLN A 72 2.88 26.58 -3.84
C GLN A 72 3.75 27.03 -2.68
N LYS A 73 3.51 26.45 -1.50
CA LYS A 73 4.46 26.52 -0.41
C LYS A 73 5.64 25.61 -0.76
N GLN A 74 5.33 24.45 -1.36
CA GLN A 74 6.33 23.66 -2.08
C GLN A 74 6.68 24.41 -3.36
N LEU A 75 7.75 23.97 -4.03
CA LEU A 75 8.36 24.74 -5.13
C LEU A 75 9.05 26.01 -4.64
N GLU A 76 8.49 26.62 -3.60
CA GLU A 76 9.12 27.78 -2.98
C GLU A 76 9.88 27.35 -1.74
N GLN A 77 9.59 26.16 -1.25
CA GLN A 77 10.38 25.55 -0.17
C GLN A 77 11.46 24.61 -0.73
N VAL A 78 11.32 24.24 -2.01
CA VAL A 78 12.30 23.35 -2.64
C VAL A 78 13.36 24.09 -3.45
N ILE A 79 13.11 25.35 -3.80
CA ILE A 79 14.13 26.16 -4.47
C ILE A 79 15.15 26.69 -3.44
N ALA A 80 16.10 25.84 -3.09
CA ALA A 80 17.16 26.16 -2.12
C ALA A 80 18.52 26.30 -2.81
N LYS A 81 19.10 25.18 -3.24
CA LYS A 81 20.44 25.17 -3.84
C LYS A 81 20.54 24.21 -5.04
N ASP A 82 21.52 24.46 -5.91
CA ASP A 82 21.77 23.62 -7.09
C ASP A 82 23.23 23.17 -7.19
N LEU A 83 23.75 22.89 -8.27
N HIS B 16 42.15 17.75 -3.81
CA HIS B 16 40.84 18.42 -3.60
C HIS B 16 39.69 17.73 -4.35
N GLN B 17 39.83 16.42 -4.57
CA GLN B 17 38.80 15.63 -5.24
C GLN B 17 37.77 15.01 -4.30
N LEU B 18 37.52 15.70 -3.19
CA LEU B 18 36.30 15.51 -2.41
C LEU B 18 35.20 16.32 -3.12
N TYR B 19 35.39 16.47 -4.44
CA TYR B 19 34.53 17.21 -5.35
C TYR B 19 33.60 16.21 -6.06
N ILE B 20 33.28 15.11 -5.38
CA ILE B 20 32.38 14.09 -5.88
C ILE B 20 31.08 14.07 -5.05
N ASP B 21 29.97 14.45 -5.70
CA ASP B 21 28.67 14.48 -5.03
C ASP B 21 27.72 13.36 -5.49
N GLU B 22 27.47 12.44 -4.57
CA GLU B 22 26.50 11.36 -4.76
C GLU B 22 25.13 11.85 -4.33
N THR B 23 25.13 12.83 -3.43
CA THR B 23 23.91 13.40 -2.85
C THR B 23 23.17 14.33 -3.83
N VAL B 24 23.85 14.76 -4.90
CA VAL B 24 23.19 15.49 -6.00
C VAL B 24 22.73 14.50 -7.09
N ASN B 25 22.48 13.27 -6.65
CA ASN B 25 21.80 12.23 -7.41
C ASN B 25 21.19 11.22 -6.42
N SER B 26 20.84 11.74 -5.24
CA SER B 26 20.10 11.03 -4.19
C SER B 26 19.09 11.97 -3.52
N ASN B 27 18.99 13.19 -4.05
CA ASN B 27 17.92 14.12 -3.68
C ASN B 27 17.31 14.80 -4.92
N ILE B 28 17.83 14.47 -6.10
CA ILE B 28 17.19 14.85 -7.36
C ILE B 28 15.95 14.01 -7.63
N PRO B 29 15.90 12.77 -7.08
CA PRO B 29 14.59 12.11 -6.96
C PRO B 29 13.55 12.97 -6.21
N THR B 30 13.99 13.72 -5.20
CA THR B 30 13.10 14.62 -4.43
C THR B 30 12.47 15.71 -5.31
N ASN B 31 13.28 16.37 -6.13
CA ASN B 31 12.79 17.36 -7.11
C ASN B 31 11.99 16.76 -8.27
N LEU B 32 11.62 15.48 -8.13
CA LEU B 32 10.80 14.77 -9.11
C LEU B 32 9.59 14.10 -8.46
N ARG B 33 9.60 14.03 -7.13
CA ARG B 33 8.42 13.63 -6.38
C ARG B 33 7.48 14.83 -6.37
N VAL B 34 7.97 15.94 -5.81
CA VAL B 34 7.23 17.20 -5.74
C VAL B 34 6.89 17.70 -7.13
N LEU B 35 7.90 17.79 -8.00
CA LEU B 35 7.73 18.33 -9.34
C LEU B 35 6.82 17.51 -10.28
N ARG B 36 6.48 16.27 -9.91
CA ARG B 36 5.58 15.45 -10.73
C ARG B 36 4.18 15.46 -10.12
N SER B 37 4.12 15.31 -8.80
CA SER B 37 2.89 15.49 -8.04
C SER B 37 2.15 16.75 -8.51
N ILE B 38 2.85 17.89 -8.47
CA ILE B 38 2.37 19.16 -8.97
C ILE B 38 1.80 19.05 -10.39
N LEU B 39 2.62 18.60 -11.34
CA LEU B 39 2.21 18.57 -12.75
C LEU B 39 0.99 17.70 -13.04
N GLU B 40 0.82 16.66 -12.24
CA GLU B 40 -0.30 15.74 -12.42
C GLU B 40 -1.51 16.09 -11.58
N ASN B 41 -1.30 16.94 -10.57
CA ASN B 41 -2.40 17.55 -9.84
C ASN B 41 -3.12 18.56 -10.73
N LEU B 42 -2.34 19.29 -11.55
CA LEU B 42 -2.89 20.26 -12.48
C LEU B 42 -3.45 19.62 -13.74
N ARG B 43 -3.05 18.38 -14.07
CA ARG B 43 -3.73 17.68 -15.14
C ARG B 43 -5.12 17.24 -14.65
N SER B 44 -5.20 16.88 -13.36
CA SER B 44 -6.46 16.46 -12.75
C SER B 44 -7.26 17.63 -12.16
N LYS B 45 -6.75 18.85 -12.34
CA LYS B 45 -7.52 20.07 -12.06
C LYS B 45 -8.16 20.57 -13.35
N ILE B 46 -7.41 20.58 -14.44
CA ILE B 46 -8.00 20.79 -15.77
C ILE B 46 -9.05 19.72 -16.07
N GLN B 47 -8.96 18.57 -15.42
CA GLN B 47 -9.94 17.50 -15.58
C GLN B 47 -11.34 17.98 -15.15
N LYS B 48 -11.44 18.49 -13.93
CA LYS B 48 -12.70 19.01 -13.38
C LYS B 48 -13.18 20.20 -14.18
N LEU B 49 -12.30 21.19 -14.35
CA LEU B 49 -12.68 22.44 -15.02
C LEU B 49 -12.99 22.24 -16.50
N GLU B 50 -13.32 21.02 -16.86
CA GLU B 50 -13.62 20.68 -18.24
C GLU B 50 -15.04 20.16 -18.23
N SER B 51 -15.31 19.23 -17.32
CA SER B 51 -16.64 18.69 -17.08
C SER B 51 -17.62 19.82 -16.74
N ASP B 52 -17.18 20.70 -15.83
CA ASP B 52 -17.99 21.82 -15.36
C ASP B 52 -18.37 22.78 -16.49
N VAL B 53 -17.40 23.45 -17.08
CA VAL B 53 -17.65 24.35 -18.21
C VAL B 53 -18.41 23.66 -19.35
N SER B 54 -18.77 22.39 -19.15
CA SER B 54 -19.55 21.64 -20.14
C SER B 54 -20.89 21.21 -19.59
N ALA B 55 -20.98 21.11 -18.27
CA ALA B 55 -22.26 20.84 -17.60
C ALA B 55 -23.12 22.10 -17.61
N GLN B 56 -22.49 23.25 -17.32
CA GLN B 56 -23.17 24.54 -17.37
C GLN B 56 -23.58 24.81 -18.80
N MET B 57 -22.62 24.71 -19.71
CA MET B 57 -22.90 24.81 -21.13
C MET B 57 -24.20 24.08 -21.49
N GLU B 58 -24.47 22.97 -20.81
CA GLU B 58 -25.70 22.21 -21.05
C GLU B 58 -26.91 22.87 -20.42
N TYR B 59 -26.82 23.21 -19.14
CA TYR B 59 -27.85 24.00 -18.47
C TYR B 59 -28.23 25.24 -19.28
N CYS B 60 -27.23 25.89 -19.88
CA CYS B 60 -27.40 27.13 -20.62
C CYS B 60 -27.97 26.96 -22.03
N ARG B 61 -28.70 25.86 -22.22
CA ARG B 61 -29.45 25.68 -23.45
C ARG B 61 -30.85 26.25 -23.24
N THR B 62 -31.29 26.25 -21.98
CA THR B 62 -32.57 26.85 -21.59
C THR B 62 -32.40 27.94 -20.54
N PRO B 63 -33.09 29.10 -20.71
CA PRO B 63 -32.96 30.23 -19.79
C PRO B 63 -33.72 30.07 -18.48
N CYS B 64 -33.32 30.87 -17.48
CA CYS B 64 -34.08 31.03 -16.23
C CYS B 64 -35.30 31.87 -16.51
N THR B 65 -36.32 31.76 -15.66
CA THR B 65 -37.58 32.44 -15.91
C THR B 65 -38.16 33.10 -14.67
N VAL B 66 -38.86 34.22 -14.91
CA VAL B 66 -39.60 34.96 -13.89
C VAL B 66 -41.01 35.38 -14.31
N SER B 67 -41.91 35.44 -13.32
CA SER B 67 -43.23 36.07 -13.46
C SER B 67 -43.29 37.38 -12.68
N CYS B 68 -42.90 38.47 -13.33
CA CYS B 68 -42.91 39.78 -12.67
C CYS B 68 -44.17 40.60 -12.96
N ASN B 69 -45.24 40.21 -12.27
CA ASN B 69 -46.49 40.95 -12.25
C ASN B 69 -46.26 42.33 -11.69
N ILE B 70 -46.68 43.33 -12.45
CA ILE B 70 -46.49 44.72 -12.07
C ILE B 70 -47.51 45.11 -11.00
N PRO B 71 -47.12 46.01 -10.07
CA PRO B 71 -48.17 46.59 -9.23
C PRO B 71 -48.83 47.73 -9.99
N VAL B 72 -50.02 48.15 -9.53
CA VAL B 72 -50.80 49.14 -10.27
C VAL B 72 -50.17 50.53 -10.18
N VAL B 73 -49.66 50.81 -8.98
CA VAL B 73 -49.10 52.11 -8.60
C VAL B 73 -47.77 52.47 -9.27
N SER B 74 -47.83 53.26 -10.32
CA SER B 74 -46.64 53.75 -11.02
C SER B 74 -46.12 54.97 -10.27
N GLY B 75 -45.45 55.87 -10.98
CA GLY B 75 -44.87 57.08 -10.39
C GLY B 75 -43.91 57.75 -11.34
N LYS B 76 -42.89 58.39 -10.79
CA LYS B 76 -41.86 59.04 -11.58
C LYS B 76 -40.51 58.55 -11.08
N GLU B 77 -40.52 58.18 -9.81
CA GLU B 77 -39.39 57.60 -9.10
C GLU B 77 -39.97 56.93 -7.85
N CYS B 78 -39.13 56.33 -7.01
CA CYS B 78 -39.63 55.46 -5.92
C CYS B 78 -40.10 56.16 -4.64
N GLU B 79 -40.02 57.49 -4.60
CA GLU B 79 -40.56 58.28 -3.46
C GLU B 79 -42.03 58.58 -3.73
N GLU B 80 -42.28 59.34 -4.81
CA GLU B 80 -43.63 59.60 -5.29
C GLU B 80 -44.52 58.40 -5.01
N ILE B 81 -43.99 57.22 -5.33
CA ILE B 81 -44.65 55.93 -5.18
C ILE B 81 -44.93 55.53 -3.73
N ILE B 82 -43.97 55.74 -2.83
CA ILE B 82 -44.22 55.43 -1.40
C ILE B 82 -45.15 56.48 -0.79
N ARG B 83 -45.07 57.69 -1.31
CA ARG B 83 -46.01 58.75 -0.98
C ARG B 83 -47.37 58.48 -1.64
N LYS B 84 -47.36 57.70 -2.72
CA LYS B 84 -48.59 57.21 -3.36
C LYS B 84 -49.12 55.91 -2.77
N GLY B 85 -48.65 55.54 -1.57
CA GLY B 85 -49.22 54.39 -0.86
C GLY B 85 -48.60 53.03 -1.14
N GLY B 86 -47.77 52.94 -2.20
CA GLY B 86 -47.01 51.71 -2.49
C GLY B 86 -45.97 51.45 -1.42
N GLU B 87 -46.27 50.52 -0.51
CA GLU B 87 -45.63 50.54 0.81
C GLU B 87 -44.80 49.33 1.23
N THR B 88 -44.49 48.43 0.29
CA THR B 88 -43.55 47.32 0.54
C THR B 88 -42.53 47.22 -0.58
N SER B 89 -41.34 46.72 -0.22
CA SER B 89 -40.22 46.63 -1.15
C SER B 89 -40.44 45.54 -2.19
N GLU B 90 -40.39 45.93 -3.45
CA GLU B 90 -40.57 45.05 -4.59
C GLU B 90 -40.25 45.85 -5.83
N MET B 91 -40.56 45.30 -6.99
CA MET B 91 -40.25 46.02 -8.21
C MET B 91 -41.49 46.72 -8.72
N TYR B 92 -41.41 48.05 -8.79
CA TYR B 92 -42.49 48.87 -9.37
C TYR B 92 -42.03 49.40 -10.71
N LEU B 93 -42.97 49.65 -11.60
CA LEU B 93 -42.62 50.26 -12.86
C LEU B 93 -42.67 51.78 -12.65
N ILE B 94 -41.71 52.52 -13.20
CA ILE B 94 -41.66 53.98 -13.00
C ILE B 94 -41.50 54.75 -14.31
N GLN B 95 -41.67 56.06 -14.26
CA GLN B 95 -41.49 56.93 -15.42
C GLN B 95 -41.22 58.34 -14.95
N PRO B 96 -39.97 58.80 -15.08
CA PRO B 96 -39.59 60.15 -14.73
C PRO B 96 -39.98 61.18 -15.79
N ASP B 97 -39.99 60.82 -17.06
CA ASP B 97 -40.40 61.81 -18.07
C ASP B 97 -41.35 61.27 -19.11
N SER B 98 -42.24 62.14 -19.58
CA SER B 98 -43.31 61.78 -20.52
C SER B 98 -42.81 61.40 -21.92
N SER B 99 -41.66 61.96 -22.31
CA SER B 99 -41.01 61.56 -23.55
C SER B 99 -40.17 60.30 -23.30
N VAL B 100 -39.77 60.12 -22.04
CA VAL B 100 -38.93 58.99 -21.64
C VAL B 100 -39.80 57.76 -21.36
N LYS B 101 -39.91 56.88 -22.35
CA LYS B 101 -40.54 55.54 -22.23
C LYS B 101 -40.27 54.86 -20.87
N PRO B 102 -41.32 54.30 -20.23
CA PRO B 102 -41.19 53.86 -18.82
C PRO B 102 -40.41 52.56 -18.70
N TYR B 103 -39.83 52.34 -17.51
CA TYR B 103 -38.99 51.17 -17.27
C TYR B 103 -39.14 50.57 -15.87
N ARG B 104 -38.77 49.31 -15.71
CA ARG B 104 -38.91 48.67 -14.40
C ARG B 104 -37.80 49.13 -13.43
N VAL B 105 -37.99 48.87 -12.14
CA VAL B 105 -36.95 49.12 -11.14
C VAL B 105 -37.36 48.57 -9.78
N TYR B 106 -36.38 48.33 -8.92
CA TYR B 106 -36.69 47.83 -7.59
C TYR B 106 -36.72 49.04 -6.70
N CYS B 107 -37.65 49.08 -5.74
CA CYS B 107 -37.75 50.20 -4.80
C CYS B 107 -37.65 49.71 -3.38
N ASP B 108 -36.69 50.29 -2.65
CA ASP B 108 -36.54 50.00 -1.24
C ASP B 108 -37.47 50.91 -0.45
N MET B 109 -38.48 50.33 0.20
CA MET B 109 -39.39 51.11 1.01
C MET B 109 -39.18 50.73 2.47
N ASN B 110 -37.94 50.47 2.86
CA ASN B 110 -37.71 49.99 4.22
C ASN B 110 -36.49 50.57 4.90
N THR B 111 -35.61 51.18 4.10
CA THR B 111 -34.35 51.69 4.58
C THR B 111 -34.44 53.15 4.97
N GLU B 112 -34.27 53.39 6.27
CA GLU B 112 -34.46 54.70 6.88
C GLU B 112 -35.94 55.10 6.78
N ASN B 113 -36.36 55.57 5.61
CA ASN B 113 -37.77 55.96 5.40
C ASN B 113 -38.27 55.71 3.98
N GLY B 114 -37.76 54.64 3.35
CA GLY B 114 -38.16 54.26 2.00
C GLY B 114 -37.92 55.33 0.95
N GLY B 115 -38.57 55.18 -0.20
CA GLY B 115 -38.47 56.15 -1.28
C GLY B 115 -37.26 55.97 -2.17
N TRP B 116 -36.43 54.98 -1.81
CA TRP B 116 -35.17 54.69 -2.47
C TRP B 116 -35.30 53.97 -3.81
N THR B 117 -34.90 54.63 -4.89
CA THR B 117 -34.72 53.97 -6.18
C THR B 117 -33.34 53.31 -6.22
N VAL B 118 -33.32 51.97 -6.31
CA VAL B 118 -32.09 51.18 -6.40
C VAL B 118 -31.51 51.25 -7.82
N ILE B 119 -30.21 51.54 -7.92
CA ILE B 119 -29.57 51.65 -9.25
C ILE B 119 -28.50 50.61 -9.56
N GLN B 120 -27.88 50.08 -8.50
CA GLN B 120 -26.87 49.04 -8.62
C GLN B 120 -26.97 48.12 -7.39
N ASN B 121 -27.00 46.82 -7.63
CA ASN B 121 -27.02 45.83 -6.55
C ASN B 121 -26.14 44.62 -6.82
N ARG B 122 -25.50 44.11 -5.76
CA ARG B 122 -24.66 42.89 -5.78
C ARG B 122 -24.92 42.05 -4.54
N GLN B 123 -25.11 40.74 -4.71
CA GLN B 123 -25.42 39.83 -3.56
C GLN B 123 -24.99 38.36 -3.68
N ASP B 124 -24.58 37.93 -4.87
CA ASP B 124 -24.33 36.51 -5.11
C ASP B 124 -23.55 36.25 -6.39
N GLY B 125 -23.03 37.31 -7.00
CA GLY B 125 -22.26 37.22 -8.23
C GLY B 125 -23.01 36.58 -9.39
N SER B 126 -24.33 36.73 -9.37
CA SER B 126 -25.21 36.08 -10.33
C SER B 126 -25.35 36.82 -11.67
N VAL B 127 -24.70 37.97 -11.80
CA VAL B 127 -24.68 38.67 -13.09
C VAL B 127 -23.27 39.13 -13.42
N ASP B 128 -22.93 39.01 -14.72
CA ASP B 128 -21.64 39.45 -15.25
C ASP B 128 -21.64 40.97 -15.36
N PHE B 129 -20.73 41.62 -14.64
CA PHE B 129 -20.62 43.08 -14.67
C PHE B 129 -19.56 43.63 -15.61
N GLY B 130 -18.51 42.86 -15.87
CA GLY B 130 -17.48 43.23 -16.85
C GLY B 130 -18.04 43.31 -18.26
N ARG B 131 -18.71 44.42 -18.58
CA ARG B 131 -19.38 44.59 -19.86
C ARG B 131 -18.85 45.80 -20.61
N LYS B 132 -19.22 45.92 -21.88
CA LYS B 132 -18.75 47.03 -22.73
C LYS B 132 -19.33 48.41 -22.33
N TRP B 133 -19.14 49.40 -23.21
CA TRP B 133 -19.61 50.77 -23.00
C TRP B 133 -21.11 50.90 -23.25
N ASP B 134 -21.55 50.28 -24.35
CA ASP B 134 -22.95 50.25 -24.74
C ASP B 134 -23.85 49.63 -23.64
N PRO B 135 -23.61 48.36 -23.26
CA PRO B 135 -24.53 47.77 -22.27
C PRO B 135 -24.28 48.25 -20.85
N TYR B 136 -23.53 49.34 -20.70
CA TYR B 136 -23.46 50.03 -19.41
C TYR B 136 -24.37 51.24 -19.46
N LYS B 137 -24.43 51.87 -20.64
CA LYS B 137 -25.33 52.96 -20.97
C LYS B 137 -26.79 52.49 -20.89
N GLN B 138 -27.12 51.41 -21.60
CA GLN B 138 -28.45 50.78 -21.52
C GLN B 138 -28.71 50.23 -20.12
N GLY B 139 -27.91 49.25 -19.72
CA GLY B 139 -28.09 48.61 -18.43
C GLY B 139 -28.21 47.12 -18.63
N PHE B 140 -28.03 46.38 -17.55
CA PHE B 140 -28.02 44.94 -17.62
C PHE B 140 -28.42 44.30 -16.29
N GLY B 141 -28.82 43.03 -16.35
CA GLY B 141 -29.06 42.27 -15.14
C GLY B 141 -30.55 42.07 -14.91
N ASN B 142 -30.86 41.39 -13.83
CA ASN B 142 -32.24 41.17 -13.46
C ASN B 142 -32.58 42.16 -12.36
N VAL B 143 -33.72 42.83 -12.52
CA VAL B 143 -34.15 43.86 -11.58
C VAL B 143 -34.75 43.24 -10.31
N ALA B 144 -35.58 42.23 -10.48
CA ALA B 144 -36.07 41.46 -9.34
C ALA B 144 -36.53 40.05 -9.75
N THR B 145 -36.94 39.26 -8.76
CA THR B 145 -37.36 37.89 -8.99
C THR B 145 -38.42 37.40 -7.99
N ASN B 146 -39.22 36.42 -8.41
CA ASN B 146 -40.28 35.81 -7.60
C ASN B 146 -39.76 35.23 -6.29
N THR B 147 -40.66 34.99 -5.35
CA THR B 147 -40.24 34.50 -4.05
C THR B 147 -41.32 33.73 -3.33
N ASP B 148 -40.95 32.56 -2.78
CA ASP B 148 -41.87 31.64 -2.10
C ASP B 148 -43.26 31.54 -2.76
N GLY B 149 -44.31 31.63 -1.95
CA GLY B 149 -45.67 31.50 -2.45
C GLY B 149 -46.28 32.85 -2.82
N LYS B 150 -45.64 33.56 -3.74
CA LYS B 150 -46.09 34.89 -4.15
C LYS B 150 -45.93 35.09 -5.66
N ASN B 151 -46.50 36.18 -6.17
CA ASN B 151 -46.55 36.45 -7.62
C ASN B 151 -46.05 37.84 -8.01
N TYR B 152 -45.65 38.61 -7.01
CA TYR B 152 -44.91 39.85 -7.23
C TYR B 152 -43.43 39.55 -6.96
N CYS B 153 -42.55 40.18 -7.73
CA CYS B 153 -41.11 39.97 -7.56
C CYS B 153 -40.59 40.77 -6.35
N GLY B 154 -40.71 40.18 -5.16
CA GLY B 154 -40.38 40.85 -3.91
C GLY B 154 -38.94 40.74 -3.46
N LEU B 155 -38.03 40.41 -4.38
CA LEU B 155 -36.59 40.28 -4.09
C LEU B 155 -35.75 40.82 -5.24
N PRO B 156 -34.65 41.51 -4.93
CA PRO B 156 -33.95 42.27 -5.97
C PRO B 156 -32.96 41.41 -6.73
N GLY B 157 -32.79 41.70 -8.01
CA GLY B 157 -31.76 41.01 -8.78
C GLY B 157 -30.43 41.76 -8.69
N GLU B 158 -29.38 41.15 -9.22
CA GLU B 158 -28.17 41.90 -9.50
C GLU B 158 -28.42 42.63 -10.79
N TYR B 159 -28.14 43.93 -10.79
CA TYR B 159 -28.27 44.72 -12.02
C TYR B 159 -27.57 46.05 -11.93
N TRP B 160 -27.43 46.68 -13.09
CA TRP B 160 -26.95 48.03 -13.19
C TRP B 160 -27.95 48.74 -14.06
N LEU B 161 -28.68 49.67 -13.45
CA LEU B 161 -29.78 50.39 -14.08
C LEU B 161 -29.43 50.97 -15.45
N GLY B 162 -28.28 51.62 -15.55
CA GLY B 162 -27.84 52.17 -16.83
C GLY B 162 -27.33 53.59 -16.71
N ASN B 163 -26.43 53.96 -17.61
CA ASN B 163 -25.89 55.31 -17.59
C ASN B 163 -26.82 56.33 -18.22
N ASP B 164 -27.40 55.99 -19.38
CA ASP B 164 -28.48 56.79 -19.94
C ASP B 164 -29.56 57.03 -18.89
N LYS B 165 -29.94 55.97 -18.19
CA LYS B 165 -30.98 56.08 -17.17
C LYS B 165 -30.56 56.85 -15.92
N ILE B 166 -29.42 56.54 -15.32
CA ILE B 166 -29.03 57.20 -14.06
C ILE B 166 -28.62 58.68 -14.25
N SER B 167 -28.25 59.06 -15.47
CA SER B 167 -27.95 60.46 -15.79
C SER B 167 -29.20 61.31 -15.65
N GLN B 168 -30.18 61.04 -16.52
CA GLN B 168 -31.48 61.72 -16.55
C GLN B 168 -32.20 61.67 -15.21
N LEU B 169 -32.04 60.56 -14.48
CA LEU B 169 -32.72 60.38 -13.22
C LEU B 169 -32.14 61.28 -12.11
N THR B 170 -30.93 61.78 -12.32
CA THR B 170 -30.25 62.66 -11.34
C THR B 170 -30.34 64.14 -11.70
N ARG B 171 -30.40 64.41 -13.00
CA ARG B 171 -30.57 65.75 -13.57
C ARG B 171 -32.05 66.16 -13.59
N MET B 172 -32.80 65.76 -12.56
CA MET B 172 -34.20 66.14 -12.37
C MET B 172 -34.34 67.13 -11.23
N GLY B 173 -33.33 67.20 -10.37
CA GLY B 173 -33.33 68.15 -9.28
C GLY B 173 -32.31 67.81 -8.21
N PRO B 174 -32.76 67.79 -6.94
CA PRO B 174 -31.89 67.50 -5.80
C PRO B 174 -31.87 66.01 -5.48
N THR B 175 -30.82 65.31 -5.91
CA THR B 175 -30.75 63.85 -5.78
C THR B 175 -29.66 63.40 -4.81
N GLU B 176 -30.08 62.85 -3.66
CA GLU B 176 -29.13 62.28 -2.70
C GLU B 176 -28.83 60.83 -3.09
N LEU B 177 -27.95 60.15 -2.34
CA LEU B 177 -27.45 58.82 -2.72
C LEU B 177 -26.92 57.98 -1.56
N LEU B 178 -27.48 56.80 -1.38
CA LEU B 178 -27.04 55.87 -0.35
C LEU B 178 -26.20 54.76 -0.94
N ILE B 179 -25.19 54.33 -0.19
CA ILE B 179 -24.39 53.17 -0.54
C ILE B 179 -24.25 52.27 0.67
N GLU B 180 -24.82 51.07 0.55
CA GLU B 180 -24.70 50.04 1.57
C GLU B 180 -23.83 48.89 1.09
N MET B 181 -23.28 48.13 2.05
CA MET B 181 -22.37 47.02 1.77
C MET B 181 -22.16 46.10 2.96
N GLU B 182 -21.86 44.83 2.69
CA GLU B 182 -21.59 43.86 3.74
C GLU B 182 -20.28 43.09 3.48
N ASP B 183 -19.55 42.84 4.57
CA ASP B 183 -18.40 41.96 4.53
C ASP B 183 -18.90 40.52 4.69
N TRP B 184 -17.98 39.55 4.59
CA TRP B 184 -18.34 38.15 4.61
C TRP B 184 -18.44 37.58 6.03
N LYS B 185 -18.45 38.46 7.02
CA LYS B 185 -18.60 38.04 8.42
C LYS B 185 -19.99 38.42 8.95
N GLY B 186 -20.65 39.34 8.26
CA GLY B 186 -21.99 39.79 8.64
C GLY B 186 -22.07 41.20 9.17
N ASP B 187 -21.03 41.99 8.90
CA ASP B 187 -20.97 43.39 9.30
C ASP B 187 -21.36 44.29 8.12
N LYS B 188 -22.16 45.31 8.41
CA LYS B 188 -22.61 46.26 7.38
C LYS B 188 -22.13 47.68 7.71
N VAL B 189 -22.02 48.52 6.67
CA VAL B 189 -21.70 49.95 6.84
C VAL B 189 -22.35 50.79 5.73
N LYS B 190 -22.86 51.96 6.11
CA LYS B 190 -23.48 52.87 5.15
C LYS B 190 -22.51 53.94 4.64
N ALA B 191 -22.81 54.47 3.46
CA ALA B 191 -22.00 55.53 2.89
C ALA B 191 -22.90 56.54 2.17
N HIS B 192 -23.49 57.43 2.97
CA HIS B 192 -24.39 58.51 2.52
C HIS B 192 -23.68 59.65 1.82
N TYR B 193 -24.25 60.09 0.71
CA TYR B 193 -23.73 61.24 -0.05
C TYR B 193 -24.89 62.19 -0.44
N GLY B 194 -25.26 63.07 0.49
CA GLY B 194 -26.39 64.00 0.34
C GLY B 194 -26.60 64.69 -1.01
N GLY B 195 -25.59 64.66 -1.86
CA GLY B 195 -25.70 65.18 -3.22
C GLY B 195 -25.10 64.19 -4.19
N PHE B 196 -25.56 64.21 -5.44
CA PHE B 196 -25.15 63.25 -6.46
C PHE B 196 -25.61 63.71 -7.84
N THR B 197 -24.70 63.73 -8.81
CA THR B 197 -25.01 64.15 -10.17
C THR B 197 -24.23 63.30 -11.15
N VAL B 198 -24.82 63.03 -12.31
CA VAL B 198 -24.14 62.30 -13.39
C VAL B 198 -24.53 62.92 -14.71
N GLN B 199 -23.56 63.43 -15.44
CA GLN B 199 -23.83 64.16 -16.69
C GLN B 199 -24.25 63.19 -17.79
N ASN B 200 -24.33 63.66 -19.03
CA ASN B 200 -24.77 62.80 -20.13
C ASN B 200 -23.62 62.14 -20.89
N GLU B 201 -23.95 61.57 -22.06
CA GLU B 201 -22.97 60.86 -22.90
C GLU B 201 -21.93 61.80 -23.51
N ALA B 202 -22.39 62.90 -24.11
CA ALA B 202 -21.49 63.91 -24.67
C ALA B 202 -20.53 64.45 -23.61
N ASN B 203 -21.00 64.49 -22.37
CA ASN B 203 -20.17 64.86 -21.22
C ASN B 203 -19.64 63.64 -20.46
N LYS B 204 -19.60 62.51 -21.17
CA LYS B 204 -19.09 61.24 -20.66
C LYS B 204 -19.44 61.03 -19.18
N TYR B 205 -20.73 60.83 -18.93
CA TYR B 205 -21.31 60.51 -17.61
C TYR B 205 -20.45 60.81 -16.39
N GLN B 206 -19.91 62.03 -16.34
CA GLN B 206 -19.02 62.45 -15.26
C GLN B 206 -19.73 62.53 -13.90
N ILE B 207 -19.27 61.75 -12.93
CA ILE B 207 -19.83 61.79 -11.57
C ILE B 207 -19.55 63.14 -10.88
N SER B 208 -20.11 63.33 -9.68
CA SER B 208 -19.83 64.48 -8.79
C SER B 208 -20.67 64.34 -7.54
N VAL B 209 -20.04 64.37 -6.37
CA VAL B 209 -20.72 64.10 -5.10
C VAL B 209 -20.23 64.96 -3.93
N ASN B 210 -21.13 65.19 -2.98
CA ASN B 210 -20.84 65.97 -1.78
C ASN B 210 -21.66 65.52 -0.57
N LYS B 211 -21.36 66.10 0.58
CA LYS B 211 -22.13 65.89 1.83
C LYS B 211 -22.03 64.48 2.43
N TYR B 212 -20.84 63.88 2.36
CA TYR B 212 -20.65 62.53 2.90
C TYR B 212 -20.96 62.40 4.39
N ARG B 213 -21.59 61.28 4.77
CA ARG B 213 -21.57 60.77 6.14
C ARG B 213 -21.71 59.25 6.10
N GLY B 214 -21.28 58.57 7.17
CA GLY B 214 -21.45 57.12 7.27
C GLY B 214 -20.32 56.36 7.92
N THR B 215 -20.51 55.05 8.09
CA THR B 215 -19.53 54.16 8.73
C THR B 215 -18.52 53.56 7.76
N ALA B 216 -18.78 53.70 6.46
CA ALA B 216 -17.88 53.19 5.43
C ALA B 216 -16.58 54.01 5.31
N GLY B 217 -16.72 55.33 5.17
CA GLY B 217 -15.59 56.23 4.96
C GLY B 217 -15.63 56.85 3.57
N ASN B 218 -15.59 58.18 3.50
CA ASN B 218 -15.63 58.90 2.23
C ASN B 218 -14.50 58.42 1.33
N ALA B 219 -14.87 57.78 0.23
CA ALA B 219 -13.88 57.24 -0.68
C ALA B 219 -14.12 57.72 -2.10
N LEU B 220 -15.10 58.59 -2.28
CA LEU B 220 -15.39 59.07 -3.62
C LEU B 220 -14.79 60.46 -3.82
N MET B 221 -14.70 61.21 -2.72
CA MET B 221 -14.17 62.58 -2.70
C MET B 221 -12.80 62.63 -2.03
N ASP B 222 -12.63 61.86 -0.95
CA ASP B 222 -11.38 61.80 -0.18
C ASP B 222 -10.35 60.84 -0.76
N GLY B 223 -10.79 59.63 -1.10
CA GLY B 223 -9.92 58.60 -1.62
C GLY B 223 -9.49 57.56 -0.60
N ALA B 224 -8.49 56.77 -0.99
CA ALA B 224 -7.95 55.72 -0.12
C ALA B 224 -7.55 56.30 1.22
N SER B 225 -8.11 55.77 2.31
CA SER B 225 -7.72 56.21 3.65
C SER B 225 -6.47 55.49 4.15
N GLN B 226 -5.68 54.98 3.20
CA GLN B 226 -4.38 54.40 3.49
C GLN B 226 -3.34 54.78 2.42
N LEU B 227 -3.71 55.74 1.56
CA LEU B 227 -2.76 56.41 0.69
C LEU B 227 -2.71 57.89 1.06
N MET B 228 -1.56 58.53 0.85
CA MET B 228 -1.35 59.90 1.33
C MET B 228 -0.93 60.90 0.24
N GLY B 229 -1.34 62.15 0.44
CA GLY B 229 -0.93 63.26 -0.44
C GLY B 229 -1.23 63.03 -1.90
N GLU B 230 -0.19 62.98 -2.72
CA GLU B 230 -0.31 62.75 -4.16
C GLU B 230 -0.92 61.39 -4.46
N ASN B 231 -0.65 60.41 -3.58
CA ASN B 231 -1.20 59.06 -3.71
C ASN B 231 -2.71 59.04 -3.43
N ARG B 232 -3.14 59.75 -2.38
CA ARG B 232 -4.55 59.90 -2.03
C ARG B 232 -5.31 60.76 -3.06
N THR B 233 -4.60 61.62 -3.77
CA THR B 233 -5.16 62.49 -4.80
C THR B 233 -5.66 61.70 -6.01
N MET B 234 -4.91 60.66 -6.40
CA MET B 234 -5.24 59.89 -7.59
C MET B 234 -6.23 58.74 -7.33
N THR B 235 -6.67 58.59 -6.08
CA THR B 235 -7.75 57.65 -5.77
C THR B 235 -9.05 58.40 -5.47
N ILE B 236 -9.42 59.32 -6.35
CA ILE B 236 -10.64 60.12 -6.17
C ILE B 236 -11.51 60.12 -7.44
N HIS B 237 -12.72 59.58 -7.29
CA HIS B 237 -13.63 59.38 -8.42
C HIS B 237 -14.38 60.65 -8.75
N ASN B 238 -14.68 61.41 -7.69
CA ASN B 238 -15.28 62.73 -7.77
C ASN B 238 -14.87 63.51 -9.02
N GLY B 239 -15.86 63.97 -9.78
CA GLY B 239 -15.59 64.70 -11.01
C GLY B 239 -14.93 63.89 -12.12
N MET B 240 -14.51 62.66 -11.80
CA MET B 240 -13.84 61.80 -12.79
C MET B 240 -14.83 61.20 -13.78
N PHE B 241 -14.37 60.94 -15.00
CA PHE B 241 -15.20 60.31 -16.02
C PHE B 241 -15.50 58.83 -15.76
N PHE B 242 -16.33 58.26 -16.63
CA PHE B 242 -16.74 56.86 -16.54
C PHE B 242 -16.03 56.09 -17.65
N SER B 243 -15.49 54.93 -17.28
CA SER B 243 -14.69 54.12 -18.20
C SER B 243 -15.01 52.62 -18.13
N THR B 244 -15.09 52.00 -19.31
CA THR B 244 -15.24 50.54 -19.47
C THR B 244 -14.08 49.98 -20.27
N TYR B 245 -13.85 48.68 -20.13
CA TYR B 245 -12.69 48.03 -20.74
C TYR B 245 -12.51 48.26 -22.25
N ASP B 246 -13.56 48.77 -22.90
CA ASP B 246 -13.49 49.07 -24.33
C ASP B 246 -13.61 50.56 -24.63
N ARG B 247 -13.97 51.34 -23.60
CA ARG B 247 -13.93 52.80 -23.70
C ARG B 247 -13.24 53.36 -22.47
N ASP B 248 -12.01 53.84 -22.65
CA ASP B 248 -11.19 54.28 -21.52
C ASP B 248 -11.06 55.79 -21.41
N ASN B 249 -11.60 56.33 -20.33
CA ASN B 249 -11.52 57.76 -20.04
C ASN B 249 -11.10 57.97 -18.59
N ASP B 250 -10.05 57.25 -18.17
CA ASP B 250 -9.52 57.33 -16.81
C ASP B 250 -8.44 58.41 -16.65
N GLY B 251 -7.93 58.58 -15.43
CA GLY B 251 -6.97 59.64 -15.11
C GLY B 251 -5.60 59.52 -15.76
N TRP B 252 -5.35 58.42 -16.45
CA TRP B 252 -4.07 58.17 -17.09
C TRP B 252 -3.93 58.82 -18.47
N LEU B 253 -3.14 59.89 -18.51
CA LEU B 253 -2.70 60.49 -19.76
C LEU B 253 -1.26 60.08 -20.12
N THR B 254 -0.82 58.96 -19.54
CA THR B 254 0.29 58.18 -20.09
C THR B 254 -0.36 57.28 -21.14
N SER B 255 -0.16 57.64 -22.42
CA SER B 255 -0.97 57.14 -23.54
C SER B 255 -0.89 55.64 -23.84
N ASP B 256 -0.03 54.90 -23.13
CA ASP B 256 0.11 53.46 -23.36
C ASP B 256 -1.12 52.67 -22.90
N PRO B 257 -1.78 51.96 -23.84
CA PRO B 257 -2.90 51.07 -23.49
C PRO B 257 -2.50 49.97 -22.48
N ARG B 258 -1.25 50.04 -22.00
CA ARG B 258 -0.77 49.21 -20.90
C ARG B 258 -1.19 49.82 -19.57
N LYS B 259 -1.48 51.12 -19.59
CA LYS B 259 -1.91 51.85 -18.41
C LYS B 259 -3.42 52.13 -18.42
N GLN B 260 -4.21 51.06 -18.58
CA GLN B 260 -5.67 51.17 -18.56
C GLN B 260 -6.24 50.72 -17.21
N CYS B 261 -7.19 51.48 -16.68
CA CYS B 261 -7.84 51.16 -15.42
C CYS B 261 -8.83 50.01 -15.59
N SER B 262 -9.54 50.04 -16.70
CA SER B 262 -10.53 49.02 -17.04
C SER B 262 -9.98 48.10 -18.12
N LYS B 263 -9.43 46.96 -17.68
CA LYS B 263 -8.93 45.93 -18.60
C LYS B 263 -9.92 44.78 -18.70
N GLU B 264 -9.86 44.05 -19.82
CA GLU B 264 -10.79 42.95 -20.13
C GLU B 264 -11.31 42.21 -18.89
N ASP B 265 -12.60 41.88 -18.90
CA ASP B 265 -13.30 41.24 -17.76
C ASP B 265 -13.38 42.09 -16.48
N GLY B 266 -13.01 43.35 -16.61
CA GLY B 266 -13.12 44.33 -15.52
C GLY B 266 -14.34 45.22 -15.64
N GLY B 267 -14.87 45.63 -14.50
CA GLY B 267 -16.09 46.42 -14.45
C GLY B 267 -15.97 47.80 -15.07
N GLY B 268 -17.13 48.41 -15.33
CA GLY B 268 -17.22 49.82 -15.73
C GLY B 268 -17.45 50.67 -14.50
N TRP B 269 -16.77 51.82 -14.44
CA TRP B 269 -16.80 52.70 -13.27
C TRP B 269 -16.11 54.03 -13.53
N TRP B 270 -16.19 54.93 -12.54
CA TRP B 270 -15.54 56.24 -12.60
C TRP B 270 -14.11 56.15 -12.08
N TYR B 271 -13.21 55.96 -13.05
CA TYR B 271 -11.83 55.61 -12.79
C TYR B 271 -10.93 56.82 -12.84
N ASN B 272 -10.20 57.04 -11.73
CA ASN B 272 -9.16 58.05 -11.63
C ASN B 272 -7.82 57.41 -12.03
N ARG B 273 -7.00 57.08 -11.01
CA ARG B 273 -5.74 56.36 -11.21
C ARG B 273 -5.41 55.45 -10.00
N CYS B 274 -6.15 54.37 -9.77
CA CYS B 274 -7.35 54.03 -10.52
C CYS B 274 -8.61 54.12 -9.66
N HIS B 275 -8.50 53.68 -8.40
CA HIS B 275 -9.69 53.52 -7.58
C HIS B 275 -9.46 53.42 -6.07
N ALA B 276 -10.42 53.96 -5.31
CA ALA B 276 -10.47 53.80 -3.86
C ALA B 276 -11.55 52.78 -3.50
N ALA B 277 -12.45 52.57 -4.47
CA ALA B 277 -13.53 51.60 -4.38
C ALA B 277 -14.13 51.29 -5.75
N ASN B 278 -14.61 50.07 -5.92
CA ASN B 278 -15.23 49.65 -7.17
C ASN B 278 -16.33 48.62 -6.95
N PRO B 279 -17.59 49.07 -6.85
CA PRO B 279 -18.75 48.18 -6.65
C PRO B 279 -19.08 47.32 -7.87
N ASN B 280 -18.68 47.77 -9.05
CA ASN B 280 -18.85 47.00 -10.29
C ASN B 280 -17.68 46.08 -10.61
N GLY B 281 -16.91 45.76 -9.57
CA GLY B 281 -15.81 44.84 -9.70
C GLY B 281 -16.30 43.41 -9.72
N ARG B 282 -15.37 42.48 -9.90
CA ARG B 282 -15.68 41.05 -9.98
C ARG B 282 -16.02 40.49 -8.60
N TYR B 283 -16.98 39.55 -8.57
CA TYR B 283 -17.49 39.04 -7.30
C TYR B 283 -16.67 37.86 -6.76
N TYR B 284 -15.67 38.16 -5.92
CA TYR B 284 -14.81 37.11 -5.36
C TYR B 284 -15.47 36.43 -4.15
N TRP B 285 -15.72 35.13 -4.27
CA TRP B 285 -16.26 34.37 -3.15
C TRP B 285 -15.31 34.42 -1.94
N GLY B 286 -15.85 34.28 -0.73
CA GLY B 286 -15.03 34.16 0.47
C GLY B 286 -14.51 35.46 1.06
N GLY B 287 -14.37 36.49 0.21
CA GLY B 287 -13.90 37.81 0.65
C GLY B 287 -12.49 38.17 0.18
N GLN B 288 -11.50 37.59 0.87
CA GLN B 288 -10.06 37.80 0.59
C GLN B 288 -9.67 37.25 -0.77
N TYR B 289 -9.07 38.09 -1.60
CA TYR B 289 -8.45 37.59 -2.83
C TYR B 289 -7.01 38.13 -2.96
N THR B 290 -6.21 37.55 -3.86
CA THR B 290 -4.77 37.86 -3.92
C THR B 290 -4.26 38.09 -5.34
N TRP B 291 -2.97 38.45 -5.45
CA TRP B 291 -2.32 38.78 -6.73
C TRP B 291 -2.55 37.73 -7.83
N ASP B 292 -2.33 36.46 -7.49
CA ASP B 292 -2.38 35.37 -8.46
C ASP B 292 -3.80 35.03 -8.95
N MET B 293 -4.80 35.34 -8.11
CA MET B 293 -6.20 35.04 -8.42
C MET B 293 -6.75 35.98 -9.50
N ALA B 294 -6.30 37.23 -9.46
CA ALA B 294 -6.83 38.26 -10.35
C ALA B 294 -6.29 38.16 -11.77
N LYS B 295 -7.20 37.94 -12.72
CA LYS B 295 -6.85 37.74 -14.13
C LYS B 295 -5.77 38.68 -14.69
N HIS B 296 -5.54 39.81 -14.03
CA HIS B 296 -4.57 40.82 -14.51
C HIS B 296 -3.60 41.30 -13.43
N GLY B 297 -3.65 40.67 -12.27
CA GLY B 297 -2.88 41.13 -11.12
C GLY B 297 -3.51 42.32 -10.40
N THR B 298 -4.34 43.08 -11.12
CA THR B 298 -5.04 44.26 -10.60
C THR B 298 -5.98 43.96 -9.44
N ASP B 299 -6.40 45.04 -8.77
CA ASP B 299 -7.36 44.99 -7.69
C ASP B 299 -8.75 45.28 -8.27
N ASP B 300 -9.30 44.29 -8.97
CA ASP B 300 -10.46 44.55 -9.85
C ASP B 300 -11.83 44.20 -9.24
N GLY B 301 -11.82 43.59 -8.06
CA GLY B 301 -13.05 43.12 -7.43
C GLY B 301 -14.00 44.19 -6.87
N VAL B 302 -14.93 43.74 -6.04
CA VAL B 302 -15.85 44.63 -5.33
C VAL B 302 -15.16 45.20 -4.08
N VAL B 303 -14.44 46.31 -4.27
CA VAL B 303 -13.58 46.88 -3.23
C VAL B 303 -14.07 48.23 -2.73
N TRP B 304 -14.04 48.40 -1.41
CA TRP B 304 -14.23 49.69 -0.76
C TRP B 304 -13.07 49.83 0.22
N MET B 305 -12.00 50.49 -0.25
CA MET B 305 -10.73 50.51 0.48
C MET B 305 -10.82 51.02 1.91
N ASN B 306 -11.54 52.14 2.07
CA ASN B 306 -11.69 52.82 3.35
C ASN B 306 -12.25 51.98 4.51
N TRP B 307 -12.74 50.77 4.20
CA TRP B 307 -13.26 49.90 5.24
C TRP B 307 -12.47 48.60 5.41
N LYS B 308 -12.15 47.94 4.29
CA LYS B 308 -11.60 46.57 4.35
C LYS B 308 -10.14 46.39 3.88
N GLY B 309 -9.70 47.24 2.96
CA GLY B 309 -8.34 47.15 2.42
C GLY B 309 -8.35 47.14 0.91
N SER B 310 -7.28 46.64 0.32
CA SER B 310 -7.16 46.58 -1.14
C SER B 310 -7.41 45.17 -1.69
N TRP B 311 -7.28 44.15 -0.87
CA TRP B 311 -7.55 42.81 -1.37
C TRP B 311 -8.68 42.14 -0.59
N TYR B 312 -9.86 42.74 -0.69
CA TYR B 312 -11.10 42.23 -0.12
C TYR B 312 -12.27 42.60 -1.03
N SER B 313 -13.07 41.61 -1.40
CA SER B 313 -14.24 41.85 -2.23
C SER B 313 -15.49 41.60 -1.41
N MET B 314 -16.50 42.44 -1.61
CA MET B 314 -17.66 42.51 -0.71
C MET B 314 -18.72 41.45 -0.97
N ARG B 315 -19.36 41.02 0.11
CA ARG B 315 -20.48 40.07 0.05
C ARG B 315 -21.73 40.69 -0.57
N LYS B 316 -22.11 41.89 -0.13
CA LYS B 316 -23.22 42.65 -0.74
C LYS B 316 -22.81 44.12 -0.99
N MET B 317 -23.46 44.78 -1.94
CA MET B 317 -23.12 46.16 -2.30
C MET B 317 -24.24 46.85 -3.09
N SER B 318 -25.03 47.66 -2.40
CA SER B 318 -26.17 48.34 -3.03
C SER B 318 -25.92 49.81 -3.32
N MET B 319 -26.62 50.34 -4.32
CA MET B 319 -26.55 51.75 -4.64
C MET B 319 -27.95 52.31 -4.91
N LYS B 320 -28.47 53.04 -3.92
CA LYS B 320 -29.82 53.59 -3.95
C LYS B 320 -29.85 55.12 -3.95
N ILE B 321 -30.87 55.68 -4.60
CA ILE B 321 -31.04 57.13 -4.68
C ILE B 321 -32.47 57.58 -4.34
N ARG B 322 -32.61 58.88 -4.08
CA ARG B 322 -33.83 59.49 -3.59
C ARG B 322 -33.70 60.99 -3.80
N PRO B 323 -34.80 61.68 -4.13
CA PRO B 323 -34.62 63.13 -4.21
C PRO B 323 -34.38 63.76 -2.82
N PHE B 324 -33.87 64.99 -2.84
CA PHE B 324 -33.50 65.68 -1.61
C PHE B 324 -34.38 66.90 -1.35
N PHE B 325 -35.39 66.69 -0.53
CA PHE B 325 -36.18 67.79 0.01
C PHE B 325 -35.59 68.14 1.37
N PRO B 326 -35.29 69.44 1.59
CA PRO B 326 -34.67 69.89 2.84
C PRO B 326 -35.19 69.12 4.05
N GLN B 327 -34.42 68.13 4.50
CA GLN B 327 -34.81 67.22 5.57
C GLN B 327 -35.02 67.96 6.89
N GLN B 328 -36.02 67.74 7.58
N GLU C 4 33.02 1.02 -11.43
CA GLU C 4 31.69 0.47 -11.02
C GLU C 4 30.72 1.60 -10.65
N GLU C 5 31.22 2.55 -9.88
CA GLU C 5 30.41 3.67 -9.40
C GLU C 5 30.40 4.82 -10.39
N ILE C 6 31.07 4.65 -11.53
CA ILE C 6 30.98 5.56 -12.65
C ILE C 6 30.05 4.95 -13.70
N MET C 7 29.77 3.65 -13.55
CA MET C 7 28.89 2.91 -14.46
C MET C 7 27.41 3.32 -14.32
N LYS C 8 26.89 3.25 -13.10
CA LYS C 8 25.50 3.67 -12.82
C LYS C 8 25.33 5.18 -12.78
N TYR C 9 26.37 5.87 -12.35
CA TYR C 9 26.44 7.33 -12.38
C TYR C 9 26.19 7.99 -13.75
N GLU C 10 25.94 7.18 -14.78
CA GLU C 10 25.59 7.72 -16.10
C GLU C 10 24.43 6.93 -16.74
N ALA C 11 24.19 5.72 -16.22
CA ALA C 11 23.02 4.93 -16.58
C ALA C 11 21.85 5.30 -15.68
N SER C 12 22.16 5.75 -14.46
CA SER C 12 21.17 6.30 -13.54
C SER C 12 20.79 7.72 -13.96
N ILE C 13 21.58 8.29 -14.87
CA ILE C 13 21.32 9.62 -15.44
C ILE C 13 20.51 9.53 -16.75
N LEU C 14 20.49 8.37 -17.39
CA LEU C 14 19.63 8.15 -18.54
C LEU C 14 18.19 7.80 -18.15
N THR C 15 17.99 7.49 -16.87
CA THR C 15 16.65 7.36 -16.31
C THR C 15 16.15 8.74 -15.88
N HIS C 16 17.10 9.62 -15.56
CA HIS C 16 16.78 11.00 -15.19
C HIS C 16 16.63 11.89 -16.41
N ASP C 17 17.34 11.60 -17.49
CA ASP C 17 17.17 12.32 -18.74
C ASP C 17 15.74 12.12 -19.27
N SER C 18 15.30 10.86 -19.32
CA SER C 18 13.95 10.55 -19.80
C SER C 18 12.83 10.70 -18.75
N SER C 19 13.14 11.44 -17.68
CA SER C 19 12.12 11.87 -16.71
C SER C 19 11.86 13.36 -16.87
N ILE C 20 12.94 14.13 -16.93
CA ILE C 20 12.86 15.57 -17.21
C ILE C 20 12.30 15.77 -18.61
N ARG C 21 12.51 14.77 -19.48
CA ARG C 21 11.94 14.80 -20.82
C ARG C 21 10.48 14.37 -20.83
N TYR C 22 10.10 13.58 -19.82
CA TYR C 22 8.69 13.19 -19.66
C TYR C 22 7.88 14.27 -18.96
N LEU C 23 8.40 14.79 -17.85
CA LEU C 23 7.76 15.88 -17.13
C LEU C 23 7.54 17.10 -18.03
N GLN C 24 8.49 17.34 -18.92
CA GLN C 24 8.38 18.40 -19.92
C GLN C 24 7.27 18.08 -20.93
N GLU C 25 6.90 16.81 -21.04
CA GLU C 25 5.89 16.37 -22.00
C GLU C 25 4.46 16.55 -21.48
N ILE C 26 4.31 16.48 -20.15
CA ILE C 26 3.08 16.88 -19.47
C ILE C 26 2.87 18.36 -19.69
N TYR C 27 3.79 19.17 -19.16
CA TYR C 27 3.77 20.62 -19.30
C TYR C 27 3.30 21.09 -20.69
N ASN C 28 3.87 20.55 -21.75
CA ASN C 28 3.47 20.98 -23.09
C ASN C 28 2.08 20.50 -23.52
N SER C 29 1.60 19.42 -22.90
CA SER C 29 0.22 18.96 -23.12
C SER C 29 -0.73 19.79 -22.27
N ASN C 30 -0.46 19.87 -20.96
CA ASN C 30 -1.21 20.76 -20.08
C ASN C 30 -1.45 22.11 -20.76
N ASN C 31 -0.38 22.82 -21.09
CA ASN C 31 -0.44 24.12 -21.78
C ASN C 31 -1.35 24.15 -23.00
N GLN C 32 -1.47 23.02 -23.68
CA GLN C 32 -2.32 22.93 -24.85
C GLN C 32 -3.78 22.75 -24.44
N LYS C 33 -4.00 21.99 -23.37
CA LYS C 33 -5.35 21.76 -22.86
C LYS C 33 -5.90 22.97 -22.10
N ILE C 34 -5.00 23.86 -21.70
CA ILE C 34 -5.36 25.16 -21.12
C ILE C 34 -5.80 26.15 -22.19
N VAL C 35 -5.08 26.24 -23.31
CA VAL C 35 -5.49 27.14 -24.40
C VAL C 35 -6.85 26.70 -24.93
N ASN C 36 -7.11 25.40 -24.88
CA ASN C 36 -8.35 24.81 -25.39
C ASN C 36 -9.47 24.75 -24.36
N LEU C 37 -9.19 25.25 -23.16
CA LEU C 37 -10.24 25.46 -22.16
C LEU C 37 -10.75 26.89 -22.25
N LYS C 38 -9.82 27.82 -22.47
CA LYS C 38 -10.11 29.25 -22.52
C LYS C 38 -11.05 29.62 -23.66
N GLU C 39 -10.94 28.94 -24.79
CA GLU C 39 -11.83 29.18 -25.92
C GLU C 39 -13.16 28.48 -25.72
N LYS C 40 -13.19 27.53 -24.78
CA LYS C 40 -14.42 26.86 -24.40
C LYS C 40 -15.15 27.66 -23.32
N VAL C 41 -14.42 28.56 -22.66
CA VAL C 41 -14.98 29.44 -21.63
C VAL C 41 -15.54 30.73 -22.24
N ALA C 42 -14.85 31.30 -23.21
CA ALA C 42 -15.34 32.47 -23.92
C ALA C 42 -16.56 32.12 -24.79
N GLN C 43 -17.11 30.92 -24.56
CA GLN C 43 -18.37 30.50 -25.18
C GLN C 43 -19.42 30.24 -24.11
N LEU C 44 -18.97 30.07 -22.87
CA LEU C 44 -19.84 30.08 -21.71
C LEU C 44 -20.14 31.53 -21.33
N GLU C 45 -19.28 32.45 -21.78
CA GLU C 45 -19.52 33.87 -21.62
C GLU C 45 -20.61 34.34 -22.58
N ALA C 46 -20.45 34.05 -23.86
CA ALA C 46 -21.49 34.29 -24.87
C ALA C 46 -22.89 33.89 -24.42
N GLN C 47 -22.98 32.75 -23.72
CA GLN C 47 -24.26 32.19 -23.28
C GLN C 47 -24.83 32.79 -21.99
N CYS C 48 -24.03 33.56 -21.26
CA CYS C 48 -24.47 34.10 -19.96
C CYS C 48 -24.53 35.62 -19.96
N GLN C 49 -25.34 36.18 -20.86
CA GLN C 49 -25.53 37.63 -20.95
C GLN C 49 -27.00 38.07 -20.78
N GLU C 50 -27.90 37.48 -21.57
CA GLU C 50 -29.36 37.70 -21.45
C GLU C 50 -29.81 37.48 -20.00
N PRO C 51 -30.64 38.39 -19.47
CA PRO C 51 -31.18 38.21 -18.12
C PRO C 51 -32.40 37.28 -18.11
N CYS C 52 -32.76 36.78 -16.92
CA CYS C 52 -33.91 35.89 -16.72
C CYS C 52 -35.10 36.30 -17.59
N LYS C 53 -35.78 35.32 -18.18
CA LYS C 53 -36.90 35.61 -19.10
C LYS C 53 -38.19 35.87 -18.33
N ASP C 54 -38.88 36.95 -18.71
CA ASP C 54 -40.09 37.36 -18.00
C ASP C 54 -41.35 37.00 -18.79
N THR C 55 -42.21 36.24 -18.12
CA THR C 55 -43.51 35.86 -18.63
C THR C 55 -44.34 37.12 -18.91
N VAL C 56 -44.44 37.96 -17.87
CA VAL C 56 -45.15 39.25 -17.89
C VAL C 56 -44.55 40.20 -18.92
N GLN C 57 -45.34 40.58 -19.91
CA GLN C 57 -44.84 41.43 -20.98
C GLN C 57 -45.85 42.47 -21.47
N ILE C 58 -45.45 43.73 -21.41
CA ILE C 58 -46.31 44.86 -21.81
C ILE C 58 -46.35 44.95 -23.32
N HIS C 59 -47.50 45.35 -23.87
CA HIS C 59 -47.63 45.50 -25.32
C HIS C 59 -47.08 46.83 -25.85
N ASP C 60 -47.33 47.11 -27.12
CA ASP C 60 -46.81 48.31 -27.74
C ASP C 60 -47.92 49.32 -28.02
N ILE C 61 -48.89 48.94 -28.84
CA ILE C 61 -50.00 49.81 -29.26
C ILE C 61 -50.72 50.43 -28.07
N THR C 62 -50.88 51.76 -28.11
CA THR C 62 -51.57 52.52 -27.06
C THR C 62 -52.64 53.45 -27.62
N GLY C 63 -53.54 53.90 -26.74
CA GLY C 63 -54.59 54.84 -27.12
C GLY C 63 -55.32 55.43 -25.92
N LYS C 64 -56.48 56.02 -26.20
CA LYS C 64 -57.26 56.72 -25.17
C LYS C 64 -57.75 55.76 -24.08
N ASP C 65 -58.14 54.56 -24.51
CA ASP C 65 -58.59 53.50 -23.59
C ASP C 65 -58.57 52.16 -24.34
N CYS C 66 -58.73 51.06 -23.59
CA CYS C 66 -58.75 49.71 -24.16
C CYS C 66 -59.47 49.66 -25.51
N GLN C 67 -60.65 50.27 -25.57
CA GLN C 67 -61.42 50.28 -26.81
C GLN C 67 -60.77 51.06 -27.97
N ASP C 68 -59.99 52.10 -27.69
CA ASP C 68 -59.30 52.79 -28.77
C ASP C 68 -58.20 51.88 -29.33
N ILE C 69 -57.51 51.21 -28.41
CA ILE C 69 -56.48 50.22 -28.72
C ILE C 69 -57.01 49.15 -29.66
N ALA C 70 -58.14 48.56 -29.31
CA ALA C 70 -58.77 47.51 -30.11
C ALA C 70 -59.22 48.01 -31.49
N ASN C 71 -59.39 49.31 -31.61
CA ASN C 71 -59.76 49.93 -32.87
C ASN C 71 -58.51 50.18 -33.67
N LYS C 72 -57.39 50.18 -32.97
CA LYS C 72 -56.10 50.44 -33.59
C LYS C 72 -55.55 49.17 -34.23
N GLY C 73 -55.92 48.01 -33.68
CA GLY C 73 -55.64 46.74 -34.31
C GLY C 73 -55.47 45.57 -33.36
N ALA C 74 -55.16 45.87 -32.10
CA ALA C 74 -54.81 44.83 -31.12
C ALA C 74 -55.84 43.70 -31.01
N LYS C 75 -55.36 42.48 -30.73
CA LYS C 75 -56.23 41.29 -30.63
C LYS C 75 -56.04 40.49 -29.34
N GLN C 76 -55.06 40.89 -28.53
CA GLN C 76 -54.66 40.10 -27.35
C GLN C 76 -54.97 40.74 -26.01
N SER C 77 -55.89 40.12 -25.27
CA SER C 77 -56.16 40.53 -23.90
C SER C 77 -54.86 40.56 -23.10
N GLY C 78 -54.59 41.68 -22.42
CA GLY C 78 -53.43 41.79 -21.52
C GLY C 78 -52.85 43.19 -21.33
N LEU C 79 -52.02 43.35 -20.29
CA LEU C 79 -51.38 44.63 -19.94
C LEU C 79 -51.02 45.54 -21.11
N TYR C 80 -51.69 46.70 -21.16
CA TYR C 80 -51.39 47.78 -22.10
C TYR C 80 -51.21 49.14 -21.37
N PHE C 81 -50.80 50.16 -22.13
CA PHE C 81 -50.70 51.56 -21.67
C PHE C 81 -51.74 52.46 -22.30
N ILE C 82 -52.54 53.12 -21.46
CA ILE C 82 -53.49 54.16 -21.93
C ILE C 82 -53.20 55.54 -21.36
N LYS C 83 -53.42 56.56 -22.19
CA LYS C 83 -53.32 57.96 -21.79
C LYS C 83 -54.58 58.70 -22.20
N PRO C 84 -55.59 58.73 -21.30
CA PRO C 84 -56.87 59.43 -21.51
C PRO C 84 -56.69 60.93 -21.70
N LEU C 85 -57.58 61.51 -22.50
CA LEU C 85 -57.45 62.89 -23.00
C LEU C 85 -57.08 63.98 -21.97
N LYS C 86 -57.66 63.90 -20.78
CA LYS C 86 -57.46 64.92 -19.75
C LYS C 86 -56.36 64.64 -18.72
N ALA C 87 -55.59 63.56 -18.89
CA ALA C 87 -54.66 63.10 -17.83
C ALA C 87 -53.18 63.39 -18.09
N ASN C 88 -52.42 63.48 -16.99
CA ASN C 88 -51.02 63.89 -17.04
C ASN C 88 -50.10 62.85 -17.65
N GLN C 89 -49.88 61.76 -16.92
CA GLN C 89 -48.93 60.73 -17.31
C GLN C 89 -49.64 59.40 -17.57
N GLN C 90 -49.39 58.81 -18.73
CA GLN C 90 -49.95 57.50 -19.10
C GLN C 90 -49.76 56.45 -18.00
N PHE C 91 -50.66 55.47 -17.98
CA PHE C 91 -50.63 54.44 -16.94
C PHE C 91 -51.03 53.05 -17.48
N LEU C 92 -50.70 52.01 -16.70
CA LEU C 92 -50.91 50.63 -17.13
C LEU C 92 -52.26 50.10 -16.68
N VAL C 93 -52.95 49.46 -17.61
CA VAL C 93 -54.22 48.78 -17.34
C VAL C 93 -54.20 47.41 -17.97
N TYR C 94 -55.06 46.53 -17.47
CA TYR C 94 -55.39 45.29 -18.16
C TYR C 94 -56.50 45.54 -19.20
N CYS C 95 -56.27 45.21 -20.46
CA CYS C 95 -57.38 45.18 -21.40
C CYS C 95 -58.17 43.87 -21.38
N GLU C 96 -59.09 43.70 -22.34
CA GLU C 96 -59.90 42.47 -22.38
C GLU C 96 -60.56 42.31 -23.73
N ILE C 97 -59.76 42.47 -24.80
CA ILE C 97 -60.25 42.33 -26.17
C ILE C 97 -60.97 41.00 -26.40
N ASP C 98 -62.05 41.04 -27.18
CA ASP C 98 -62.80 39.84 -27.53
C ASP C 98 -63.03 39.71 -29.03
N GLY C 99 -63.85 38.73 -29.40
CA GLY C 99 -64.13 38.37 -30.79
C GLY C 99 -64.48 39.54 -31.68
N SER C 100 -65.58 40.20 -31.37
CA SER C 100 -66.16 41.22 -32.25
C SER C 100 -65.33 42.50 -32.39
N GLY C 101 -64.47 42.77 -31.42
CA GLY C 101 -63.57 43.93 -31.46
C GLY C 101 -63.77 44.87 -30.29
N ASN C 102 -64.05 44.29 -29.12
CA ASN C 102 -64.46 45.07 -27.96
C ASN C 102 -63.41 45.11 -26.84
N GLY C 103 -62.94 46.32 -26.52
CA GLY C 103 -61.90 46.54 -25.50
C GLY C 103 -62.37 46.97 -24.13
N TRP C 104 -62.70 46.01 -23.28
CA TRP C 104 -63.13 46.28 -21.93
C TRP C 104 -61.97 46.64 -21.00
N THR C 105 -61.84 47.92 -20.68
CA THR C 105 -60.90 48.37 -19.66
C THR C 105 -61.34 47.88 -18.28
N VAL C 106 -60.45 47.24 -17.55
CA VAL C 106 -60.85 46.64 -16.28
C VAL C 106 -60.28 47.42 -15.11
N PHE C 107 -61.05 47.57 -14.03
CA PHE C 107 -60.62 48.36 -12.91
C PHE C 107 -60.70 47.66 -11.56
N GLN C 108 -61.45 46.56 -11.51
CA GLN C 108 -61.50 45.79 -10.27
C GLN C 108 -61.53 44.31 -10.56
N LYS C 109 -60.79 43.53 -9.77
CA LYS C 109 -60.80 42.07 -9.86
C LYS C 109 -60.60 41.42 -8.51
N ARG C 110 -61.38 40.38 -8.24
CA ARG C 110 -61.10 39.49 -7.12
C ARG C 110 -60.99 38.06 -7.66
N LEU C 111 -60.32 37.18 -6.90
CA LEU C 111 -59.94 35.85 -7.39
C LEU C 111 -59.67 34.83 -6.30
N ASP C 112 -58.79 35.17 -5.36
CA ASP C 112 -58.22 34.17 -4.44
C ASP C 112 -58.05 34.61 -3.00
N GLY C 113 -58.03 35.93 -2.79
CA GLY C 113 -57.90 36.51 -1.45
C GLY C 113 -56.49 36.95 -1.17
N SER C 114 -55.72 37.16 -2.23
CA SER C 114 -54.31 37.50 -2.10
C SER C 114 -54.12 38.91 -1.59
N VAL C 115 -54.60 39.89 -2.36
CA VAL C 115 -54.51 41.31 -2.04
C VAL C 115 -55.41 41.67 -0.86
N ASP C 116 -54.98 42.61 -0.03
CA ASP C 116 -55.81 43.13 1.05
C ASP C 116 -56.52 44.41 0.62
N PHE C 117 -57.80 44.54 1.01
CA PHE C 117 -58.63 45.66 0.55
C PHE C 117 -58.99 46.68 1.65
N LYS C 118 -58.51 46.42 2.87
CA LYS C 118 -58.56 47.38 3.99
C LYS C 118 -57.54 48.52 3.78
N LYS C 119 -57.63 49.17 2.62
CA LYS C 119 -56.72 50.24 2.23
C LYS C 119 -57.24 51.62 2.65
N ASN C 120 -56.35 52.60 2.72
CA ASN C 120 -56.70 53.97 3.03
C ASN C 120 -57.16 54.75 1.80
N TRP C 121 -57.45 56.05 2.01
CA TRP C 121 -57.96 56.92 0.97
C TRP C 121 -56.95 57.09 -0.19
N ILE C 122 -55.71 57.40 0.17
CA ILE C 122 -54.68 57.74 -0.84
C ILE C 122 -54.46 56.56 -1.75
N GLN C 123 -54.50 55.37 -1.15
CA GLN C 123 -54.30 54.11 -1.87
C GLN C 123 -55.37 53.91 -2.95
N TYR C 124 -56.64 53.89 -2.54
CA TYR C 124 -57.72 53.74 -3.49
C TYR C 124 -57.70 54.81 -4.57
N LYS C 125 -57.16 55.98 -4.24
CA LYS C 125 -57.08 57.06 -5.22
C LYS C 125 -56.19 56.65 -6.37
N GLU C 126 -55.05 56.05 -6.01
CA GLU C 126 -53.92 55.79 -6.93
C GLU C 126 -53.86 54.37 -7.53
N GLY C 127 -54.30 53.39 -6.76
CA GLY C 127 -54.32 51.99 -7.18
C GLY C 127 -53.58 51.13 -6.18
N PHE C 128 -53.95 49.85 -6.09
CA PHE C 128 -53.21 48.87 -5.30
C PHE C 128 -53.55 47.46 -5.74
N GLY C 129 -52.58 46.55 -5.57
CA GLY C 129 -52.65 45.20 -6.15
C GLY C 129 -51.79 45.11 -7.40
N HIS C 130 -51.91 43.99 -8.13
CA HIS C 130 -51.04 43.70 -9.27
C HIS C 130 -51.75 43.43 -10.59
N LEU C 131 -51.26 44.03 -11.66
CA LEU C 131 -51.81 43.81 -12.99
C LEU C 131 -51.14 42.61 -13.71
N SER C 132 -51.82 41.47 -13.77
CA SER C 132 -51.34 40.31 -14.56
C SER C 132 -51.91 40.36 -15.98
N PRO C 133 -51.13 39.89 -16.98
CA PRO C 133 -51.56 39.93 -18.39
C PRO C 133 -52.43 38.71 -18.78
N THR C 134 -52.46 37.74 -17.88
CA THR C 134 -53.33 36.58 -18.01
C THR C 134 -54.72 36.87 -17.44
N GLY C 135 -54.75 37.73 -16.43
CA GLY C 135 -55.98 38.05 -15.69
C GLY C 135 -56.12 37.14 -14.47
N THR C 136 -55.04 37.00 -13.72
CA THR C 136 -55.01 36.09 -12.58
C THR C 136 -54.59 36.77 -11.28
N THR C 137 -54.77 38.08 -11.21
CA THR C 137 -54.36 38.87 -10.04
C THR C 137 -55.40 39.90 -9.56
N GLU C 138 -55.62 39.94 -8.24
CA GLU C 138 -56.54 40.89 -7.61
C GLU C 138 -55.99 42.34 -7.64
N PHE C 139 -56.86 43.31 -7.94
CA PHE C 139 -56.42 44.71 -7.98
C PHE C 139 -57.52 45.77 -8.02
N TRP C 140 -57.23 46.94 -7.43
CA TRP C 140 -58.02 48.16 -7.64
C TRP C 140 -57.24 49.13 -8.52
N LEU C 141 -57.70 49.34 -9.74
CA LEU C 141 -56.98 50.18 -10.70
C LEU C 141 -56.60 51.51 -10.10
N GLY C 142 -57.56 52.16 -9.44
CA GLY C 142 -57.36 53.47 -8.84
C GLY C 142 -58.47 54.44 -9.19
N ASN C 143 -59.09 55.01 -8.16
CA ASN C 143 -60.22 55.93 -8.33
C ASN C 143 -59.93 57.05 -9.32
N GLU C 144 -58.86 57.80 -9.05
CA GLU C 144 -58.49 58.95 -9.87
C GLU C 144 -58.34 58.49 -11.32
N LYS C 145 -57.90 57.25 -11.47
CA LYS C 145 -57.65 56.64 -12.78
C LYS C 145 -58.97 56.34 -13.50
N ILE C 146 -59.86 55.61 -12.83
CA ILE C 146 -61.21 55.34 -13.32
C ILE C 146 -61.83 56.63 -13.80
N HIS C 147 -61.88 57.62 -12.90
CA HIS C 147 -62.47 58.92 -13.18
C HIS C 147 -61.98 59.45 -14.52
N LEU C 148 -60.68 59.59 -14.69
CA LEU C 148 -60.08 60.18 -15.88
C LEU C 148 -60.53 59.51 -17.17
N ILE C 149 -60.84 58.21 -17.08
CA ILE C 149 -61.23 57.41 -18.24
C ILE C 149 -62.71 57.54 -18.57
N SER C 150 -63.55 57.39 -17.54
CA SER C 150 -65.00 57.37 -17.68
C SER C 150 -65.54 58.73 -18.05
N THR C 151 -64.86 59.76 -17.57
CA THR C 151 -65.29 61.13 -17.74
C THR C 151 -64.60 61.83 -18.91
N GLN C 152 -64.17 61.04 -19.90
CA GLN C 152 -63.61 61.59 -21.12
C GLN C 152 -64.72 62.03 -22.05
N SER C 153 -64.33 62.64 -23.16
CA SER C 153 -65.24 63.34 -24.07
C SER C 153 -66.44 62.56 -24.62
N ALA C 154 -67.42 63.34 -25.07
CA ALA C 154 -68.44 62.96 -26.06
C ALA C 154 -69.26 61.69 -25.86
N ILE C 155 -68.64 60.62 -25.37
CA ILE C 155 -69.27 59.30 -25.41
C ILE C 155 -69.21 58.64 -24.04
N PRO C 156 -70.34 58.10 -23.57
CA PRO C 156 -70.44 57.56 -22.22
C PRO C 156 -69.96 56.11 -22.08
N TYR C 157 -69.62 55.71 -20.86
CA TYR C 157 -69.14 54.34 -20.64
C TYR C 157 -70.19 53.55 -19.89
N ALA C 158 -70.33 52.27 -20.21
CA ALA C 158 -71.15 51.35 -19.40
C ALA C 158 -70.28 50.51 -18.48
N LEU C 159 -70.69 50.35 -17.23
CA LEU C 159 -69.98 49.46 -16.33
C LEU C 159 -70.49 48.07 -16.58
N ARG C 160 -69.64 47.07 -16.41
CA ARG C 160 -70.11 45.70 -16.25
C ARG C 160 -69.48 45.05 -15.04
N VAL C 161 -70.33 44.66 -14.11
CA VAL C 161 -69.93 43.73 -13.06
C VAL C 161 -70.00 42.32 -13.65
N GLU C 162 -69.11 41.45 -13.19
CA GLU C 162 -69.22 40.00 -13.40
C GLU C 162 -69.05 39.28 -12.07
N LEU C 163 -69.88 38.28 -11.81
CA LEU C 163 -69.70 37.47 -10.61
C LEU C 163 -69.44 36.02 -10.94
N GLU C 164 -69.07 35.25 -9.92
CA GLU C 164 -68.88 33.82 -10.02
C GLU C 164 -68.92 33.27 -8.61
N ASP C 165 -69.64 32.16 -8.43
CA ASP C 165 -69.82 31.53 -7.13
C ASP C 165 -68.85 30.37 -6.93
N TRP C 166 -69.00 29.67 -5.81
CA TRP C 166 -68.17 28.52 -5.51
C TRP C 166 -68.81 27.22 -6.01
N ASN C 167 -69.34 27.27 -7.23
CA ASN C 167 -69.98 26.15 -7.90
C ASN C 167 -69.89 26.36 -9.40
N GLY C 168 -69.14 27.38 -9.81
CA GLY C 168 -68.87 27.62 -11.21
C GLY C 168 -70.00 28.21 -12.02
N ARG C 169 -71.01 28.76 -11.35
CA ARG C 169 -72.06 29.53 -12.03
C ARG C 169 -71.66 31.01 -12.16
N THR C 170 -71.99 31.62 -13.30
CA THR C 170 -71.60 33.01 -13.52
C THR C 170 -72.79 33.92 -13.85
N SER C 171 -72.82 35.06 -13.16
CA SER C 171 -73.89 36.05 -13.31
C SER C 171 -73.34 37.44 -13.60
N THR C 172 -73.91 38.12 -14.59
CA THR C 172 -73.51 39.48 -14.92
C THR C 172 -74.56 40.54 -14.51
N ALA C 173 -74.21 41.82 -14.70
CA ALA C 173 -75.05 43.00 -14.39
C ALA C 173 -74.48 44.21 -15.12
N ASP C 174 -75.30 44.88 -15.92
CA ASP C 174 -74.85 46.07 -16.65
C ASP C 174 -75.44 47.37 -16.11
N TYR C 175 -74.77 48.48 -16.46
CA TYR C 175 -75.16 49.81 -16.04
C TYR C 175 -74.77 50.81 -17.10
N ALA C 176 -75.76 51.39 -17.75
CA ALA C 176 -75.50 52.41 -18.79
C ALA C 176 -75.00 53.74 -18.20
N MET C 177 -74.39 54.56 -19.05
CA MET C 177 -73.83 55.87 -18.66
C MET C 177 -73.18 55.87 -17.27
N PHE C 178 -71.97 55.31 -17.21
CA PHE C 178 -71.19 55.21 -15.97
C PHE C 178 -70.19 56.36 -15.90
N LYS C 179 -70.05 56.89 -14.69
CA LYS C 179 -69.07 57.93 -14.40
C LYS C 179 -68.62 57.80 -12.96
N VAL C 180 -67.39 58.24 -12.71
CA VAL C 180 -66.94 58.54 -11.35
C VAL C 180 -66.54 60.03 -11.25
N GLY C 181 -66.94 60.65 -10.14
CA GLY C 181 -66.73 62.07 -9.96
C GLY C 181 -65.27 62.40 -9.70
N PRO C 182 -64.85 63.66 -9.99
CA PRO C 182 -63.54 64.19 -9.58
C PRO C 182 -63.28 64.07 -8.07
N GLU C 183 -62.04 64.32 -7.66
CA GLU C 183 -61.69 64.12 -6.26
C GLU C 183 -62.48 65.08 -5.39
N ALA C 184 -62.61 66.32 -5.88
CA ALA C 184 -63.46 67.33 -5.27
C ALA C 184 -64.80 66.75 -4.79
N ASP C 185 -65.50 66.10 -5.71
CA ASP C 185 -66.83 65.51 -5.47
C ASP C 185 -66.77 64.24 -4.60
N LYS C 186 -65.56 63.89 -4.14
CA LYS C 186 -65.27 62.68 -3.35
C LYS C 186 -65.53 61.38 -4.13
N TYR C 187 -65.25 61.43 -5.44
CA TYR C 187 -65.37 60.30 -6.36
C TYR C 187 -66.77 59.70 -6.33
N ARG C 188 -67.66 60.31 -7.11
CA ARG C 188 -69.10 60.03 -7.00
C ARG C 188 -69.52 59.03 -8.06
N LEU C 189 -70.13 57.93 -7.61
CA LEU C 189 -70.65 56.90 -8.50
C LEU C 189 -71.98 57.31 -9.11
N THR C 190 -72.06 57.43 -10.42
CA THR C 190 -73.28 57.91 -11.05
C THR C 190 -73.60 57.25 -12.39
N TYR C 191 -74.52 56.28 -12.38
CA TYR C 191 -75.02 55.73 -13.65
C TYR C 191 -76.39 56.27 -14.03
N ALA C 192 -76.73 56.20 -15.32
CA ALA C 192 -78.07 56.54 -15.77
C ALA C 192 -79.09 55.48 -15.35
N TYR C 193 -78.92 54.26 -15.84
CA TYR C 193 -79.85 53.17 -15.54
C TYR C 193 -79.24 51.78 -15.61
N PHE C 194 -79.83 50.87 -14.82
CA PHE C 194 -79.58 49.44 -14.94
C PHE C 194 -79.96 48.96 -16.34
N ALA C 195 -79.17 48.05 -16.91
CA ALA C 195 -79.26 47.76 -18.35
C ALA C 195 -79.63 46.31 -18.70
N GLY C 196 -79.72 45.48 -17.66
CA GLY C 196 -80.00 44.05 -17.84
C GLY C 196 -78.98 43.25 -17.06
N GLY C 197 -79.12 41.93 -17.06
CA GLY C 197 -78.13 41.06 -16.42
C GLY C 197 -78.68 40.20 -15.29
N ASP C 198 -78.36 38.91 -15.36
CA ASP C 198 -78.93 37.90 -14.47
C ASP C 198 -78.46 37.96 -13.01
N ALA C 199 -77.52 38.84 -12.70
CA ALA C 199 -77.03 38.96 -11.34
C ALA C 199 -78.06 39.66 -10.46
N GLY C 200 -78.80 40.57 -11.08
CA GLY C 200 -79.71 41.43 -10.35
C GLY C 200 -79.15 42.84 -10.33
N ASP C 201 -79.68 43.66 -9.44
CA ASP C 201 -79.33 45.08 -9.40
C ASP C 201 -79.25 45.57 -7.96
N ALA C 202 -78.09 45.34 -7.34
CA ALA C 202 -77.89 45.74 -5.96
C ALA C 202 -77.45 47.20 -5.87
N PHE C 203 -77.24 47.83 -7.02
CA PHE C 203 -76.96 49.26 -7.05
C PHE C 203 -78.25 50.06 -6.96
N ASP C 204 -79.37 49.39 -7.23
CA ASP C 204 -80.70 49.97 -7.06
C ASP C 204 -81.14 49.88 -5.60
N GLY C 205 -80.33 49.24 -4.77
CA GLY C 205 -80.71 48.96 -3.39
C GLY C 205 -81.53 47.68 -3.30
N PHE C 206 -81.56 47.07 -2.12
CA PHE C 206 -82.30 45.84 -1.93
C PHE C 206 -83.09 45.85 -0.62
N ASP C 207 -84.36 45.48 -0.68
CA ASP C 207 -85.22 45.42 0.50
C ASP C 207 -84.79 44.30 1.46
N PHE C 208 -83.94 44.65 2.43
CA PHE C 208 -83.30 43.67 3.29
C PHE C 208 -84.17 43.17 4.46
N GLY C 209 -83.69 43.41 5.68
CA GLY C 209 -84.30 42.91 6.90
C GLY C 209 -85.58 43.63 7.28
N ASP C 210 -86.01 43.39 8.52
CA ASP C 210 -87.33 43.82 9.01
C ASP C 210 -87.71 45.27 8.67
N ASP C 211 -86.70 46.11 8.43
CA ASP C 211 -86.92 47.52 8.11
C ASP C 211 -87.38 47.73 6.66
N PRO C 212 -88.54 48.39 6.46
CA PRO C 212 -89.05 48.66 5.12
C PRO C 212 -88.38 49.85 4.41
N SER C 213 -87.50 50.57 5.11
CA SER C 213 -86.91 51.79 4.57
C SER C 213 -85.61 51.57 3.79
N ASP C 214 -84.93 50.46 4.09
CA ASP C 214 -83.51 50.26 3.71
C ASP C 214 -83.19 50.09 2.23
N LYS C 215 -84.15 49.66 1.41
CA LYS C 215 -83.93 49.60 -0.03
C LYS C 215 -83.61 51.00 -0.60
N PHE C 216 -83.53 51.97 0.31
CA PHE C 216 -83.18 53.35 -0.01
C PHE C 216 -81.83 53.67 0.64
N PHE C 217 -81.60 53.10 1.83
CA PHE C 217 -80.34 53.22 2.57
C PHE C 217 -79.20 52.35 2.04
N THR C 218 -79.53 51.42 1.15
CA THR C 218 -78.58 50.52 0.54
C THR C 218 -78.63 50.72 -0.97
N SER C 219 -78.88 51.94 -1.39
CA SER C 219 -78.88 52.25 -2.81
C SER C 219 -77.55 52.89 -3.11
N HIS C 220 -76.94 52.50 -4.22
CA HIS C 220 -75.56 52.89 -4.50
C HIS C 220 -75.37 53.99 -5.52
N ASN C 221 -76.31 54.15 -6.45
CA ASN C 221 -76.19 55.25 -7.41
C ASN C 221 -76.08 56.57 -6.68
N GLY C 222 -75.23 57.46 -7.17
CA GLY C 222 -75.04 58.78 -6.59
C GLY C 222 -74.19 58.90 -5.33
N MET C 223 -73.96 57.80 -4.61
CA MET C 223 -73.15 57.82 -3.38
C MET C 223 -71.69 58.30 -3.58
N GLN C 224 -71.00 58.48 -2.46
CA GLN C 224 -69.61 58.94 -2.47
C GLN C 224 -68.66 57.88 -1.94
N PHE C 225 -67.49 57.78 -2.58
CA PHE C 225 -66.50 56.79 -2.16
C PHE C 225 -65.93 57.08 -0.79
N SER C 226 -66.04 56.11 0.10
CA SER C 226 -65.61 56.24 1.48
C SER C 226 -64.44 55.27 1.75
N THR C 227 -63.66 55.56 2.79
CA THR C 227 -62.59 54.67 3.25
C THR C 227 -62.60 54.65 4.78
N TRP C 228 -61.56 54.14 5.40
CA TRP C 228 -61.50 54.15 6.86
C TRP C 228 -61.18 55.56 7.35
N ASP C 229 -60.75 56.42 6.44
CA ASP C 229 -60.29 57.76 6.77
C ASP C 229 -60.85 58.82 5.82
N ASN C 230 -62.15 58.71 5.54
CA ASN C 230 -62.82 59.64 4.64
C ASN C 230 -64.31 59.34 4.58
N ASP C 231 -64.91 59.17 5.76
CA ASP C 231 -66.33 58.85 5.94
C ASP C 231 -67.20 59.83 5.13
N ASN C 232 -67.72 59.33 4.02
CA ASN C 232 -68.68 60.07 3.21
C ASN C 232 -69.92 59.20 3.02
N ASP C 233 -70.19 58.41 4.06
CA ASP C 233 -71.29 57.46 4.10
C ASP C 233 -72.63 58.16 4.36
N LYS C 234 -73.54 57.46 5.04
CA LYS C 234 -74.71 58.05 5.64
C LYS C 234 -74.86 57.33 6.97
N PHE C 235 -73.97 57.63 7.91
CA PHE C 235 -73.87 56.85 9.12
C PHE C 235 -72.88 57.48 10.10
N GLU C 236 -73.28 57.56 11.37
CA GLU C 236 -72.44 58.16 12.40
C GLU C 236 -71.19 57.34 12.68
N GLY C 237 -71.35 56.01 12.75
CA GLY C 237 -70.21 55.11 12.74
C GLY C 237 -69.56 55.14 11.36
N ASN C 238 -68.40 54.52 11.22
CA ASN C 238 -67.75 54.48 9.91
C ASN C 238 -68.10 53.22 9.14
N CYS C 239 -68.83 53.42 8.03
CA CYS C 239 -69.33 52.30 7.23
C CYS C 239 -68.17 51.46 6.71
N ALA C 240 -67.19 52.13 6.09
CA ALA C 240 -65.99 51.46 5.57
C ALA C 240 -65.06 50.93 6.66
N GLU C 241 -64.76 51.76 7.66
CA GLU C 241 -63.88 51.36 8.75
C GLU C 241 -64.50 50.30 9.65
N GLN C 242 -65.64 49.75 9.24
CA GLN C 242 -66.20 48.61 9.94
C GLN C 242 -66.15 47.37 9.09
N ASP C 243 -66.75 47.45 7.89
CA ASP C 243 -66.67 46.38 6.90
C ASP C 243 -65.27 46.38 6.27
N GLY C 244 -64.27 46.61 7.11
CA GLY C 244 -62.86 46.75 6.75
C GLY C 244 -62.58 46.86 5.28
N SER C 245 -63.17 47.86 4.62
CA SER C 245 -63.04 47.99 3.18
C SER C 245 -63.03 49.44 2.74
N GLY C 246 -63.37 49.64 1.46
CA GLY C 246 -63.39 50.96 0.86
C GLY C 246 -64.22 50.83 -0.39
N TRP C 247 -65.38 51.50 -0.42
CA TRP C 247 -66.41 51.27 -1.42
C TRP C 247 -67.38 52.45 -1.42
N TRP C 248 -68.19 52.59 -2.46
CA TRP C 248 -69.26 53.60 -2.49
C TRP C 248 -70.38 53.32 -1.50
N MET C 249 -70.06 53.39 -0.21
CA MET C 249 -70.98 53.08 0.88
C MET C 249 -72.24 53.97 0.94
N ASN C 250 -73.17 53.60 1.83
CA ASN C 250 -74.45 54.28 2.01
C ASN C 250 -74.91 54.09 3.46
N LYS C 251 -75.91 53.24 3.69
CA LYS C 251 -76.16 52.73 5.04
C LYS C 251 -76.72 51.29 5.06
N CYS C 252 -75.85 50.28 4.86
CA CYS C 252 -74.46 50.46 4.44
C CYS C 252 -74.25 50.13 2.96
N HIS C 253 -74.67 48.93 2.53
CA HIS C 253 -74.46 48.47 1.14
C HIS C 253 -75.45 47.41 0.70
N ALA C 254 -75.74 47.39 -0.60
CA ALA C 254 -76.44 46.27 -1.21
C ALA C 254 -75.47 45.44 -2.07
N GLY C 255 -74.65 46.11 -2.88
CA GLY C 255 -73.65 45.45 -3.72
C GLY C 255 -72.20 45.78 -3.39
N HIS C 256 -71.61 45.00 -2.48
CA HIS C 256 -70.26 45.24 -1.95
C HIS C 256 -69.18 44.37 -2.59
N LEU C 257 -68.48 44.93 -3.56
CA LEU C 257 -67.51 44.13 -4.32
C LEU C 257 -66.06 44.15 -3.80
N ASN C 258 -65.83 44.90 -2.72
CA ASN C 258 -64.50 45.07 -2.16
C ASN C 258 -64.42 44.49 -0.77
N GLY C 259 -65.27 43.52 -0.49
CA GLY C 259 -65.35 42.99 0.87
C GLY C 259 -64.19 42.10 1.23
N VAL C 260 -64.08 41.79 2.52
CA VAL C 260 -63.24 40.69 2.99
C VAL C 260 -63.51 39.44 2.15
N TYR C 261 -62.45 38.90 1.54
CA TYR C 261 -62.53 37.61 0.82
C TYR C 261 -62.79 36.47 1.79
N TYR C 262 -63.89 35.77 1.58
CA TYR C 262 -64.30 34.69 2.48
C TYR C 262 -64.17 33.32 1.82
N GLN C 263 -63.68 32.36 2.61
CA GLN C 263 -63.29 31.07 2.05
C GLN C 263 -64.48 30.16 1.82
N GLY C 264 -64.84 29.99 0.56
CA GLY C 264 -65.89 29.06 0.17
C GLY C 264 -67.25 29.68 -0.06
N GLY C 265 -67.43 30.91 0.43
CA GLY C 265 -68.70 31.61 0.28
C GLY C 265 -69.44 31.83 1.58
N THR C 266 -69.93 30.76 2.18
CA THR C 266 -70.71 30.83 3.41
C THR C 266 -69.92 31.41 4.58
N TYR C 267 -70.53 32.37 5.26
CA TYR C 267 -70.09 32.83 6.59
C TYR C 267 -71.28 33.37 7.34
N SER C 268 -71.17 33.47 8.66
CA SER C 268 -72.28 33.98 9.47
C SER C 268 -71.90 35.22 10.28
N LYS C 269 -72.72 35.54 11.28
CA LYS C 269 -72.42 36.61 12.22
C LYS C 269 -71.20 36.23 13.06
N ALA C 270 -71.09 34.95 13.42
CA ALA C 270 -69.96 34.44 14.19
C ALA C 270 -68.59 34.72 13.56
N SER C 271 -68.58 35.04 12.26
CA SER C 271 -67.35 35.29 11.49
C SER C 271 -66.52 36.48 12.00
N THR C 272 -67.19 37.43 12.63
CA THR C 272 -66.56 38.65 13.12
C THR C 272 -67.08 39.00 14.51
N PRO C 273 -66.31 39.79 15.31
CA PRO C 273 -66.77 40.23 16.63
C PRO C 273 -68.01 41.14 16.56
N ASN C 274 -67.97 42.15 15.68
CA ASN C 274 -69.16 42.90 15.26
C ASN C 274 -70.23 41.89 14.87
N GLY C 275 -69.93 41.14 13.81
CA GLY C 275 -70.84 40.21 13.20
C GLY C 275 -71.26 40.68 11.83
N TYR C 276 -70.78 41.86 11.45
CA TYR C 276 -71.27 42.53 10.26
C TYR C 276 -70.97 41.83 8.94
N ASP C 277 -71.92 41.94 8.02
CA ASP C 277 -71.83 41.37 6.69
C ASP C 277 -70.77 42.11 5.85
N ASN C 278 -69.51 41.75 6.09
CA ASN C 278 -68.35 42.41 5.46
C ASN C 278 -67.86 41.72 4.21
N GLY C 279 -68.53 40.64 3.81
CA GLY C 279 -68.10 39.82 2.70
C GLY C 279 -68.15 40.50 1.35
N ILE C 280 -67.78 39.75 0.31
CA ILE C 280 -67.93 40.20 -1.08
C ILE C 280 -69.33 39.81 -1.53
N ILE C 281 -70.32 40.62 -1.13
CA ILE C 281 -71.75 40.29 -1.32
C ILE C 281 -72.39 41.04 -2.50
N TRP C 282 -73.58 40.60 -2.90
CA TRP C 282 -74.35 41.26 -3.97
C TRP C 282 -75.79 40.75 -3.95
N ALA C 283 -76.56 41.27 -3.00
CA ALA C 283 -77.80 40.64 -2.49
C ALA C 283 -78.88 40.24 -3.52
N THR C 284 -78.94 40.95 -4.64
CA THR C 284 -79.90 40.62 -5.69
C THR C 284 -79.61 39.27 -6.38
N TRP C 285 -78.55 38.59 -5.93
CA TRP C 285 -78.15 37.31 -6.51
C TRP C 285 -77.89 36.22 -5.49
N LYS C 286 -77.31 36.60 -4.34
CA LYS C 286 -77.14 35.67 -3.23
C LYS C 286 -77.46 36.37 -1.93
N THR C 287 -77.64 35.59 -0.88
CA THR C 287 -77.78 36.12 0.47
C THR C 287 -76.57 36.98 0.82
N ARG C 288 -76.70 37.75 1.90
CA ARG C 288 -75.63 38.62 2.39
C ARG C 288 -74.66 37.84 3.30
N TRP C 289 -74.81 36.52 3.29
CA TRP C 289 -73.95 35.65 4.07
C TRP C 289 -73.17 34.71 3.17
N TYR C 290 -73.30 34.94 1.86
CA TYR C 290 -72.53 34.24 0.87
C TYR C 290 -71.73 35.27 0.11
N SER C 291 -70.42 35.28 0.38
CA SER C 291 -69.45 36.10 -0.33
C SER C 291 -69.06 35.42 -1.63
N MET C 292 -68.88 36.20 -2.70
CA MET C 292 -68.45 35.68 -4.00
C MET C 292 -67.06 35.02 -3.97
N LYS C 293 -66.76 34.28 -5.04
CA LYS C 293 -65.45 33.70 -5.28
C LYS C 293 -64.64 34.58 -6.23
N LYS C 294 -65.25 35.05 -7.31
CA LYS C 294 -64.56 35.85 -8.31
C LYS C 294 -65.42 36.98 -8.82
N THR C 295 -64.89 38.21 -8.76
CA THR C 295 -65.61 39.39 -9.25
C THR C 295 -64.79 40.11 -10.29
N THR C 296 -65.42 41.06 -10.98
CA THR C 296 -64.78 41.84 -12.02
C THR C 296 -65.65 43.05 -12.34
N MET C 297 -65.02 44.18 -12.61
CA MET C 297 -65.74 45.38 -13.02
C MET C 297 -65.02 45.97 -14.20
N LYS C 298 -65.74 46.13 -15.30
CA LYS C 298 -65.09 46.63 -16.50
C LYS C 298 -65.98 47.56 -17.30
N ILE C 299 -65.39 48.66 -17.73
CA ILE C 299 -66.13 49.72 -18.39
C ILE C 299 -65.84 49.64 -19.88
N ILE C 300 -66.69 50.25 -20.71
CA ILE C 300 -66.52 50.25 -22.15
C ILE C 300 -67.43 51.28 -22.79
N PRO C 301 -66.93 52.01 -23.81
CA PRO C 301 -67.79 52.85 -24.63
C PRO C 301 -69.10 52.15 -24.91
N PHE C 302 -70.16 52.94 -25.01
CA PHE C 302 -71.51 52.39 -24.96
C PHE C 302 -71.97 51.82 -26.30
N ASN C 303 -71.60 52.49 -27.39
CA ASN C 303 -71.95 52.05 -28.74
C ASN C 303 -71.46 50.66 -29.05
N ARG C 304 -70.72 50.09 -28.12
CA ARG C 304 -70.23 48.71 -28.24
C ARG C 304 -71.29 47.69 -27.80
N LEU C 305 -72.19 48.09 -26.91
CA LEU C 305 -73.28 47.21 -26.46
C LEU C 305 -74.44 47.18 -27.47
N THR C 306 -75.29 46.28 -27.44
N ARG D 6 -8.17 -42.04 7.15
CA ARG D 6 -6.68 -41.95 7.07
C ARG D 6 -6.21 -40.78 6.21
N SER D 7 -7.14 -39.88 5.91
CA SER D 7 -6.80 -38.64 5.21
C SER D 7 -6.27 -37.60 6.19
N ARG D 8 -6.30 -37.94 7.48
CA ARG D 8 -5.85 -37.06 8.57
C ARG D 8 -4.38 -37.29 8.94
N ILE D 9 -3.55 -37.47 7.92
CA ILE D 9 -2.09 -37.52 8.04
C ILE D 9 -1.50 -36.63 6.95
N GLU D 10 -2.08 -36.68 5.77
CA GLU D 10 -1.68 -35.82 4.65
C GLU D 10 -2.33 -34.43 4.76
N VAL D 11 -3.00 -34.19 5.89
CA VAL D 11 -3.50 -32.85 6.22
C VAL D 11 -2.89 -32.33 7.52
N LEU D 12 -2.53 -33.25 8.43
CA LEU D 12 -1.97 -32.86 9.72
C LEU D 12 -0.45 -32.78 9.67
N LYS D 13 0.22 -33.92 9.50
CA LYS D 13 1.69 -33.95 9.40
C LYS D 13 2.22 -33.28 8.13
N ARG D 14 1.31 -32.91 7.22
CA ARG D 14 1.64 -32.08 6.07
C ARG D 14 1.86 -30.64 6.53
N LYS D 15 1.01 -30.18 7.45
CA LYS D 15 1.09 -28.81 7.98
C LYS D 15 1.82 -28.72 9.32
N VAL D 16 1.41 -29.53 10.30
CA VAL D 16 2.04 -29.57 11.62
C VAL D 16 3.50 -30.10 11.55
N ILE D 17 4.10 -29.89 10.39
CA ILE D 17 5.52 -30.06 10.19
C ILE D 17 6.05 -28.83 9.45
N GLU D 18 5.24 -28.30 8.54
CA GLU D 18 5.54 -27.01 7.91
C GLU D 18 5.43 -25.88 8.96
N LYS D 19 4.65 -26.11 10.02
CA LYS D 19 4.57 -25.21 11.17
C LYS D 19 5.86 -25.27 11.95
N VAL D 20 6.21 -26.47 12.42
CA VAL D 20 7.49 -26.74 13.09
C VAL D 20 8.66 -26.21 12.25
N GLN D 21 8.60 -26.37 10.94
CA GLN D 21 9.59 -25.81 10.00
C GLN D 21 9.81 -24.31 10.23
N HIS D 22 8.71 -23.59 10.47
CA HIS D 22 8.76 -22.14 10.64
C HIS D 22 9.19 -21.72 12.05
N ILE D 23 8.57 -22.29 13.07
CA ILE D 23 8.84 -21.89 14.43
C ILE D 23 10.33 -21.92 14.76
N GLN D 24 11.02 -22.97 14.32
CA GLN D 24 12.44 -23.14 14.66
C GLN D 24 13.36 -22.37 13.74
N LEU D 25 12.88 -22.07 12.53
CA LEU D 25 13.56 -21.10 11.65
C LEU D 25 13.47 -19.72 12.29
N LEU D 26 12.32 -19.42 12.88
CA LEU D 26 12.09 -18.14 13.52
C LEU D 26 12.96 -17.99 14.77
N GLN D 27 13.04 -19.03 15.59
CA GLN D 27 13.77 -18.96 16.85
C GLN D 27 15.29 -18.94 16.68
N LYS D 28 15.77 -19.42 15.54
CA LYS D 28 17.18 -19.25 15.21
C LYS D 28 17.41 -17.79 14.84
N ASN D 29 16.50 -17.22 14.07
CA ASN D 29 16.48 -15.78 13.79
C ASN D 29 16.39 -14.92 15.05
N VAL D 30 15.85 -15.47 16.12
CA VAL D 30 15.79 -14.72 17.36
C VAL D 30 17.12 -14.76 18.10
N ARG D 31 17.69 -15.95 18.31
CA ARG D 31 18.96 -16.00 19.03
C ARG D 31 20.02 -15.12 18.36
N ALA D 32 19.86 -14.89 17.05
CA ALA D 32 20.72 -13.99 16.29
C ALA D 32 20.48 -12.50 16.64
N GLN D 33 19.22 -12.12 16.76
CA GLN D 33 18.86 -10.77 17.15
C GLN D 33 19.00 -10.56 18.66
N LEU D 34 18.91 -11.63 19.44
CA LEU D 34 19.19 -11.55 20.87
C LEU D 34 20.66 -11.23 21.07
N VAL D 35 21.49 -11.66 20.11
CA VAL D 35 22.91 -11.32 20.10
C VAL D 35 23.11 -9.83 19.76
N ASP D 36 22.53 -9.39 18.65
CA ASP D 36 22.61 -7.97 18.24
C ASP D 36 22.20 -7.01 19.33
N MET D 37 21.24 -7.41 20.16
CA MET D 37 20.86 -6.58 21.29
C MET D 37 21.88 -6.62 22.39
N LYS D 38 22.67 -7.69 22.46
CA LYS D 38 23.77 -7.74 23.43
C LYS D 38 24.92 -6.86 22.95
N ARG D 39 25.23 -6.95 21.66
CA ARG D 39 26.25 -6.09 21.05
C ARG D 39 25.90 -4.61 21.22
N LEU D 40 24.65 -4.26 20.91
CA LEU D 40 24.17 -2.88 20.99
C LEU D 40 24.07 -2.39 22.44
N GLU D 41 23.59 -3.24 23.33
CA GLU D 41 23.53 -2.90 24.75
C GLU D 41 24.90 -2.45 25.24
N VAL D 42 25.94 -3.07 24.69
CA VAL D 42 27.32 -2.78 25.07
C VAL D 42 27.86 -1.59 24.26
N ASP D 43 27.88 -1.72 22.93
CA ASP D 43 28.32 -0.64 22.04
C ASP D 43 27.87 0.75 22.52
N ILE D 44 26.77 0.81 23.26
CA ILE D 44 26.28 2.04 23.83
C ILE D 44 26.96 2.36 25.16
N ASP D 45 26.85 1.48 26.16
CA ASP D 45 27.55 1.68 27.43
C ASP D 45 28.99 2.15 27.22
N ILE D 46 29.63 1.64 26.16
CA ILE D 46 30.92 2.16 25.72
C ILE D 46 30.73 3.60 25.27
N LYS D 47 30.02 3.79 24.15
CA LYS D 47 29.92 5.09 23.48
C LYS D 47 29.32 6.21 24.35
N ILE D 48 28.53 5.85 25.36
CA ILE D 48 28.04 6.83 26.31
C ILE D 48 29.13 7.31 27.27
N ARG D 49 29.91 6.38 27.81
CA ARG D 49 31.01 6.74 28.68
C ARG D 49 32.05 7.57 27.94
N SER D 50 32.19 7.31 26.64
CA SER D 50 33.13 8.04 25.79
C SER D 50 32.77 9.52 25.66
N CYS D 51 31.71 9.93 26.37
CA CYS D 51 31.23 11.30 26.34
C CYS D 51 31.62 12.08 27.59
N ARG D 52 31.82 11.37 28.70
CA ARG D 52 32.32 11.97 29.94
C ARG D 52 33.42 12.99 29.69
N GLY D 53 34.19 12.78 28.62
CA GLY D 53 35.26 13.68 28.22
C GLY D 53 34.96 14.45 26.95
N SER D 54 33.74 15.01 26.88
CA SER D 54 33.36 15.91 25.81
C SER D 54 32.16 16.76 26.19
N CYS D 55 31.44 16.33 27.22
CA CYS D 55 30.09 16.85 27.49
C CYS D 55 29.86 17.20 28.96
N SER D 56 29.07 18.25 29.18
CA SER D 56 28.67 18.72 30.52
C SER D 56 28.58 17.60 31.55
N ARG D 57 27.66 16.68 31.29
CA ARG D 57 27.45 15.48 32.11
C ARG D 57 27.54 14.23 31.24
N ALA D 58 27.60 13.08 31.91
CA ALA D 58 27.49 11.76 31.27
C ALA D 58 26.67 10.85 32.16
N LEU D 59 25.71 10.15 31.55
CA LEU D 59 24.69 9.41 32.30
C LEU D 59 25.21 8.21 33.11
N ALA D 60 24.94 8.23 34.41
CA ALA D 60 25.33 7.14 35.29
C ALA D 60 24.44 5.94 34.98
N ARG D 61 25.06 4.79 34.72
CA ARG D 61 24.33 3.58 34.32
C ARG D 61 25.16 2.31 34.43
N GLU D 62 24.47 1.21 34.74
CA GLU D 62 25.06 -0.12 34.68
C GLU D 62 24.31 -0.97 33.67
N VAL D 63 25.06 -1.55 32.74
CA VAL D 63 24.51 -2.48 31.77
C VAL D 63 24.45 -3.88 32.38
N ASP D 64 23.28 -4.50 32.27
CA ASP D 64 23.00 -5.78 32.93
C ASP D 64 23.12 -6.97 31.97
N LEU D 65 24.15 -7.78 32.19
CA LEU D 65 24.39 -8.96 31.37
C LEU D 65 23.80 -10.20 32.04
N LYS D 66 23.71 -10.16 33.36
CA LYS D 66 23.11 -11.24 34.15
C LYS D 66 21.73 -11.63 33.61
N ASP D 67 20.98 -10.63 33.14
CA ASP D 67 19.69 -10.86 32.49
C ASP D 67 19.85 -11.45 31.10
N TYR D 68 20.72 -10.86 30.30
CA TYR D 68 20.97 -11.30 28.92
C TYR D 68 21.44 -12.75 28.77
N GLU D 69 22.29 -13.22 29.69
CA GLU D 69 22.86 -14.58 29.57
C GLU D 69 22.02 -15.64 30.30
N ASP D 70 21.10 -15.18 31.15
CA ASP D 70 20.14 -16.08 31.78
C ASP D 70 19.08 -16.55 30.79
N GLN D 71 18.61 -15.62 29.97
CA GLN D 71 17.67 -15.94 28.90
C GLN D 71 18.40 -16.17 27.57
N GLN D 72 19.69 -16.44 27.68
CA GLN D 72 20.49 -16.92 26.58
C GLN D 72 20.75 -18.39 26.87
N LYS D 73 20.67 -18.74 28.17
CA LYS D 73 20.66 -20.13 28.64
C LYS D 73 19.41 -20.81 28.09
N GLN D 74 18.27 -20.14 28.25
CA GLN D 74 17.05 -20.49 27.51
C GLN D 74 17.30 -20.17 26.05
N LEU D 75 16.44 -20.68 25.17
CA LEU D 75 16.69 -20.68 23.73
C LEU D 75 17.84 -21.58 23.34
N GLU D 76 18.95 -21.52 24.07
CA GLU D 76 20.00 -22.52 23.90
C GLU D 76 19.57 -23.77 24.66
N GLN D 77 18.42 -23.67 25.33
CA GLN D 77 17.81 -24.78 26.03
C GLN D 77 16.46 -25.13 25.44
N VAL D 78 16.22 -24.71 24.19
CA VAL D 78 15.00 -25.10 23.47
C VAL D 78 15.28 -25.33 21.99
N ILE D 79 16.54 -25.26 21.59
CA ILE D 79 16.90 -25.60 20.21
C ILE D 79 17.34 -27.07 20.09
N ALA D 80 17.41 -27.74 21.24
CA ALA D 80 17.68 -29.21 21.30
C ALA D 80 16.48 -30.12 20.90
N LYS D 81 15.75 -29.74 19.83
CA LYS D 81 14.59 -30.52 19.32
C LYS D 81 14.34 -30.26 17.82
N GLN E 17 -1.35 -47.33 15.42
CA GLN E 17 -1.31 -45.85 15.25
C GLN E 17 -1.34 -45.11 16.59
N LEU E 18 -0.73 -45.72 17.60
CA LEU E 18 -0.53 -45.09 18.90
C LEU E 18 0.50 -43.96 18.80
N TYR E 19 0.76 -43.51 17.57
CA TYR E 19 1.83 -42.55 17.27
C TYR E 19 1.35 -41.09 17.21
N ILE E 20 0.07 -40.89 17.54
CA ILE E 20 -0.52 -39.54 17.63
C ILE E 20 0.38 -38.64 18.47
N ASP E 21 0.92 -37.60 17.85
CA ASP E 21 1.83 -36.66 18.52
C ASP E 21 1.17 -35.32 18.85
N GLU E 22 -0.08 -35.39 19.33
CA GLU E 22 -0.72 -34.25 19.97
C GLU E 22 0.11 -33.77 21.16
N THR E 23 1.22 -34.47 21.40
CA THR E 23 2.24 -34.07 22.36
C THR E 23 3.09 -32.93 21.81
N VAL E 24 3.42 -33.00 20.52
CA VAL E 24 4.10 -31.91 19.79
C VAL E 24 3.23 -30.64 19.78
N ASN E 25 2.08 -30.73 20.44
CA ASN E 25 1.13 -29.64 20.51
C ASN E 25 0.79 -29.28 21.94
N SER E 26 1.67 -29.69 22.86
CA SER E 26 1.63 -29.27 24.25
C SER E 26 3.03 -28.94 24.77
N ASN E 27 3.93 -28.65 23.84
CA ASN E 27 5.22 -28.03 24.14
C ASN E 27 5.49 -26.81 23.24
N ILE E 28 4.70 -26.67 22.16
CA ILE E 28 4.59 -25.41 21.42
C ILE E 28 4.02 -24.31 22.33
N PRO E 29 3.02 -24.65 23.18
CA PRO E 29 2.64 -23.76 24.30
C PRO E 29 3.83 -23.31 25.16
N THR E 30 4.48 -24.27 25.83
CA THR E 30 5.64 -23.97 26.70
C THR E 30 6.73 -23.21 25.93
N ASN E 31 6.82 -23.49 24.63
CA ASN E 31 7.76 -22.84 23.73
C ASN E 31 7.43 -21.37 23.43
N LEU E 32 6.22 -21.13 22.88
CA LEU E 32 5.75 -19.78 22.58
C LEU E 32 5.70 -18.87 23.81
N ARG E 33 5.49 -19.46 24.99
CA ARG E 33 5.59 -18.72 26.25
C ARG E 33 6.97 -18.08 26.36
N VAL E 34 8.00 -18.88 26.06
CA VAL E 34 9.38 -18.41 26.13
C VAL E 34 9.64 -17.38 25.04
N LEU E 35 9.49 -17.80 23.78
CA LEU E 35 9.81 -16.95 22.64
C LEU E 35 9.05 -15.62 22.58
N ARG E 36 8.02 -15.46 23.42
CA ARG E 36 7.38 -14.16 23.60
C ARG E 36 8.03 -13.43 24.78
N SER E 37 8.22 -14.14 25.90
CA SER E 37 8.89 -13.58 27.06
C SER E 37 10.37 -13.28 26.77
N ILE E 38 10.78 -13.43 25.51
CA ILE E 38 12.13 -13.09 25.07
C ILE E 38 12.05 -11.94 24.09
N LEU E 39 11.27 -12.10 23.03
CA LEU E 39 11.04 -11.05 22.04
C LEU E 39 10.42 -9.78 22.63
N GLU E 40 9.72 -9.91 23.76
CA GLU E 40 9.09 -8.76 24.41
C GLU E 40 9.79 -8.36 25.70
N ASN E 41 10.92 -9.02 25.96
CA ASN E 41 11.93 -8.50 26.87
C ASN E 41 12.82 -7.54 26.08
N LEU E 42 13.30 -7.99 24.91
CA LEU E 42 14.13 -7.18 24.02
C LEU E 42 13.46 -5.93 23.48
N ARG E 43 12.14 -5.91 23.45
CA ARG E 43 11.44 -4.74 22.96
C ARG E 43 11.53 -3.62 24.02
N SER E 44 11.24 -3.96 25.27
CA SER E 44 11.34 -2.97 26.34
C SER E 44 12.80 -2.65 26.69
N LYS E 45 13.74 -3.31 26.02
CA LYS E 45 15.17 -2.98 26.11
C LYS E 45 15.49 -1.81 25.19
N ILE E 46 15.10 -1.93 23.92
CA ILE E 46 15.21 -0.85 22.96
C ILE E 46 14.43 0.37 23.43
N GLN E 47 13.60 0.19 24.47
CA GLN E 47 12.90 1.31 25.10
C GLN E 47 13.92 2.13 25.88
N LYS E 48 14.58 1.46 26.84
CA LYS E 48 15.53 2.12 27.72
C LYS E 48 16.70 2.73 26.94
N LEU E 49 17.03 2.14 25.79
CA LEU E 49 18.16 2.63 24.99
C LEU E 49 17.77 3.80 24.12
N GLU E 50 16.55 3.80 23.63
CA GLU E 50 16.01 4.94 22.92
C GLU E 50 16.00 6.13 23.89
N SER E 51 15.58 5.84 25.12
CA SER E 51 15.48 6.83 26.19
C SER E 51 16.84 7.41 26.60
N ASP E 52 17.83 6.56 26.80
CA ASP E 52 19.14 6.99 27.33
C ASP E 52 19.99 7.76 26.32
N VAL E 53 20.13 7.22 25.11
CA VAL E 53 20.79 7.92 24.00
C VAL E 53 20.11 9.28 23.72
N SER E 54 18.86 9.42 24.15
CA SER E 54 18.17 10.69 24.04
C SER E 54 18.67 11.65 25.12
N ALA E 55 18.79 11.15 26.35
CA ALA E 55 19.24 11.96 27.49
C ALA E 55 20.67 12.47 27.33
N GLN E 56 21.57 11.60 26.89
CA GLN E 56 22.97 11.96 26.70
C GLN E 56 23.10 13.02 25.62
N MET E 57 22.34 12.87 24.55
CA MET E 57 22.34 13.84 23.47
C MET E 57 21.92 15.24 23.96
N GLU E 58 21.24 15.27 25.12
CA GLU E 58 20.84 16.54 25.73
C GLU E 58 21.93 17.11 26.63
N TYR E 59 22.60 16.25 27.39
CA TYR E 59 23.76 16.67 28.17
C TYR E 59 24.87 17.13 27.25
N CYS E 60 24.87 16.61 26.03
CA CYS E 60 25.89 16.95 25.05
C CYS E 60 25.55 18.18 24.22
N ARG E 61 24.63 18.99 24.75
CA ARG E 61 24.32 20.29 24.17
C ARG E 61 25.46 21.27 24.49
N THR E 62 26.01 21.14 25.70
CA THR E 62 27.09 21.99 26.18
C THR E 62 28.31 21.16 26.59
N PRO E 63 29.50 21.53 26.08
CA PRO E 63 30.76 20.86 26.41
C PRO E 63 31.15 20.92 27.89
N CYS E 64 32.00 19.97 28.31
CA CYS E 64 32.69 20.02 29.60
C CYS E 64 33.85 20.98 29.44
N THR E 65 34.28 21.61 30.53
CA THR E 65 35.38 22.58 30.44
C THR E 65 36.47 22.34 31.48
N VAL E 66 37.67 22.78 31.11
CA VAL E 66 38.82 22.81 32.02
C VAL E 66 39.54 24.15 31.97
N SER E 67 40.07 24.55 33.12
CA SER E 67 40.90 25.74 33.20
C SER E 67 42.34 25.30 33.54
N CYS E 68 43.18 25.26 32.50
CA CYS E 68 44.55 24.71 32.63
C CYS E 68 45.66 25.77 32.63
N ASN E 69 46.14 26.08 33.83
CA ASN E 69 47.14 27.12 34.06
C ASN E 69 48.57 26.67 33.75
N ILE E 70 49.01 26.92 32.52
CA ILE E 70 50.33 26.50 32.03
C ILE E 70 51.48 26.89 32.97
N PRO E 71 52.13 25.90 33.63
CA PRO E 71 53.34 26.18 34.44
C PRO E 71 54.47 26.88 33.67
N VAL E 72 55.33 27.57 34.42
CA VAL E 72 56.40 28.41 33.84
C VAL E 72 57.50 27.60 33.14
N VAL E 73 58.02 26.58 33.85
CA VAL E 73 59.13 25.72 33.38
C VAL E 73 58.84 24.98 32.07
N SER E 74 59.51 25.32 31.00
CA SER E 74 59.30 24.63 29.72
C SER E 74 60.52 23.77 29.36
N GLY E 75 60.70 23.49 28.07
CA GLY E 75 61.82 22.67 27.59
C GLY E 75 61.54 21.98 26.26
N LYS E 76 62.13 20.80 26.09
CA LYS E 76 61.98 20.03 24.85
C LYS E 76 61.16 18.78 25.08
N GLU E 77 61.16 18.34 26.34
CA GLU E 77 60.50 17.11 26.79
C GLU E 77 60.54 17.09 28.32
N CYS E 78 59.88 16.12 28.94
CA CYS E 78 59.69 16.13 30.41
C CYS E 78 60.90 15.75 31.26
N GLU E 79 62.00 15.33 30.63
CA GLU E 79 63.24 15.08 31.37
C GLU E 79 63.92 16.41 31.63
N GLU E 80 64.24 17.13 30.55
CA GLU E 80 64.75 18.50 30.66
C GLU E 80 64.03 19.18 31.83
N ILE E 81 62.71 19.25 31.71
CA ILE E 81 61.83 19.79 32.74
C ILE E 81 62.11 19.31 34.18
N ILE E 82 62.38 18.04 34.40
CA ILE E 82 62.66 17.63 35.78
C ILE E 82 64.08 18.00 36.21
N ARG E 83 64.99 18.08 35.24
CA ARG E 83 66.34 18.56 35.50
C ARG E 83 66.29 20.07 35.78
N LYS E 84 65.41 20.77 35.05
CA LYS E 84 65.18 22.20 35.24
C LYS E 84 64.29 22.52 36.46
N GLY E 85 64.37 21.70 37.51
CA GLY E 85 63.68 22.00 38.77
C GLY E 85 62.20 21.67 38.87
N GLY E 86 61.53 21.49 37.73
CA GLY E 86 60.10 21.17 37.68
C GLY E 86 59.79 19.77 38.18
N GLU E 87 59.30 19.69 39.42
CA GLU E 87 59.36 18.45 40.17
C GLU E 87 58.03 17.84 40.64
N THR E 88 56.91 18.24 40.03
CA THR E 88 55.59 17.64 40.35
C THR E 88 54.82 17.24 39.11
N SER E 89 54.04 16.16 39.24
CA SER E 89 53.31 15.57 38.12
C SER E 89 52.06 16.38 37.80
N GLU E 90 52.04 16.96 36.60
CA GLU E 90 50.90 17.73 36.10
C GLU E 90 51.12 17.97 34.61
N MET E 91 50.23 18.73 33.96
CA MET E 91 50.47 19.12 32.58
C MET E 91 51.61 20.12 32.54
N TYR E 92 52.48 20.00 31.56
CA TYR E 92 53.48 21.03 31.26
C TYR E 92 53.36 21.34 29.78
N LEU E 93 53.95 22.45 29.37
CA LEU E 93 54.01 22.78 27.96
C LEU E 93 55.44 22.52 27.52
N ILE E 94 55.62 22.01 26.29
CA ILE E 94 56.96 21.66 25.79
C ILE E 94 57.12 21.97 24.33
N GLN E 95 58.38 22.12 23.92
CA GLN E 95 58.71 22.41 22.53
C GLN E 95 60.05 21.73 22.27
N PRO E 96 60.03 20.62 21.52
CA PRO E 96 61.23 19.82 21.28
C PRO E 96 62.10 20.42 20.19
N ASP E 97 61.50 20.81 19.07
CA ASP E 97 62.24 21.48 18.01
C ASP E 97 61.91 22.97 17.99
N SER E 98 62.83 23.77 17.46
CA SER E 98 62.63 25.21 17.35
C SER E 98 61.56 25.55 16.30
N SER E 99 61.58 24.85 15.18
CA SER E 99 60.66 25.14 14.07
C SER E 99 59.33 24.36 14.18
N VAL E 100 59.08 23.80 15.36
CA VAL E 100 57.88 23.02 15.61
C VAL E 100 57.09 23.64 16.78
N LYS E 101 55.92 24.18 16.45
CA LYS E 101 55.02 24.81 17.43
C LYS E 101 54.94 24.03 18.75
N PRO E 102 55.02 24.73 19.89
CA PRO E 102 54.98 24.05 21.20
C PRO E 102 53.62 23.45 21.49
N TYR E 103 53.57 22.43 22.36
CA TYR E 103 52.30 21.78 22.74
C TYR E 103 52.24 21.29 24.18
N ARG E 104 51.03 21.22 24.72
CA ARG E 104 50.78 20.75 26.08
C ARG E 104 51.06 19.24 26.19
N VAL E 105 51.36 18.77 27.41
CA VAL E 105 51.70 17.36 27.66
C VAL E 105 51.68 17.05 29.15
N TYR E 106 51.33 15.82 29.50
CA TYR E 106 51.38 15.42 30.91
C TYR E 106 52.70 14.73 31.23
N CYS E 107 53.32 15.08 32.35
CA CYS E 107 54.57 14.43 32.75
C CYS E 107 54.48 13.76 34.10
N ASP E 108 54.94 12.51 34.14
CA ASP E 108 55.04 11.81 35.41
C ASP E 108 56.42 12.07 35.98
N MET E 109 56.48 12.81 37.07
CA MET E 109 57.74 13.11 37.72
C MET E 109 57.85 12.31 39.00
N ASN E 110 57.17 11.15 39.03
CA ASN E 110 57.12 10.36 40.27
C ASN E 110 57.46 8.88 40.14
N THR E 111 57.54 8.39 38.91
CA THR E 111 57.69 6.96 38.69
C THR E 111 59.11 6.51 38.31
N GLU E 112 59.70 5.77 39.25
CA GLU E 112 61.09 5.35 39.20
C GLU E 112 62.02 6.54 39.41
N ASN E 113 62.23 7.33 38.36
CA ASN E 113 63.10 8.50 38.45
C ASN E 113 62.46 9.82 37.93
N GLY E 114 61.17 9.80 37.65
CA GLY E 114 60.50 10.94 37.01
C GLY E 114 61.07 11.23 35.62
N GLY E 115 60.55 12.25 34.96
CA GLY E 115 61.05 12.62 33.64
C GLY E 115 60.28 11.96 32.51
N TRP E 116 59.19 11.30 32.89
CA TRP E 116 58.32 10.58 31.96
C TRP E 116 57.35 11.50 31.20
N THR E 117 57.32 11.34 29.88
CA THR E 117 56.39 12.06 28.99
C THR E 117 55.32 11.12 28.46
N VAL E 118 54.25 10.94 29.25
CA VAL E 118 53.05 10.19 28.86
C VAL E 118 52.62 10.48 27.41
N ILE E 119 52.43 9.46 26.58
CA ILE E 119 51.90 9.69 25.24
C ILE E 119 50.60 8.94 24.92
N GLN E 120 50.17 8.10 25.87
CA GLN E 120 48.91 7.36 25.74
C GLN E 120 48.41 7.02 27.14
N ASN E 121 47.18 7.40 27.44
CA ASN E 121 46.63 7.04 28.74
C ASN E 121 45.21 6.49 28.69
N ARG E 122 44.89 5.56 29.60
CA ARG E 122 43.53 5.00 29.72
C ARG E 122 43.25 4.74 31.19
N GLN E 123 42.06 5.13 31.66
CA GLN E 123 41.72 4.93 33.08
C GLN E 123 40.23 4.95 33.43
N ASP E 124 39.39 5.47 32.53
CA ASP E 124 37.92 5.48 32.76
C ASP E 124 37.14 5.43 31.44
N GLY E 125 37.86 5.21 30.34
CA GLY E 125 37.26 5.18 29.02
C GLY E 125 36.47 6.44 28.70
N SER E 126 36.98 7.58 29.16
CA SER E 126 36.33 8.86 28.95
C SER E 126 36.64 9.44 27.56
N VAL E 127 37.31 8.66 26.72
CA VAL E 127 37.56 9.08 25.34
C VAL E 127 37.29 7.94 24.33
N ASP E 128 36.73 8.32 23.18
CA ASP E 128 36.51 7.38 22.09
C ASP E 128 37.85 7.23 21.38
N PHE E 129 38.47 6.05 21.50
CA PHE E 129 39.77 5.79 20.87
C PHE E 129 39.69 5.25 19.44
N GLY E 130 38.55 4.71 19.06
CA GLY E 130 38.39 4.20 17.70
C GLY E 130 38.20 5.30 16.68
N ARG E 131 39.30 5.94 16.29
CA ARG E 131 39.24 7.14 15.43
C ARG E 131 40.00 6.92 14.14
N LYS E 132 39.67 7.72 13.12
CA LYS E 132 40.25 7.55 11.79
C LYS E 132 41.78 7.76 11.75
N TRP E 133 42.35 7.63 10.56
CA TRP E 133 43.80 7.73 10.36
C TRP E 133 44.34 9.08 10.76
N ASP E 134 43.72 10.13 10.21
CA ASP E 134 44.11 11.50 10.48
C ASP E 134 44.09 11.85 11.98
N PRO E 135 42.91 11.73 12.65
CA PRO E 135 42.85 11.97 14.09
C PRO E 135 43.84 11.15 14.93
N TYR E 136 44.64 10.30 14.29
CA TYR E 136 45.66 9.53 15.02
C TYR E 136 47.04 10.13 14.86
N LYS E 137 47.19 10.87 13.75
CA LYS E 137 48.38 11.64 13.38
C LYS E 137 48.58 12.87 14.30
N GLN E 138 47.56 13.73 14.38
CA GLN E 138 47.54 14.91 15.27
C GLN E 138 47.52 14.49 16.73
N GLY E 139 46.53 13.68 17.09
CA GLY E 139 46.31 13.33 18.48
C GLY E 139 44.88 13.66 18.84
N PHE E 140 44.47 13.23 20.03
CA PHE E 140 43.11 13.45 20.51
C PHE E 140 43.01 13.20 22.02
N GLY E 141 42.00 13.79 22.63
CA GLY E 141 41.72 13.51 24.04
C GLY E 141 42.14 14.58 25.01
N ASN E 142 41.79 14.36 26.26
CA ASN E 142 42.12 15.27 27.34
C ASN E 142 43.50 14.95 27.92
N VAL E 143 44.41 15.92 27.81
CA VAL E 143 45.77 15.79 28.33
C VAL E 143 45.84 15.80 29.86
N ALA E 144 45.04 16.65 30.48
CA ALA E 144 44.75 16.51 31.92
C ALA E 144 43.54 17.34 32.36
N THR E 145 43.19 17.23 33.64
CA THR E 145 42.02 17.91 34.19
C THR E 145 42.30 18.51 35.57
N ASN E 146 41.61 19.62 35.86
CA ASN E 146 41.63 20.26 37.18
C ASN E 146 41.41 19.24 38.28
N THR E 147 42.23 19.31 39.32
CA THR E 147 42.08 18.42 40.46
C THR E 147 41.46 19.17 41.63
N ASP E 148 40.72 18.46 42.49
CA ASP E 148 40.16 19.03 43.72
C ASP E 148 39.66 20.46 43.52
N GLY E 149 40.25 21.41 44.26
CA GLY E 149 39.95 22.82 44.11
C GLY E 149 41.16 23.59 43.63
N LYS E 150 42.24 22.86 43.33
CA LYS E 150 43.49 23.46 42.87
C LYS E 150 43.35 24.08 41.47
N ASN E 151 44.32 24.92 41.11
CA ASN E 151 44.27 25.75 39.92
C ASN E 151 45.14 25.25 38.77
N TYR E 152 45.86 24.16 39.04
CA TYR E 152 46.66 23.47 38.02
C TYR E 152 46.06 22.08 37.76
N CYS E 153 46.06 21.67 36.49
CA CYS E 153 45.58 20.37 36.07
C CYS E 153 46.60 19.28 36.45
N GLY E 154 46.46 18.74 37.66
CA GLY E 154 47.43 17.79 38.23
C GLY E 154 47.03 16.33 38.14
N LEU E 155 46.09 16.05 37.24
CA LEU E 155 45.63 14.70 36.99
C LEU E 155 45.60 14.49 35.49
N PRO E 156 45.87 13.25 35.05
CA PRO E 156 46.01 12.99 33.61
C PRO E 156 44.69 12.62 32.95
N GLY E 157 44.52 13.04 31.70
CA GLY E 157 43.34 12.65 30.94
C GLY E 157 43.63 11.49 30.01
N GLU E 158 42.58 10.86 29.49
CA GLU E 158 42.78 9.86 28.46
C GLU E 158 43.15 10.56 27.16
N TYR E 159 44.29 10.20 26.58
CA TYR E 159 44.66 10.74 25.28
C TYR E 159 45.68 9.90 24.53
N TRP E 160 45.80 10.21 23.24
CA TRP E 160 46.85 9.74 22.38
C TRP E 160 47.56 11.01 21.97
N LEU E 161 48.87 11.07 22.20
CA LEU E 161 49.64 12.26 21.87
C LEU E 161 49.52 12.60 20.40
N GLY E 162 50.00 11.71 19.55
CA GLY E 162 49.97 11.99 18.11
C GLY E 162 51.11 11.30 17.40
N ASN E 163 50.85 10.77 16.22
CA ASN E 163 51.89 10.00 15.53
C ASN E 163 53.02 10.93 15.16
N ASP E 164 52.73 11.90 14.30
CA ASP E 164 53.67 12.94 13.97
C ASP E 164 54.44 13.36 15.20
N LYS E 165 53.70 13.63 16.27
CA LYS E 165 54.29 14.13 17.51
C LYS E 165 55.15 13.10 18.23
N ILE E 166 54.72 11.83 18.19
CA ILE E 166 55.46 10.73 18.82
C ILE E 166 56.62 10.31 17.92
N SER E 167 56.42 10.45 16.61
CA SER E 167 57.46 10.14 15.63
C SER E 167 58.75 10.83 16.01
N GLN E 168 58.68 12.17 16.03
CA GLN E 168 59.85 13.01 16.21
C GLN E 168 60.42 12.99 17.64
N LEU E 169 59.54 12.83 18.63
CA LEU E 169 60.01 12.73 20.02
C LEU E 169 61.05 11.63 20.21
N THR E 170 60.85 10.52 19.51
CA THR E 170 61.71 9.34 19.61
C THR E 170 62.89 9.46 18.66
N ARG E 171 62.62 9.87 17.43
CA ARG E 171 63.63 10.10 16.41
C ARG E 171 64.66 11.19 16.77
N MET E 172 64.55 11.73 17.98
CA MET E 172 65.49 12.70 18.52
C MET E 172 66.71 12.07 19.17
N GLY E 173 66.61 10.78 19.50
CA GLY E 173 67.72 10.04 20.11
C GLY E 173 67.26 8.82 20.89
N PRO E 174 68.19 8.17 21.61
CA PRO E 174 67.88 7.00 22.45
C PRO E 174 66.75 7.26 23.43
N THR E 175 65.55 6.79 23.08
CA THR E 175 64.36 6.94 23.92
C THR E 175 63.91 5.58 24.48
N GLU E 176 63.82 5.47 25.80
CA GLU E 176 63.29 4.26 26.41
C GLU E 176 61.76 4.28 26.39
N LEU E 177 61.13 3.31 27.07
CA LEU E 177 59.67 3.22 27.16
C LEU E 177 59.19 2.44 28.39
N LEU E 178 58.11 2.90 28.98
CA LEU E 178 57.49 2.23 30.10
C LEU E 178 56.04 2.02 29.76
N ILE E 179 55.51 0.83 30.08
CA ILE E 179 54.09 0.53 29.90
C ILE E 179 53.50 -0.01 31.18
N GLU E 180 52.57 0.74 31.76
CA GLU E 180 51.86 0.31 32.96
C GLU E 180 50.44 -0.16 32.63
N MET E 181 49.88 -0.96 33.54
CA MET E 181 48.53 -1.47 33.40
C MET E 181 48.03 -2.06 34.71
N GLU E 182 46.73 -1.86 34.94
CA GLU E 182 46.05 -2.42 36.10
C GLU E 182 44.88 -3.33 35.67
N ASP E 183 44.68 -4.41 36.41
CA ASP E 183 43.50 -5.23 36.22
C ASP E 183 42.40 -4.67 37.11
N TRP E 184 41.25 -5.33 37.13
CA TRP E 184 40.12 -4.84 37.89
C TRP E 184 40.10 -5.45 39.27
N LYS E 185 41.11 -6.26 39.57
CA LYS E 185 41.19 -6.90 40.88
C LYS E 185 42.10 -6.08 41.78
N GLY E 186 42.88 -5.18 41.18
CA GLY E 186 43.77 -4.27 41.91
C GLY E 186 45.25 -4.56 41.78
N ASP E 187 45.63 -5.29 40.73
CA ASP E 187 47.03 -5.64 40.48
C ASP E 187 47.60 -4.82 39.33
N LYS E 188 48.89 -4.50 39.43
CA LYS E 188 49.62 -3.77 38.39
C LYS E 188 50.87 -4.54 37.94
N VAL E 189 51.30 -4.29 36.70
CA VAL E 189 52.55 -4.85 36.19
C VAL E 189 53.08 -4.02 35.03
N LYS E 190 54.40 -3.81 35.01
CA LYS E 190 55.03 -2.93 34.03
C LYS E 190 55.74 -3.66 32.90
N ALA E 191 56.19 -2.91 31.90
CA ALA E 191 56.89 -3.50 30.76
C ALA E 191 57.83 -2.51 30.04
N HIS E 192 59.10 -2.46 30.50
CA HIS E 192 60.10 -1.51 29.98
C HIS E 192 60.61 -1.89 28.60
N TYR E 193 61.17 -0.93 27.87
CA TYR E 193 61.76 -1.17 26.55
C TYR E 193 62.91 -0.20 26.29
N GLY E 194 64.08 -0.48 26.87
CA GLY E 194 65.27 0.36 26.72
C GLY E 194 65.41 1.13 25.41
N GLY E 195 64.92 0.55 24.31
CA GLY E 195 64.89 1.21 23.02
C GLY E 195 63.47 1.36 22.51
N PHE E 196 63.28 2.16 21.46
CA PHE E 196 61.94 2.53 20.97
C PHE E 196 62.11 3.60 19.90
N THR E 197 61.49 3.38 18.76
CA THR E 197 61.56 4.33 17.65
C THR E 197 60.26 4.25 16.86
N VAL E 198 59.78 5.39 16.35
CA VAL E 198 58.60 5.42 15.49
C VAL E 198 58.89 6.34 14.33
N GLN E 199 58.83 5.81 13.10
CA GLN E 199 59.14 6.63 11.91
C GLN E 199 58.05 7.66 11.59
N ASN E 200 58.23 8.36 10.46
CA ASN E 200 57.28 9.39 10.02
C ASN E 200 56.06 8.81 9.29
N GLU E 201 55.44 9.60 8.42
CA GLU E 201 54.21 9.14 7.77
C GLU E 201 54.46 8.37 6.46
N ALA E 202 55.37 8.86 5.63
CA ALA E 202 55.74 8.15 4.41
C ALA E 202 56.45 6.83 4.72
N ASN E 203 56.66 6.56 6.01
CA ASN E 203 57.15 5.27 6.50
C ASN E 203 56.13 4.58 7.41
N LYS E 204 54.88 5.04 7.31
CA LYS E 204 53.75 4.51 8.08
C LYS E 204 54.11 4.23 9.53
N TYR E 205 54.52 5.29 10.23
CA TYR E 205 54.86 5.27 11.66
C TYR E 205 55.35 3.91 12.18
N GLN E 206 56.28 3.32 11.44
CA GLN E 206 56.81 2.00 11.76
C GLN E 206 57.50 1.97 13.12
N ILE E 207 56.93 1.23 14.06
CA ILE E 207 57.50 1.04 15.39
C ILE E 207 58.78 0.18 15.34
N SER E 208 59.40 -0.04 16.51
CA SER E 208 60.48 -1.04 16.72
C SER E 208 61.12 -0.92 18.10
N VAL E 209 60.55 -1.62 19.08
CA VAL E 209 61.10 -1.62 20.44
C VAL E 209 62.18 -2.68 20.63
N ASN E 210 62.98 -2.54 21.69
CA ASN E 210 63.92 -3.61 22.14
C ASN E 210 64.30 -3.51 23.61
N LYS E 211 65.42 -4.12 23.99
CA LYS E 211 65.91 -4.15 25.37
C LYS E 211 64.84 -4.38 26.47
N TYR E 212 63.81 -5.18 26.17
CA TYR E 212 62.70 -5.42 27.11
C TYR E 212 63.12 -5.89 28.52
N ARG E 213 62.32 -5.53 29.53
CA ARG E 213 62.35 -6.16 30.85
C ARG E 213 61.06 -5.83 31.63
N GLY E 214 60.70 -6.65 32.62
CA GLY E 214 59.53 -6.36 33.45
C GLY E 214 58.60 -7.52 33.76
N THR E 215 57.47 -7.22 34.38
CA THR E 215 56.54 -8.24 34.91
C THR E 215 55.23 -8.48 34.13
N ALA E 216 55.16 -7.99 32.89
CA ALA E 216 53.95 -8.11 32.10
C ALA E 216 54.14 -8.82 30.76
N GLY E 217 55.34 -9.37 30.55
CA GLY E 217 55.64 -10.18 29.37
C GLY E 217 55.82 -9.42 28.07
N ASN E 218 56.96 -9.62 27.43
CA ASN E 218 57.28 -8.95 26.18
C ASN E 218 56.26 -9.26 25.10
N ALA E 219 55.13 -8.57 25.13
CA ALA E 219 54.11 -8.80 24.13
C ALA E 219 54.47 -8.23 22.77
N LEU E 220 55.47 -7.36 22.70
CA LEU E 220 55.65 -6.59 21.46
C LEU E 220 56.60 -7.21 20.46
N MET E 221 57.57 -7.98 20.97
CA MET E 221 58.64 -8.61 20.18
C MET E 221 58.46 -10.13 20.09
N ASP E 222 57.74 -10.70 21.04
CA ASP E 222 57.58 -12.14 21.17
C ASP E 222 56.23 -12.66 20.67
N GLY E 223 55.24 -11.78 20.60
CA GLY E 223 53.88 -12.20 20.31
C GLY E 223 53.22 -12.77 21.55
N ALA E 224 51.99 -13.24 21.39
CA ALA E 224 51.18 -13.76 22.50
C ALA E 224 51.78 -15.00 23.13
N SER E 225 51.83 -15.04 24.46
CA SER E 225 52.53 -16.13 25.14
C SER E 225 51.75 -17.45 25.17
N GLN E 226 50.44 -17.40 24.96
CA GLN E 226 49.65 -18.63 24.91
C GLN E 226 49.46 -19.17 23.48
N LEU E 227 50.19 -18.57 22.54
CA LEU E 227 50.22 -19.08 21.16
C LEU E 227 51.45 -19.95 20.88
N MET E 228 51.52 -20.48 19.64
CA MET E 228 52.63 -21.38 19.22
C MET E 228 53.04 -21.14 17.77
N GLY E 229 54.33 -21.40 17.49
CA GLY E 229 54.87 -21.43 16.13
C GLY E 229 54.56 -20.20 15.30
N GLU E 230 54.36 -20.40 13.99
CA GLU E 230 53.99 -19.32 13.08
C GLU E 230 52.83 -18.48 13.60
N ASN E 231 51.83 -19.14 14.19
CA ASN E 231 50.64 -18.46 14.71
C ASN E 231 50.92 -17.50 15.89
N ARG E 232 52.11 -17.59 16.49
CA ARG E 232 52.59 -16.61 17.48
C ARG E 232 53.44 -15.52 16.83
N THR E 233 54.30 -15.91 15.88
CA THR E 233 55.14 -14.97 15.15
C THR E 233 54.32 -13.90 14.41
N MET E 234 53.09 -14.25 14.02
CA MET E 234 52.18 -13.31 13.37
C MET E 234 51.45 -12.40 14.37
N THR E 235 51.76 -12.53 15.66
CA THR E 235 51.28 -11.56 16.66
C THR E 235 52.43 -10.76 17.25
N ILE E 236 53.38 -10.40 16.41
CA ILE E 236 54.49 -9.57 16.84
C ILE E 236 54.32 -8.18 16.26
N HIS E 237 54.32 -7.20 17.17
CA HIS E 237 54.11 -5.81 16.82
C HIS E 237 55.37 -5.15 16.32
N ASN E 238 56.48 -5.48 17.00
CA ASN E 238 57.80 -5.03 16.60
C ASN E 238 57.97 -4.98 15.08
N GLY E 239 58.47 -3.86 14.58
CA GLY E 239 58.67 -3.68 13.15
C GLY E 239 57.42 -3.51 12.31
N MET E 240 56.24 -3.60 12.93
CA MET E 240 54.96 -3.43 12.19
C MET E 240 54.70 -2.00 11.70
N PHE E 241 54.00 -1.87 10.58
CA PHE E 241 53.43 -0.58 10.21
C PHE E 241 52.26 -0.21 11.14
N PHE E 242 51.68 0.97 10.89
CA PHE E 242 50.56 1.45 11.69
C PHE E 242 49.32 1.55 10.83
N SER E 243 48.18 1.15 11.40
CA SER E 243 46.91 1.16 10.68
C SER E 243 45.71 1.46 11.57
N THR E 244 44.69 2.03 10.93
CA THR E 244 43.46 2.49 11.60
C THR E 244 42.28 2.08 10.73
N TYR E 245 41.07 2.12 11.28
CA TYR E 245 39.92 1.53 10.58
C TYR E 245 39.72 1.97 9.13
N ASP E 246 40.10 3.21 8.80
CA ASP E 246 39.94 3.71 7.42
C ASP E 246 41.20 3.56 6.58
N ARG E 247 42.33 3.25 7.24
CA ARG E 247 43.59 3.05 6.56
C ARG E 247 44.30 1.78 7.08
N ASP E 248 44.48 0.82 6.16
CA ASP E 248 44.94 -0.53 6.50
C ASP E 248 46.41 -0.78 6.13
N ASN E 249 47.20 -1.16 7.13
CA ASN E 249 48.59 -1.58 6.94
C ASN E 249 48.96 -2.75 7.86
N ASP E 250 48.03 -3.67 8.07
CA ASP E 250 48.31 -4.87 8.89
C ASP E 250 49.06 -5.93 8.08
N GLY E 251 49.31 -7.09 8.69
CA GLY E 251 50.02 -8.19 8.02
C GLY E 251 49.32 -8.70 6.77
N TRP E 252 47.98 -8.76 6.81
CA TRP E 252 47.19 -9.30 5.70
C TRP E 252 47.38 -8.47 4.42
N LEU E 253 48.22 -9.00 3.54
CA LEU E 253 48.38 -8.47 2.18
C LEU E 253 47.25 -8.98 1.30
N THR E 254 46.46 -9.93 1.83
CA THR E 254 45.26 -10.44 1.20
C THR E 254 44.13 -9.40 1.31
N SER E 255 43.86 -8.71 0.20
CA SER E 255 42.88 -7.64 0.18
C SER E 255 41.46 -8.18 0.24
N ASP E 256 40.76 -7.84 1.31
CA ASP E 256 39.36 -8.24 1.52
C ASP E 256 38.72 -7.46 2.67
N PRO E 257 37.43 -7.07 2.51
CA PRO E 257 36.71 -6.35 3.58
C PRO E 257 36.53 -7.17 4.87
N ARG E 258 37.09 -8.37 4.90
CA ARG E 258 36.91 -9.30 6.02
C ARG E 258 38.19 -9.51 6.82
N LYS E 259 39.35 -9.33 6.16
CA LYS E 259 40.65 -9.51 6.81
C LYS E 259 41.40 -8.19 7.07
N GLN E 260 40.77 -7.33 7.88
CA GLN E 260 41.41 -6.15 8.45
C GLN E 260 41.52 -6.39 9.94
N CYS E 261 42.57 -5.85 10.56
CA CYS E 261 42.71 -5.94 12.02
C CYS E 261 41.93 -4.81 12.69
N SER E 262 41.95 -3.64 12.06
CA SER E 262 41.23 -2.46 12.54
C SER E 262 39.92 -2.33 11.78
N LYS E 263 38.84 -2.78 12.41
CA LYS E 263 37.49 -2.63 11.84
C LYS E 263 36.77 -1.48 12.54
N GLU E 264 35.70 -0.99 11.91
CA GLU E 264 34.90 0.14 12.42
C GLU E 264 34.80 0.16 13.94
N ASP E 265 35.12 1.33 14.52
CA ASP E 265 35.06 1.57 15.97
C ASP E 265 36.07 0.75 16.77
N GLY E 266 37.24 0.52 16.17
CA GLY E 266 38.36 -0.18 16.80
C GLY E 266 39.64 0.62 16.64
N GLY E 267 40.40 0.71 17.73
CA GLY E 267 41.58 1.57 17.80
C GLY E 267 42.65 1.27 16.76
N GLY E 268 43.25 2.33 16.21
CA GLY E 268 44.40 2.23 15.32
C GLY E 268 45.63 1.80 16.10
N TRP E 269 46.51 1.06 15.42
CA TRP E 269 47.66 0.44 16.09
C TRP E 269 48.68 -0.14 15.11
N TRP E 270 49.78 -0.62 15.67
CA TRP E 270 50.79 -1.37 14.92
C TRP E 270 50.36 -2.82 14.89
N TYR E 271 49.51 -3.10 13.90
CA TYR E 271 48.82 -4.35 13.77
C TYR E 271 49.62 -5.26 12.87
N ASN E 272 49.73 -6.53 13.29
CA ASN E 272 50.33 -7.59 12.49
C ASN E 272 49.24 -8.47 11.89
N ARG E 273 49.03 -9.65 12.49
CA ARG E 273 47.95 -10.56 12.11
C ARG E 273 47.51 -11.40 13.31
N CYS E 274 46.85 -10.79 14.30
CA CYS E 274 46.62 -9.36 14.37
C CYS E 274 47.37 -8.74 15.53
N HIS E 275 47.13 -9.26 16.74
CA HIS E 275 47.67 -8.60 17.92
C HIS E 275 47.91 -9.48 19.13
N ALA E 276 49.00 -9.19 19.83
CA ALA E 276 49.25 -9.73 21.16
C ALA E 276 48.82 -8.71 22.21
N ALA E 277 48.60 -7.48 21.74
CA ALA E 277 48.19 -6.38 22.60
C ALA E 277 47.66 -5.17 21.83
N ASN E 278 46.63 -4.53 22.42
CA ASN E 278 46.03 -3.30 21.88
C ASN E 278 45.53 -2.38 22.98
N PRO E 279 46.38 -1.40 23.39
CA PRO E 279 45.97 -0.47 24.47
C PRO E 279 45.11 0.66 23.92
N ASN E 280 45.14 0.84 22.60
CA ASN E 280 44.16 1.67 21.89
C ASN E 280 42.85 0.90 21.58
N GLY E 281 42.61 -0.14 22.37
CA GLY E 281 41.39 -0.92 22.26
C GLY E 281 40.24 -0.27 22.98
N ARG E 282 39.11 -0.97 23.04
CA ARG E 282 37.90 -0.41 23.61
C ARG E 282 37.79 -0.72 25.09
N TYR E 283 37.23 0.22 25.85
CA TYR E 283 37.21 0.12 27.30
C TYR E 283 35.99 -0.68 27.80
N TYR E 284 36.09 -2.00 27.79
CA TYR E 284 35.01 -2.82 28.37
C TYR E 284 35.11 -2.68 29.88
N TRP E 285 33.97 -2.40 30.53
CA TRP E 285 33.93 -2.35 32.00
C TRP E 285 34.21 -3.75 32.56
N GLY E 286 34.20 -3.89 33.89
CA GLY E 286 34.26 -5.21 34.55
C GLY E 286 35.50 -6.06 34.32
N GLY E 287 36.02 -6.06 33.09
CA GLY E 287 37.18 -6.85 32.72
C GLY E 287 36.88 -7.90 31.66
N GLN E 288 36.22 -8.98 32.08
CA GLN E 288 35.86 -10.12 31.22
C GLN E 288 34.83 -9.74 30.16
N TYR E 289 35.18 -9.92 28.90
CA TYR E 289 34.26 -9.66 27.80
C TYR E 289 34.31 -10.75 26.71
N THR E 290 33.16 -11.17 26.21
CA THR E 290 33.08 -12.33 25.33
C THR E 290 32.64 -11.99 23.91
N TRP E 291 32.75 -12.96 23.01
CA TRP E 291 32.58 -12.75 21.56
C TRP E 291 31.27 -12.07 21.15
N ASP E 292 30.21 -12.29 21.94
CA ASP E 292 28.89 -11.74 21.64
C ASP E 292 28.72 -10.29 22.12
N MET E 293 29.66 -9.84 22.94
CA MET E 293 29.71 -8.44 23.39
C MET E 293 30.39 -7.57 22.35
N ALA E 294 31.42 -8.12 21.70
CA ALA E 294 32.16 -7.37 20.69
C ALA E 294 31.30 -7.09 19.46
N LYS E 295 31.39 -5.86 18.97
CA LYS E 295 30.71 -5.46 17.72
C LYS E 295 31.07 -6.40 16.54
N HIS E 296 32.32 -6.85 16.48
CA HIS E 296 32.78 -7.66 15.36
C HIS E 296 33.16 -9.07 15.75
N GLY E 297 32.84 -9.45 17.00
CA GLY E 297 33.17 -10.78 17.52
C GLY E 297 34.67 -11.04 17.54
N THR E 298 35.43 -9.97 17.77
CA THR E 298 36.88 -10.04 17.85
C THR E 298 37.33 -9.56 19.21
N ASP E 299 38.63 -9.65 19.43
CA ASP E 299 39.22 -9.20 20.65
C ASP E 299 39.74 -7.77 20.48
N ASP E 300 38.80 -6.82 20.44
CA ASP E 300 39.12 -5.44 20.06
C ASP E 300 39.40 -4.51 21.23
N GLY E 301 39.26 -5.04 22.45
CA GLY E 301 39.43 -4.24 23.67
C GLY E 301 40.84 -3.85 24.07
N VAL E 302 40.96 -3.37 25.30
CA VAL E 302 42.24 -2.95 25.88
C VAL E 302 43.00 -4.17 26.39
N VAL E 303 43.78 -4.76 25.49
CA VAL E 303 44.36 -6.06 25.78
C VAL E 303 45.88 -6.12 25.70
N TRP E 304 46.45 -6.68 26.76
CA TRP E 304 47.83 -7.12 26.83
C TRP E 304 47.76 -8.63 27.10
N MET E 305 47.83 -9.42 26.03
CA MET E 305 47.58 -10.87 26.12
C MET E 305 48.50 -11.55 27.12
N ASN E 306 49.81 -11.34 26.92
CA ASN E 306 50.87 -11.97 27.73
C ASN E 306 50.71 -11.87 29.24
N TRP E 307 49.60 -11.32 29.72
CA TRP E 307 49.39 -11.24 31.16
C TRP E 307 48.01 -11.66 31.57
N LYS E 308 46.98 -11.19 30.87
CA LYS E 308 45.62 -11.48 31.29
C LYS E 308 44.91 -12.53 30.45
N GLY E 309 45.02 -12.42 29.14
CA GLY E 309 44.35 -13.38 28.28
C GLY E 309 43.97 -12.78 26.95
N SER E 310 42.89 -13.30 26.37
CA SER E 310 42.45 -12.82 25.07
C SER E 310 41.08 -12.18 25.18
N TRP E 311 40.37 -12.43 26.27
CA TRP E 311 39.07 -11.79 26.41
C TRP E 311 39.02 -11.13 27.79
N TYR E 312 39.88 -10.12 27.93
CA TYR E 312 40.04 -9.30 29.14
C TYR E 312 40.61 -7.97 28.70
N SER E 313 39.89 -6.91 29.03
CA SER E 313 40.31 -5.53 28.73
C SER E 313 40.71 -4.82 30.01
N MET E 314 41.79 -4.07 29.91
CA MET E 314 42.49 -3.55 31.10
C MET E 314 41.76 -2.42 31.80
N ARG E 315 41.91 -2.38 33.13
CA ARG E 315 41.41 -1.27 33.93
C ARG E 315 42.12 0.04 33.57
N LYS E 316 43.44 0.10 33.78
CA LYS E 316 44.28 1.25 33.38
C LYS E 316 45.33 0.82 32.35
N MET E 317 46.02 1.78 31.74
CA MET E 317 46.95 1.49 30.66
C MET E 317 47.65 2.78 30.18
N SER E 318 48.97 2.83 30.38
CA SER E 318 49.71 4.07 30.14
C SER E 318 51.05 3.87 29.44
N MET E 319 51.35 4.74 28.49
CA MET E 319 52.57 4.62 27.72
C MET E 319 53.47 5.87 27.78
N LYS E 320 54.51 5.77 28.62
CA LYS E 320 55.41 6.90 28.88
C LYS E 320 56.79 6.73 28.24
N ILE E 321 57.43 7.85 27.94
CA ILE E 321 58.80 7.86 27.42
C ILE E 321 59.73 8.77 28.24
N ARG E 322 61.02 8.73 27.92
CA ARG E 322 62.10 9.42 28.64
C ARG E 322 63.41 8.89 28.07
N PRO E 323 64.12 9.72 27.29
CA PRO E 323 65.45 9.36 26.76
C PRO E 323 66.37 8.56 27.72
N PHE E 324 67.27 7.76 27.11
CA PHE E 324 68.00 6.69 27.81
C PHE E 324 69.46 6.99 28.17
N PHE E 325 69.80 6.76 29.44
CA PHE E 325 71.17 6.91 29.94
C PHE E 325 71.77 5.55 30.31
N PRO E 326 71.14 4.75 31.01
N LEU F 3 -13.05 -38.08 14.81
CA LEU F 3 -13.03 -36.68 14.28
C LEU F 3 -13.21 -35.66 15.38
N GLU F 4 -14.12 -35.93 16.32
CA GLU F 4 -14.45 -35.01 17.41
C GLU F 4 -13.23 -34.42 18.11
N GLU F 5 -12.24 -35.25 18.39
CA GLU F 5 -11.00 -34.81 19.04
C GLU F 5 -9.82 -34.81 18.06
N ILE F 6 -10.11 -34.47 16.80
CA ILE F 6 -9.11 -34.40 15.72
C ILE F 6 -9.42 -33.20 14.83
N MET F 7 -10.70 -32.81 14.83
CA MET F 7 -11.18 -31.63 14.13
C MET F 7 -10.80 -30.36 14.92
N LYS F 8 -10.43 -30.56 16.18
CA LYS F 8 -9.94 -29.47 17.04
C LYS F 8 -8.45 -29.23 16.89
N TYR F 9 -7.73 -30.24 16.40
CA TYR F 9 -6.30 -30.13 16.14
C TYR F 9 -6.05 -29.28 14.91
N GLU F 10 -6.86 -29.45 13.87
CA GLU F 10 -6.77 -28.60 12.68
C GLU F 10 -7.25 -27.17 12.96
N ALA F 11 -7.88 -26.97 14.11
CA ALA F 11 -8.30 -25.65 14.56
C ALA F 11 -7.28 -25.03 15.52
N SER F 12 -6.75 -25.86 16.41
CA SER F 12 -5.73 -25.44 17.36
C SER F 12 -4.46 -24.94 16.66
N ILE F 13 -4.17 -25.53 15.50
CA ILE F 13 -3.00 -25.19 14.69
C ILE F 13 -3.26 -24.10 13.65
N LEU F 14 -4.47 -23.56 13.65
CA LEU F 14 -4.71 -22.37 12.86
C LEU F 14 -4.40 -21.19 13.77
N THR F 15 -4.58 -21.43 15.08
CA THR F 15 -4.20 -20.51 16.14
C THR F 15 -2.68 -20.41 16.24
N HIS F 16 -2.00 -21.53 16.00
CA HIS F 16 -0.55 -21.56 16.05
C HIS F 16 0.08 -20.85 14.86
N ASP F 17 -0.52 -20.95 13.69
CA ASP F 17 -0.06 -20.18 12.54
C ASP F 17 -0.31 -18.70 12.77
N SER F 18 -1.38 -18.38 13.51
CA SER F 18 -1.63 -17.00 13.89
C SER F 18 -0.52 -16.53 14.85
N SER F 19 -0.25 -17.32 15.89
CA SER F 19 0.79 -16.97 16.86
C SER F 19 2.17 -16.82 16.25
N ILE F 20 2.50 -17.68 15.29
CA ILE F 20 3.81 -17.64 14.65
C ILE F 20 3.98 -16.42 13.74
N ARG F 21 3.00 -16.16 12.89
CA ARG F 21 3.06 -15.01 11.98
C ARG F 21 3.11 -13.69 12.77
N TYR F 22 2.62 -13.71 14.00
CA TYR F 22 2.68 -12.54 14.86
C TYR F 22 4.04 -12.37 15.53
N LEU F 23 4.62 -13.48 15.99
CA LEU F 23 5.96 -13.40 16.58
C LEU F 23 6.97 -12.93 15.53
N GLN F 24 6.88 -13.47 14.31
CA GLN F 24 7.71 -12.98 13.22
C GLN F 24 7.31 -11.55 12.83
N GLU F 25 6.40 -10.95 13.60
CA GLU F 25 5.94 -9.59 13.33
C GLU F 25 6.48 -8.57 14.36
N ILE F 26 6.59 -9.03 15.62
CA ILE F 26 7.38 -8.34 16.65
C ILE F 26 8.81 -8.24 16.14
N TYR F 27 9.39 -9.39 15.82
CA TYR F 27 10.75 -9.48 15.27
C TYR F 27 11.05 -8.39 14.26
N ASN F 28 10.21 -8.27 13.24
CA ASN F 28 10.46 -7.32 12.14
C ASN F 28 10.45 -5.86 12.55
N SER F 29 9.63 -5.54 13.56
CA SER F 29 9.64 -4.23 14.18
C SER F 29 10.94 -4.02 14.92
N ASN F 30 11.22 -4.87 15.90
CA ASN F 30 12.47 -4.82 16.64
C ASN F 30 13.72 -4.76 15.75
N ASN F 31 13.70 -5.42 14.59
CA ASN F 31 14.81 -5.33 13.66
C ASN F 31 14.84 -4.04 12.85
N GLN F 32 13.75 -3.29 12.89
CA GLN F 32 13.65 -2.00 12.21
C GLN F 32 13.92 -0.89 13.21
N LYS F 33 13.28 -1.03 14.37
CA LYS F 33 13.49 -0.19 15.54
C LYS F 33 14.98 -0.10 15.86
N ILE F 34 15.72 -1.17 15.56
CA ILE F 34 17.14 -1.23 15.83
C ILE F 34 17.95 -0.49 14.76
N VAL F 35 17.79 -0.84 13.49
CA VAL F 35 18.48 -0.08 12.43
C VAL F 35 18.31 1.41 12.71
N ASN F 36 17.20 1.75 13.37
CA ASN F 36 16.87 3.13 13.73
C ASN F 36 17.66 3.73 14.89
N LEU F 37 17.98 2.92 15.89
CA LEU F 37 18.85 3.36 16.99
C LEU F 37 20.29 3.52 16.50
N LYS F 38 20.67 2.68 15.54
CA LYS F 38 22.02 2.71 14.98
C LYS F 38 22.33 3.98 14.21
N GLU F 39 21.29 4.72 13.82
CA GLU F 39 21.48 6.04 13.19
C GLU F 39 21.66 7.09 14.29
N LYS F 40 20.89 6.93 15.35
CA LYS F 40 20.86 7.88 16.46
C LYS F 40 22.16 7.80 17.23
N VAL F 41 22.72 6.60 17.33
CA VAL F 41 24.02 6.42 17.98
C VAL F 41 25.15 6.97 17.10
N ALA F 42 25.07 6.75 15.80
CA ALA F 42 26.02 7.32 14.84
C ALA F 42 25.95 8.85 14.82
N GLN F 43 25.18 9.42 15.74
CA GLN F 43 25.07 10.86 15.89
C GLN F 43 25.60 11.34 17.24
N LEU F 44 25.37 10.55 18.29
CA LEU F 44 25.94 10.84 19.60
C LEU F 44 27.44 10.64 19.59
N GLU F 45 27.94 9.91 18.59
CA GLU F 45 29.37 9.71 18.48
C GLU F 45 30.03 10.99 17.99
N ALA F 46 29.53 11.55 16.89
CA ALA F 46 30.06 12.80 16.36
C ALA F 46 30.04 13.93 17.39
N GLN F 47 29.13 13.83 18.37
CA GLN F 47 29.00 14.79 19.45
C GLN F 47 29.94 14.52 20.63
N CYS F 48 30.74 13.46 20.52
CA CYS F 48 31.67 13.08 21.58
C CYS F 48 33.09 12.93 21.07
N GLN F 49 33.46 13.81 20.14
CA GLN F 49 34.80 13.82 19.55
C GLN F 49 35.71 14.89 20.18
N GLU F 50 35.17 16.11 20.35
CA GLU F 50 35.92 17.26 20.85
C GLU F 50 36.29 17.15 22.35
N PRO F 51 37.51 17.60 22.72
CA PRO F 51 38.01 17.44 24.09
C PRO F 51 37.56 18.54 25.06
N CYS F 52 37.25 18.13 26.31
CA CYS F 52 36.92 19.06 27.40
C CYS F 52 37.59 20.40 27.17
N LYS F 53 36.79 21.44 26.91
CA LYS F 53 37.30 22.73 26.42
C LYS F 53 38.07 23.54 27.48
N ASP F 54 39.25 24.01 27.06
CA ASP F 54 40.20 24.73 27.94
C ASP F 54 39.99 26.23 27.82
N THR F 55 39.74 26.85 28.97
CA THR F 55 39.54 28.30 29.07
C THR F 55 40.83 29.04 28.68
N VAL F 56 41.95 28.57 29.22
CA VAL F 56 43.28 29.12 29.00
C VAL F 56 43.76 29.01 27.55
N GLN F 57 44.04 30.14 26.92
CA GLN F 57 44.50 30.14 25.55
C GLN F 57 45.65 31.10 25.30
N ILE F 58 46.58 30.65 24.47
CA ILE F 58 47.75 31.42 24.12
C ILE F 58 47.44 32.23 22.86
N HIS F 59 47.71 33.53 22.92
CA HIS F 59 47.39 34.45 21.82
C HIS F 59 48.37 34.30 20.64
N ASP F 60 47.89 34.67 19.45
CA ASP F 60 48.62 34.51 18.19
C ASP F 60 49.90 35.33 18.11
N ILE F 61 49.80 36.61 18.50
CA ILE F 61 50.83 37.60 18.19
C ILE F 61 52.03 37.55 19.12
N THR F 62 53.22 37.53 18.50
CA THR F 62 54.49 37.38 19.21
C THR F 62 55.53 38.43 18.81
N GLY F 63 56.45 38.70 19.74
CA GLY F 63 57.53 39.65 19.53
C GLY F 63 58.59 39.58 20.61
N LYS F 64 59.30 40.69 20.80
CA LYS F 64 60.49 40.76 21.67
C LYS F 64 60.18 40.94 23.17
N ASP F 65 59.06 41.58 23.46
CA ASP F 65 58.63 41.87 24.85
C ASP F 65 57.13 42.16 24.87
N CYS F 66 56.51 42.06 26.05
CA CYS F 66 55.09 42.35 26.16
C CYS F 66 54.67 43.60 25.39
N GLN F 67 55.51 44.62 25.40
CA GLN F 67 55.24 45.84 24.66
C GLN F 67 55.19 45.60 23.15
N ASP F 68 56.20 44.93 22.60
CA ASP F 68 56.30 44.71 21.15
C ASP F 68 55.01 44.09 20.61
N ILE F 69 54.48 43.14 21.37
CA ILE F 69 53.19 42.51 21.12
C ILE F 69 52.11 43.56 20.85
N ALA F 70 51.97 44.51 21.78
CA ALA F 70 50.96 45.55 21.68
C ALA F 70 51.33 46.59 20.63
N ASN F 71 52.61 46.74 20.37
CA ASN F 71 53.08 47.57 19.25
C ASN F 71 52.75 46.90 17.93
N LYS F 72 52.42 45.60 17.99
CA LYS F 72 51.99 44.86 16.81
C LYS F 72 50.45 44.78 16.71
N GLY F 73 49.75 44.76 17.84
CA GLY F 73 48.30 44.91 17.83
C GLY F 73 47.49 44.51 19.04
N ALA F 74 48.09 43.84 20.03
CA ALA F 74 47.35 43.21 21.13
C ALA F 74 46.38 44.13 21.90
N LYS F 75 45.71 43.61 22.93
CA LYS F 75 44.70 44.37 23.64
C LYS F 75 44.35 43.79 25.02
N GLN F 76 44.58 42.49 25.20
CA GLN F 76 44.13 41.76 26.39
C GLN F 76 45.29 41.28 27.26
N SER F 77 45.17 41.54 28.57
CA SER F 77 46.20 41.15 29.51
C SER F 77 46.21 39.63 29.69
N GLY F 78 46.95 38.94 28.81
CA GLY F 78 47.01 37.48 28.83
C GLY F 78 48.38 36.90 28.54
N LEU F 79 48.42 35.61 28.22
CA LEU F 79 49.67 34.88 27.99
C LEU F 79 50.06 34.89 26.52
N TYR F 80 51.32 35.24 26.24
CA TYR F 80 51.86 35.22 24.86
C TYR F 80 53.29 34.65 24.84
N PHE F 81 53.80 34.40 23.63
CA PHE F 81 55.17 33.92 23.47
C PHE F 81 56.06 35.06 23.02
N ILE F 82 57.27 35.12 23.60
CA ILE F 82 58.24 36.19 23.29
C ILE F 82 59.66 35.72 23.02
N LYS F 83 60.27 36.32 22.00
CA LYS F 83 61.64 35.99 21.65
C LYS F 83 62.53 37.24 21.73
N PRO F 84 63.12 37.50 22.92
CA PRO F 84 64.09 38.59 23.10
C PRO F 84 65.29 38.41 22.17
N LEU F 85 65.72 39.50 21.56
CA LEU F 85 66.66 39.47 20.41
C LEU F 85 67.89 38.55 20.54
N LYS F 86 68.39 38.35 21.76
CA LYS F 86 69.59 37.53 21.99
C LYS F 86 69.26 36.11 22.50
N ALA F 87 67.99 35.73 22.46
CA ALA F 87 67.54 34.49 23.11
C ALA F 87 67.49 33.26 22.19
N ASN F 88 67.55 32.08 22.82
CA ASN F 88 67.45 30.80 22.14
C ASN F 88 66.00 30.42 21.87
N GLN F 89 65.47 29.55 22.73
CA GLN F 89 64.10 29.10 22.62
C GLN F 89 63.17 30.17 23.17
N GLN F 90 62.12 30.50 22.43
CA GLN F 90 61.08 31.42 22.90
C GLN F 90 60.41 30.93 24.19
N PHE F 91 59.65 31.80 24.82
CA PHE F 91 58.97 31.45 26.07
C PHE F 91 57.68 32.24 26.34
N LEU F 92 56.86 31.66 27.19
CA LEU F 92 55.55 32.21 27.49
C LEU F 92 55.69 33.15 28.67
N VAL F 93 55.07 34.32 28.55
CA VAL F 93 55.05 35.33 29.61
C VAL F 93 53.63 35.83 29.87
N TYR F 94 53.39 36.30 31.10
CA TYR F 94 52.20 37.11 31.33
C TYR F 94 52.41 38.52 30.81
N CYS F 95 51.45 39.02 30.06
CA CYS F 95 51.45 40.42 29.68
C CYS F 95 50.41 41.18 30.49
N GLU F 96 50.53 42.51 30.42
CA GLU F 96 49.58 43.42 31.03
C GLU F 96 49.49 44.58 30.07
N ILE F 97 48.48 44.56 29.20
CA ILE F 97 48.26 45.65 28.26
C ILE F 97 47.05 46.49 28.65
N ASP F 98 47.29 47.80 28.84
CA ASP F 98 46.25 48.76 29.22
C ASP F 98 45.79 49.58 28.02
N GLY F 99 44.69 50.32 28.19
CA GLY F 99 44.02 51.03 27.10
C GLY F 99 44.94 51.72 26.11
N SER F 100 46.00 52.33 26.63
CA SER F 100 46.91 53.17 25.85
C SER F 100 47.87 52.37 24.96
N GLY F 101 48.24 51.18 25.41
CA GLY F 101 49.09 50.28 24.63
C GLY F 101 50.41 49.99 25.30
N ASN F 102 50.35 49.73 26.61
CA ASN F 102 51.57 49.54 27.39
C ASN F 102 51.81 48.10 27.81
N GLY F 103 52.89 47.51 27.28
CA GLY F 103 53.17 46.08 27.47
C GLY F 103 54.10 45.75 28.62
N TRP F 104 53.51 45.45 29.76
CA TRP F 104 54.28 45.14 30.95
C TRP F 104 54.52 43.64 31.13
N THR F 105 55.74 43.23 30.79
CA THR F 105 56.17 41.87 31.04
C THR F 105 56.24 41.64 32.56
N VAL F 106 55.31 40.86 33.10
CA VAL F 106 55.36 40.60 34.52
C VAL F 106 56.30 39.42 34.77
N PHE F 107 57.01 39.44 35.90
CA PHE F 107 57.93 38.35 36.23
C PHE F 107 57.87 37.86 37.69
N GLN F 108 57.09 38.53 38.52
CA GLN F 108 56.88 38.04 39.87
C GLN F 108 55.53 38.57 40.33
N LYS F 109 54.80 37.74 41.06
CA LYS F 109 53.53 38.12 41.67
C LYS F 109 53.18 37.14 42.76
N ARG F 110 52.83 37.66 43.94
CA ARG F 110 52.27 36.84 45.01
C ARG F 110 50.81 37.26 45.18
N LEU F 111 49.97 36.38 45.73
CA LEU F 111 48.54 36.65 45.92
C LEU F 111 47.95 36.02 47.16
N ASP F 112 48.03 34.69 47.25
CA ASP F 112 47.31 33.94 48.29
C ASP F 112 48.18 33.04 49.17
N GLY F 113 49.33 32.64 48.64
CA GLY F 113 50.27 31.75 49.35
C GLY F 113 50.32 30.33 48.80
N SER F 114 49.85 30.16 47.57
CA SER F 114 49.75 28.85 46.92
C SER F 114 51.10 28.21 46.63
N VAL F 115 51.97 28.97 45.98
CA VAL F 115 53.30 28.52 45.59
C VAL F 115 54.28 28.72 46.73
N ASP F 116 55.23 27.77 46.89
CA ASP F 116 56.33 27.90 47.84
C ASP F 116 57.51 28.56 47.16
N PHE F 117 58.04 29.60 47.81
CA PHE F 117 59.15 30.37 47.23
C PHE F 117 60.51 30.00 47.84
N LYS F 118 60.53 28.94 48.65
CA LYS F 118 61.77 28.36 49.19
C LYS F 118 62.49 27.46 48.16
N LYS F 119 62.44 27.85 46.88
CA LYS F 119 63.04 27.09 45.79
C LYS F 119 64.57 27.23 45.75
N ASN F 120 65.23 26.35 45.00
CA ASN F 120 66.68 26.37 44.85
C ASN F 120 67.11 27.15 43.60
N TRP F 121 68.42 27.22 43.42
CA TRP F 121 69.06 27.98 42.36
C TRP F 121 68.51 27.72 40.94
N ILE F 122 68.27 26.46 40.62
CA ILE F 122 67.94 26.09 39.24
C ILE F 122 66.49 26.46 38.93
N GLN F 123 65.65 26.29 39.94
CA GLN F 123 64.27 26.73 39.84
C GLN F 123 64.22 28.23 39.49
N TYR F 124 64.92 29.06 40.28
CA TYR F 124 64.98 30.51 40.07
C TYR F 124 65.65 30.94 38.79
N LYS F 125 66.56 30.11 38.30
CA LYS F 125 67.17 30.36 37.01
C LYS F 125 66.14 30.23 35.88
N GLU F 126 65.29 29.21 35.99
CA GLU F 126 64.43 28.79 34.89
C GLU F 126 62.99 29.28 34.98
N GLY F 127 62.45 29.28 36.20
CA GLY F 127 61.09 29.70 36.46
C GLY F 127 60.43 28.77 37.44
N PHE F 128 59.30 29.19 37.99
CA PHE F 128 58.37 28.30 38.69
C PHE F 128 57.01 28.96 38.87
N GLY F 129 56.07 28.25 39.50
CA GLY F 129 54.66 28.66 39.53
C GLY F 129 54.02 28.54 38.15
N HIS F 130 52.82 29.11 38.00
CA HIS F 130 52.08 29.02 36.74
C HIS F 130 51.49 30.34 36.25
N LEU F 131 51.36 30.47 34.94
CA LEU F 131 50.90 31.68 34.30
C LEU F 131 49.41 31.67 33.96
N SER F 132 48.55 32.14 34.86
CA SER F 132 47.13 32.33 34.54
C SER F 132 46.96 33.48 33.54
N PRO F 133 46.08 33.32 32.53
CA PRO F 133 45.87 34.39 31.54
C PRO F 133 44.93 35.46 32.08
N THR F 134 44.60 35.31 33.36
CA THR F 134 43.72 36.23 34.10
C THR F 134 44.46 36.82 35.30
N GLY F 135 45.78 36.61 35.36
CA GLY F 135 46.62 37.10 36.45
C GLY F 135 46.12 36.68 37.82
N THR F 136 45.87 35.38 37.98
CA THR F 136 45.29 34.88 39.21
C THR F 136 46.22 33.92 39.96
N THR F 137 47.51 33.92 39.59
CA THR F 137 48.49 32.96 40.16
C THR F 137 49.87 33.52 40.51
N GLU F 138 50.42 33.03 41.63
CA GLU F 138 51.79 33.33 42.08
C GLU F 138 52.86 32.63 41.21
N PHE F 139 54.01 33.28 41.03
CA PHE F 139 55.02 32.75 40.10
C PHE F 139 56.31 33.57 39.92
N TRP F 140 57.44 32.88 39.77
CA TRP F 140 58.71 33.49 39.33
C TRP F 140 59.06 33.18 37.87
N LEU F 141 59.03 34.17 36.99
CA LEU F 141 59.31 33.92 35.57
C LEU F 141 60.68 33.33 35.28
N GLY F 142 61.62 33.49 36.19
CA GLY F 142 62.95 32.89 36.02
C GLY F 142 64.02 33.82 35.51
N ASN F 143 65.05 33.98 36.33
CA ASN F 143 66.13 34.92 36.10
C ASN F 143 66.63 34.92 34.67
N GLU F 144 67.08 33.75 34.21
CA GLU F 144 67.70 33.64 32.89
C GLU F 144 66.81 34.26 31.80
N LYS F 145 65.52 34.36 32.11
CA LYS F 145 64.56 34.99 31.22
C LYS F 145 64.60 36.49 31.40
N ILE F 146 64.45 36.93 32.65
CA ILE F 146 64.53 38.34 33.04
C ILE F 146 65.76 39.00 32.42
N HIS F 147 66.93 38.40 32.68
CA HIS F 147 68.19 38.87 32.11
C HIS F 147 68.11 39.02 30.59
N LEU F 148 67.49 38.05 29.93
CA LEU F 148 67.46 38.03 28.47
C LEU F 148 66.61 39.15 27.87
N ILE F 149 65.52 39.50 28.57
CA ILE F 149 64.60 40.54 28.11
C ILE F 149 65.23 41.91 28.37
N SER F 150 65.54 42.16 29.65
CA SER F 150 66.02 43.45 30.11
C SER F 150 67.24 43.94 29.36
N THR F 151 68.09 43.01 28.95
CA THR F 151 69.38 43.35 28.38
C THR F 151 69.49 43.12 26.86
N GLN F 152 68.40 43.33 26.13
CA GLN F 152 68.52 43.42 24.66
C GLN F 152 68.81 44.88 24.33
N SER F 153 69.69 45.46 25.14
CA SER F 153 69.92 46.92 25.29
C SER F 153 69.65 47.86 24.11
N ALA F 154 70.04 49.13 24.29
CA ALA F 154 69.78 50.23 23.35
C ALA F 154 68.36 50.82 23.50
N ILE F 155 67.68 50.41 24.57
CA ILE F 155 66.40 50.95 25.03
C ILE F 155 66.22 50.31 26.38
N PRO F 156 66.55 51.04 27.46
CA PRO F 156 66.58 50.45 28.80
C PRO F 156 65.19 50.16 29.38
N TYR F 157 65.16 49.36 30.44
CA TYR F 157 63.91 48.90 30.99
C TYR F 157 63.63 49.51 32.35
N ALA F 158 62.35 49.62 32.70
CA ALA F 158 61.95 50.16 34.00
C ALA F 158 61.14 49.17 34.82
N LEU F 159 61.76 48.59 35.84
CA LEU F 159 61.02 47.80 36.81
C LEU F 159 59.99 48.67 37.49
N ARG F 160 58.77 48.15 37.61
CA ARG F 160 57.79 48.69 38.55
C ARG F 160 57.41 47.62 39.55
N VAL F 161 57.65 47.88 40.83
CA VAL F 161 57.08 47.09 41.90
C VAL F 161 55.69 47.66 42.10
N GLU F 162 54.77 46.86 42.66
CA GLU F 162 53.51 47.36 43.24
C GLU F 162 52.92 46.42 44.27
N LEU F 163 52.49 46.99 45.39
CA LEU F 163 52.01 46.20 46.51
C LEU F 163 50.53 46.37 46.76
N GLU F 164 50.03 45.57 47.69
CA GLU F 164 48.72 45.74 48.29
C GLU F 164 48.81 45.20 49.70
N ASP F 165 48.42 46.01 50.67
CA ASP F 165 48.33 45.59 52.06
C ASP F 165 47.04 44.81 52.30
N TRP F 166 46.77 44.45 53.55
CA TRP F 166 45.62 43.62 53.87
C TRP F 166 44.32 44.38 54.12
N ASN F 167 44.41 45.72 54.09
CA ASN F 167 43.23 46.59 54.14
C ASN F 167 42.89 47.19 52.77
N GLY F 168 43.47 46.64 51.71
CA GLY F 168 43.10 47.00 50.34
C GLY F 168 43.72 48.26 49.75
N ARG F 169 44.76 48.80 50.40
CA ARG F 169 45.51 49.96 49.91
C ARG F 169 46.68 49.54 49.03
N THR F 170 46.79 50.12 47.83
CA THR F 170 47.88 49.80 46.89
C THR F 170 48.92 50.93 46.74
N SER F 171 50.09 50.62 46.16
CA SER F 171 51.20 51.56 46.04
C SER F 171 52.30 51.10 45.07
N THR F 172 52.52 51.85 43.99
CA THR F 172 53.62 51.53 43.06
C THR F 172 55.00 51.93 43.64
N ALA F 173 56.04 51.86 42.78
CA ALA F 173 57.45 52.13 43.12
C ALA F 173 58.34 51.84 41.91
N ASP F 174 58.59 52.83 41.06
CA ASP F 174 59.39 52.58 39.86
C ASP F 174 60.90 52.58 40.13
N TYR F 175 61.67 51.99 39.22
CA TYR F 175 63.13 52.07 39.18
C TYR F 175 63.52 52.13 37.73
N ALA F 176 64.48 52.97 37.38
CA ALA F 176 64.85 53.14 35.96
C ALA F 176 66.17 52.46 35.61
N MET F 177 66.47 52.39 34.31
CA MET F 177 67.65 51.68 33.78
C MET F 177 67.87 50.32 34.45
N PHE F 178 66.94 49.40 34.17
CA PHE F 178 66.86 48.09 34.83
C PHE F 178 67.56 47.02 34.03
N LYS F 179 68.22 46.12 34.74
CA LYS F 179 68.93 44.99 34.18
C LYS F 179 69.06 43.92 35.24
N VAL F 180 68.87 42.66 34.84
CA VAL F 180 69.47 41.54 35.57
C VAL F 180 70.61 41.01 34.69
N GLY F 181 71.70 40.59 35.32
CA GLY F 181 72.89 40.18 34.59
C GLY F 181 73.03 38.68 34.40
N PRO F 182 73.97 38.25 33.53
CA PRO F 182 74.29 36.84 33.30
C PRO F 182 74.58 36.04 34.57
N GLU F 183 74.43 34.72 34.46
CA GLU F 183 74.57 33.80 35.60
C GLU F 183 76.01 33.83 36.07
N ALA F 184 76.91 34.14 35.13
CA ALA F 184 78.31 34.45 35.41
C ALA F 184 78.41 35.44 36.58
N ASP F 185 77.70 36.56 36.46
CA ASP F 185 77.70 37.62 37.45
C ASP F 185 76.85 37.26 38.69
N LYS F 186 76.29 36.06 38.68
CA LYS F 186 75.36 35.55 39.71
C LYS F 186 74.01 36.29 39.71
N TYR F 187 73.60 36.73 38.52
CA TYR F 187 72.35 37.47 38.32
C TYR F 187 72.33 38.71 39.22
N ARG F 188 72.82 39.82 38.68
CA ARG F 188 73.07 41.03 39.47
C ARG F 188 72.03 42.11 39.17
N LEU F 189 71.37 42.56 40.24
CA LEU F 189 70.36 43.61 40.16
C LEU F 189 71.02 44.98 40.01
N THR F 190 70.69 45.69 38.94
CA THR F 190 71.21 47.06 38.78
C THR F 190 70.20 48.02 38.18
N TYR F 191 70.18 49.23 38.73
CA TYR F 191 69.42 50.35 38.16
C TYR F 191 70.16 51.66 38.36
N ALA F 192 69.82 52.67 37.55
CA ALA F 192 70.33 54.04 37.74
C ALA F 192 69.67 54.70 38.95
N TYR F 193 68.41 55.10 38.80
CA TYR F 193 67.71 55.81 39.88
C TYR F 193 66.35 55.30 40.27
N PHE F 194 66.03 55.42 41.56
CA PHE F 194 64.66 55.25 42.03
C PHE F 194 63.76 56.34 41.43
N ALA F 195 62.70 55.96 40.74
CA ALA F 195 61.92 56.95 40.00
C ALA F 195 60.60 57.32 40.68
N GLY F 196 60.53 57.08 41.99
CA GLY F 196 59.43 57.60 42.81
C GLY F 196 58.17 56.76 42.81
N GLY F 197 57.59 56.60 43.99
CA GLY F 197 56.40 55.78 44.18
C GLY F 197 56.06 55.71 45.66
N ASP F 198 54.75 55.78 45.96
CA ASP F 198 54.27 55.93 47.33
C ASP F 198 54.65 54.77 48.26
N ALA F 199 55.15 53.68 47.67
CA ALA F 199 55.66 52.55 48.46
C ALA F 199 56.96 52.93 49.16
N GLY F 200 57.83 53.61 48.42
CA GLY F 200 59.10 54.07 48.95
C GLY F 200 60.27 53.68 48.05
N ASP F 201 61.41 53.40 48.67
CA ASP F 201 62.62 53.01 47.97
C ASP F 201 63.50 52.20 48.90
N ALA F 202 63.10 50.95 49.11
CA ALA F 202 63.82 50.05 49.99
C ALA F 202 65.08 49.54 49.30
N PHE F 203 65.06 49.57 47.97
CA PHE F 203 66.25 49.20 47.19
C PHE F 203 67.35 50.24 47.39
N ASP F 204 67.20 51.05 48.44
CA ASP F 204 68.26 51.94 48.86
C ASP F 204 68.37 51.92 50.39
N GLY F 205 68.36 50.72 50.96
CA GLY F 205 68.58 50.53 52.40
C GLY F 205 67.50 51.15 53.26
N PHE F 206 67.70 51.08 54.57
CA PHE F 206 66.72 51.57 55.54
C PHE F 206 67.19 51.30 56.97
N ASP F 207 67.27 52.36 57.78
CA ASP F 207 67.68 52.23 59.17
C ASP F 207 66.64 51.47 59.99
N PHE F 208 66.96 50.23 60.35
CA PHE F 208 66.04 49.41 61.13
C PHE F 208 66.30 49.56 62.62
N GLY F 209 66.62 48.44 63.27
CA GLY F 209 66.87 48.39 64.69
C GLY F 209 68.13 49.13 65.11
N ASP F 210 68.69 48.70 66.24
CA ASP F 210 69.73 49.46 66.92
C ASP F 210 70.99 49.71 66.11
N ASP F 211 71.36 48.78 65.23
CA ASP F 211 72.66 48.86 64.57
C ASP F 211 72.80 49.89 63.43
N PRO F 212 73.63 50.93 63.65
CA PRO F 212 73.79 52.07 62.72
C PRO F 212 74.19 51.71 61.30
N SER F 213 75.03 50.70 61.14
CA SER F 213 75.54 50.32 59.82
C SER F 213 74.48 49.72 58.89
N ASP F 214 73.34 49.33 59.45
CA ASP F 214 72.41 48.47 58.72
C ASP F 214 71.46 49.16 57.73
N LYS F 215 71.72 50.41 57.42
CA LYS F 215 71.12 50.99 56.24
C LYS F 215 71.96 50.56 55.06
N PHE F 216 73.26 50.41 55.30
CA PHE F 216 74.22 49.98 54.30
C PHE F 216 74.12 48.48 54.09
N PHE F 217 73.83 47.75 55.17
CA PHE F 217 73.68 46.29 55.12
C PHE F 217 72.38 45.81 54.45
N THR F 218 71.39 46.70 54.32
CA THR F 218 70.12 46.32 53.70
C THR F 218 69.87 46.99 52.35
N SER F 219 70.91 47.54 51.74
CA SER F 219 70.77 48.13 50.41
C SER F 219 70.76 47.04 49.39
N HIS F 220 70.00 47.24 48.30
CA HIS F 220 69.87 46.21 47.28
C HIS F 220 70.60 46.49 45.99
N ASN F 221 70.49 47.69 45.44
CA ASN F 221 71.10 47.94 44.12
C ASN F 221 72.52 47.38 44.01
N GLY F 222 72.75 46.56 42.98
CA GLY F 222 74.05 45.94 42.73
C GLY F 222 74.34 44.68 43.53
N MET F 223 73.30 44.06 44.09
CA MET F 223 73.47 42.79 44.79
C MET F 223 73.47 41.59 43.85
N GLN F 224 73.77 40.43 44.42
CA GLN F 224 73.76 39.19 43.68
C GLN F 224 72.64 38.30 44.21
N PHE F 225 72.01 37.58 43.29
CA PHE F 225 70.91 36.68 43.65
C PHE F 225 71.40 35.54 44.53
N SER F 226 70.67 35.24 45.60
CA SER F 226 71.14 34.24 46.55
C SER F 226 70.02 33.26 46.91
N THR F 227 70.15 32.02 46.42
CA THR F 227 69.19 30.94 46.73
C THR F 227 69.69 30.08 47.88
N TRP F 228 68.78 29.35 48.51
CA TRP F 228 69.09 28.57 49.73
C TRP F 228 70.40 27.74 49.67
N ASP F 229 70.79 27.36 48.46
CA ASP F 229 71.94 26.49 48.22
C ASP F 229 73.10 27.23 47.55
N ASN F 230 72.79 28.26 46.77
CA ASN F 230 73.83 29.03 46.04
C ASN F 230 74.03 30.46 46.58
N ASP F 231 74.70 30.54 47.74
CA ASP F 231 74.92 31.78 48.51
C ASP F 231 75.87 32.81 47.86
N ASN F 232 75.32 33.94 47.46
CA ASN F 232 76.11 35.06 46.96
C ASN F 232 75.86 36.36 47.73
N ASP F 233 75.42 36.23 48.98
CA ASP F 233 75.11 37.35 49.86
C ASP F 233 76.37 38.12 50.27
N LYS F 234 76.25 38.98 51.27
CA LYS F 234 77.38 39.63 51.93
C LYS F 234 77.29 39.35 53.43
N PHE F 235 76.45 38.38 53.79
CA PHE F 235 76.28 38.03 55.18
C PHE F 235 77.34 37.02 55.59
N GLU F 236 77.79 37.16 56.84
CA GLU F 236 78.79 36.29 57.45
C GLU F 236 78.35 34.81 57.48
N GLY F 237 77.11 34.58 57.04
CA GLY F 237 76.56 33.23 56.88
C GLY F 237 75.73 33.15 55.62
N ASN F 238 74.50 32.65 55.77
CA ASN F 238 73.54 32.57 54.65
C ASN F 238 72.18 33.17 54.98
N CYS F 239 71.82 34.19 54.19
CA CYS F 239 70.55 34.91 54.34
C CYS F 239 69.41 34.08 53.78
N ALA F 240 69.50 33.78 52.48
CA ALA F 240 68.51 32.95 51.79
C ALA F 240 68.01 31.77 52.64
N GLU F 241 68.91 30.84 52.98
CA GLU F 241 68.50 29.64 53.72
C GLU F 241 68.11 29.95 55.18
N GLN F 242 68.02 31.22 55.52
CA GLN F 242 67.46 31.63 56.82
C GLN F 242 65.99 31.99 56.65
N ASP F 243 65.73 32.94 55.75
CA ASP F 243 64.36 33.35 55.41
C ASP F 243 63.64 32.22 54.71
N GLY F 244 64.39 31.39 54.01
CA GLY F 244 63.82 30.39 53.14
C GLY F 244 63.21 31.13 51.96
N SER F 245 64.07 31.70 51.14
CA SER F 245 63.61 32.52 50.02
C SER F 245 64.66 32.56 48.93
N GLY F 246 64.38 33.31 47.87
CA GLY F 246 65.34 33.46 46.80
C GLY F 246 65.31 34.88 46.30
N TRP F 247 66.08 35.76 46.95
CA TRP F 247 66.05 37.17 46.63
C TRP F 247 67.42 37.67 46.14
N TRP F 248 67.69 38.96 46.31
CA TRP F 248 69.01 39.53 46.07
C TRP F 248 69.65 39.95 47.40
N MET F 249 69.71 39.04 48.37
CA MET F 249 70.21 39.36 49.72
C MET F 249 71.49 40.22 49.76
N ASN F 250 71.54 41.11 50.74
CA ASN F 250 72.73 41.88 51.04
C ASN F 250 73.23 41.52 52.43
N LYS F 251 72.52 41.98 53.46
CA LYS F 251 72.86 41.56 54.83
C LYS F 251 71.76 41.96 55.85
N CYS F 252 70.50 41.58 55.60
CA CYS F 252 70.08 40.79 54.45
C CYS F 252 69.27 41.62 53.46
N HIS F 253 68.14 42.16 53.92
CA HIS F 253 67.17 42.81 53.03
C HIS F 253 66.52 44.07 53.59
N ALA F 254 66.09 44.92 52.67
CA ALA F 254 65.11 45.96 52.96
C ALA F 254 63.80 45.62 52.26
N GLY F 255 63.82 45.62 50.93
CA GLY F 255 62.64 45.28 50.13
C GLY F 255 62.69 43.85 49.63
N HIS F 256 62.07 42.94 50.37
CA HIS F 256 62.13 41.50 50.10
C HIS F 256 60.77 40.90 49.70
N LEU F 257 60.64 40.55 48.43
CA LEU F 257 59.33 40.18 47.88
C LEU F 257 58.97 38.67 47.85
N ASN F 258 59.98 37.80 47.93
CA ASN F 258 59.78 36.36 47.92
C ASN F 258 59.73 35.78 49.32
N GLY F 259 59.23 36.56 50.27
CA GLY F 259 59.19 36.10 51.65
C GLY F 259 58.10 35.07 51.91
N VAL F 260 58.21 34.42 53.06
CA VAL F 260 57.18 33.52 53.56
C VAL F 260 55.84 34.28 53.69
N TYR F 261 54.86 33.87 52.89
CA TYR F 261 53.50 34.46 52.87
C TYR F 261 52.73 34.23 54.17
N TYR F 262 52.66 35.25 55.02
CA TYR F 262 51.80 35.19 56.21
C TYR F 262 50.41 35.71 55.87
N GLN F 263 49.39 35.08 56.45
CA GLN F 263 48.01 35.47 56.17
C GLN F 263 47.59 36.59 57.12
N GLY F 264 47.25 37.75 56.57
CA GLY F 264 46.88 38.91 57.37
C GLY F 264 47.96 39.97 57.46
N GLY F 265 49.19 39.59 57.15
CA GLY F 265 50.30 40.54 57.15
C GLY F 265 51.06 40.61 58.46
N THR F 266 50.33 40.73 59.57
CA THR F 266 50.94 40.88 60.89
C THR F 266 51.50 39.56 61.41
N TYR F 267 52.77 39.58 61.79
CA TYR F 267 53.42 38.47 62.47
C TYR F 267 54.44 39.00 63.45
N SER F 268 54.58 38.33 64.59
CA SER F 268 55.51 38.75 65.62
C SER F 268 56.88 38.11 65.41
N LYS F 269 57.72 38.18 66.45
CA LYS F 269 58.98 37.43 66.48
C LYS F 269 58.68 35.94 66.63
N ALA F 270 57.77 35.61 67.54
CA ALA F 270 57.45 34.22 67.88
C ALA F 270 56.64 33.48 66.79
N SER F 271 56.75 33.94 65.54
CA SER F 271 56.09 33.30 64.40
C SER F 271 56.93 32.15 63.83
N THR F 272 58.23 32.22 64.11
CA THR F 272 59.20 31.21 63.67
C THR F 272 60.18 30.89 64.80
N PRO F 273 60.69 29.65 64.85
CA PRO F 273 61.60 29.21 65.94
C PRO F 273 62.78 30.15 66.18
N ASN F 274 63.50 30.50 65.11
CA ASN F 274 64.61 31.46 65.19
C ASN F 274 64.14 32.82 65.69
N GLY F 275 63.14 33.38 65.02
CA GLY F 275 62.61 34.70 65.33
C GLY F 275 63.00 35.74 64.28
N TYR F 276 63.02 35.30 63.02
CA TYR F 276 63.49 36.13 61.92
C TYR F 276 62.36 36.80 61.16
N ASP F 277 62.66 37.94 60.56
CA ASP F 277 61.70 38.70 59.77
C ASP F 277 61.66 38.21 58.32
N ASN F 278 61.04 37.06 58.13
CA ASN F 278 61.09 36.35 56.85
C ASN F 278 59.95 36.64 55.88
N GLY F 279 59.01 37.49 56.29
CA GLY F 279 57.80 37.75 55.51
C GLY F 279 58.02 38.53 54.23
N ILE F 280 56.92 38.96 53.62
CA ILE F 280 56.98 39.80 52.43
C ILE F 280 56.98 41.24 52.89
N ILE F 281 58.17 41.79 53.10
CA ILE F 281 58.32 43.14 53.62
C ILE F 281 58.73 44.10 52.51
N TRP F 282 58.67 45.40 52.82
CA TRP F 282 59.18 46.48 51.97
C TRP F 282 59.09 47.75 52.83
N ALA F 283 60.15 47.97 53.59
CA ALA F 283 60.08 48.76 54.83
C ALA F 283 59.90 50.26 54.68
N THR F 284 60.08 50.80 53.47
CA THR F 284 59.79 52.21 53.24
C THR F 284 58.28 52.46 53.31
N TRP F 285 57.50 51.39 53.15
CA TRP F 285 56.04 51.46 53.19
C TRP F 285 55.44 51.00 54.49
N LYS F 286 55.74 49.76 54.87
CA LYS F 286 55.21 49.20 56.12
C LYS F 286 56.33 48.60 56.98
N THR F 287 55.99 48.33 58.24
CA THR F 287 56.91 47.71 59.21
C THR F 287 57.40 46.33 58.73
N ARG F 288 58.52 45.89 59.30
CA ARG F 288 59.10 44.59 58.94
C ARG F 288 58.45 43.41 59.69
N TRP F 289 57.27 43.65 60.25
CA TRP F 289 56.48 42.58 60.83
C TRP F 289 55.10 42.62 60.19
N TYR F 290 55.11 43.09 58.95
CA TYR F 290 53.92 43.19 58.12
C TYR F 290 54.24 42.69 56.71
N SER F 291 53.67 41.54 56.38
CA SER F 291 53.80 40.93 55.05
C SER F 291 52.67 41.36 54.11
N MET F 292 53.04 41.86 52.92
CA MET F 292 52.06 42.25 51.89
C MET F 292 51.00 41.16 51.61
N LYS F 293 49.85 41.60 51.11
CA LYS F 293 48.79 40.69 50.69
C LYS F 293 49.03 40.28 49.23
N LYS F 294 49.44 41.24 48.41
CA LYS F 294 49.78 40.98 47.02
C LYS F 294 51.05 41.71 46.62
N THR F 295 51.65 41.29 45.51
CA THR F 295 52.81 41.95 44.91
C THR F 295 52.66 41.93 43.39
N THR F 296 53.73 42.31 42.70
CA THR F 296 53.84 42.28 41.26
C THR F 296 55.21 42.86 40.97
N MET F 297 55.83 42.44 39.86
CA MET F 297 57.09 43.00 39.42
C MET F 297 57.08 42.93 37.91
N LYS F 298 56.82 44.05 37.27
CA LYS F 298 56.79 44.06 35.82
C LYS F 298 57.81 45.04 35.30
N ILE F 299 58.17 44.88 34.04
CA ILE F 299 59.17 45.72 33.41
C ILE F 299 58.63 46.18 32.07
N ILE F 300 59.18 47.27 31.55
CA ILE F 300 58.63 47.88 30.34
C ILE F 300 59.64 48.81 29.67
N PRO F 301 59.64 48.86 28.32
CA PRO F 301 60.51 49.77 27.58
C PRO F 301 60.35 51.17 28.13
N PHE F 302 61.40 51.99 27.99
CA PHE F 302 61.39 53.29 28.64
C PHE F 302 60.57 54.34 27.91
N ASN F 303 60.68 54.36 26.59
CA ASN F 303 59.89 55.29 25.78
C ASN F 303 58.38 55.29 26.09
N ARG F 304 57.94 54.30 26.87
CA ARG F 304 56.53 54.18 27.28
C ARG F 304 56.25 54.83 28.64
N LEU F 305 57.08 55.79 29.04
CA LEU F 305 56.84 56.56 30.24
C LEU F 305 57.04 58.06 30.01
N THR F 306 56.45 58.89 30.70
N ARG G 14 -5.41 24.08 24.55
CA ARG G 14 -5.16 24.13 23.08
C ARG G 14 -5.15 22.72 22.49
N LYS G 15 -4.33 21.86 23.08
CA LYS G 15 -4.19 20.48 22.65
C LYS G 15 -5.31 19.64 23.26
N VAL G 16 -5.48 19.75 24.57
CA VAL G 16 -6.48 19.00 25.33
C VAL G 16 -7.92 19.32 24.86
N ILE G 17 -8.08 20.46 24.20
CA ILE G 17 -9.35 20.84 23.58
C ILE G 17 -9.53 20.13 22.22
N GLU G 18 -8.44 20.03 21.45
CA GLU G 18 -8.46 19.35 20.16
C GLU G 18 -8.72 17.85 20.31
N LYS G 19 -8.42 17.31 21.48
CA LYS G 19 -8.63 15.89 21.79
C LYS G 19 -10.10 15.52 21.78
N VAL G 20 -10.91 16.29 22.51
CA VAL G 20 -12.36 16.05 22.62
C VAL G 20 -13.04 15.98 21.25
N GLN G 21 -12.64 16.88 20.35
CA GLN G 21 -13.12 16.90 18.97
C GLN G 21 -12.97 15.53 18.29
N HIS G 22 -11.86 14.85 18.59
CA HIS G 22 -11.63 13.48 18.13
C HIS G 22 -12.38 12.47 19.00
N ILE G 23 -12.24 12.60 20.33
CA ILE G 23 -12.84 11.69 21.32
C ILE G 23 -14.38 11.78 21.40
N GLN G 24 -14.99 12.64 20.58
CA GLN G 24 -16.44 12.65 20.48
C GLN G 24 -16.93 12.18 19.11
N LEU G 25 -16.19 12.55 18.06
CA LEU G 25 -16.45 12.05 16.71
C LEU G 25 -16.23 10.55 16.72
N LEU G 26 -15.42 10.09 17.66
CA LEU G 26 -15.18 8.68 17.86
C LEU G 26 -16.39 8.06 18.54
N GLN G 27 -16.73 8.54 19.74
CA GLN G 27 -17.80 7.92 20.54
C GLN G 27 -19.21 7.98 19.89
N LYS G 28 -19.44 9.00 19.05
CA LYS G 28 -20.68 9.09 18.26
C LYS G 28 -20.69 8.08 17.11
N ASN G 29 -19.48 7.69 16.67
CA ASN G 29 -19.32 6.63 15.69
C ASN G 29 -19.45 5.26 16.33
N VAL G 30 -19.06 5.15 17.60
CA VAL G 30 -19.13 3.88 18.32
C VAL G 30 -20.56 3.48 18.62
N ARG G 31 -21.40 4.43 19.02
CA ARG G 31 -22.83 4.11 19.20
C ARG G 31 -23.49 3.73 17.86
N ALA G 32 -23.08 4.39 16.77
CA ALA G 32 -23.56 4.05 15.42
C ALA G 32 -23.19 2.62 14.98
N GLN G 33 -22.03 2.14 15.42
CA GLN G 33 -21.63 0.76 15.21
C GLN G 33 -22.34 -0.15 16.21
N LEU G 34 -22.39 0.24 17.48
CA LEU G 34 -23.10 -0.54 18.51
C LEU G 34 -24.56 -0.78 18.15
N VAL G 35 -25.13 0.12 17.35
CA VAL G 35 -26.47 -0.05 16.77
C VAL G 35 -26.49 -1.24 15.81
N ASP G 36 -25.66 -1.19 14.77
CA ASP G 36 -25.66 -2.22 13.74
C ASP G 36 -25.30 -3.60 14.26
N MET G 37 -24.48 -3.66 15.29
CA MET G 37 -24.17 -4.93 15.94
C MET G 37 -25.40 -5.51 16.65
N LYS G 38 -26.41 -4.67 16.88
CA LYS G 38 -27.69 -5.14 17.39
C LYS G 38 -28.58 -5.54 16.20
N ARG G 39 -28.68 -4.65 15.22
CA ARG G 39 -29.51 -4.88 14.04
C ARG G 39 -29.09 -6.15 13.30
N LEU G 40 -27.78 -6.39 13.26
CA LEU G 40 -27.21 -7.57 12.62
C LEU G 40 -27.45 -8.83 13.44
N GLU G 41 -26.98 -8.85 14.69
CA GLU G 41 -27.15 -10.01 15.56
C GLU G 41 -28.56 -10.58 15.45
N VAL G 42 -29.53 -9.69 15.29
CA VAL G 42 -30.92 -10.07 15.07
C VAL G 42 -31.10 -10.59 13.63
N ASP G 43 -30.84 -9.72 12.64
CA ASP G 43 -30.90 -10.09 11.22
C ASP G 43 -30.20 -11.42 10.94
N ILE G 44 -29.29 -11.81 11.83
CA ILE G 44 -28.60 -13.08 11.73
C ILE G 44 -29.41 -14.19 12.41
N ASP G 45 -29.81 -13.98 13.65
CA ASP G 45 -30.61 -14.97 14.38
C ASP G 45 -31.86 -15.39 13.60
N ILE G 46 -32.38 -14.47 12.78
CA ILE G 46 -33.58 -14.72 11.98
C ILE G 46 -33.24 -15.50 10.72
N LYS G 47 -32.23 -15.04 9.98
CA LYS G 47 -31.84 -15.67 8.73
C LYS G 47 -31.27 -17.07 8.88
N ILE G 48 -30.84 -17.43 10.08
CA ILE G 48 -30.44 -18.80 10.39
C ILE G 48 -31.64 -19.67 10.71
N ARG G 49 -32.53 -19.12 11.54
CA ARG G 49 -33.82 -19.72 11.83
C ARG G 49 -34.54 -20.00 10.51
N SER G 50 -34.40 -19.07 9.56
CA SER G 50 -35.03 -19.18 8.25
C SER G 50 -34.41 -20.27 7.36
N CYS G 51 -33.57 -21.10 7.97
CA CYS G 51 -32.96 -22.24 7.28
C CYS G 51 -33.55 -23.56 7.74
N ARG G 52 -34.01 -23.60 8.99
CA ARG G 52 -34.67 -24.77 9.58
C ARG G 52 -35.40 -25.62 8.52
N GLY G 53 -36.04 -24.95 7.57
CA GLY G 53 -36.71 -25.59 6.45
C GLY G 53 -36.06 -25.33 5.10
N SER G 54 -34.82 -25.79 4.95
CA SER G 54 -34.10 -25.81 3.68
C SER G 54 -32.94 -26.79 3.82
N CYS G 55 -32.33 -26.78 5.00
CA CYS G 55 -31.11 -27.51 5.29
C CYS G 55 -31.37 -28.56 6.36
N SER G 56 -30.67 -29.69 6.24
CA SER G 56 -30.91 -30.86 7.10
C SER G 56 -30.80 -30.55 8.59
N ARG G 57 -29.84 -29.69 8.94
CA ARG G 57 -29.59 -29.35 10.34
C ARG G 57 -29.84 -27.86 10.60
N ALA G 58 -30.22 -27.53 11.83
CA ALA G 58 -30.48 -26.14 12.23
C ALA G 58 -29.68 -25.79 13.49
N LEU G 59 -29.04 -24.62 13.47
CA LEU G 59 -28.12 -24.20 14.54
C LEU G 59 -28.81 -23.76 15.84
N ALA G 60 -28.67 -24.57 16.89
CA ALA G 60 -29.30 -24.30 18.18
C ALA G 60 -28.57 -23.20 18.96
N ARG G 61 -29.19 -22.02 19.02
CA ARG G 61 -28.54 -20.82 19.58
C ARG G 61 -29.43 -19.97 20.48
N GLU G 62 -28.80 -19.01 21.18
CA GLU G 62 -29.48 -18.00 21.98
C GLU G 62 -29.07 -16.60 21.54
N VAL G 63 -29.81 -15.60 22.00
CA VAL G 63 -29.43 -14.20 21.79
C VAL G 63 -29.52 -13.42 23.11
N ASP G 64 -28.35 -13.00 23.60
CA ASP G 64 -28.26 -12.21 24.82
C ASP G 64 -28.35 -10.73 24.47
N LEU G 65 -29.56 -10.19 24.57
CA LEU G 65 -29.79 -8.76 24.33
C LEU G 65 -29.47 -7.93 25.57
N LYS G 66 -29.73 -8.50 26.75
CA LYS G 66 -29.49 -7.85 28.04
C LYS G 66 -28.09 -7.25 28.12
N ASP G 67 -27.16 -7.83 27.38
CA ASP G 67 -25.79 -7.32 27.27
C ASP G 67 -25.72 -6.01 26.48
N TYR G 68 -26.36 -5.98 25.32
CA TYR G 68 -26.37 -4.78 24.47
C TYR G 68 -26.93 -3.56 25.19
N GLU G 69 -28.07 -3.73 25.86
CA GLU G 69 -28.71 -2.66 26.60
C GLU G 69 -28.07 -2.43 27.98
N ASP G 70 -27.10 -3.26 28.33
CA ASP G 70 -26.27 -3.02 29.52
C ASP G 70 -25.03 -2.19 29.19
N GLN G 71 -24.57 -2.28 27.95
CA GLN G 71 -23.49 -1.41 27.47
C GLN G 71 -24.01 -0.43 26.41
N GLN G 72 -25.30 -0.14 26.53
CA GLN G 72 -25.91 1.01 25.88
C GLN G 72 -26.34 1.89 27.04
N LYS G 73 -26.59 1.24 28.18
CA LYS G 73 -26.78 1.89 29.49
C LYS G 73 -25.57 2.75 29.77
N GLN G 74 -24.38 2.14 29.67
CA GLN G 74 -23.12 2.87 29.64
C GLN G 74 -23.06 3.68 28.35
N LEU G 75 -21.87 4.16 27.99
CA LEU G 75 -21.69 5.05 26.85
C LEU G 75 -22.49 6.34 27.00
N GLU G 76 -23.82 6.22 27.03
CA GLU G 76 -24.72 7.36 27.22
C GLU G 76 -24.61 7.95 28.64
N GLN G 77 -24.84 7.10 29.65
CA GLN G 77 -24.60 7.46 31.06
C GLN G 77 -23.22 8.09 31.24
N VAL G 78 -22.35 7.84 30.26
CA VAL G 78 -21.00 8.37 30.26
C VAL G 78 -20.88 9.66 29.44
N ILE G 79 -21.64 9.80 28.35
CA ILE G 79 -21.61 11.03 27.52
C ILE G 79 -21.95 12.25 28.39
N ALA G 80 -20.92 12.81 29.01
CA ALA G 80 -21.07 13.96 29.92
C ALA G 80 -21.24 15.24 29.13
N LYS G 81 -20.65 16.33 29.61
CA LYS G 81 -20.72 17.62 28.93
C LYS G 81 -19.76 17.60 27.74
N ASP G 82 -18.71 18.43 27.83
CA ASP G 82 -17.70 18.55 26.80
C ASP G 82 -16.65 19.58 27.25
N LEU G 83 -16.64 20.73 26.58
CA LEU G 83 -15.85 21.92 26.98
C LEU G 83 -16.46 23.19 26.38
N LEU G 84 -17.51 23.70 27.04
CA LEU G 84 -18.22 24.89 26.57
C LEU G 84 -18.29 26.01 27.65
N PRO G 85 -18.67 25.66 28.91
CA PRO G 85 -18.65 26.71 29.94
C PRO G 85 -17.25 26.96 30.50
N SER G 86 -16.95 28.07 30.95
N LYS H 15 -10.07 32.83 43.26
CA LYS H 15 -8.90 32.69 42.35
C LYS H 15 -9.36 32.13 41.00
N HIS H 16 -9.31 32.96 39.96
CA HIS H 16 -9.80 32.57 38.63
C HIS H 16 -8.68 32.14 37.67
N GLN H 17 -7.49 31.89 38.21
CA GLN H 17 -6.40 31.32 37.41
C GLN H 17 -5.79 30.03 37.98
N LEU H 18 -6.16 29.69 39.22
CA LEU H 18 -5.91 28.36 39.77
C LEU H 18 -7.03 27.41 39.29
N TYR H 19 -7.49 27.62 38.05
CA TYR H 19 -8.72 26.99 37.54
C TYR H 19 -8.50 25.76 36.63
N ILE H 20 -7.36 25.73 35.95
CA ILE H 20 -7.03 24.70 34.95
C ILE H 20 -7.51 23.28 35.28
N ASP H 21 -8.18 22.65 34.31
CA ASP H 21 -8.78 21.31 34.49
C ASP H 21 -7.76 20.17 34.40
N GLU H 22 -7.07 19.94 35.51
CA GLU H 22 -6.14 18.82 35.65
C GLU H 22 -6.93 17.52 35.82
N THR H 23 -8.22 17.65 36.13
CA THR H 23 -9.12 16.51 36.29
C THR H 23 -9.51 15.85 34.96
N VAL H 24 -9.28 16.55 33.85
CA VAL H 24 -9.37 15.96 32.51
C VAL H 24 -8.17 14.99 32.33
N ASN H 25 -7.94 14.20 33.39
CA ASN H 25 -6.86 13.23 33.51
C ASN H 25 -7.25 12.16 34.53
N SER H 26 -8.51 12.21 34.95
CA SER H 26 -9.13 11.15 35.75
C SER H 26 -10.48 10.81 35.15
N ASN H 27 -11.02 11.71 34.33
CA ASN H 27 -12.24 11.45 33.58
C ASN H 27 -11.98 11.04 32.12
N ILE H 28 -10.72 10.98 31.72
CA ILE H 28 -10.34 10.38 30.43
C ILE H 28 -9.89 8.91 30.55
N PRO H 29 -9.16 8.53 31.62
CA PRO H 29 -9.00 7.10 31.92
C PRO H 29 -10.35 6.39 31.96
N THR H 30 -11.30 6.95 32.70
CA THR H 30 -12.67 6.41 32.74
C THR H 30 -13.49 6.82 31.52
N ASN H 31 -12.81 6.95 30.37
CA ASN H 31 -13.47 7.10 29.06
C ASN H 31 -12.88 6.17 28.01
N LEU H 32 -11.81 5.47 28.38
CA LEU H 32 -11.23 4.43 27.56
C LEU H 32 -11.32 3.14 28.35
N ARG H 33 -11.44 3.26 29.67
CA ARG H 33 -11.76 2.12 30.54
C ARG H 33 -13.10 1.51 30.11
N VAL H 34 -13.88 2.31 29.38
CA VAL H 34 -15.18 1.88 28.86
C VAL H 34 -15.11 1.67 27.34
N LEU H 35 -14.67 2.71 26.62
CA LEU H 35 -14.63 2.71 25.14
C LEU H 35 -13.88 1.52 24.53
N ARG H 36 -12.98 0.91 25.31
CA ARG H 36 -12.29 -0.31 24.89
C ARG H 36 -12.98 -1.57 25.44
N SER H 37 -13.55 -1.48 26.65
CA SER H 37 -14.34 -2.58 27.19
C SER H 37 -15.60 -2.83 26.34
N ILE H 38 -15.84 -1.94 25.38
CA ILE H 38 -17.00 -2.02 24.49
C ILE H 38 -16.60 -2.44 23.08
N LEU H 39 -15.59 -1.79 22.51
CA LEU H 39 -15.11 -2.12 21.18
C LEU H 39 -14.48 -3.52 21.07
N GLU H 40 -13.88 -3.99 22.18
CA GLU H 40 -13.31 -5.34 22.24
C GLU H 40 -14.38 -6.38 22.56
N ASN H 41 -15.46 -5.94 23.20
CA ASN H 41 -16.60 -6.81 23.46
C ASN H 41 -17.54 -6.90 22.24
N LEU H 42 -17.33 -6.05 21.26
CA LEU H 42 -17.97 -6.19 19.96
C LEU H 42 -17.11 -7.02 19.02
N ARG H 43 -15.81 -7.08 19.29
CA ARG H 43 -14.93 -7.97 18.53
C ARG H 43 -15.33 -9.42 18.82
N SER H 44 -15.29 -9.79 20.10
CA SER H 44 -15.66 -11.13 20.54
C SER H 44 -17.12 -11.48 20.21
N LYS H 45 -17.84 -10.52 19.64
CA LYS H 45 -19.18 -10.74 19.10
C LYS H 45 -19.11 -11.05 17.61
N ILE H 46 -18.35 -10.25 16.87
CA ILE H 46 -18.13 -10.52 15.45
C ILE H 46 -17.42 -11.87 15.29
N GLN H 47 -16.71 -12.28 16.34
CA GLN H 47 -16.12 -13.62 16.41
C GLN H 47 -17.22 -14.67 16.34
N LYS H 48 -18.19 -14.56 17.25
CA LYS H 48 -19.24 -15.56 17.43
C LYS H 48 -20.23 -15.59 16.26
N LEU H 49 -20.44 -14.46 15.61
CA LEU H 49 -21.36 -14.41 14.48
C LEU H 49 -20.72 -15.01 13.23
N GLU H 50 -19.43 -14.72 13.04
CA GLU H 50 -18.65 -15.28 11.94
C GLU H 50 -18.62 -16.81 12.05
N SER H 51 -18.49 -17.29 13.28
CA SER H 51 -18.42 -18.72 13.58
C SER H 51 -19.72 -19.46 13.25
N ASP H 52 -20.84 -18.79 13.47
CA ASP H 52 -22.17 -19.40 13.29
C ASP H 52 -22.62 -19.45 11.83
N VAL H 53 -22.54 -18.30 11.15
CA VAL H 53 -22.79 -18.24 9.70
C VAL H 53 -21.91 -19.23 8.91
N SER H 54 -20.95 -19.84 9.61
CA SER H 54 -20.05 -20.82 9.01
C SER H 54 -20.56 -22.23 9.28
N ALA H 55 -20.88 -22.52 10.54
CA ALA H 55 -21.40 -23.82 10.93
C ALA H 55 -22.68 -24.18 10.15
N GLN H 56 -23.56 -23.20 9.99
CA GLN H 56 -24.81 -23.38 9.24
C GLN H 56 -24.54 -23.47 7.75
N MET H 57 -23.61 -22.64 7.26
CA MET H 57 -23.19 -22.69 5.85
C MET H 57 -22.73 -24.10 5.47
N GLU H 58 -22.15 -24.82 6.43
CA GLU H 58 -21.73 -26.21 6.24
C GLU H 58 -22.91 -27.18 6.33
N TYR H 59 -23.84 -26.87 7.22
CA TYR H 59 -25.07 -27.62 7.30
C TYR H 59 -25.82 -27.49 5.98
N CYS H 60 -25.74 -26.32 5.36
CA CYS H 60 -26.48 -26.06 4.12
C CYS H 60 -25.77 -26.53 2.87
N ARG H 61 -24.98 -27.59 3.02
CA ARG H 61 -24.43 -28.31 1.90
C ARG H 61 -25.43 -29.41 1.52
N THR H 62 -26.13 -29.94 2.52
CA THR H 62 -27.05 -31.07 2.35
C THR H 62 -28.47 -30.74 2.85
N PRO H 63 -29.42 -30.49 1.92
CA PRO H 63 -30.82 -30.15 2.22
C PRO H 63 -31.59 -31.16 3.07
N CYS H 64 -32.68 -30.69 3.68
CA CYS H 64 -33.61 -31.51 4.46
C CYS H 64 -34.51 -32.34 3.54
N THR H 65 -35.04 -33.44 4.07
CA THR H 65 -35.81 -34.40 3.27
C THR H 65 -37.23 -34.61 3.78
N VAL H 66 -38.17 -34.74 2.84
CA VAL H 66 -39.56 -35.08 3.14
C VAL H 66 -40.09 -36.16 2.19
N SER H 67 -40.94 -37.04 2.73
CA SER H 67 -41.60 -38.10 1.97
C SER H 67 -43.12 -37.91 1.95
N CYS H 68 -43.60 -37.06 1.03
CA CYS H 68 -45.02 -36.66 1.02
C CYS H 68 -45.92 -37.50 0.11
N ASN H 69 -46.43 -38.60 0.68
CA ASN H 69 -47.27 -39.55 -0.03
C ASN H 69 -48.67 -39.00 -0.35
N ILE H 70 -48.80 -38.34 -1.50
CA ILE H 70 -50.07 -37.73 -1.91
C ILE H 70 -51.25 -38.68 -1.69
N PRO H 71 -52.23 -38.29 -0.85
CA PRO H 71 -53.33 -39.20 -0.50
C PRO H 71 -54.32 -39.36 -1.66
N VAL H 72 -55.13 -40.42 -1.62
CA VAL H 72 -55.97 -40.81 -2.76
C VAL H 72 -56.87 -39.68 -3.26
N VAL H 73 -57.77 -39.23 -2.37
CA VAL H 73 -58.88 -38.35 -2.73
C VAL H 73 -58.51 -36.92 -3.12
N SER H 74 -58.78 -36.55 -4.37
CA SER H 74 -58.46 -35.21 -4.87
C SER H 74 -59.72 -34.34 -4.91
N GLY H 75 -59.67 -33.26 -5.68
CA GLY H 75 -60.80 -32.35 -5.82
C GLY H 75 -60.39 -31.04 -6.48
N LYS H 76 -61.32 -30.10 -6.52
CA LYS H 76 -61.05 -28.75 -7.01
C LYS H 76 -60.37 -27.91 -5.92
N GLU H 77 -60.92 -28.03 -4.71
CA GLU H 77 -60.52 -27.24 -3.54
C GLU H 77 -60.70 -28.09 -2.28
N CYS H 78 -60.06 -27.67 -1.20
CA CYS H 78 -60.13 -28.40 0.08
C CYS H 78 -61.56 -28.61 0.56
N GLU H 79 -62.49 -27.86 -0.02
CA GLU H 79 -63.91 -28.00 0.28
C GLU H 79 -64.48 -29.31 -0.26
N GLU H 80 -64.41 -29.46 -1.59
CA GLU H 80 -64.78 -30.70 -2.28
C GLU H 80 -64.21 -31.89 -1.50
N ILE H 81 -62.91 -31.84 -1.25
CA ILE H 81 -62.18 -32.88 -0.56
C ILE H 81 -62.76 -33.31 0.80
N ILE H 82 -63.48 -32.43 1.48
CA ILE H 82 -64.09 -32.86 2.74
C ILE H 82 -65.41 -33.58 2.46
N ARG H 83 -66.17 -33.04 1.51
CA ARG H 83 -67.37 -33.70 1.00
C ARG H 83 -67.00 -35.07 0.40
N LYS H 84 -65.92 -35.09 -0.37
CA LYS H 84 -65.41 -36.32 -1.00
C LYS H 84 -64.82 -37.30 0.02
N GLY H 85 -65.28 -37.23 1.26
CA GLY H 85 -64.94 -38.22 2.28
C GLY H 85 -63.61 -38.05 2.97
N GLY H 86 -62.84 -37.02 2.57
CA GLY H 86 -61.56 -36.71 3.21
C GLY H 86 -61.79 -35.92 4.48
N GLU H 87 -61.42 -36.48 5.62
CA GLU H 87 -61.83 -35.91 6.90
C GLU H 87 -60.79 -35.88 8.02
N THR H 88 -59.52 -35.70 7.66
CA THR H 88 -58.48 -35.29 8.62
C THR H 88 -57.51 -34.33 7.98
N SER H 89 -56.88 -33.51 8.83
CA SER H 89 -56.01 -32.41 8.40
C SER H 89 -54.61 -32.87 8.03
N GLU H 90 -54.31 -32.75 6.73
CA GLU H 90 -53.01 -33.14 6.17
C GLU H 90 -52.88 -32.49 4.80
N MET H 91 -51.83 -32.85 4.08
CA MET H 91 -51.60 -32.32 2.74
C MET H 91 -52.41 -33.11 1.72
N TYR H 92 -52.98 -32.39 0.75
CA TYR H 92 -53.73 -32.97 -0.35
C TYR H 92 -53.31 -32.27 -1.62
N LEU H 93 -53.55 -32.92 -2.76
CA LEU H 93 -53.39 -32.25 -4.03
C LEU H 93 -54.78 -31.76 -4.41
N ILE H 94 -54.84 -30.64 -5.12
CA ILE H 94 -56.12 -30.09 -5.60
C ILE H 94 -55.96 -29.57 -7.03
N GLN H 95 -57.06 -29.52 -7.78
CA GLN H 95 -57.04 -28.88 -9.09
C GLN H 95 -58.33 -28.07 -9.28
N PRO H 96 -58.20 -26.72 -9.30
CA PRO H 96 -59.34 -25.86 -9.59
C PRO H 96 -59.87 -26.08 -11.01
N ASP H 97 -59.28 -25.42 -12.00
CA ASP H 97 -59.72 -25.61 -13.36
C ASP H 97 -58.89 -26.66 -14.08
N SER H 98 -59.43 -27.19 -15.17
CA SER H 98 -58.81 -28.29 -15.92
C SER H 98 -57.55 -27.86 -16.67
N SER H 99 -57.49 -26.60 -17.10
CA SER H 99 -56.34 -26.07 -17.82
C SER H 99 -55.18 -25.68 -16.89
N VAL H 100 -55.32 -26.05 -15.61
CA VAL H 100 -54.32 -25.76 -14.58
C VAL H 100 -53.66 -27.06 -14.11
N LYS H 101 -52.33 -27.07 -14.08
CA LYS H 101 -51.61 -28.16 -13.45
C LYS H 101 -51.99 -28.20 -11.97
N PRO H 102 -52.34 -29.40 -11.47
CA PRO H 102 -52.58 -29.66 -10.04
C PRO H 102 -51.43 -29.17 -9.16
N TYR H 103 -51.74 -28.87 -7.90
CA TYR H 103 -50.73 -28.55 -6.91
C TYR H 103 -51.12 -28.99 -5.50
N ARG H 104 -50.13 -29.07 -4.62
CA ARG H 104 -50.37 -29.52 -3.24
C ARG H 104 -50.96 -28.41 -2.40
N VAL H 105 -51.45 -28.77 -1.22
CA VAL H 105 -52.00 -27.82 -0.25
C VAL H 105 -52.38 -28.54 1.05
N TYR H 106 -52.29 -27.81 2.16
CA TYR H 106 -52.66 -28.36 3.45
C TYR H 106 -54.07 -27.91 3.83
N CYS H 107 -54.99 -28.86 3.93
CA CYS H 107 -56.37 -28.57 4.28
C CYS H 107 -56.61 -28.73 5.75
N ASP H 108 -57.19 -27.69 6.35
CA ASP H 108 -57.69 -27.77 7.71
C ASP H 108 -59.12 -28.29 7.68
N MET H 109 -59.31 -29.44 8.31
CA MET H 109 -60.58 -30.11 8.34
C MET H 109 -61.17 -30.03 9.74
N ASN H 110 -60.31 -30.10 10.75
CA ASN H 110 -60.72 -30.04 12.16
C ASN H 110 -61.27 -28.67 12.61
N THR H 111 -60.81 -27.59 11.98
CA THR H 111 -61.14 -26.21 12.38
C THR H 111 -62.49 -25.71 11.84
N GLU H 112 -63.43 -25.53 12.76
CA GLU H 112 -64.82 -25.22 12.48
C GLU H 112 -65.49 -26.40 11.77
N ASN H 113 -65.63 -26.32 10.45
CA ASN H 113 -66.28 -27.38 9.69
C ASN H 113 -65.45 -27.94 8.53
N GLY H 114 -64.14 -27.78 8.61
CA GLY H 114 -63.23 -28.21 7.56
C GLY H 114 -63.39 -27.47 6.25
N GLY H 115 -62.71 -27.97 5.22
CA GLY H 115 -62.80 -27.39 3.89
C GLY H 115 -61.93 -26.17 3.78
N TRP H 116 -60.96 -26.08 4.68
CA TRP H 116 -60.09 -24.92 4.81
C TRP H 116 -58.80 -25.02 4.00
N THR H 117 -58.69 -24.18 2.96
CA THR H 117 -57.53 -24.18 2.07
C THR H 117 -56.47 -23.18 2.56
N VAL H 118 -55.59 -23.66 3.45
CA VAL H 118 -54.51 -22.85 4.03
C VAL H 118 -53.66 -22.21 2.93
N ILE H 119 -53.54 -20.89 2.92
CA ILE H 119 -52.78 -20.23 1.86
C ILE H 119 -51.59 -19.40 2.36
N GLN H 120 -51.37 -19.46 3.66
CA GLN H 120 -50.27 -18.77 4.32
C GLN H 120 -50.18 -19.45 5.68
N ASN H 121 -48.97 -19.60 6.21
CA ASN H 121 -48.81 -20.15 7.53
C ASN H 121 -47.51 -19.66 8.14
N ARG H 122 -47.47 -19.48 9.47
CA ARG H 122 -46.24 -19.18 10.22
C ARG H 122 -46.31 -19.91 11.54
N GLN H 123 -45.17 -20.39 12.04
CA GLN H 123 -45.12 -21.01 13.39
C GLN H 123 -43.73 -21.20 14.02
N ASP H 124 -42.68 -21.06 13.22
CA ASP H 124 -41.29 -21.18 13.71
C ASP H 124 -40.27 -20.41 12.87
N GLY H 125 -40.76 -19.59 11.94
CA GLY H 125 -39.91 -18.74 11.11
C GLY H 125 -39.12 -19.53 10.08
N SER H 126 -39.23 -20.86 10.17
CA SER H 126 -38.53 -21.83 9.32
C SER H 126 -38.34 -21.45 7.84
N VAL H 127 -39.07 -20.46 7.35
CA VAL H 127 -38.93 -20.03 5.97
C VAL H 127 -38.74 -18.52 5.88
N ASP H 128 -37.88 -18.12 4.94
CA ASP H 128 -37.65 -16.71 4.65
C ASP H 128 -38.84 -16.17 3.87
N PHE H 129 -39.31 -14.99 4.24
CA PHE H 129 -40.39 -14.30 3.51
C PHE H 129 -39.91 -13.04 2.78
N GLY H 130 -38.70 -12.59 3.07
CA GLY H 130 -38.13 -11.43 2.40
C GLY H 130 -37.77 -11.74 0.97
N ARG H 131 -38.79 -11.96 0.14
CA ARG H 131 -38.57 -12.43 -1.23
C ARG H 131 -39.03 -11.38 -2.23
N LYS H 132 -38.53 -11.51 -3.47
CA LYS H 132 -38.90 -10.61 -4.55
C LYS H 132 -40.29 -10.94 -5.09
N TRP H 133 -40.72 -10.19 -6.12
CA TRP H 133 -42.05 -10.30 -6.71
C TRP H 133 -42.36 -11.71 -7.20
N ASP H 134 -41.43 -12.24 -7.99
CA ASP H 134 -41.60 -13.53 -8.66
C ASP H 134 -41.83 -14.71 -7.70
N PRO H 135 -40.92 -14.94 -6.73
CA PRO H 135 -41.21 -15.99 -5.74
C PRO H 135 -42.58 -15.84 -5.04
N TYR H 136 -43.07 -14.60 -4.88
CA TYR H 136 -44.40 -14.36 -4.33
C TYR H 136 -45.51 -14.72 -5.31
N LYS H 137 -45.24 -14.50 -6.60
CA LYS H 137 -46.14 -14.86 -7.70
C LYS H 137 -46.31 -16.40 -7.84
N GLN H 138 -45.24 -17.14 -7.57
CA GLN H 138 -45.21 -18.60 -7.74
C GLN H 138 -45.55 -19.37 -6.48
N GLY H 139 -45.41 -18.72 -5.33
CA GLY H 139 -45.56 -19.40 -4.05
C GLY H 139 -44.19 -19.81 -3.55
N PHE H 140 -44.12 -20.28 -2.31
CA PHE H 140 -42.86 -20.71 -1.71
C PHE H 140 -43.02 -21.33 -0.32
N GLY H 141 -42.09 -22.23 0.02
CA GLY H 141 -42.03 -22.81 1.36
C GLY H 141 -42.61 -24.20 1.45
N ASN H 142 -42.48 -24.81 2.62
CA ASN H 142 -42.97 -26.15 2.87
C ASN H 142 -44.49 -26.22 3.08
N VAL H 143 -45.15 -27.12 2.33
CA VAL H 143 -46.60 -27.31 2.44
C VAL H 143 -46.96 -28.13 3.67
N ALA H 144 -46.31 -29.27 3.86
CA ALA H 144 -46.42 -30.03 5.11
C ALA H 144 -45.15 -30.82 5.44
N THR H 145 -45.12 -31.46 6.62
CA THR H 145 -43.91 -32.18 7.04
C THR H 145 -44.24 -33.52 7.71
N ASN H 146 -43.53 -34.57 7.30
CA ASN H 146 -43.69 -35.92 7.85
C ASN H 146 -43.89 -35.90 9.36
N THR H 147 -45.12 -36.04 9.80
CA THR H 147 -45.44 -36.07 11.23
C THR H 147 -44.75 -37.27 11.89
N ASP H 148 -43.92 -36.99 12.89
CA ASP H 148 -43.12 -38.02 13.60
C ASP H 148 -42.75 -39.23 12.71
N GLY H 149 -43.16 -40.43 13.12
CA GLY H 149 -42.87 -41.66 12.38
C GLY H 149 -44.06 -42.19 11.59
N LYS H 150 -44.50 -41.40 10.61
CA LYS H 150 -45.63 -41.76 9.75
C LYS H 150 -45.26 -41.49 8.29
N ASN H 151 -46.06 -42.06 7.37
CA ASN H 151 -45.80 -41.96 5.92
C ASN H 151 -46.52 -40.80 5.22
N TYR H 152 -47.48 -40.21 5.93
CA TYR H 152 -48.19 -39.02 5.45
C TYR H 152 -47.74 -37.77 6.20
N CYS H 153 -47.64 -36.67 5.46
CA CYS H 153 -47.25 -35.39 6.03
C CYS H 153 -48.44 -34.78 6.78
N GLY H 154 -48.48 -35.03 8.10
CA GLY H 154 -49.58 -34.60 8.98
C GLY H 154 -49.51 -33.18 9.52
N LEU H 155 -48.30 -32.75 9.91
CA LEU H 155 -48.04 -31.38 10.36
C LEU H 155 -47.88 -30.46 9.14
N PRO H 156 -48.25 -29.17 9.28
CA PRO H 156 -48.04 -28.21 8.19
C PRO H 156 -46.71 -27.51 8.31
N GLY H 157 -46.27 -26.88 7.22
CA GLY H 157 -45.04 -26.10 7.26
C GLY H 157 -45.33 -24.66 6.87
N GLU H 158 -44.41 -23.76 7.18
CA GLU H 158 -44.58 -22.36 6.83
C GLU H 158 -44.55 -22.20 5.31
N TYR H 159 -45.58 -21.58 4.74
CA TYR H 159 -45.55 -21.23 3.33
C TYR H 159 -46.43 -20.06 2.95
N TRP H 160 -46.37 -19.72 1.68
CA TRP H 160 -47.24 -18.77 1.08
C TRP H 160 -47.61 -19.37 -0.26
N LEU H 161 -48.87 -19.81 -0.37
CA LEU H 161 -49.34 -20.59 -1.51
C LEU H 161 -49.19 -19.92 -2.88
N GLY H 162 -48.76 -18.66 -2.88
CA GLY H 162 -48.45 -17.98 -4.15
C GLY H 162 -49.60 -17.16 -4.67
N ASN H 163 -49.30 -16.22 -5.54
CA ASN H 163 -50.27 -15.22 -5.94
C ASN H 163 -51.27 -15.68 -7.00
N ASP H 164 -50.78 -15.89 -8.22
CA ASP H 164 -51.60 -16.43 -9.31
C ASP H 164 -52.52 -17.52 -8.81
N LYS H 165 -52.00 -18.38 -7.94
CA LYS H 165 -52.77 -19.47 -7.37
C LYS H 165 -53.86 -18.98 -6.43
N ILE H 166 -53.51 -18.08 -5.50
CA ILE H 166 -54.48 -17.53 -4.56
C ILE H 166 -55.53 -16.65 -5.25
N SER H 167 -55.12 -15.92 -6.29
CA SER H 167 -56.04 -15.10 -7.08
C SER H 167 -57.18 -15.93 -7.67
N GLN H 168 -56.85 -16.81 -8.63
CA GLN H 168 -57.83 -17.66 -9.31
C GLN H 168 -58.71 -18.42 -8.31
N LEU H 169 -58.07 -18.94 -7.25
CA LEU H 169 -58.76 -19.72 -6.22
C LEU H 169 -59.88 -18.97 -5.48
N THR H 170 -59.89 -17.64 -5.61
CA THR H 170 -61.00 -16.81 -5.11
C THR H 170 -61.82 -16.27 -6.27
N ARG H 171 -61.13 -15.91 -7.35
CA ARG H 171 -61.75 -15.38 -8.57
C ARG H 171 -62.89 -16.25 -9.12
N MET H 172 -62.95 -17.51 -8.70
CA MET H 172 -64.00 -18.44 -9.13
C MET H 172 -65.38 -17.97 -8.69
N GLY H 173 -65.74 -18.30 -7.46
CA GLY H 173 -67.00 -17.88 -6.87
C GLY H 173 -66.77 -17.37 -5.46
N PRO H 174 -67.81 -16.75 -4.86
CA PRO H 174 -67.76 -16.24 -3.49
C PRO H 174 -66.90 -17.08 -2.55
N THR H 175 -65.79 -16.49 -2.10
CA THR H 175 -64.84 -17.16 -1.20
C THR H 175 -64.69 -16.37 0.10
N GLU H 176 -64.82 -17.05 1.23
CA GLU H 176 -64.67 -16.41 2.51
C GLU H 176 -63.27 -16.65 3.10
N LEU H 177 -62.67 -15.62 3.69
CA LEU H 177 -61.30 -15.65 4.22
C LEU H 177 -61.25 -15.74 5.75
N LEU H 178 -60.26 -16.46 6.27
CA LEU H 178 -60.08 -16.63 7.71
C LEU H 178 -58.61 -16.44 8.10
N ILE H 179 -58.37 -15.85 9.27
CA ILE H 179 -57.03 -15.51 9.75
C ILE H 179 -56.89 -15.75 11.25
N GLU H 180 -56.15 -16.79 11.63
CA GLU H 180 -55.87 -17.05 13.04
C GLU H 180 -54.52 -16.45 13.40
N MET H 181 -54.27 -16.28 14.70
CA MET H 181 -52.98 -15.77 15.19
C MET H 181 -52.76 -15.99 16.67
N GLU H 182 -51.49 -15.92 17.06
CA GLU H 182 -51.09 -16.18 18.43
C GLU H 182 -49.98 -15.23 18.93
N ASP H 183 -50.12 -14.80 20.18
CA ASP H 183 -49.08 -14.11 20.92
C ASP H 183 -48.24 -15.15 21.65
N TRP H 184 -47.10 -14.71 22.16
CA TRP H 184 -46.11 -15.63 22.71
C TRP H 184 -46.46 -16.12 24.10
N LYS H 185 -47.62 -15.69 24.59
CA LYS H 185 -48.16 -16.23 25.83
C LYS H 185 -49.22 -17.29 25.57
N GLY H 186 -49.72 -17.33 24.33
CA GLY H 186 -50.59 -18.42 23.88
C GLY H 186 -52.08 -18.13 23.88
N ASP H 187 -52.43 -16.85 23.76
CA ASP H 187 -53.83 -16.47 23.56
C ASP H 187 -54.01 -16.28 22.05
N LYS H 188 -55.19 -16.62 21.56
CA LYS H 188 -55.46 -16.51 20.14
C LYS H 188 -56.63 -15.58 19.81
N VAL H 189 -56.75 -15.26 18.52
CA VAL H 189 -57.89 -14.50 17.99
C VAL H 189 -58.14 -14.97 16.56
N LYS H 190 -59.25 -14.55 15.95
CA LYS H 190 -59.54 -14.86 14.54
C LYS H 190 -60.15 -13.66 13.83
N ALA H 191 -60.34 -13.75 12.52
CA ALA H 191 -60.94 -12.64 11.79
C ALA H 191 -61.51 -13.03 10.43
N HIS H 192 -62.78 -13.44 10.41
CA HIS H 192 -63.43 -13.88 9.16
C HIS H 192 -63.79 -12.72 8.25
N TYR H 193 -63.86 -13.00 6.95
CA TYR H 193 -64.24 -12.01 5.96
C TYR H 193 -65.06 -12.72 4.89
N GLY H 194 -66.36 -12.83 5.13
CA GLY H 194 -67.29 -13.51 4.24
C GLY H 194 -67.17 -13.16 2.76
N GLY H 195 -66.37 -12.14 2.47
CA GLY H 195 -66.01 -11.78 1.10
C GLY H 195 -64.51 -11.66 0.99
N PHE H 196 -63.97 -12.04 -0.17
CA PHE H 196 -62.53 -11.97 -0.42
C PHE H 196 -62.24 -12.09 -1.92
N THR H 197 -61.33 -11.23 -2.40
CA THR H 197 -60.93 -11.22 -3.80
C THR H 197 -59.50 -10.73 -3.99
N VAL H 198 -58.71 -11.51 -4.72
CA VAL H 198 -57.44 -11.05 -5.26
C VAL H 198 -57.59 -11.07 -6.77
N GLN H 199 -57.07 -10.05 -7.44
CA GLN H 199 -57.24 -9.91 -8.88
C GLN H 199 -56.09 -10.57 -9.64
N ASN H 200 -56.13 -10.50 -10.97
CA ASN H 200 -55.04 -10.96 -11.81
C ASN H 200 -53.80 -10.06 -11.69
N GLU H 201 -52.77 -10.37 -12.49
CA GLU H 201 -51.52 -9.63 -12.45
C GLU H 201 -51.67 -8.16 -12.87
N ALA H 202 -52.19 -7.93 -14.07
CA ALA H 202 -52.36 -6.56 -14.58
C ALA H 202 -53.30 -5.69 -13.72
N ASN H 203 -53.94 -6.31 -12.73
CA ASN H 203 -54.66 -5.57 -11.69
C ASN H 203 -53.88 -5.62 -10.38
N LYS H 204 -52.56 -5.65 -10.49
CA LYS H 204 -51.63 -5.68 -9.37
C LYS H 204 -52.15 -6.46 -8.16
N TYR H 205 -52.72 -7.63 -8.43
CA TYR H 205 -53.24 -8.55 -7.42
C TYR H 205 -54.01 -7.82 -6.33
N GLN H 206 -54.92 -6.95 -6.77
CA GLN H 206 -55.67 -6.07 -5.87
C GLN H 206 -56.55 -6.86 -4.90
N ILE H 207 -56.27 -6.71 -3.61
CA ILE H 207 -57.10 -7.32 -2.57
C ILE H 207 -58.42 -6.54 -2.45
N SER H 208 -59.39 -7.16 -1.77
CA SER H 208 -60.68 -6.54 -1.44
C SER H 208 -61.44 -7.51 -0.56
N VAL H 209 -61.79 -7.06 0.64
CA VAL H 209 -62.57 -7.88 1.57
C VAL H 209 -63.85 -7.18 2.06
N ASN H 210 -64.69 -7.95 2.77
CA ASN H 210 -65.92 -7.47 3.41
C ASN H 210 -66.53 -8.53 4.34
N LYS H 211 -67.63 -8.17 5.00
CA LYS H 211 -68.31 -9.07 5.95
C LYS H 211 -67.40 -9.53 7.08
N TYR H 212 -66.69 -8.58 7.70
CA TYR H 212 -65.82 -8.89 8.83
C TYR H 212 -66.61 -9.32 10.07
N ARG H 213 -66.01 -10.20 10.86
CA ARG H 213 -66.41 -10.47 12.23
C ARG H 213 -65.22 -11.08 12.95
N GLY H 214 -65.26 -11.15 14.27
CA GLY H 214 -64.22 -11.87 15.01
C GLY H 214 -63.40 -11.07 16.01
N THR H 215 -62.62 -11.80 16.80
CA THR H 215 -61.97 -11.29 18.00
C THR H 215 -60.70 -10.44 17.81
N ALA H 216 -60.30 -10.20 16.57
CA ALA H 216 -58.98 -9.59 16.28
C ALA H 216 -58.98 -8.16 15.78
N GLY H 217 -60.14 -7.68 15.32
CA GLY H 217 -60.26 -6.31 14.84
C GLY H 217 -59.99 -6.15 13.36
N ASN H 218 -61.01 -5.66 12.64
CA ASN H 218 -60.98 -5.47 11.20
C ASN H 218 -59.86 -4.54 10.74
N ALA H 219 -58.63 -4.99 10.85
CA ALA H 219 -57.48 -4.20 10.44
C ALA H 219 -57.41 -4.00 8.92
N LEU H 220 -58.12 -4.85 8.17
CA LEU H 220 -57.98 -4.87 6.72
C LEU H 220 -58.85 -3.85 5.99
N MET H 221 -59.97 -3.47 6.62
CA MET H 221 -60.94 -2.55 6.02
C MET H 221 -61.02 -1.22 6.77
N ASP H 222 -61.09 -1.30 8.10
CA ASP H 222 -61.23 -0.11 8.94
C ASP H 222 -59.89 0.61 9.11
N GLY H 223 -58.84 -0.15 9.42
CA GLY H 223 -57.51 0.40 9.70
C GLY H 223 -57.10 0.13 11.13
N ALA H 224 -55.99 0.76 11.54
CA ALA H 224 -55.47 0.62 12.91
C ALA H 224 -56.40 1.23 13.96
N SER H 225 -56.49 0.56 15.11
CA SER H 225 -57.38 0.97 16.19
C SER H 225 -56.88 2.24 16.87
N GLN H 226 -55.56 2.44 16.87
CA GLN H 226 -54.98 3.56 17.59
C GLN H 226 -54.81 4.84 16.77
N LEU H 227 -54.39 4.71 15.50
CA LEU H 227 -54.30 5.90 14.64
C LEU H 227 -55.69 6.40 14.28
N MET H 228 -55.84 7.73 14.17
CA MET H 228 -57.15 8.35 13.91
C MET H 228 -57.09 9.35 12.75
N GLY H 229 -58.26 9.72 12.24
CA GLY H 229 -58.34 10.70 11.14
C GLY H 229 -57.58 10.27 9.91
N GLU H 230 -56.91 11.21 9.26
CA GLU H 230 -56.11 10.92 8.07
C GLU H 230 -55.09 9.82 8.33
N ASN H 231 -54.50 9.83 9.53
CA ASN H 231 -53.50 8.86 9.95
C ASN H 231 -53.98 7.40 10.04
N ARG H 232 -55.30 7.19 10.05
CA ARG H 232 -55.88 5.84 10.02
C ARG H 232 -56.29 5.42 8.61
N THR H 233 -56.82 6.38 7.85
CA THR H 233 -57.25 6.17 6.45
C THR H 233 -56.09 5.69 5.56
N MET H 234 -54.88 5.67 6.11
CA MET H 234 -53.69 5.17 5.40
C MET H 234 -53.26 3.74 5.82
N THR H 235 -53.76 3.26 6.95
CA THR H 235 -53.55 1.87 7.36
C THR H 235 -54.71 0.95 6.91
N ILE H 236 -55.24 1.23 5.72
CA ILE H 236 -56.33 0.43 5.15
C ILE H 236 -55.78 -0.47 4.03
N HIS H 237 -55.94 -1.78 4.22
CA HIS H 237 -55.47 -2.77 3.27
C HIS H 237 -56.48 -3.01 2.15
N ASN H 238 -57.77 -2.84 2.45
CA ASN H 238 -58.84 -3.01 1.47
C ASN H 238 -58.58 -2.23 0.18
N GLY H 239 -59.01 -2.80 -0.95
CA GLY H 239 -58.82 -2.19 -2.27
C GLY H 239 -57.40 -1.76 -2.56
N MET H 240 -56.43 -2.48 -1.99
CA MET H 240 -55.02 -2.16 -2.17
C MET H 240 -54.32 -3.11 -3.12
N PHE H 241 -53.38 -2.57 -3.89
CA PHE H 241 -52.51 -3.35 -4.75
C PHE H 241 -51.43 -4.05 -3.92
N PHE H 242 -50.71 -4.97 -4.56
CA PHE H 242 -49.67 -5.75 -3.91
C PHE H 242 -48.28 -5.21 -4.28
N SER H 243 -47.38 -5.23 -3.31
CA SER H 243 -46.01 -4.73 -3.48
C SER H 243 -44.96 -5.54 -2.71
N THR H 244 -43.78 -5.69 -3.33
CA THR H 244 -42.62 -6.38 -2.73
C THR H 244 -41.39 -5.48 -2.77
N TYR H 245 -40.33 -5.85 -2.03
CA TYR H 245 -39.14 -4.99 -1.92
C TYR H 245 -38.44 -4.65 -3.25
N ASP H 246 -38.82 -5.35 -4.32
CA ASP H 246 -38.34 -5.06 -5.67
C ASP H 246 -39.44 -4.46 -6.55
N ARG H 247 -40.69 -4.59 -6.12
CA ARG H 247 -41.83 -4.01 -6.83
C ARG H 247 -42.63 -3.06 -5.95
N ASP H 248 -42.57 -1.78 -6.29
CA ASP H 248 -43.27 -0.74 -5.54
C ASP H 248 -44.66 -0.50 -6.11
N ASN H 249 -45.67 -0.91 -5.35
CA ASN H 249 -47.07 -0.64 -5.66
C ASN H 249 -47.89 -0.27 -4.42
N ASP H 250 -47.25 0.48 -3.52
CA ASP H 250 -47.91 0.99 -2.29
C ASP H 250 -48.55 2.36 -2.50
N GLY H 251 -49.37 2.76 -1.52
CA GLY H 251 -50.16 3.99 -1.62
C GLY H 251 -49.38 5.29 -1.69
N TRP H 252 -48.06 5.22 -1.64
CA TRP H 252 -47.22 6.41 -1.72
C TRP H 252 -47.08 6.99 -3.12
N LEU H 253 -47.16 8.31 -3.19
CA LEU H 253 -46.91 9.05 -4.42
C LEU H 253 -45.97 10.23 -4.18
N THR H 254 -45.13 10.11 -3.16
CA THR H 254 -43.93 10.95 -3.00
C THR H 254 -42.78 10.22 -3.68
N SER H 255 -42.22 10.86 -4.70
CA SER H 255 -41.24 10.24 -5.59
C SER H 255 -39.85 10.16 -4.96
N ASP H 256 -39.64 9.17 -4.10
CA ASP H 256 -38.33 8.93 -3.48
C ASP H 256 -38.13 7.48 -3.03
N PRO H 257 -36.93 6.90 -3.28
CA PRO H 257 -36.57 5.56 -2.81
C PRO H 257 -36.42 5.44 -1.28
N ARG H 258 -37.08 6.34 -0.54
CA ARG H 258 -37.18 6.23 0.92
C ARG H 258 -38.64 6.20 1.41
N LYS H 259 -39.58 6.32 0.49
CA LYS H 259 -41.01 6.10 0.78
C LYS H 259 -41.57 4.89 0.02
N GLN H 260 -40.92 3.74 0.20
CA GLN H 260 -41.45 2.44 -0.23
C GLN H 260 -41.89 1.74 1.04
N CYS H 261 -43.06 1.11 1.00
CA CYS H 261 -43.57 0.37 2.15
C CYS H 261 -42.80 -0.94 2.37
N SER H 262 -42.36 -1.56 1.28
CA SER H 262 -41.56 -2.78 1.32
C SER H 262 -40.11 -2.50 0.93
N LYS H 263 -39.20 -2.70 1.90
CA LYS H 263 -37.78 -2.53 1.66
C LYS H 263 -37.04 -3.83 1.90
N GLU H 264 -35.86 -3.93 1.30
CA GLU H 264 -34.96 -5.09 1.42
C GLU H 264 -35.18 -5.90 2.71
N ASP H 265 -35.34 -7.22 2.53
CA ASP H 265 -35.55 -8.17 3.63
C ASP H 265 -36.92 -8.03 4.33
N GLY H 266 -37.81 -7.24 3.74
CA GLY H 266 -39.18 -7.15 4.21
C GLY H 266 -40.13 -7.92 3.32
N GLY H 267 -41.17 -8.48 3.94
CA GLY H 267 -42.18 -9.26 3.22
C GLY H 267 -43.01 -8.46 2.21
N GLY H 268 -43.67 -9.17 1.32
CA GLY H 268 -44.57 -8.57 0.33
C GLY H 268 -46.01 -8.70 0.76
N TRP H 269 -46.79 -7.66 0.49
CA TRP H 269 -48.16 -7.55 1.00
C TRP H 269 -48.93 -6.46 0.26
N TRP H 270 -50.19 -6.26 0.64
CA TRP H 270 -51.00 -5.18 0.08
C TRP H 270 -50.77 -3.94 0.93
N TYR H 271 -49.95 -3.05 0.40
CA TYR H 271 -49.43 -1.94 1.17
C TYR H 271 -50.02 -0.60 0.75
N ASN H 272 -50.40 0.20 1.74
CA ASN H 272 -50.93 1.55 1.54
C ASN H 272 -49.90 2.59 2.00
N ARG H 273 -50.05 3.10 3.22
CA ARG H 273 -49.12 4.08 3.79
C ARG H 273 -49.03 4.02 5.33
N CYS H 274 -48.58 2.90 5.92
CA CYS H 274 -48.25 1.68 5.19
C CYS H 274 -49.17 0.51 5.55
N HIS H 275 -49.27 0.20 6.85
CA HIS H 275 -49.89 -1.03 7.26
C HIS H 275 -50.56 -0.99 8.64
N ALA H 276 -51.61 -1.79 8.79
CA ALA H 276 -52.24 -2.08 10.08
C ALA H 276 -51.96 -3.53 10.48
N ALA H 277 -51.56 -4.31 9.48
CA ALA H 277 -51.20 -5.71 9.68
C ALA H 277 -50.25 -6.23 8.58
N ASN H 278 -49.24 -7.00 9.00
CA ASN H 278 -48.38 -7.69 8.07
C ASN H 278 -48.05 -9.12 8.53
N PRO H 279 -48.77 -10.13 7.99
CA PRO H 279 -48.55 -11.54 8.30
C PRO H 279 -47.38 -12.12 7.49
N ASN H 280 -47.00 -11.41 6.43
CA ASN H 280 -45.79 -11.72 5.68
C ASN H 280 -44.58 -10.95 6.24
N GLY H 281 -44.61 -10.73 7.55
CA GLY H 281 -43.58 -9.97 8.22
C GLY H 281 -42.31 -10.77 8.39
N ARG H 282 -41.48 -10.36 9.34
CA ARG H 282 -40.27 -11.08 9.67
C ARG H 282 -40.44 -11.65 11.06
N TYR H 283 -40.14 -12.93 11.20
CA TYR H 283 -40.47 -13.64 12.42
C TYR H 283 -39.50 -13.32 13.58
N TYR H 284 -39.70 -12.18 14.27
CA TYR H 284 -38.89 -11.85 15.46
C TYR H 284 -39.27 -12.82 16.58
N TRP H 285 -38.29 -13.49 17.18
CA TRP H 285 -38.55 -14.40 18.29
C TRP H 285 -39.07 -13.60 19.50
N GLY H 286 -39.59 -14.29 20.52
CA GLY H 286 -40.04 -13.64 21.77
C GLY H 286 -41.20 -12.64 21.70
N GLY H 287 -41.52 -12.18 20.48
CA GLY H 287 -42.62 -11.26 20.24
C GLY H 287 -42.21 -9.80 20.23
N GLN H 288 -41.76 -9.31 21.39
CA GLN H 288 -41.39 -7.91 21.61
C GLN H 288 -40.21 -7.49 20.75
N TYR H 289 -40.40 -6.48 19.92
CA TYR H 289 -39.28 -6.03 19.09
C TYR H 289 -39.20 -4.51 18.86
N THR H 290 -38.08 -3.93 19.28
CA THR H 290 -37.88 -2.49 19.37
C THR H 290 -37.30 -1.89 18.08
N TRP H 291 -37.33 -0.57 17.99
CA TRP H 291 -36.90 0.15 16.79
C TRP H 291 -35.46 -0.14 16.35
N ASP H 292 -34.60 -0.46 17.31
CA ASP H 292 -33.18 -0.65 17.04
C ASP H 292 -32.80 -2.12 16.85
N MET H 293 -33.82 -2.97 16.65
CA MET H 293 -33.62 -4.37 16.26
C MET H 293 -33.94 -4.52 14.79
N ALA H 294 -34.90 -3.74 14.30
CA ALA H 294 -35.35 -3.79 12.91
C ALA H 294 -34.26 -3.37 11.94
N LYS H 295 -34.24 -3.98 10.75
CA LYS H 295 -33.22 -3.65 9.75
C LYS H 295 -33.30 -2.20 9.28
N HIS H 296 -34.52 -1.68 9.13
CA HIS H 296 -34.72 -0.32 8.64
C HIS H 296 -35.27 0.61 9.72
N GLY H 297 -35.39 0.09 10.93
CA GLY H 297 -35.95 0.84 12.06
C GLY H 297 -37.46 0.84 12.05
N THR H 298 -38.04 0.35 10.96
CA THR H 298 -39.48 0.31 10.81
C THR H 298 -40.08 -0.95 11.45
N ASP H 299 -41.41 -1.02 11.39
CA ASP H 299 -42.18 -2.11 11.92
C ASP H 299 -42.47 -3.13 10.82
N ASP H 300 -41.58 -4.10 10.67
CA ASP H 300 -41.62 -5.01 9.53
C ASP H 300 -41.96 -6.45 9.93
N GLY H 301 -42.28 -6.65 11.20
CA GLY H 301 -42.58 -7.99 11.73
C GLY H 301 -43.98 -8.54 11.45
N VAL H 302 -44.24 -9.73 12.00
CA VAL H 302 -45.57 -10.36 11.91
C VAL H 302 -46.53 -9.61 12.82
N VAL H 303 -47.12 -8.57 12.21
CA VAL H 303 -47.79 -7.51 12.91
C VAL H 303 -49.28 -7.47 12.55
N TRP H 304 -50.12 -7.56 13.57
CA TRP H 304 -51.55 -7.28 13.47
C TRP H 304 -51.77 -6.17 14.50
N MET H 305 -51.88 -4.93 14.01
CA MET H 305 -51.88 -3.78 14.91
C MET H 305 -53.08 -3.79 15.87
N ASN H 306 -54.27 -3.93 15.31
CA ASN H 306 -55.53 -3.90 16.06
C ASN H 306 -55.66 -4.82 17.26
N TRP H 307 -54.71 -5.73 17.46
CA TRP H 307 -54.71 -6.57 18.65
C TRP H 307 -53.45 -6.48 19.51
N LYS H 308 -52.32 -6.08 18.93
CA LYS H 308 -51.07 -6.12 19.72
C LYS H 308 -50.13 -4.92 19.62
N GLY H 309 -50.50 -3.92 18.82
CA GLY H 309 -49.70 -2.70 18.77
C GLY H 309 -48.89 -2.60 17.50
N SER H 310 -47.64 -2.18 17.63
CA SER H 310 -46.81 -1.98 16.46
C SER H 310 -45.42 -2.60 16.62
N TRP H 311 -45.11 -3.09 17.79
CA TRP H 311 -43.80 -3.67 17.99
C TRP H 311 -43.95 -5.02 18.67
N TYR H 312 -44.76 -5.85 18.01
CA TYR H 312 -45.05 -7.23 18.40
C TYR H 312 -45.18 -8.12 17.17
N SER H 313 -44.34 -9.15 17.12
CA SER H 313 -44.35 -10.13 16.04
C SER H 313 -45.04 -11.40 16.54
N MET H 314 -46.07 -11.82 15.79
CA MET H 314 -46.93 -12.94 16.17
C MET H 314 -46.19 -14.28 16.23
N ARG H 315 -46.53 -15.10 17.22
CA ARG H 315 -45.97 -16.46 17.33
C ARG H 315 -46.45 -17.38 16.21
N LYS H 316 -47.77 -17.41 15.97
CA LYS H 316 -48.38 -18.18 14.88
C LYS H 316 -49.31 -17.29 14.06
N MET H 317 -49.46 -17.57 12.77
CA MET H 317 -50.40 -16.81 11.95
C MET H 317 -50.69 -17.47 10.62
N SER H 318 -51.93 -17.89 10.45
CA SER H 318 -52.33 -18.64 9.26
C SER H 318 -53.45 -17.95 8.46
N MET H 319 -53.52 -18.27 7.17
CA MET H 319 -54.57 -17.72 6.31
C MET H 319 -55.28 -18.81 5.50
N LYS H 320 -56.43 -19.26 6.01
CA LYS H 320 -57.21 -20.34 5.42
C LYS H 320 -58.47 -19.78 4.72
N ILE H 321 -58.81 -20.33 3.56
CA ILE H 321 -60.02 -19.92 2.82
C ILE H 321 -60.95 -21.09 2.45
N ARG H 322 -62.16 -20.74 2.01
CA ARG H 322 -63.26 -21.66 1.77
C ARG H 322 -64.30 -20.92 0.91
N PRO H 323 -65.00 -21.63 0.02
CA PRO H 323 -66.09 -20.98 -0.72
C PRO H 323 -67.30 -20.62 0.16
N PHE H 324 -68.13 -19.70 -0.34
CA PHE H 324 -69.22 -19.10 0.43
C PHE H 324 -70.53 -19.87 0.29
N PHE H 325 -71.03 -20.35 1.43
CA PHE H 325 -72.20 -21.23 1.45
C PHE H 325 -73.08 -21.03 2.70
N PRO H 326 -72.48 -20.97 3.91
CA PRO H 326 -73.24 -21.04 5.18
C PRO H 326 -74.44 -20.08 5.31
N GLN H 327 -74.41 -18.97 4.58
CA GLN H 327 -75.46 -17.94 4.61
C GLN H 327 -75.44 -17.17 5.92
N ILE I 6 3.34 20.92 35.76
CA ILE I 6 3.32 20.85 34.26
C ILE I 6 4.69 20.45 33.74
N MET I 7 4.69 19.36 32.97
CA MET I 7 5.89 18.69 32.48
C MET I 7 5.41 17.47 31.70
N LYS I 8 4.61 16.66 32.39
CA LYS I 8 3.97 15.46 31.85
C LYS I 8 2.54 15.75 31.39
N TYR I 9 2.10 16.99 31.60
CA TYR I 9 0.83 17.49 31.06
C TYR I 9 1.00 17.86 29.59
N GLU I 10 2.09 17.40 29.01
CA GLU I 10 2.38 17.51 27.58
C GLU I 10 2.92 16.15 27.11
N ALA I 11 3.04 15.23 28.06
CA ALA I 11 3.47 13.86 27.80
C ALA I 11 2.28 12.90 27.82
N SER I 12 1.30 13.21 28.67
CA SER I 12 0.10 12.39 28.77
C SER I 12 -0.87 12.59 27.60
N ILE I 13 -0.75 13.73 26.90
CA ILE I 13 -1.47 13.94 25.65
C ILE I 13 -1.01 12.94 24.57
N LEU I 14 0.18 12.35 24.75
CA LEU I 14 0.67 11.30 23.87
C LEU I 14 0.28 9.93 24.37
N THR I 15 0.41 9.70 25.68
CA THR I 15 -0.07 8.47 26.30
C THR I 15 -1.57 8.32 26.02
N HIS I 16 -2.24 9.45 25.79
CA HIS I 16 -3.66 9.46 25.46
C HIS I 16 -3.93 9.95 24.03
N ASP I 17 -2.96 9.76 23.14
CA ASP I 17 -3.17 10.00 21.72
C ASP I 17 -3.00 8.70 20.95
N SER I 18 -2.14 7.84 21.47
CA SER I 18 -2.05 6.45 21.01
C SER I 18 -3.41 5.81 21.24
N SER I 19 -3.95 6.05 22.45
CA SER I 19 -5.26 5.52 22.83
C SER I 19 -6.41 6.31 22.18
N ILE I 20 -6.14 6.88 21.01
CA ILE I 20 -7.18 7.43 20.16
C ILE I 20 -7.00 6.78 18.81
N ARG I 21 -5.78 6.86 18.28
CA ARG I 21 -5.47 6.28 16.99
C ARG I 21 -5.59 4.76 17.01
N TYR I 22 -5.40 4.14 18.17
CA TYR I 22 -5.63 2.70 18.31
C TYR I 22 -7.09 2.36 18.50
N LEU I 23 -7.82 3.19 19.26
CA LEU I 23 -9.25 2.99 19.38
C LEU I 23 -9.93 3.17 18.03
N GLN I 24 -9.55 4.21 17.30
CA GLN I 24 -10.04 4.40 15.94
C GLN I 24 -9.61 3.23 15.03
N GLU I 25 -8.55 2.54 15.42
CA GLU I 25 -8.03 1.47 14.60
C GLU I 25 -8.91 0.23 14.71
N ILE I 26 -9.22 -0.15 15.96
CA ILE I 26 -10.17 -1.23 16.21
C ILE I 26 -11.45 -0.92 15.45
N TYR I 27 -12.09 0.20 15.78
CA TYR I 27 -13.30 0.63 15.11
C TYR I 27 -13.26 0.40 13.60
N ASN I 28 -12.32 1.04 12.92
CA ASN I 28 -12.22 0.95 11.45
C ASN I 28 -12.09 -0.48 10.91
N SER I 29 -11.43 -1.34 11.69
CA SER I 29 -11.34 -2.77 11.38
C SER I 29 -12.70 -3.43 11.46
N ASN I 30 -13.40 -3.19 12.56
CA ASN I 30 -14.75 -3.71 12.77
C ASN I 30 -15.72 -3.28 11.68
N ASN I 31 -15.67 -2.01 11.32
CA ASN I 31 -16.49 -1.53 10.22
C ASN I 31 -16.14 -2.17 8.88
N GLN I 32 -14.94 -2.73 8.77
CA GLN I 32 -14.55 -3.47 7.57
C GLN I 32 -14.94 -4.93 7.73
N LYS I 33 -14.70 -5.46 8.93
CA LYS I 33 -15.01 -6.84 9.27
C LYS I 33 -16.52 -7.13 9.17
N ILE I 34 -17.32 -6.11 9.52
CA ILE I 34 -18.78 -6.14 9.42
C ILE I 34 -19.23 -6.12 7.97
N VAL I 35 -18.73 -5.18 7.18
CA VAL I 35 -19.09 -5.12 5.76
C VAL I 35 -18.63 -6.40 5.04
N ASN I 36 -17.80 -7.19 5.71
CA ASN I 36 -17.36 -8.49 5.20
C ASN I 36 -18.30 -9.64 5.55
N LEU I 37 -18.76 -9.68 6.80
CA LEU I 37 -19.77 -10.63 7.26
C LEU I 37 -21.14 -10.36 6.63
N LYS I 38 -21.31 -9.19 6.03
CA LYS I 38 -22.55 -8.86 5.34
C LYS I 38 -22.61 -9.52 3.97
N GLU I 39 -21.45 -9.76 3.37
CA GLU I 39 -21.37 -10.55 2.14
C GLU I 39 -21.70 -12.01 2.46
N LYS I 40 -21.09 -12.53 3.53
CA LYS I 40 -21.23 -13.94 3.90
C LYS I 40 -22.61 -14.31 4.40
N VAL I 41 -23.43 -13.32 4.71
CA VAL I 41 -24.84 -13.59 5.00
C VAL I 41 -25.64 -13.66 3.71
N ALA I 42 -25.41 -12.71 2.80
CA ALA I 42 -26.05 -12.73 1.48
C ALA I 42 -25.82 -14.06 0.75
N GLN I 43 -24.74 -14.76 1.14
CA GLN I 43 -24.42 -16.09 0.62
C GLN I 43 -25.11 -17.21 1.40
N LEU I 44 -25.75 -16.87 2.51
CA LEU I 44 -26.55 -17.83 3.25
C LEU I 44 -28.03 -17.62 2.98
N GLU I 45 -28.35 -16.52 2.30
CA GLU I 45 -29.73 -16.26 1.90
C GLU I 45 -30.08 -17.18 0.75
N ALA I 46 -29.34 -17.09 -0.35
CA ALA I 46 -29.57 -17.93 -1.51
C ALA I 46 -29.61 -19.44 -1.14
N GLN I 47 -28.87 -19.80 -0.09
CA GLN I 47 -28.80 -21.20 0.35
C GLN I 47 -30.01 -21.64 1.18
N CYS I 48 -30.85 -20.69 1.59
CA CYS I 48 -32.05 -21.01 2.36
C CYS I 48 -33.35 -20.49 1.72
N GLN I 49 -33.54 -20.87 0.46
CA GLN I 49 -34.74 -20.55 -0.29
C GLN I 49 -35.44 -21.84 -0.72
N GLU I 50 -34.66 -22.92 -0.82
CA GLU I 50 -35.16 -24.18 -1.35
C GLU I 50 -36.01 -24.93 -0.34
N PRO I 51 -37.24 -25.28 -0.75
CA PRO I 51 -38.12 -26.09 0.12
C PRO I 51 -37.51 -27.48 0.34
N CYS I 52 -37.66 -28.03 1.55
CA CYS I 52 -37.22 -29.39 1.86
C CYS I 52 -37.43 -30.34 0.68
N LYS I 53 -36.50 -31.26 0.44
CA LYS I 53 -36.59 -32.13 -0.74
C LYS I 53 -37.63 -33.26 -0.57
N ASP I 54 -38.64 -33.23 -1.43
CA ASP I 54 -39.72 -34.19 -1.39
C ASP I 54 -39.39 -35.39 -2.28
N THR I 55 -39.35 -36.57 -1.66
CA THR I 55 -39.07 -37.83 -2.37
C THR I 55 -40.14 -38.14 -3.41
N VAL I 56 -41.39 -38.05 -2.99
CA VAL I 56 -42.57 -38.36 -3.80
C VAL I 56 -42.73 -37.38 -4.96
N GLN I 57 -42.58 -37.86 -6.20
CA GLN I 57 -42.72 -36.97 -7.35
C GLN I 57 -43.73 -37.46 -8.39
N ILE I 58 -43.96 -36.65 -9.42
CA ILE I 58 -44.97 -36.97 -10.43
C ILE I 58 -44.41 -36.78 -11.83
N HIS I 59 -44.58 -37.80 -12.67
CA HIS I 59 -44.01 -37.78 -14.03
C HIS I 59 -44.86 -36.95 -14.98
N ASP I 60 -44.27 -36.51 -16.07
CA ASP I 60 -44.93 -35.57 -16.98
C ASP I 60 -45.64 -36.24 -18.15
N ILE I 61 -45.83 -37.55 -18.07
CA ILE I 61 -46.48 -38.32 -19.13
C ILE I 61 -47.95 -38.60 -18.79
N THR I 62 -48.83 -38.17 -19.69
CA THR I 62 -50.28 -38.39 -19.57
C THR I 62 -50.75 -39.60 -20.41
N GLY I 63 -52.04 -39.95 -20.31
CA GLY I 63 -52.59 -41.04 -21.10
C GLY I 63 -53.94 -41.50 -20.60
N LYS I 64 -54.48 -42.54 -21.24
CA LYS I 64 -55.85 -42.99 -20.94
C LYS I 64 -55.89 -44.00 -19.79
N ASP I 65 -54.76 -44.67 -19.57
CA ASP I 65 -54.59 -45.72 -18.56
C ASP I 65 -53.09 -45.91 -18.41
N CYS I 66 -52.66 -46.62 -17.36
CA CYS I 66 -51.23 -46.89 -17.18
C CYS I 66 -50.55 -47.45 -18.44
N GLN I 67 -51.34 -48.12 -19.28
CA GLN I 67 -50.86 -48.58 -20.56
C GLN I 67 -50.45 -47.40 -21.43
N ASP I 68 -51.39 -46.58 -21.87
CA ASP I 68 -51.10 -45.52 -22.84
C ASP I 68 -49.87 -44.70 -22.45
N ILE I 69 -49.60 -44.65 -21.14
CA ILE I 69 -48.36 -44.08 -20.62
C ILE I 69 -47.16 -44.85 -21.16
N ALA I 70 -47.12 -46.16 -20.91
CA ALA I 70 -46.00 -47.03 -21.33
C ALA I 70 -45.83 -47.09 -22.84
N ASN I 71 -46.94 -46.96 -23.56
CA ASN I 71 -46.91 -46.96 -25.03
C ASN I 71 -46.37 -45.64 -25.57
N LYS I 72 -46.49 -44.59 -24.77
CA LYS I 72 -46.06 -43.24 -25.17
C LYS I 72 -44.56 -43.01 -24.95
N GLY I 73 -44.01 -43.63 -23.91
CA GLY I 73 -42.58 -43.61 -23.68
C GLY I 73 -42.10 -44.08 -22.32
N ALA I 74 -43.04 -44.31 -21.39
CA ALA I 74 -42.70 -44.50 -19.97
C ALA I 74 -41.72 -45.64 -19.66
N LYS I 75 -41.39 -45.82 -18.38
CA LYS I 75 -40.47 -46.90 -17.96
C LYS I 75 -40.49 -47.21 -16.46
N GLN I 76 -40.94 -46.25 -15.63
CA GLN I 76 -40.76 -46.38 -14.18
C GLN I 76 -42.02 -46.61 -13.35
N SER I 77 -41.98 -47.68 -12.54
CA SER I 77 -43.03 -47.96 -11.57
C SER I 77 -43.23 -46.73 -10.70
N GLY I 78 -44.28 -45.96 -11.01
CA GLY I 78 -44.56 -44.72 -10.27
C GLY I 78 -45.91 -44.07 -10.48
N LEU I 79 -46.02 -42.83 -10.00
CA LEU I 79 -47.27 -42.10 -10.01
C LEU I 79 -47.39 -41.22 -11.25
N TYR I 80 -48.54 -41.29 -11.91
CA TYR I 80 -48.84 -40.44 -13.08
C TYR I 80 -50.31 -40.00 -13.12
N PHE I 81 -50.59 -39.05 -14.01
CA PHE I 81 -51.93 -38.57 -14.23
C PHE I 81 -52.52 -39.15 -15.51
N ILE I 82 -53.65 -39.86 -15.36
CA ILE I 82 -54.42 -40.41 -16.49
C ILE I 82 -55.80 -39.74 -16.66
N LYS I 83 -56.25 -39.65 -17.90
CA LYS I 83 -57.55 -39.06 -18.18
C LYS I 83 -58.33 -39.89 -19.21
N PRO I 84 -59.15 -40.86 -18.72
CA PRO I 84 -60.00 -41.69 -19.55
C PRO I 84 -61.06 -40.85 -20.26
N LEU I 85 -61.41 -41.25 -21.49
CA LEU I 85 -62.30 -40.50 -22.39
C LEU I 85 -63.42 -39.68 -21.72
N LYS I 86 -64.25 -40.37 -20.93
CA LYS I 86 -65.50 -39.80 -20.40
C LYS I 86 -65.36 -39.13 -19.03
N ALA I 87 -64.19 -39.26 -18.39
CA ALA I 87 -63.91 -38.58 -17.11
C ALA I 87 -63.67 -37.08 -17.31
N ASN I 88 -64.20 -36.27 -16.41
CA ASN I 88 -64.16 -34.82 -16.57
C ASN I 88 -62.82 -34.18 -16.25
N GLN I 89 -62.19 -34.64 -15.17
CA GLN I 89 -60.91 -34.08 -14.73
C GLN I 89 -59.91 -35.17 -14.41
N GLN I 90 -58.72 -35.07 -15.00
CA GLN I 90 -57.62 -36.03 -14.85
C GLN I 90 -57.26 -36.35 -13.40
N PHE I 91 -56.92 -37.60 -13.11
CA PHE I 91 -56.59 -38.00 -11.74
C PHE I 91 -55.29 -38.81 -11.60
N LEU I 92 -54.93 -39.10 -10.35
CA LEU I 92 -53.61 -39.67 -10.05
C LEU I 92 -53.68 -41.16 -9.73
N VAL I 93 -52.88 -41.95 -10.46
CA VAL I 93 -52.74 -43.39 -10.21
C VAL I 93 -51.29 -43.83 -9.99
N TYR I 94 -51.13 -44.93 -9.27
CA TYR I 94 -49.85 -45.62 -9.15
C TYR I 94 -49.68 -46.69 -10.25
N CYS I 95 -49.04 -46.32 -11.35
CA CYS I 95 -48.66 -47.28 -12.38
C CYS I 95 -47.74 -48.36 -11.87
N GLU I 96 -47.50 -49.38 -12.69
CA GLU I 96 -46.56 -50.45 -12.37
C GLU I 96 -46.04 -51.03 -13.68
N ILE I 97 -44.93 -50.49 -14.14
CA ILE I 97 -44.33 -50.93 -15.40
C ILE I 97 -43.17 -51.90 -15.15
N ASP I 98 -43.22 -53.05 -15.83
CA ASP I 98 -42.10 -53.97 -15.90
C ASP I 98 -41.31 -53.74 -17.19
N GLY I 99 -40.14 -54.38 -17.28
CA GLY I 99 -39.29 -54.24 -18.46
C GLY I 99 -39.87 -54.94 -19.68
N SER I 100 -41.13 -54.63 -19.98
CA SER I 100 -41.86 -55.30 -21.06
C SER I 100 -42.66 -54.29 -21.90
N GLY I 101 -43.30 -53.36 -21.21
CA GLY I 101 -44.16 -52.36 -21.86
C GLY I 101 -45.57 -52.42 -21.30
N ASN I 102 -45.74 -53.17 -20.23
CA ASN I 102 -47.04 -53.41 -19.63
C ASN I 102 -47.43 -52.32 -18.64
N GLY I 103 -48.59 -51.71 -18.86
CA GLY I 103 -49.08 -50.60 -18.04
C GLY I 103 -50.16 -51.01 -17.07
N TRP I 104 -49.75 -51.41 -15.87
CA TRP I 104 -50.66 -51.87 -14.84
C TRP I 104 -51.22 -50.78 -13.93
N THR I 105 -52.42 -50.33 -14.24
CA THR I 105 -53.16 -49.43 -13.37
C THR I 105 -53.55 -50.19 -12.10
N VAL I 106 -52.83 -49.97 -11.01
CA VAL I 106 -53.18 -50.60 -9.75
C VAL I 106 -54.31 -49.81 -9.10
N PHE I 107 -55.14 -50.49 -8.31
CA PHE I 107 -56.29 -49.84 -7.66
C PHE I 107 -56.64 -50.41 -6.28
N GLN I 108 -55.79 -51.30 -5.77
CA GLN I 108 -55.93 -51.78 -4.40
C GLN I 108 -54.59 -52.25 -3.89
N LYS I 109 -54.39 -52.15 -2.57
CA LYS I 109 -53.20 -52.63 -1.89
C LYS I 109 -53.47 -52.81 -0.40
N ARG I 110 -52.84 -53.81 0.19
CA ARG I 110 -52.71 -53.95 1.65
C ARG I 110 -51.25 -54.29 1.94
N LEU I 111 -50.76 -53.94 3.13
CA LEU I 111 -49.33 -54.01 3.43
C LEU I 111 -49.01 -54.24 4.90
N ASP I 112 -49.59 -53.40 5.77
CA ASP I 112 -49.18 -53.30 7.16
C ASP I 112 -50.35 -53.20 8.15
N GLY I 113 -51.34 -52.39 7.81
CA GLY I 113 -52.50 -52.17 8.67
C GLY I 113 -52.82 -50.70 8.91
N SER I 114 -51.94 -49.82 8.40
CA SER I 114 -52.02 -48.38 8.63
C SER I 114 -53.38 -47.78 8.27
N VAL I 115 -53.72 -47.82 6.98
CA VAL I 115 -55.01 -47.33 6.50
C VAL I 115 -56.10 -48.35 6.85
N ASP I 116 -57.23 -47.87 7.35
CA ASP I 116 -58.35 -48.72 7.75
C ASP I 116 -59.47 -48.67 6.72
N PHE I 117 -59.93 -49.84 6.28
CA PHE I 117 -60.87 -49.93 5.16
C PHE I 117 -62.35 -49.92 5.53
N LYS I 118 -62.65 -49.80 6.82
CA LYS I 118 -64.03 -49.66 7.29
C LYS I 118 -64.55 -48.26 6.96
N LYS I 119 -65.04 -48.09 5.73
CA LYS I 119 -65.40 -46.77 5.20
C LYS I 119 -66.81 -46.67 4.59
N ASN I 120 -67.31 -45.44 4.46
CA ASN I 120 -68.66 -45.18 3.95
C ASN I 120 -68.76 -45.18 2.43
N TRP I 121 -69.99 -45.07 1.92
CA TRP I 121 -70.25 -45.14 0.50
C TRP I 121 -69.43 -44.11 -0.30
N ILE I 122 -69.49 -42.86 0.14
CA ILE I 122 -68.90 -41.75 -0.63
C ILE I 122 -67.36 -41.82 -0.61
N GLN I 123 -66.83 -42.45 0.44
CA GLN I 123 -65.40 -42.76 0.52
C GLN I 123 -64.96 -43.75 -0.57
N TYR I 124 -65.54 -44.94 -0.61
CA TYR I 124 -65.23 -45.91 -1.66
C TYR I 124 -65.54 -45.37 -3.04
N LYS I 125 -66.57 -44.53 -3.13
CA LYS I 125 -66.89 -43.88 -4.39
C LYS I 125 -65.70 -43.06 -4.89
N GLU I 126 -65.11 -42.28 -3.98
CA GLU I 126 -64.11 -41.27 -4.33
C GLU I 126 -62.66 -41.73 -4.11
N GLY I 127 -62.46 -42.60 -3.15
CA GLY I 127 -61.16 -43.19 -2.86
C GLY I 127 -60.61 -42.79 -1.51
N PHE I 128 -59.80 -43.66 -0.92
CA PHE I 128 -59.18 -43.34 0.37
C PHE I 128 -57.84 -44.05 0.61
N GLY I 129 -56.89 -43.31 1.16
CA GLY I 129 -55.53 -43.82 1.42
C GLY I 129 -54.52 -42.90 0.76
N HIS I 130 -53.29 -43.41 0.60
CA HIS I 130 -52.20 -42.63 0.00
C HIS I 130 -51.43 -43.42 -1.08
N LEU I 131 -50.95 -42.69 -2.09
CA LEU I 131 -50.27 -43.27 -3.25
C LEU I 131 -48.76 -43.08 -3.26
N SER I 132 -48.01 -44.02 -2.68
CA SER I 132 -46.53 -43.96 -2.75
C SER I 132 -45.99 -44.30 -4.15
N PRO I 133 -44.90 -43.63 -4.59
CA PRO I 133 -44.24 -44.02 -5.85
C PRO I 133 -43.25 -45.17 -5.64
N THR I 134 -43.26 -45.72 -4.44
CA THR I 134 -42.53 -46.95 -4.13
C THR I 134 -43.50 -48.06 -3.75
N GLY I 135 -44.80 -47.76 -3.84
CA GLY I 135 -45.87 -48.71 -3.55
C GLY I 135 -45.86 -49.26 -2.12
N THR I 136 -45.36 -48.45 -1.17
CA THR I 136 -45.24 -48.87 0.23
C THR I 136 -46.47 -48.50 1.07
N THR I 137 -47.49 -47.95 0.41
CA THR I 137 -48.69 -47.44 1.07
C THR I 137 -49.96 -48.16 0.67
N GLU I 138 -50.75 -48.57 1.68
CA GLU I 138 -52.10 -49.13 1.46
C GLU I 138 -53.03 -48.09 0.83
N PHE I 139 -54.06 -48.54 0.10
CA PHE I 139 -55.07 -47.63 -0.49
C PHE I 139 -56.22 -48.27 -1.29
N TRP I 140 -57.35 -47.56 -1.38
CA TRP I 140 -58.43 -47.86 -2.32
C TRP I 140 -58.60 -46.71 -3.33
N LEU I 141 -58.50 -47.00 -4.62
CA LEU I 141 -58.50 -45.93 -5.64
C LEU I 141 -59.84 -45.22 -5.81
N GLY I 142 -60.94 -45.93 -5.59
CA GLY I 142 -62.26 -45.31 -5.72
C GLY I 142 -63.03 -45.78 -6.93
N ASN I 143 -64.24 -46.28 -6.66
CA ASN I 143 -65.05 -46.99 -7.64
C ASN I 143 -65.35 -46.19 -8.89
N GLU I 144 -65.69 -44.92 -8.72
CA GLU I 144 -65.95 -44.07 -9.87
C GLU I 144 -64.78 -44.09 -10.84
N LYS I 145 -63.57 -44.24 -10.29
CA LYS I 145 -62.35 -44.29 -11.11
C LYS I 145 -62.23 -45.63 -11.82
N ILE I 146 -62.24 -46.71 -11.03
CA ILE I 146 -62.28 -48.06 -11.58
C ILE I 146 -63.23 -48.08 -12.77
N HIS I 147 -64.50 -47.82 -12.50
CA HIS I 147 -65.54 -47.75 -13.51
C HIS I 147 -65.07 -46.97 -14.73
N LEU I 148 -64.54 -45.77 -14.52
CA LEU I 148 -64.17 -44.89 -15.62
C LEU I 148 -63.05 -45.45 -16.49
N ILE I 149 -62.09 -46.11 -15.84
CA ILE I 149 -60.95 -46.69 -16.54
C ILE I 149 -61.37 -47.92 -17.33
N SER I 150 -61.81 -48.96 -16.61
CA SER I 150 -62.16 -50.26 -17.17
C SER I 150 -63.20 -50.18 -18.29
N THR I 151 -64.24 -49.39 -18.06
CA THR I 151 -65.38 -49.33 -18.97
C THR I 151 -65.23 -48.32 -20.12
N GLN I 152 -64.02 -48.14 -20.65
CA GLN I 152 -63.89 -47.45 -21.92
C GLN I 152 -63.95 -48.50 -23.02
N SER I 153 -64.76 -48.23 -24.03
CA SER I 153 -65.11 -49.23 -25.04
C SER I 153 -63.95 -49.62 -25.98
N ALA I 154 -64.26 -50.59 -26.86
CA ALA I 154 -63.37 -51.09 -27.91
C ALA I 154 -62.11 -51.80 -27.41
N ILE I 155 -62.08 -52.12 -26.12
CA ILE I 155 -60.93 -52.77 -25.49
C ILE I 155 -61.24 -53.06 -24.02
N PRO I 156 -61.33 -54.35 -23.67
CA PRO I 156 -61.66 -54.80 -22.31
C PRO I 156 -60.41 -55.00 -21.46
N TYR I 157 -60.56 -54.85 -20.14
CA TYR I 157 -59.40 -54.97 -19.25
C TYR I 157 -59.41 -56.33 -18.61
N ALA I 158 -58.45 -56.59 -17.75
CA ALA I 158 -58.42 -57.85 -17.01
C ALA I 158 -57.80 -57.63 -15.65
N LEU I 159 -58.56 -57.93 -14.60
CA LEU I 159 -58.08 -57.79 -13.24
C LEU I 159 -57.03 -58.84 -12.94
N ARG I 160 -55.91 -58.40 -12.38
CA ARG I 160 -55.03 -59.32 -11.67
C ARG I 160 -55.04 -59.02 -10.18
N VAL I 161 -55.60 -59.95 -9.42
CA VAL I 161 -55.34 -60.03 -8.00
C VAL I 161 -53.93 -60.60 -7.85
N GLU I 162 -53.12 -59.99 -6.99
CA GLU I 162 -51.84 -60.57 -6.56
C GLU I 162 -51.97 -60.85 -5.07
N LEU I 163 -51.22 -61.82 -4.57
CA LEU I 163 -51.30 -62.15 -3.14
C LEU I 163 -49.95 -62.48 -2.50
N GLU I 164 -49.93 -62.44 -1.18
CA GLU I 164 -48.75 -62.75 -0.37
C GLU I 164 -49.18 -63.10 1.06
N ASP I 165 -48.30 -63.81 1.76
CA ASP I 165 -48.60 -64.27 3.11
C ASP I 165 -47.47 -63.97 4.10
N TRP I 166 -47.69 -64.37 5.35
CA TRP I 166 -46.70 -64.25 6.41
C TRP I 166 -45.78 -65.47 6.41
N ASN I 167 -45.60 -66.04 5.21
CA ASN I 167 -44.76 -67.22 5.00
C ASN I 167 -43.76 -66.95 3.88
N GLY I 168 -44.05 -65.91 3.09
CA GLY I 168 -43.18 -65.52 2.00
C GLY I 168 -43.68 -65.95 0.62
N ARG I 169 -44.69 -66.82 0.58
CA ARG I 169 -45.23 -67.31 -0.67
C ARG I 169 -46.11 -66.29 -1.40
N THR I 170 -46.01 -66.29 -2.73
CA THR I 170 -46.73 -65.35 -3.59
C THR I 170 -47.55 -66.10 -4.65
N SER I 171 -48.83 -65.76 -4.76
CA SER I 171 -49.73 -66.39 -5.73
C SER I 171 -50.57 -65.37 -6.49
N THR I 172 -50.80 -65.63 -7.78
CA THR I 172 -51.67 -64.78 -8.61
C THR I 172 -53.00 -65.47 -8.97
N ALA I 173 -53.95 -64.67 -9.48
CA ALA I 173 -55.24 -65.13 -10.01
C ALA I 173 -55.73 -64.07 -10.99
N ASP I 174 -56.20 -64.50 -12.17
CA ASP I 174 -56.64 -63.55 -13.20
C ASP I 174 -58.15 -63.63 -13.43
N TYR I 175 -58.71 -62.59 -14.06
CA TYR I 175 -60.12 -62.56 -14.46
C TYR I 175 -60.26 -61.72 -15.72
N ALA I 176 -61.15 -62.15 -16.62
CA ALA I 176 -61.22 -61.58 -17.97
C ALA I 176 -62.28 -60.48 -18.09
N MET I 177 -62.33 -59.87 -19.28
CA MET I 177 -63.25 -58.77 -19.62
C MET I 177 -63.85 -58.08 -18.37
N PHE I 178 -63.01 -57.30 -17.71
CA PHE I 178 -63.35 -56.69 -16.43
C PHE I 178 -64.10 -55.38 -16.64
N LYS I 179 -65.07 -55.14 -15.77
CA LYS I 179 -65.84 -53.90 -15.73
C LYS I 179 -66.35 -53.62 -14.31
N VAL I 180 -66.52 -52.33 -14.00
CA VAL I 180 -67.39 -51.91 -12.88
C VAL I 180 -68.50 -51.00 -13.41
N GLY I 181 -69.73 -51.33 -13.00
CA GLY I 181 -70.92 -50.65 -13.50
C GLY I 181 -71.12 -49.33 -12.81
N PRO I 182 -71.76 -48.35 -13.49
CA PRO I 182 -71.95 -47.00 -12.96
C PRO I 182 -72.52 -47.01 -11.54
N GLU I 183 -72.54 -45.84 -10.91
CA GLU I 183 -73.11 -45.70 -9.57
C GLU I 183 -74.60 -45.98 -9.69
N ALA I 184 -75.16 -45.63 -10.86
CA ALA I 184 -76.50 -46.03 -11.26
C ALA I 184 -76.75 -47.52 -10.92
N ASP I 185 -75.91 -48.39 -11.46
CA ASP I 185 -76.00 -49.85 -11.22
C ASP I 185 -75.40 -50.26 -9.87
N LYS I 186 -75.08 -49.28 -9.03
CA LYS I 186 -74.49 -49.48 -7.70
C LYS I 186 -73.11 -50.14 -7.75
N TYR I 187 -72.34 -49.75 -8.77
CA TYR I 187 -70.97 -50.22 -8.99
C TYR I 187 -70.84 -51.75 -9.02
N ARG I 188 -71.22 -52.34 -10.14
CA ARG I 188 -71.36 -53.80 -10.26
C ARG I 188 -70.13 -54.50 -10.86
N LEU I 189 -69.69 -55.56 -10.20
CA LEU I 189 -68.57 -56.36 -10.68
C LEU I 189 -69.02 -57.34 -11.78
N THR I 190 -68.43 -57.22 -12.97
CA THR I 190 -68.74 -58.13 -14.07
C THR I 190 -67.52 -58.52 -14.92
N TYR I 191 -67.00 -59.73 -14.69
CA TYR I 191 -65.98 -60.32 -15.57
C TYR I 191 -66.57 -61.40 -16.49
N ALA I 192 -65.80 -61.79 -17.51
CA ALA I 192 -66.20 -62.87 -18.42
C ALA I 192 -65.87 -64.25 -17.87
N TYR I 193 -64.61 -64.46 -17.49
CA TYR I 193 -64.14 -65.74 -16.95
C TYR I 193 -62.87 -65.64 -16.13
N PHE I 194 -62.76 -66.49 -15.11
CA PHE I 194 -61.48 -66.74 -14.44
C PHE I 194 -60.52 -67.19 -15.53
N ALA I 195 -59.27 -66.73 -15.46
CA ALA I 195 -58.31 -67.01 -16.55
C ALA I 195 -57.06 -67.78 -16.07
N GLY I 196 -57.14 -68.34 -14.87
CA GLY I 196 -56.06 -69.15 -14.33
C GLY I 196 -55.16 -68.40 -13.37
N GLY I 197 -54.42 -69.15 -12.57
CA GLY I 197 -53.54 -68.58 -11.56
C GLY I 197 -53.59 -69.41 -10.29
N ASP I 198 -52.42 -69.64 -9.70
CA ASP I 198 -52.28 -70.57 -8.57
C ASP I 198 -52.97 -70.14 -7.26
N ALA I 199 -53.71 -69.03 -7.32
CA ALA I 199 -54.53 -68.58 -6.19
C ALA I 199 -55.93 -69.20 -6.23
N GLY I 200 -56.53 -69.24 -7.43
CA GLY I 200 -57.82 -69.89 -7.64
C GLY I 200 -58.99 -68.93 -7.82
N ASP I 201 -60.02 -69.41 -8.53
CA ASP I 201 -61.22 -68.63 -8.78
C ASP I 201 -62.14 -68.55 -7.55
N ALA I 202 -61.89 -67.57 -6.69
CA ALA I 202 -62.74 -67.36 -5.51
C ALA I 202 -64.04 -66.65 -5.85
N PHE I 203 -64.04 -65.94 -6.97
CA PHE I 203 -65.23 -65.21 -7.43
C PHE I 203 -66.29 -66.14 -8.00
N ASP I 204 -65.97 -67.43 -8.01
CA ASP I 204 -66.90 -68.48 -8.44
C ASP I 204 -67.33 -69.32 -7.23
N GLY I 205 -67.61 -68.63 -6.13
CA GLY I 205 -68.12 -69.27 -4.90
C GLY I 205 -67.22 -70.31 -4.27
N PHE I 206 -67.62 -70.80 -3.11
CA PHE I 206 -66.89 -71.84 -2.41
C PHE I 206 -67.73 -72.44 -1.29
N ASP I 207 -67.79 -73.77 -1.24
CA ASP I 207 -68.47 -74.49 -0.18
C ASP I 207 -67.58 -74.52 1.05
N PHE I 208 -68.03 -73.89 2.12
CA PHE I 208 -67.21 -73.70 3.32
C PHE I 208 -67.48 -74.74 4.41
N GLY I 209 -68.65 -74.64 5.03
CA GLY I 209 -68.99 -75.48 6.17
C GLY I 209 -69.92 -76.62 5.84
N ASP I 210 -71.20 -76.41 6.15
CA ASP I 210 -72.21 -77.48 6.03
C ASP I 210 -73.20 -77.25 4.89
N ASP I 211 -73.55 -75.99 4.63
CA ASP I 211 -74.57 -75.63 3.65
C ASP I 211 -74.24 -76.11 2.22
N PRO I 212 -75.27 -76.61 1.48
CA PRO I 212 -75.08 -77.01 0.07
C PRO I 212 -75.00 -75.83 -0.91
N SER I 213 -75.86 -74.83 -0.77
CA SER I 213 -75.92 -73.71 -1.70
C SER I 213 -75.21 -72.44 -1.20
N ASP I 214 -74.26 -72.62 -0.30
CA ASP I 214 -73.42 -71.50 0.16
C ASP I 214 -72.41 -71.11 -0.92
N LYS I 215 -72.08 -72.07 -1.79
CA LYS I 215 -71.22 -71.85 -2.95
C LYS I 215 -71.93 -70.96 -3.98
N PHE I 216 -73.25 -71.07 -4.01
CA PHE I 216 -74.10 -70.18 -4.81
C PHE I 216 -74.20 -68.81 -4.13
N PHE I 217 -74.12 -68.81 -2.80
CA PHE I 217 -74.25 -67.61 -1.97
C PHE I 217 -72.96 -66.79 -1.79
N THR I 218 -71.84 -67.32 -2.29
CA THR I 218 -70.56 -66.61 -2.20
C THR I 218 -69.96 -66.33 -3.58
N SER I 219 -70.73 -66.63 -4.64
CA SER I 219 -70.34 -66.30 -6.01
C SER I 219 -70.41 -64.79 -6.18
N HIS I 220 -69.35 -64.21 -6.75
CA HIS I 220 -69.19 -62.76 -6.75
C HIS I 220 -69.48 -62.07 -8.08
N ASN I 221 -69.19 -62.74 -9.20
CA ASN I 221 -69.50 -62.15 -10.50
C ASN I 221 -70.96 -61.75 -10.50
N GLY I 222 -71.22 -60.46 -10.76
CA GLY I 222 -72.58 -59.91 -10.79
C GLY I 222 -73.07 -59.31 -9.48
N MET I 223 -72.15 -58.92 -8.61
CA MET I 223 -72.52 -58.27 -7.35
C MET I 223 -72.30 -56.75 -7.40
N GLN I 224 -73.22 -56.03 -6.75
CA GLN I 224 -73.10 -54.58 -6.58
C GLN I 224 -72.29 -54.31 -5.32
N PHE I 225 -71.67 -53.13 -5.27
CA PHE I 225 -70.88 -52.74 -4.11
C PHE I 225 -71.79 -52.41 -2.94
N SER I 226 -71.40 -52.87 -1.75
CA SER I 226 -72.20 -52.65 -0.55
C SER I 226 -71.38 -52.22 0.66
N THR I 227 -71.64 -51.00 1.11
CA THR I 227 -71.04 -50.44 2.33
C THR I 227 -72.12 -50.31 3.39
N TRP I 228 -71.71 -50.26 4.67
CA TRP I 228 -72.66 -50.19 5.79
C TRP I 228 -73.83 -49.22 5.55
N ASP I 229 -73.53 -48.03 5.03
CA ASP I 229 -74.55 -46.99 4.75
C ASP I 229 -75.18 -47.08 3.35
N ASN I 230 -74.99 -48.22 2.69
CA ASN I 230 -75.61 -48.48 1.39
C ASN I 230 -75.62 -49.98 1.11
N ASP I 231 -76.50 -50.68 1.83
CA ASP I 231 -76.68 -52.14 1.72
C ASP I 231 -77.31 -52.53 0.38
N ASN I 232 -76.51 -53.16 -0.48
CA ASN I 232 -77.02 -53.72 -1.73
C ASN I 232 -76.80 -55.23 -1.84
N ASP I 233 -76.11 -55.78 -0.84
CA ASP I 233 -75.90 -57.22 -0.71
C ASP I 233 -77.22 -57.99 -0.47
N LYS I 234 -77.23 -59.25 -0.90
CA LYS I 234 -78.38 -60.13 -0.71
C LYS I 234 -78.31 -60.83 0.65
N PHE I 235 -78.55 -60.07 1.71
CA PHE I 235 -78.56 -60.62 3.07
C PHE I 235 -79.59 -59.92 3.94
N GLU I 236 -80.23 -60.70 4.81
CA GLU I 236 -81.19 -60.21 5.79
C GLU I 236 -80.62 -59.07 6.62
N GLY I 237 -79.36 -59.20 7.02
CA GLY I 237 -78.65 -58.13 7.73
C GLY I 237 -77.82 -57.28 6.79
N ASN I 238 -76.64 -56.89 7.26
CA ASN I 238 -75.72 -56.04 6.50
C ASN I 238 -74.30 -56.62 6.51
N CYS I 239 -73.90 -57.23 5.39
CA CYS I 239 -72.60 -57.90 5.26
C CYS I 239 -71.44 -56.96 5.58
N ALA I 240 -71.56 -55.72 5.11
CA ALA I 240 -70.54 -54.70 5.29
C ALA I 240 -70.28 -54.33 6.75
N GLU I 241 -71.32 -54.45 7.58
CA GLU I 241 -71.25 -53.99 8.97
C GLU I 241 -70.73 -55.04 9.96
N GLN I 242 -71.08 -56.31 9.76
CA GLN I 242 -70.59 -57.39 10.64
C GLN I 242 -69.10 -57.64 10.45
N ASP I 243 -68.55 -57.14 9.35
CA ASP I 243 -67.13 -57.26 9.05
C ASP I 243 -66.40 -55.92 9.14
N GLY I 244 -67.14 -54.83 9.06
CA GLY I 244 -66.57 -53.49 9.10
C GLY I 244 -65.68 -53.24 7.90
N SER I 245 -66.26 -53.30 6.71
CA SER I 245 -65.54 -53.08 5.45
C SER I 245 -66.44 -52.81 4.24
N GLY I 246 -65.84 -52.72 3.06
CA GLY I 246 -66.58 -52.40 1.83
C GLY I 246 -66.14 -53.23 0.65
N TRP I 247 -67.06 -54.04 0.12
CA TRP I 247 -66.75 -54.99 -0.93
C TRP I 247 -67.98 -55.21 -1.82
N TRP I 248 -67.89 -56.12 -2.79
CA TRP I 248 -69.06 -56.59 -3.49
C TRP I 248 -69.59 -57.83 -2.76
N MET I 249 -70.32 -57.60 -1.67
CA MET I 249 -70.80 -58.68 -0.82
C MET I 249 -71.99 -59.41 -1.45
N ASN I 250 -72.16 -60.68 -1.09
CA ASN I 250 -73.30 -61.48 -1.51
C ASN I 250 -74.08 -61.98 -0.29
N LYS I 251 -73.59 -63.07 0.32
CA LYS I 251 -74.13 -63.56 1.61
C LYS I 251 -73.20 -64.58 2.29
N CYS I 252 -71.96 -64.20 2.60
CA CYS I 252 -71.41 -62.88 2.30
C CYS I 252 -70.36 -62.94 1.18
N HIS I 253 -69.23 -63.59 1.45
CA HIS I 253 -68.08 -63.52 0.55
C HIS I 253 -67.22 -64.78 0.49
N ALA I 254 -66.58 -64.99 -0.65
CA ALA I 254 -65.51 -65.97 -0.81
C ALA I 254 -64.18 -65.25 -1.04
N GLY I 255 -64.29 -64.00 -1.50
CA GLY I 255 -63.13 -63.10 -1.65
C GLY I 255 -63.36 -61.79 -0.91
N HIS I 256 -62.35 -61.34 -0.17
CA HIS I 256 -62.52 -60.16 0.69
C HIS I 256 -61.20 -59.43 0.87
N LEU I 257 -60.80 -58.70 -0.16
CA LEU I 257 -59.51 -57.99 -0.18
C LEU I 257 -59.52 -56.70 0.65
N ASN I 258 -60.71 -56.17 0.88
CA ASN I 258 -60.90 -55.01 1.74
C ASN I 258 -61.43 -55.44 3.09
N GLY I 259 -60.65 -56.22 3.81
CA GLY I 259 -61.05 -56.70 5.13
C GLY I 259 -60.32 -56.01 6.25
N VAL I 260 -60.56 -56.48 7.47
CA VAL I 260 -59.83 -56.00 8.64
C VAL I 260 -58.46 -56.69 8.71
N TYR I 261 -57.41 -55.92 8.49
CA TYR I 261 -56.04 -56.44 8.55
C TYR I 261 -55.78 -57.13 9.88
N TYR I 262 -54.98 -58.19 9.85
CA TYR I 262 -54.50 -58.81 11.07
C TYR I 262 -52.99 -58.97 11.07
N GLN I 263 -52.37 -58.52 12.16
CA GLN I 263 -50.94 -58.63 12.34
C GLN I 263 -50.61 -60.04 12.76
N GLY I 264 -49.89 -60.76 11.89
CA GLY I 264 -49.55 -62.16 12.10
C GLY I 264 -50.16 -63.08 11.06
N GLY I 265 -51.44 -62.88 10.76
CA GLY I 265 -52.14 -63.68 9.75
C GLY I 265 -53.27 -64.53 10.30
N THR I 266 -52.92 -65.50 11.14
CA THR I 266 -53.89 -66.44 11.69
C THR I 266 -54.70 -65.81 12.82
N TYR I 267 -56.00 -66.09 12.84
CA TYR I 267 -56.92 -65.64 13.90
C TYR I 267 -58.10 -66.61 14.07
N SER I 268 -59.13 -66.20 14.81
CA SER I 268 -60.32 -67.03 15.02
C SER I 268 -61.56 -66.18 15.26
N LYS I 269 -62.61 -66.79 15.81
CA LYS I 269 -63.82 -66.06 16.21
C LYS I 269 -63.56 -65.13 17.40
N ALA I 270 -62.78 -65.63 18.36
CA ALA I 270 -62.51 -64.91 19.61
C ALA I 270 -61.71 -63.62 19.41
N SER I 271 -61.23 -63.40 18.18
CA SER I 271 -60.45 -62.22 17.83
C SER I 271 -61.30 -60.94 17.76
N THR I 272 -62.62 -61.11 17.59
CA THR I 272 -63.57 -59.99 17.59
C THR I 272 -64.85 -60.35 18.35
N PRO I 273 -65.56 -59.33 18.88
CA PRO I 273 -66.85 -59.53 19.55
C PRO I 273 -67.86 -60.32 18.72
N ASN I 274 -68.04 -59.93 17.45
CA ASN I 274 -68.87 -60.66 16.50
C ASN I 274 -68.51 -62.15 16.45
N GLY I 275 -67.31 -62.44 15.96
CA GLY I 275 -66.84 -63.80 15.75
C GLY I 275 -66.74 -64.15 14.28
N TYR I 276 -66.92 -63.15 13.42
CA TYR I 276 -66.93 -63.34 11.97
C TYR I 276 -65.55 -63.23 11.34
N ASP I 277 -65.48 -63.46 10.04
CA ASP I 277 -64.22 -63.46 9.28
C ASP I 277 -64.00 -62.14 8.55
N ASN I 278 -63.97 -61.06 9.32
CA ASN I 278 -63.77 -59.70 8.82
C ASN I 278 -62.47 -59.49 8.04
N GLY I 279 -61.50 -60.38 8.28
CA GLY I 279 -60.15 -60.24 7.72
C GLY I 279 -60.04 -60.37 6.22
N ILE I 280 -58.83 -60.14 5.71
CA ILE I 280 -58.56 -60.24 4.27
C ILE I 280 -58.39 -61.71 3.89
N ILE I 281 -59.41 -62.28 3.25
CA ILE I 281 -59.38 -63.69 2.83
C ILE I 281 -59.69 -63.92 1.35
N TRP I 282 -59.40 -65.14 0.91
CA TRP I 282 -59.54 -65.57 -0.49
C TRP I 282 -59.42 -67.10 -0.47
N ALA I 283 -60.53 -67.77 -0.26
CA ALA I 283 -60.57 -69.19 0.13
C ALA I 283 -59.87 -70.15 -0.84
N THR I 284 -59.95 -69.87 -2.13
CA THR I 284 -59.37 -70.76 -3.16
C THR I 284 -57.87 -71.02 -2.98
N TRP I 285 -57.21 -70.18 -2.17
CA TRP I 285 -55.79 -70.34 -1.89
C TRP I 285 -55.47 -70.64 -0.43
N LYS I 286 -56.31 -70.14 0.49
CA LYS I 286 -56.03 -70.24 1.93
C LYS I 286 -57.28 -70.52 2.78
N THR I 287 -57.03 -70.87 4.04
CA THR I 287 -58.08 -71.01 5.06
C THR I 287 -58.71 -69.63 5.33
N ARG I 288 -59.98 -69.64 5.74
CA ARG I 288 -60.70 -68.42 6.11
C ARG I 288 -60.18 -67.77 7.40
N TRP I 289 -59.42 -68.53 8.18
CA TRP I 289 -58.84 -68.00 9.40
C TRP I 289 -57.35 -67.71 9.23
N TYR I 290 -57.02 -67.14 8.08
CA TYR I 290 -55.68 -66.65 7.77
C TYR I 290 -55.78 -65.44 6.84
N SER I 291 -55.44 -64.27 7.38
CA SER I 291 -55.46 -63.01 6.63
C SER I 291 -54.11 -62.71 5.99
N MET I 292 -54.14 -62.30 4.73
CA MET I 292 -52.93 -61.99 3.94
C MET I 292 -52.03 -60.95 4.59
N LYS I 293 -50.74 -61.01 4.28
CA LYS I 293 -49.81 -59.95 4.64
C LYS I 293 -49.97 -58.82 3.64
N LYS I 294 -49.68 -59.11 2.38
CA LYS I 294 -49.85 -58.15 1.29
C LYS I 294 -50.96 -58.62 0.35
N THR I 295 -51.49 -57.68 -0.43
CA THR I 295 -52.48 -57.97 -1.47
C THR I 295 -52.34 -56.91 -2.56
N THR I 296 -52.97 -57.14 -3.69
CA THR I 296 -52.95 -56.17 -4.79
C THR I 296 -54.16 -56.43 -5.70
N MET I 297 -54.46 -55.46 -6.56
CA MET I 297 -55.46 -55.59 -7.59
C MET I 297 -55.05 -54.60 -8.65
N LYS I 298 -54.72 -55.09 -9.83
CA LYS I 298 -54.44 -54.19 -10.94
C LYS I 298 -55.24 -54.59 -12.17
N ILE I 299 -55.17 -53.78 -13.22
CA ILE I 299 -55.88 -54.08 -14.46
C ILE I 299 -55.02 -53.69 -15.64
N ILE I 300 -55.39 -54.18 -16.83
CA ILE I 300 -54.57 -53.98 -18.03
C ILE I 300 -55.37 -54.38 -19.28
N PRO I 301 -55.21 -53.62 -20.38
CA PRO I 301 -55.81 -53.98 -21.66
C PRO I 301 -55.46 -55.41 -22.02
N PHE I 302 -56.44 -56.16 -22.52
CA PHE I 302 -56.32 -57.62 -22.57
C PHE I 302 -55.23 -58.10 -23.54
N ASN I 303 -55.14 -57.45 -24.70
CA ASN I 303 -54.12 -57.78 -25.68
C ASN I 303 -52.70 -57.87 -25.12
N ARG I 304 -52.48 -57.24 -23.97
CA ARG I 304 -51.20 -57.29 -23.28
C ARG I 304 -51.01 -58.60 -22.48
N LEU I 305 -51.99 -59.48 -22.58
CA LEU I 305 -51.92 -60.80 -21.95
C LEU I 305 -51.76 -61.91 -22.98
N VAL J 11 -28.44 1.77 -27.40
CA VAL J 11 -27.05 2.34 -27.39
C VAL J 11 -26.20 1.84 -26.22
N LEU J 12 -26.74 0.85 -25.49
CA LEU J 12 -26.00 0.18 -24.42
C LEU J 12 -25.63 -1.23 -24.84
N LYS J 13 -26.58 -1.94 -25.43
CA LYS J 13 -26.31 -3.21 -26.10
C LYS J 13 -25.47 -2.95 -27.35
N ARG J 14 -25.65 -1.76 -27.92
CA ARG J 14 -24.96 -1.34 -29.13
C ARG J 14 -23.47 -1.05 -28.89
N LYS J 15 -23.15 -0.50 -27.72
CA LYS J 15 -21.80 -0.01 -27.41
C LYS J 15 -21.09 -0.81 -26.31
N VAL J 16 -21.44 -2.09 -26.20
CA VAL J 16 -20.76 -3.02 -25.30
C VAL J 16 -20.34 -4.27 -26.06
N ILE J 17 -21.28 -4.84 -26.80
CA ILE J 17 -20.98 -5.95 -27.71
C ILE J 17 -20.27 -5.39 -28.95
N GLU J 18 -19.92 -4.10 -28.88
CA GLU J 18 -19.01 -3.47 -29.82
C GLU J 18 -17.67 -3.19 -29.14
N LYS J 19 -17.48 -3.82 -27.98
CA LYS J 19 -16.23 -3.75 -27.23
C LYS J 19 -15.72 -5.15 -26.94
N VAL J 20 -16.63 -6.09 -26.71
CA VAL J 20 -16.30 -7.51 -26.68
C VAL J 20 -15.95 -7.95 -28.12
N GLN J 21 -16.38 -7.14 -29.09
CA GLN J 21 -15.95 -7.25 -30.48
C GLN J 21 -14.45 -6.94 -30.62
N HIS J 22 -13.98 -5.97 -29.83
CA HIS J 22 -12.58 -5.57 -29.82
C HIS J 22 -11.66 -6.50 -29.02
N ILE J 23 -12.17 -7.05 -27.92
CA ILE J 23 -11.37 -7.92 -27.04
C ILE J 23 -11.39 -9.40 -27.48
N GLN J 24 -11.16 -9.61 -28.76
CA GLN J 24 -10.94 -10.94 -29.34
C GLN J 24 -10.32 -10.82 -30.73
N LEU J 25 -10.40 -9.62 -31.30
CA LEU J 25 -9.58 -9.23 -32.45
C LEU J 25 -8.28 -8.64 -31.91
N LEU J 26 -8.19 -8.59 -30.58
CA LEU J 26 -7.08 -7.97 -29.87
C LEU J 26 -6.88 -8.64 -28.50
N GLN J 27 -7.36 -9.88 -28.38
CA GLN J 27 -7.01 -10.77 -27.27
C GLN J 27 -6.57 -12.13 -27.84
N LYS J 28 -6.73 -12.27 -29.16
CA LYS J 28 -6.13 -13.36 -29.93
C LYS J 28 -4.85 -12.87 -30.60
N ASN J 29 -4.73 -11.55 -30.72
CA ASN J 29 -3.48 -10.90 -31.12
C ASN J 29 -2.55 -10.76 -29.91
N VAL J 30 -2.99 -11.28 -28.77
CA VAL J 30 -2.20 -11.28 -27.54
C VAL J 30 -1.58 -12.65 -27.32
N ARG J 31 -2.31 -13.71 -27.67
CA ARG J 31 -1.70 -15.04 -27.72
C ARG J 31 -0.76 -15.16 -28.92
N ALA J 32 -1.10 -14.44 -29.99
CA ALA J 32 -0.26 -14.38 -31.19
C ALA J 32 1.12 -13.84 -30.85
N GLN J 33 1.15 -12.81 -30.01
CA GLN J 33 2.39 -12.16 -29.63
C GLN J 33 3.02 -12.79 -28.37
N LEU J 34 2.21 -13.49 -27.57
CA LEU J 34 2.77 -14.24 -26.44
C LEU J 34 3.56 -15.44 -26.93
N VAL J 35 3.01 -16.15 -27.92
CA VAL J 35 3.68 -17.27 -28.58
C VAL J 35 4.95 -16.80 -29.29
N ASP J 36 4.81 -15.77 -30.11
CA ASP J 36 5.94 -15.22 -30.87
C ASP J 36 7.06 -14.76 -29.94
N MET J 37 6.72 -14.51 -28.67
CA MET J 37 7.74 -14.16 -27.68
C MET J 37 8.35 -15.38 -27.00
N LYS J 38 7.66 -16.52 -27.05
CA LYS J 38 8.25 -17.77 -26.58
C LYS J 38 9.31 -18.20 -27.59
N ARG J 39 8.96 -18.09 -28.87
CA ARG J 39 9.83 -18.45 -29.98
C ARG J 39 11.13 -17.68 -29.96
N LEU J 40 11.04 -16.37 -29.75
CA LEU J 40 12.23 -15.51 -29.70
C LEU J 40 13.07 -15.71 -28.44
N GLU J 41 12.41 -15.79 -27.28
CA GLU J 41 13.10 -16.09 -26.03
C GLU J 41 13.95 -17.36 -26.16
N VAL J 42 13.41 -18.35 -26.89
CA VAL J 42 14.11 -19.62 -27.12
C VAL J 42 15.13 -19.52 -28.25
N ASP J 43 14.67 -19.22 -29.46
CA ASP J 43 15.53 -19.03 -30.62
C ASP J 43 16.82 -18.27 -30.30
N ILE J 44 16.79 -17.45 -29.25
CA ILE J 44 17.96 -16.66 -28.88
C ILE J 44 18.91 -17.37 -27.93
N ASP J 45 18.40 -18.22 -27.03
CA ASP J 45 19.30 -19.04 -26.21
C ASP J 45 20.14 -19.96 -27.10
N ILE J 46 19.47 -20.58 -28.08
CA ILE J 46 20.11 -21.33 -29.17
C ILE J 46 21.21 -20.48 -29.78
N LYS J 47 20.82 -19.36 -30.38
CA LYS J 47 21.72 -18.51 -31.14
C LYS J 47 22.74 -17.75 -30.27
N ILE J 48 22.59 -17.78 -28.95
CA ILE J 48 23.62 -17.23 -28.09
C ILE J 48 24.74 -18.24 -27.95
N ARG J 49 24.41 -19.48 -27.57
CA ARG J 49 25.41 -20.52 -27.46
C ARG J 49 26.07 -20.85 -28.80
N SER J 50 25.34 -20.63 -29.90
CA SER J 50 25.90 -20.81 -31.23
C SER J 50 27.09 -19.86 -31.48
N CYS J 51 27.43 -19.06 -30.46
CA CYS J 51 28.56 -18.16 -30.51
C CYS J 51 29.66 -18.56 -29.55
N ARG J 52 29.32 -19.48 -28.63
CA ARG J 52 30.28 -20.02 -27.68
C ARG J 52 31.51 -20.58 -28.40
N GLY J 53 31.32 -20.99 -29.66
CA GLY J 53 32.43 -21.36 -30.53
C GLY J 53 32.65 -20.34 -31.64
N SER J 54 32.97 -19.10 -31.26
CA SER J 54 33.35 -18.03 -32.21
C SER J 54 33.90 -16.79 -31.49
N CYS J 55 33.48 -16.61 -30.25
CA CYS J 55 33.75 -15.38 -29.51
C CYS J 55 34.38 -15.63 -28.15
N SER J 56 35.17 -14.66 -27.69
CA SER J 56 35.91 -14.71 -26.42
C SER J 56 35.12 -15.47 -25.36
N ARG J 57 33.96 -14.91 -25.01
CA ARG J 57 33.10 -15.46 -23.97
C ARG J 57 31.71 -15.76 -24.50
N ALA J 58 30.92 -16.48 -23.69
CA ALA J 58 29.51 -16.69 -23.94
C ALA J 58 28.75 -16.29 -22.68
N LEU J 59 27.65 -15.56 -22.87
CA LEU J 59 26.86 -15.04 -21.77
C LEU J 59 26.18 -16.15 -20.98
N ALA J 60 26.59 -16.32 -19.73
CA ALA J 60 26.02 -17.36 -18.87
C ALA J 60 24.59 -16.98 -18.48
N ARG J 61 23.62 -17.48 -19.24
CA ARG J 61 22.22 -17.09 -19.08
C ARG J 61 21.27 -18.27 -18.88
N GLU J 62 20.25 -18.05 -18.05
CA GLU J 62 19.13 -18.98 -17.90
C GLU J 62 17.95 -18.56 -18.78
N VAL J 63 17.09 -19.50 -19.12
CA VAL J 63 15.82 -19.22 -19.82
C VAL J 63 14.67 -19.90 -19.10
N ASP J 64 13.67 -19.10 -18.74
CA ASP J 64 12.55 -19.56 -17.92
C ASP J 64 11.28 -19.78 -18.75
N LEU J 65 10.59 -20.87 -18.45
CA LEU J 65 9.37 -21.24 -19.17
C LEU J 65 8.18 -21.41 -18.23
N LYS J 66 8.40 -21.91 -17.01
CA LYS J 66 7.33 -22.03 -16.02
C LYS J 66 6.69 -20.67 -15.73
N ASP J 67 7.20 -19.64 -16.41
CA ASP J 67 6.62 -18.30 -16.42
C ASP J 67 5.81 -18.11 -17.71
N TYR J 68 6.44 -18.42 -18.85
CA TYR J 68 5.79 -18.33 -20.15
C TYR J 68 4.56 -19.21 -20.30
N GLU J 69 4.56 -20.37 -19.64
CA GLU J 69 3.41 -21.28 -19.68
C GLU J 69 2.44 -21.07 -18.50
N ASP J 70 2.88 -20.29 -17.52
CA ASP J 70 1.99 -19.79 -16.47
C ASP J 70 1.03 -18.75 -17.04
N GLN J 71 1.58 -17.69 -17.60
CA GLN J 71 0.79 -16.68 -18.28
C GLN J 71 0.52 -17.08 -19.75
N GLN J 72 0.26 -18.36 -19.94
CA GLN J 72 -0.24 -18.90 -21.19
C GLN J 72 -1.48 -19.71 -20.84
N LYS J 73 -1.56 -20.14 -19.59
CA LYS J 73 -2.69 -20.85 -19.04
C LYS J 73 -3.83 -19.88 -18.74
N GLN J 74 -3.48 -18.68 -18.29
CA GLN J 74 -4.48 -17.67 -17.92
C GLN J 74 -5.17 -17.09 -19.14
N LEU J 75 -4.40 -16.56 -20.09
CA LEU J 75 -4.95 -16.05 -21.34
C LEU J 75 -5.71 -17.15 -22.11
N GLU J 76 -5.52 -18.39 -21.68
CA GLU J 76 -6.22 -19.55 -22.24
C GLU J 76 -7.62 -19.69 -21.64
N GLN J 77 -7.66 -19.96 -20.34
CA GLN J 77 -8.91 -20.16 -19.60
C GLN J 77 -9.76 -18.88 -19.54
N VAL J 78 -9.21 -17.81 -20.11
CA VAL J 78 -9.91 -16.55 -20.29
C VAL J 78 -10.34 -16.35 -21.77
N ILE J 79 -10.77 -17.44 -22.39
CA ILE J 79 -11.54 -17.40 -23.64
C ILE J 79 -12.63 -18.49 -23.57
N ALA J 80 -12.83 -19.04 -22.39
CA ALA J 80 -13.89 -20.03 -22.15
C ALA J 80 -15.25 -19.33 -22.05
N LYS J 81 -15.27 -18.23 -21.30
CA LYS J 81 -16.48 -17.45 -21.08
C LYS J 81 -16.56 -16.28 -22.06
N ASP J 82 -17.75 -16.08 -22.64
CA ASP J 82 -17.99 -15.02 -23.61
C ASP J 82 -19.31 -14.30 -23.36
N LEU K 18 -36.19 -8.08 -21.22
CA LEU K 18 -35.70 -7.77 -19.86
C LEU K 18 -34.27 -8.28 -19.72
N TYR K 19 -33.34 -7.59 -20.40
CA TYR K 19 -31.95 -8.06 -20.56
C TYR K 19 -31.13 -8.15 -19.27
N ILE K 20 -30.73 -6.99 -18.73
CA ILE K 20 -29.98 -6.83 -17.47
C ILE K 20 -28.45 -6.91 -17.60
N ASP K 21 -27.88 -8.12 -17.60
CA ASP K 21 -26.41 -8.38 -17.66
C ASP K 21 -25.47 -7.20 -17.44
N GLU K 22 -25.59 -6.59 -16.27
CA GLU K 22 -24.81 -5.42 -15.89
C GLU K 22 -23.40 -5.78 -15.43
N THR K 23 -23.16 -7.08 -15.22
CA THR K 23 -21.86 -7.60 -14.80
C THR K 23 -20.81 -7.61 -15.92
N VAL K 24 -21.23 -7.34 -17.15
CA VAL K 24 -20.31 -7.15 -18.29
C VAL K 24 -19.49 -5.85 -18.12
N ASN K 25 -19.59 -5.26 -16.94
CA ASN K 25 -18.74 -4.16 -16.52
C ASN K 25 -18.17 -4.46 -15.13
N SER K 26 -18.09 -5.75 -14.80
CA SER K 26 -17.46 -6.24 -13.58
C SER K 26 -16.72 -7.55 -13.83
N ASN K 27 -16.57 -7.91 -15.10
CA ASN K 27 -15.66 -8.98 -15.52
C ASN K 27 -14.79 -8.60 -16.73
N ILE K 28 -15.19 -7.57 -17.47
CA ILE K 28 -14.29 -6.88 -18.42
C ILE K 28 -13.13 -6.23 -17.67
N PRO K 29 -13.38 -5.73 -16.45
CA PRO K 29 -12.28 -5.49 -15.51
C PRO K 29 -11.25 -6.63 -15.48
N THR K 30 -11.68 -7.84 -15.11
CA THR K 30 -10.77 -8.99 -14.98
C THR K 30 -10.04 -9.32 -16.29
N ASN K 31 -10.74 -9.16 -17.42
CA ASN K 31 -10.16 -9.35 -18.76
C ASN K 31 -9.28 -8.19 -19.21
N LEU K 32 -8.79 -7.40 -18.25
CA LEU K 32 -7.94 -6.25 -18.55
C LEU K 32 -6.88 -6.06 -17.48
N ARG K 33 -6.97 -6.81 -16.39
CA ARG K 33 -5.90 -6.87 -15.40
C ARG K 33 -4.82 -7.76 -15.98
N VAL K 34 -5.21 -8.99 -16.31
CA VAL K 34 -4.33 -9.99 -16.88
C VAL K 34 -3.90 -9.63 -18.30
N LEU K 35 -4.82 -9.02 -19.06
CA LEU K 35 -4.51 -8.58 -20.42
C LEU K 35 -3.55 -7.40 -20.42
N ARG K 36 -3.16 -6.94 -19.23
CA ARG K 36 -2.05 -6.00 -19.14
C ARG K 36 -0.85 -6.63 -18.44
N SER K 37 -1.09 -7.22 -17.27
CA SER K 37 -0.06 -7.97 -16.53
C SER K 37 0.91 -8.70 -17.47
N ILE K 38 0.37 -9.37 -18.47
CA ILE K 38 1.17 -10.15 -19.42
C ILE K 38 1.79 -9.29 -20.51
N LEU K 39 1.00 -8.40 -21.11
CA LEU K 39 1.46 -7.56 -22.22
C LEU K 39 2.54 -6.58 -21.74
N GLU K 40 2.52 -6.31 -20.43
CA GLU K 40 3.54 -5.49 -19.78
C GLU K 40 4.66 -6.36 -19.27
N ASN K 41 4.43 -7.67 -19.21
CA ASN K 41 5.49 -8.63 -18.91
C ASN K 41 6.42 -8.81 -20.10
N LEU K 42 5.85 -8.90 -21.30
CA LEU K 42 6.64 -8.97 -22.53
C LEU K 42 7.40 -7.68 -22.78
N ARG K 43 6.91 -6.57 -22.23
CA ARG K 43 7.61 -5.30 -22.31
C ARG K 43 8.97 -5.42 -21.61
N SER K 44 8.97 -5.94 -20.39
CA SER K 44 10.19 -6.11 -19.60
C SER K 44 10.98 -7.36 -19.96
N LYS K 45 10.42 -8.16 -20.86
CA LYS K 45 11.13 -9.31 -21.43
C LYS K 45 12.01 -8.85 -22.59
N ILE K 46 11.42 -8.19 -23.57
CA ILE K 46 12.16 -7.60 -24.69
C ILE K 46 13.29 -6.70 -24.20
N GLN K 47 13.15 -6.19 -22.98
CA GLN K 47 14.19 -5.35 -22.38
C GLN K 47 15.43 -6.18 -22.06
N LYS K 48 15.22 -7.34 -21.43
CA LYS K 48 16.31 -8.21 -21.03
C LYS K 48 17.03 -8.85 -22.23
N LEU K 49 16.26 -9.34 -23.20
CA LEU K 49 16.83 -9.90 -24.44
C LEU K 49 17.66 -8.88 -25.21
N GLU K 50 17.19 -7.64 -25.24
CA GLU K 50 17.89 -6.56 -25.92
C GLU K 50 19.15 -6.18 -25.17
N SER K 51 19.11 -6.34 -23.85
CA SER K 51 20.27 -6.12 -23.00
C SER K 51 21.28 -7.25 -23.17
N ASP K 52 20.79 -8.44 -23.52
CA ASP K 52 21.62 -9.64 -23.70
C ASP K 52 22.26 -9.74 -25.09
N VAL K 53 21.45 -9.67 -26.13
CA VAL K 53 21.94 -9.58 -27.51
C VAL K 53 22.88 -8.37 -27.70
N SER K 54 23.03 -7.56 -26.67
CA SER K 54 23.93 -6.40 -26.73
C SER K 54 25.24 -6.64 -26.00
N ALA K 55 25.21 -7.48 -24.98
CA ALA K 55 26.42 -7.87 -24.24
C ALA K 55 27.24 -8.89 -25.03
N GLN K 56 26.56 -9.87 -25.62
CA GLN K 56 27.21 -10.91 -26.42
C GLN K 56 27.88 -10.27 -27.62
N MET K 57 27.19 -9.32 -28.24
CA MET K 57 27.73 -8.57 -29.36
C MET K 57 29.03 -7.85 -29.01
N GLU K 58 29.19 -7.47 -27.74
CA GLU K 58 30.42 -6.86 -27.26
C GLU K 58 31.53 -7.91 -27.13
N TYR K 59 31.15 -9.08 -26.63
CA TYR K 59 32.07 -10.21 -26.54
C TYR K 59 32.62 -10.61 -27.92
N CYS K 60 31.79 -10.45 -28.96
CA CYS K 60 32.17 -10.79 -30.32
C CYS K 60 32.93 -9.67 -31.02
N ARG K 61 33.68 -8.92 -30.22
CA ARG K 61 34.66 -7.97 -30.74
C ARG K 61 35.92 -8.76 -31.08
N THR K 62 36.31 -9.65 -30.17
CA THR K 62 37.49 -10.49 -30.32
C THR K 62 37.12 -11.97 -30.38
N PRO K 63 37.80 -12.73 -31.26
CA PRO K 63 37.50 -14.16 -31.43
C PRO K 63 38.12 -15.05 -30.34
N CYS K 64 37.80 -16.35 -30.41
CA CYS K 64 38.38 -17.36 -29.50
C CYS K 64 39.67 -17.95 -30.06
N THR K 65 40.68 -18.11 -29.21
CA THR K 65 41.98 -18.59 -29.63
C THR K 65 42.22 -20.05 -29.29
N VAL K 66 42.79 -20.77 -30.25
CA VAL K 66 43.26 -22.15 -30.06
C VAL K 66 44.70 -22.33 -30.56
N SER K 67 45.45 -23.13 -29.81
CA SER K 67 46.78 -23.59 -30.23
C SER K 67 46.68 -25.05 -30.66
N CYS K 68 46.54 -25.27 -31.96
CA CYS K 68 46.37 -26.63 -32.51
C CYS K 68 47.60 -27.15 -33.25
N ASN K 69 48.50 -27.77 -32.49
CA ASN K 69 49.73 -28.36 -33.01
C ASN K 69 49.43 -29.65 -33.78
N ILE K 70 49.95 -29.74 -35.00
CA ILE K 70 49.77 -30.93 -35.84
C ILE K 70 50.66 -32.09 -35.40
N PRO K 71 50.10 -33.31 -35.30
CA PRO K 71 50.95 -34.48 -35.08
C PRO K 71 51.65 -34.86 -36.38
N VAL K 72 52.81 -35.52 -36.28
CA VAL K 72 53.60 -35.88 -37.47
C VAL K 72 52.89 -36.95 -38.30
N VAL K 73 52.42 -37.99 -37.60
CA VAL K 73 51.79 -39.17 -38.21
C VAL K 73 50.61 -38.80 -39.07
N SER K 74 50.86 -38.65 -40.36
CA SER K 74 49.83 -38.25 -41.32
C SER K 74 49.12 -39.51 -41.88
N GLY K 75 48.63 -39.40 -43.12
CA GLY K 75 47.94 -40.51 -43.76
C GLY K 75 46.96 -40.04 -44.83
N LYS K 76 46.11 -40.97 -45.27
CA LYS K 76 45.05 -40.66 -46.23
C LYS K 76 43.75 -40.46 -45.47
N GLU K 77 43.63 -41.20 -44.36
CA GLU K 77 42.47 -41.15 -43.46
C GLU K 77 42.82 -41.81 -42.13
N CYS K 78 41.92 -41.69 -41.15
CA CYS K 78 42.20 -42.07 -39.74
C CYS K 78 42.62 -43.51 -39.49
N GLU K 79 42.08 -44.42 -40.30
CA GLU K 79 42.40 -45.85 -40.20
C GLU K 79 43.89 -46.08 -40.47
N GLU K 80 44.37 -45.62 -41.63
CA GLU K 80 45.79 -45.65 -41.96
C GLU K 80 46.61 -45.14 -40.78
N ILE K 81 46.17 -44.02 -40.23
CA ILE K 81 46.86 -43.35 -39.12
C ILE K 81 46.89 -44.17 -37.82
N ILE K 82 45.93 -45.08 -37.61
CA ILE K 82 46.06 -45.96 -36.44
C ILE K 82 47.01 -47.11 -36.76
N ARG K 83 46.99 -47.54 -38.02
CA ARG K 83 47.89 -48.56 -38.52
C ARG K 83 49.32 -48.03 -38.61
N LYS K 84 49.46 -46.74 -38.94
CA LYS K 84 50.76 -46.06 -38.91
C LYS K 84 51.20 -45.69 -37.49
N GLY K 85 50.56 -46.24 -36.46
CA GLY K 85 51.08 -46.10 -35.11
C GLY K 85 50.45 -45.04 -34.20
N GLY K 86 49.73 -44.08 -34.79
CA GLY K 86 49.01 -43.04 -34.03
C GLY K 86 47.86 -43.64 -33.21
N GLU K 87 47.97 -43.57 -31.89
CA GLU K 87 47.17 -44.42 -31.00
C GLU K 87 46.14 -43.76 -30.06
N THR K 88 46.33 -42.50 -29.68
CA THR K 88 45.33 -41.78 -28.85
C THR K 88 44.50 -40.76 -29.64
N SER K 89 43.27 -40.55 -29.18
CA SER K 89 42.26 -39.74 -29.89
C SER K 89 42.52 -38.25 -29.83
N GLU K 90 42.63 -37.64 -31.00
CA GLU K 90 42.90 -36.21 -31.15
C GLU K 90 42.76 -35.81 -32.61
N MET K 91 43.30 -34.66 -32.99
CA MET K 91 43.19 -34.21 -34.37
C MET K 91 44.46 -34.51 -35.15
N TYR K 92 44.31 -35.26 -36.24
CA TYR K 92 45.41 -35.58 -37.15
C TYR K 92 45.12 -34.95 -38.49
N LEU K 93 46.14 -34.38 -39.12
CA LEU K 93 45.97 -33.75 -40.42
C LEU K 93 45.98 -34.85 -41.46
N ILE K 94 45.05 -34.84 -42.39
CA ILE K 94 45.00 -35.94 -43.37
C ILE K 94 44.92 -35.48 -44.83
N GLN K 95 45.28 -36.39 -45.73
CA GLN K 95 45.30 -36.12 -47.16
C GLN K 95 45.04 -37.42 -47.90
N PRO K 96 43.79 -37.61 -48.36
CA PRO K 96 43.39 -38.81 -49.07
C PRO K 96 43.49 -38.71 -50.60
N ASP K 97 44.02 -37.60 -51.11
CA ASP K 97 44.25 -37.48 -52.55
C ASP K 97 45.51 -36.67 -52.84
N SER K 98 46.18 -37.02 -53.94
CA SER K 98 47.42 -36.36 -54.33
C SER K 98 47.23 -34.91 -54.80
N SER K 99 46.04 -34.58 -55.31
CA SER K 99 45.72 -33.21 -55.75
C SER K 99 45.01 -32.40 -54.67
N VAL K 100 44.23 -33.09 -53.84
CA VAL K 100 43.48 -32.45 -52.75
C VAL K 100 44.44 -32.02 -51.63
N LYS K 101 44.38 -30.74 -51.28
CA LYS K 101 45.10 -30.19 -50.13
C LYS K 101 44.80 -30.99 -48.86
N PRO K 102 45.81 -31.22 -48.00
CA PRO K 102 45.56 -31.90 -46.73
C PRO K 102 44.66 -31.06 -45.82
N TYR K 103 43.91 -31.71 -44.94
CA TYR K 103 43.02 -30.99 -44.03
C TYR K 103 42.89 -31.64 -42.65
N ARG K 104 42.51 -30.82 -41.68
CA ARG K 104 42.41 -31.29 -40.30
C ARG K 104 41.13 -32.09 -40.11
N VAL K 105 41.12 -32.94 -39.08
CA VAL K 105 40.01 -33.84 -38.76
C VAL K 105 40.30 -34.55 -37.46
N TYR K 106 39.27 -34.87 -36.70
CA TYR K 106 39.43 -35.57 -35.45
C TYR K 106 39.21 -37.08 -35.63
N CYS K 107 40.14 -37.88 -35.09
CA CYS K 107 40.08 -39.35 -35.21
C CYS K 107 39.82 -40.02 -33.88
N ASP K 108 38.87 -40.93 -33.89
CA ASP K 108 38.57 -41.73 -32.71
C ASP K 108 39.36 -43.01 -32.78
N MET K 109 40.31 -43.14 -31.85
CA MET K 109 41.19 -44.29 -31.83
C MET K 109 40.89 -45.18 -30.64
N ASN K 110 39.75 -44.95 -29.96
CA ASN K 110 39.41 -45.74 -28.78
C ASN K 110 38.10 -46.52 -28.87
N THR K 111 37.19 -46.07 -29.73
CA THR K 111 35.86 -46.65 -29.85
C THR K 111 35.84 -47.90 -30.74
N GLU K 112 35.72 -49.05 -30.08
CA GLU K 112 35.76 -50.36 -30.73
C GLU K 112 37.19 -50.71 -31.13
N ASN K 113 37.55 -50.44 -32.39
CA ASN K 113 38.84 -50.82 -32.93
C ASN K 113 39.63 -49.62 -33.43
N GLY K 114 39.21 -48.42 -33.04
CA GLY K 114 39.80 -47.17 -33.51
C GLY K 114 39.73 -46.98 -35.02
N GLY K 115 40.36 -45.93 -35.50
CA GLY K 115 40.47 -45.69 -36.94
C GLY K 115 39.26 -44.98 -37.49
N TRP K 116 38.40 -44.55 -36.57
CA TRP K 116 37.18 -43.83 -36.86
C TRP K 116 37.41 -42.37 -37.24
N THR K 117 36.68 -41.91 -38.24
CA THR K 117 36.83 -40.56 -38.76
C THR K 117 35.56 -39.74 -38.55
N VAL K 118 35.58 -38.91 -37.51
CA VAL K 118 34.49 -38.01 -37.16
C VAL K 118 34.19 -37.04 -38.31
N ILE K 119 32.92 -36.96 -38.73
CA ILE K 119 32.52 -36.01 -39.77
C ILE K 119 31.37 -35.08 -39.36
N GLN K 120 30.72 -35.42 -38.25
CA GLN K 120 29.66 -34.60 -37.68
C GLN K 120 29.62 -34.84 -36.17
N ASN K 121 29.77 -33.78 -35.39
CA ASN K 121 29.68 -33.88 -33.93
C ASN K 121 28.81 -32.78 -33.32
N ARG K 122 28.10 -33.12 -32.23
CA ARG K 122 27.25 -32.19 -31.45
C ARG K 122 27.39 -32.55 -29.98
N GLN K 123 27.67 -31.57 -29.11
CA GLN K 123 27.89 -31.87 -27.68
C GLN K 123 27.45 -30.77 -26.69
N ASP K 124 27.27 -29.54 -27.19
CA ASP K 124 26.86 -28.39 -26.37
C ASP K 124 26.39 -27.19 -27.20
N GLY K 125 25.91 -27.46 -28.41
CA GLY K 125 25.33 -26.44 -29.29
C GLY K 125 26.21 -25.25 -29.61
N SER K 126 27.52 -25.45 -29.54
CA SER K 126 28.47 -24.36 -29.66
C SER K 126 28.74 -23.90 -31.10
N VAL K 127 27.99 -24.42 -32.07
CA VAL K 127 28.16 -23.96 -33.45
C VAL K 127 26.82 -23.77 -34.14
N ASP K 128 26.71 -22.68 -34.91
CA ASP K 128 25.55 -22.41 -35.75
C ASP K 128 25.50 -23.47 -36.85
N PHE K 129 24.43 -24.27 -36.85
CA PHE K 129 24.27 -25.37 -37.80
C PHE K 129 23.41 -25.07 -39.03
N GLY K 130 22.27 -24.43 -38.83
CA GLY K 130 21.46 -23.98 -39.95
C GLY K 130 22.22 -23.01 -40.84
N ARG K 131 22.82 -23.53 -41.90
CA ARG K 131 23.61 -22.71 -42.83
C ARG K 131 23.21 -22.97 -44.27
N LYS K 132 23.69 -22.12 -45.17
CA LYS K 132 23.39 -22.26 -46.60
C LYS K 132 24.13 -23.45 -47.26
N TRP K 133 24.00 -23.55 -48.59
CA TRP K 133 24.56 -24.66 -49.38
C TRP K 133 26.09 -24.65 -49.41
N ASP K 134 26.64 -23.47 -49.67
CA ASP K 134 28.08 -23.27 -49.81
C ASP K 134 28.84 -23.67 -48.54
N PRO K 135 28.59 -22.99 -47.41
CA PRO K 135 29.20 -23.42 -46.14
C PRO K 135 28.76 -24.81 -45.63
N TYR K 136 28.03 -25.56 -46.47
CA TYR K 136 27.81 -26.98 -46.18
C TYR K 136 28.71 -27.84 -47.05
N LYS K 137 28.91 -27.38 -48.29
CA LYS K 137 29.90 -27.90 -49.23
C LYS K 137 31.28 -27.87 -48.61
N GLN K 138 31.77 -26.65 -48.33
CA GLN K 138 33.10 -26.46 -47.70
C GLN K 138 33.17 -27.14 -46.34
N GLY K 139 32.18 -26.88 -45.50
CA GLY K 139 32.19 -27.39 -44.13
C GLY K 139 32.44 -26.27 -43.14
N PHE K 140 32.13 -26.54 -41.88
CA PHE K 140 32.16 -25.51 -40.84
C PHE K 140 32.41 -26.08 -39.44
N GLY K 141 32.94 -25.20 -38.58
CA GLY K 141 32.93 -25.46 -37.14
C GLY K 141 34.25 -25.82 -36.50
N ASN K 142 34.19 -26.11 -35.21
CA ASN K 142 35.35 -26.51 -34.43
C ASN K 142 35.65 -28.00 -34.54
N VAL K 143 36.86 -28.33 -34.99
CA VAL K 143 37.27 -29.74 -35.15
C VAL K 143 37.79 -30.35 -33.85
N ALA K 144 38.73 -29.65 -33.21
CA ALA K 144 39.14 -30.01 -31.86
C ALA K 144 39.55 -28.75 -31.08
N THR K 145 39.79 -28.90 -29.77
CA THR K 145 40.14 -27.75 -28.93
C THR K 145 41.16 -28.12 -27.84
N ASN K 146 42.05 -27.17 -27.51
CA ASN K 146 43.02 -27.32 -26.42
C ASN K 146 42.38 -27.88 -25.16
N THR K 147 43.20 -28.37 -24.24
CA THR K 147 42.67 -28.90 -23.00
C THR K 147 43.67 -28.74 -21.86
N ASP K 148 43.23 -28.07 -20.80
CA ASP K 148 44.10 -27.62 -19.68
C ASP K 148 45.51 -27.16 -20.11
N GLY K 149 46.53 -27.58 -19.38
CA GLY K 149 47.91 -27.21 -19.69
C GLY K 149 48.56 -28.00 -20.81
N LYS K 150 47.76 -28.75 -21.56
CA LYS K 150 48.25 -29.56 -22.68
C LYS K 150 48.30 -28.77 -23.97
N ASN K 151 49.17 -29.20 -24.88
CA ASN K 151 49.47 -28.46 -26.11
C ASN K 151 48.92 -29.12 -27.39
N TYR K 152 48.28 -30.26 -27.23
CA TYR K 152 47.56 -30.90 -28.33
C TYR K 152 46.04 -30.76 -28.16
N CYS K 153 45.34 -30.53 -29.26
CA CYS K 153 43.90 -30.41 -29.27
C CYS K 153 43.23 -31.80 -29.12
N GLY K 154 43.10 -32.25 -27.87
CA GLY K 154 42.65 -33.61 -27.55
C GLY K 154 41.15 -33.86 -27.56
N LEU K 155 40.37 -32.84 -27.22
CA LEU K 155 38.91 -32.95 -27.19
C LEU K 155 38.30 -32.49 -28.52
N PRO K 156 37.17 -33.11 -28.92
CA PRO K 156 36.64 -32.78 -30.24
C PRO K 156 35.74 -31.55 -30.20
N GLY K 157 35.66 -30.84 -31.31
CA GLY K 157 34.69 -29.76 -31.43
C GLY K 157 33.39 -30.28 -32.04
N GLU K 158 32.44 -29.39 -32.24
CA GLU K 158 31.27 -29.70 -33.04
C GLU K 158 31.58 -29.26 -34.47
N TYR K 159 31.28 -30.08 -35.46
CA TYR K 159 31.47 -29.64 -36.86
C TYR K 159 30.76 -30.48 -37.93
N TRP K 160 30.80 -29.95 -39.15
CA TRP K 160 30.45 -30.68 -40.33
C TRP K 160 31.64 -30.55 -41.25
N LEU K 161 32.34 -31.67 -41.51
CA LEU K 161 33.56 -31.67 -42.30
C LEU K 161 33.38 -30.96 -43.65
N GLY K 162 32.38 -31.40 -44.40
CA GLY K 162 32.10 -30.85 -45.72
C GLY K 162 31.47 -31.90 -46.60
N ASN K 163 30.60 -31.47 -47.51
CA ASN K 163 29.95 -32.42 -48.41
C ASN K 163 30.91 -32.86 -49.51
N ASP K 164 31.65 -31.91 -50.07
CA ASP K 164 32.76 -32.18 -50.98
C ASP K 164 33.75 -33.17 -50.37
N LYS K 165 34.12 -32.89 -49.12
CA LYS K 165 35.12 -33.68 -48.42
C LYS K 165 34.59 -35.05 -48.00
N ILE K 166 33.30 -35.15 -47.67
CA ILE K 166 32.69 -36.45 -47.33
C ILE K 166 32.35 -37.24 -48.60
N SER K 167 32.18 -36.55 -49.72
CA SER K 167 31.97 -37.21 -51.01
C SER K 167 33.16 -38.09 -51.39
N GLN K 168 34.32 -37.45 -51.49
CA GLN K 168 35.57 -38.08 -51.92
C GLN K 168 36.03 -39.18 -50.95
N LEU K 169 35.82 -38.98 -49.65
CA LEU K 169 36.16 -39.99 -48.63
C LEU K 169 35.32 -41.28 -48.73
N THR K 170 34.09 -41.14 -49.21
CA THR K 170 33.22 -42.29 -49.41
C THR K 170 33.49 -42.97 -50.74
N ARG K 171 33.89 -42.18 -51.74
CA ARG K 171 34.18 -42.67 -53.08
C ARG K 171 35.62 -43.19 -53.24
N MET K 172 36.22 -43.61 -52.13
CA MET K 172 37.55 -44.22 -52.08
C MET K 172 37.48 -45.75 -52.05
N GLY K 173 36.27 -46.28 -52.22
CA GLY K 173 36.02 -47.72 -52.11
C GLY K 173 34.89 -48.02 -51.15
N PRO K 174 35.04 -49.06 -50.31
CA PRO K 174 33.99 -49.42 -49.37
C PRO K 174 34.16 -48.73 -48.03
N THR K 175 33.31 -47.75 -47.74
CA THR K 175 33.32 -47.05 -46.44
C THR K 175 32.09 -47.39 -45.60
N GLU K 176 32.33 -47.76 -44.34
CA GLU K 176 31.28 -48.00 -43.35
C GLU K 176 30.95 -46.70 -42.63
N LEU K 177 29.97 -46.75 -41.72
CA LEU K 177 29.51 -45.55 -41.01
C LEU K 177 28.86 -45.86 -39.65
N LEU K 178 29.43 -45.31 -38.59
CA LEU K 178 28.89 -45.45 -37.24
C LEU K 178 28.31 -44.13 -36.77
N ILE K 179 27.21 -44.21 -36.03
CA ILE K 179 26.59 -43.04 -35.43
C ILE K 179 26.26 -43.26 -33.95
N GLU K 180 26.61 -42.28 -33.14
CA GLU K 180 26.31 -42.30 -31.71
C GLU K 180 25.47 -41.09 -31.28
N MET K 181 24.78 -41.24 -30.14
CA MET K 181 23.91 -40.20 -29.59
C MET K 181 23.64 -40.42 -28.11
N GLU K 182 23.41 -39.32 -27.39
CA GLU K 182 23.04 -39.39 -25.97
C GLU K 182 21.72 -38.64 -25.64
N ASP K 183 20.98 -39.17 -24.68
CA ASP K 183 19.84 -38.45 -24.10
C ASP K 183 20.33 -37.62 -22.91
N TRP K 184 19.42 -36.94 -22.24
CA TRP K 184 19.80 -36.03 -21.17
C TRP K 184 19.84 -36.70 -19.80
N LYS K 185 19.54 -37.99 -19.78
CA LYS K 185 19.57 -38.76 -18.53
C LYS K 185 20.85 -39.59 -18.41
N GLY K 186 21.63 -39.65 -19.50
CA GLY K 186 22.93 -40.32 -19.48
C GLY K 186 22.99 -41.67 -20.19
N ASP K 187 21.93 -42.01 -20.92
CA ASP K 187 21.88 -43.26 -21.67
C ASP K 187 22.32 -43.04 -23.11
N LYS K 188 22.99 -44.04 -23.67
CA LYS K 188 23.51 -43.97 -25.04
C LYS K 188 23.07 -45.17 -25.88
N VAL K 189 23.01 -44.96 -27.19
CA VAL K 189 22.68 -46.02 -28.15
C VAL K 189 23.41 -45.75 -29.46
N LYS K 190 23.87 -46.81 -30.12
CA LYS K 190 24.58 -46.65 -31.39
C LYS K 190 23.73 -47.04 -32.61
N ALA K 191 24.06 -46.49 -33.76
CA ALA K 191 23.36 -46.81 -35.01
C ALA K 191 24.33 -47.10 -36.14
N HIS K 192 24.91 -48.31 -36.11
CA HIS K 192 25.95 -48.74 -37.04
C HIS K 192 25.40 -49.08 -38.44
N TYR K 193 26.15 -48.67 -39.46
CA TYR K 193 25.88 -49.02 -40.85
C TYR K 193 27.14 -49.62 -41.47
N GLY K 194 26.98 -50.69 -42.24
CA GLY K 194 28.12 -51.33 -42.90
C GLY K 194 28.47 -50.65 -44.22
N GLY K 195 27.45 -50.08 -44.86
CA GLY K 195 27.62 -49.41 -46.15
C GLY K 195 27.27 -47.94 -46.02
N PHE K 196 27.61 -47.17 -47.06
CA PHE K 196 27.50 -45.71 -47.03
C PHE K 196 28.17 -45.06 -48.25
N THR K 197 27.40 -44.26 -48.98
CA THR K 197 27.93 -43.54 -50.15
C THR K 197 27.32 -42.13 -50.24
N VAL K 198 28.13 -41.18 -50.69
CA VAL K 198 27.71 -39.79 -50.83
C VAL K 198 28.24 -39.28 -52.16
N GLN K 199 27.36 -39.15 -53.15
CA GLN K 199 27.78 -38.78 -54.51
C GLN K 199 28.30 -37.33 -54.56
N ASN K 200 28.68 -36.85 -55.73
CA ASN K 200 29.28 -35.52 -55.89
C ASN K 200 28.27 -34.36 -55.81
N GLU K 201 28.72 -33.15 -56.16
CA GLU K 201 27.86 -31.97 -56.12
C GLU K 201 26.83 -31.93 -57.26
N ALA K 202 27.24 -32.33 -58.46
CA ALA K 202 26.33 -32.43 -59.60
C ALA K 202 25.27 -33.51 -59.36
N ASN K 203 25.52 -34.35 -58.36
CA ASN K 203 24.58 -35.36 -57.89
C ASN K 203 23.94 -34.97 -56.56
N LYS K 204 24.01 -33.68 -56.24
CA LYS K 204 23.48 -33.13 -54.99
C LYS K 204 23.70 -34.11 -53.83
N TYR K 205 24.98 -34.39 -53.55
CA TYR K 205 25.44 -35.24 -52.45
C TYR K 205 24.44 -36.33 -52.02
N GLN K 206 23.91 -37.02 -53.02
CA GLN K 206 22.87 -38.02 -52.83
C GLN K 206 23.29 -39.21 -51.95
N ILE K 207 22.81 -39.23 -50.71
CA ILE K 207 23.10 -40.32 -49.76
C ILE K 207 22.68 -41.72 -50.30
N SER K 208 23.20 -42.78 -49.66
CA SER K 208 22.84 -44.19 -49.93
C SER K 208 23.55 -45.15 -48.96
N VAL K 209 22.80 -45.70 -48.02
CA VAL K 209 23.36 -46.58 -46.98
C VAL K 209 22.80 -48.00 -46.95
N ASN K 210 23.36 -48.84 -46.09
CA ASN K 210 22.87 -50.21 -45.81
C ASN K 210 23.64 -50.93 -44.69
N LYS K 211 23.31 -52.20 -44.49
CA LYS K 211 23.98 -53.11 -43.54
C LYS K 211 23.83 -52.71 -42.06
N TYR K 212 22.71 -52.07 -41.72
CA TYR K 212 22.49 -51.53 -40.38
C TYR K 212 22.50 -52.58 -39.25
N ARG K 213 22.96 -52.16 -38.07
CA ARG K 213 22.79 -52.90 -36.81
C ARG K 213 22.89 -51.95 -35.61
N GLY K 214 22.33 -52.33 -34.46
CA GLY K 214 22.47 -51.54 -33.23
C GLY K 214 21.22 -51.23 -32.43
N THR K 215 21.38 -50.45 -31.36
CA THR K 215 20.32 -50.16 -30.38
C THR K 215 19.43 -48.93 -30.69
N ALA K 216 19.91 -48.05 -31.56
CA ALA K 216 19.24 -46.77 -31.82
C ALA K 216 18.06 -46.84 -32.80
N GLY K 217 17.90 -47.97 -33.47
CA GLY K 217 16.81 -48.11 -34.46
C GLY K 217 17.12 -47.41 -35.77
N ASN K 218 16.96 -48.18 -36.86
CA ASN K 218 17.24 -47.70 -38.21
C ASN K 218 16.23 -46.63 -38.63
N ALA K 219 16.73 -45.43 -38.91
CA ALA K 219 15.86 -44.32 -39.25
C ALA K 219 16.02 -43.88 -40.70
N LEU K 220 17.16 -44.21 -41.31
CA LEU K 220 17.47 -43.67 -42.62
C LEU K 220 16.96 -44.57 -43.74
N MET K 221 16.70 -45.82 -43.40
CA MET K 221 16.29 -46.85 -44.37
C MET K 221 14.86 -47.34 -44.12
N ASP K 222 14.46 -47.38 -42.86
CA ASP K 222 13.12 -47.85 -42.47
C ASP K 222 12.15 -46.69 -42.30
N GLY K 223 12.67 -45.56 -41.84
CA GLY K 223 11.85 -44.40 -41.50
C GLY K 223 11.53 -44.38 -40.01
N ALA K 224 10.64 -43.46 -39.63
CA ALA K 224 10.18 -43.34 -38.26
C ALA K 224 9.53 -44.65 -37.79
N SER K 225 9.99 -45.19 -36.67
CA SER K 225 9.49 -46.48 -36.19
C SER K 225 8.25 -46.34 -35.32
N GLN K 226 7.22 -45.70 -35.89
CA GLN K 226 5.95 -45.44 -35.21
C GLN K 226 4.90 -45.04 -36.25
N LEU K 227 5.36 -44.43 -37.34
CA LEU K 227 4.50 -44.08 -38.47
C LEU K 227 4.19 -45.31 -39.30
N MET K 228 2.92 -45.45 -39.70
CA MET K 228 2.44 -46.65 -40.37
C MET K 228 2.04 -46.41 -41.82
N GLY K 229 1.85 -47.51 -42.55
CA GLY K 229 1.39 -47.47 -43.94
C GLY K 229 2.37 -46.80 -44.88
N GLU K 230 1.85 -45.89 -45.70
CA GLU K 230 2.65 -45.13 -46.66
C GLU K 230 3.10 -43.78 -46.11
N ASN K 231 2.74 -43.52 -44.84
CA ASN K 231 3.21 -42.35 -44.09
C ASN K 231 4.63 -42.54 -43.57
N ARG K 232 5.00 -43.81 -43.40
CA ARG K 232 6.38 -44.16 -43.08
C ARG K 232 7.26 -44.10 -44.33
N THR K 233 6.69 -44.48 -45.48
CA THR K 233 7.41 -44.47 -46.77
C THR K 233 7.68 -43.03 -47.28
N MET K 234 8.01 -42.14 -46.33
CA MET K 234 8.47 -40.78 -46.61
C MET K 234 9.30 -40.22 -45.45
N THR K 235 9.72 -41.11 -44.56
CA THR K 235 10.71 -40.78 -43.54
C THR K 235 11.98 -41.60 -43.77
N ILE K 236 12.10 -42.15 -44.97
CA ILE K 236 13.27 -42.93 -45.36
C ILE K 236 14.24 -42.05 -46.16
N HIS K 237 15.42 -41.84 -45.60
CA HIS K 237 16.43 -40.98 -46.20
C HIS K 237 17.22 -41.68 -47.29
N ASN K 238 17.52 -42.96 -47.06
CA ASN K 238 18.26 -43.78 -48.02
C ASN K 238 17.88 -43.45 -49.46
N GLY K 239 18.81 -42.86 -50.20
CA GLY K 239 18.58 -42.52 -51.59
C GLY K 239 18.14 -41.08 -51.85
N MET K 240 17.88 -40.32 -50.78
CA MET K 240 17.45 -38.92 -50.91
C MET K 240 18.58 -37.95 -51.26
N PHE K 241 18.22 -36.76 -51.72
CA PHE K 241 19.19 -35.70 -52.02
C PHE K 241 19.47 -34.84 -50.78
N PHE K 242 20.51 -34.01 -50.86
CA PHE K 242 20.89 -33.12 -49.76
C PHE K 242 20.30 -31.72 -49.98
N SER K 243 19.69 -31.19 -48.92
CA SER K 243 19.02 -29.89 -48.99
C SER K 243 19.36 -28.99 -47.80
N THR K 244 19.70 -27.73 -48.11
CA THR K 244 19.80 -26.67 -47.10
C THR K 244 18.65 -25.70 -47.33
N TYR K 245 18.46 -24.72 -46.45
CA TYR K 245 17.29 -23.83 -46.54
C TYR K 245 17.22 -22.98 -47.82
N ASP K 246 18.36 -22.73 -48.46
CA ASP K 246 18.38 -21.98 -49.72
C ASP K 246 18.50 -22.87 -50.97
N ARG K 247 18.42 -24.18 -50.75
CA ARG K 247 18.41 -25.14 -51.85
C ARG K 247 17.50 -26.33 -51.55
N ASP K 248 16.35 -26.36 -52.24
CA ASP K 248 15.38 -27.46 -52.11
C ASP K 248 15.83 -28.69 -52.89
N ASN K 249 15.89 -29.80 -52.16
CA ASN K 249 16.10 -31.14 -52.71
C ASN K 249 15.41 -32.11 -51.77
N ASP K 250 14.16 -31.80 -51.46
CA ASP K 250 13.33 -32.66 -50.63
C ASP K 250 12.27 -33.36 -51.49
N GLY K 251 11.71 -34.46 -50.98
CA GLY K 251 10.78 -35.30 -51.73
C GLY K 251 9.47 -34.65 -52.16
N TRP K 252 9.37 -33.34 -52.02
CA TRP K 252 8.17 -32.59 -52.38
C TRP K 252 8.13 -32.17 -53.85
N LEU K 253 7.15 -32.73 -54.57
CA LEU K 253 6.78 -32.25 -55.89
C LEU K 253 5.39 -31.61 -55.85
N THR K 254 5.03 -31.12 -54.66
CA THR K 254 3.89 -30.23 -54.46
C THR K 254 4.45 -28.84 -54.18
N SER K 255 4.75 -28.10 -55.24
CA SER K 255 5.52 -26.86 -55.16
C SER K 255 4.76 -25.66 -54.62
N ASP K 256 5.24 -25.14 -53.50
CA ASP K 256 4.79 -23.87 -52.93
C ASP K 256 5.88 -23.32 -52.00
N PRO K 257 6.00 -21.97 -51.90
CA PRO K 257 6.98 -21.35 -50.99
C PRO K 257 6.83 -21.79 -49.53
N ARG K 258 5.67 -22.37 -49.19
CA ARG K 258 5.41 -22.91 -47.86
C ARG K 258 5.99 -24.32 -47.69
N LYS K 259 6.20 -25.02 -48.80
CA LYS K 259 6.70 -26.40 -48.78
C LYS K 259 8.20 -26.54 -49.05
N GLN K 260 8.98 -26.36 -48.00
CA GLN K 260 10.41 -26.66 -48.01
C GLN K 260 10.70 -27.41 -46.72
N CYS K 261 11.37 -28.57 -46.83
CA CYS K 261 11.72 -29.38 -45.67
C CYS K 261 12.79 -28.71 -44.81
N SER K 262 13.77 -28.11 -45.49
CA SER K 262 14.78 -27.28 -44.86
C SER K 262 14.19 -25.88 -44.70
N LYS K 263 13.66 -25.64 -43.50
CA LYS K 263 12.97 -24.39 -43.19
C LYS K 263 13.94 -23.36 -42.65
N GLU K 264 13.89 -22.17 -43.24
CA GLU K 264 14.83 -21.07 -42.98
C GLU K 264 15.38 -21.01 -41.56
N ASP K 265 16.71 -20.92 -41.48
CA ASP K 265 17.46 -21.01 -40.23
C ASP K 265 17.53 -22.46 -39.68
N GLY K 266 17.16 -23.43 -40.51
CA GLY K 266 17.22 -24.85 -40.14
C GLY K 266 18.34 -25.60 -40.82
N GLY K 267 18.82 -26.66 -40.17
CA GLY K 267 19.95 -27.43 -40.66
C GLY K 267 19.83 -27.99 -42.07
N GLY K 268 20.97 -28.18 -42.72
CA GLY K 268 21.06 -28.83 -44.03
C GLY K 268 21.25 -30.32 -43.90
N TRP K 269 20.51 -31.08 -44.72
CA TRP K 269 20.45 -32.54 -44.60
C TRP K 269 19.82 -33.17 -45.85
N TRP K 270 19.81 -34.50 -45.89
CA TRP K 270 19.16 -35.25 -46.97
C TRP K 270 17.68 -35.40 -46.65
N TYR K 271 16.88 -34.47 -47.16
CA TYR K 271 15.48 -34.36 -46.78
C TYR K 271 14.55 -35.14 -47.72
N ASN K 272 13.64 -35.90 -47.10
CA ASN K 272 12.57 -36.63 -47.81
C ASN K 272 11.27 -35.85 -47.68
N ARG K 273 10.39 -36.32 -46.78
CA ARG K 273 9.10 -35.67 -46.52
C ARG K 273 8.62 -35.85 -45.06
N CYS K 274 9.36 -35.35 -44.06
CA CYS K 274 10.68 -34.74 -44.21
C CYS K 274 11.78 -35.65 -43.69
N HIS K 275 11.53 -36.28 -42.55
CA HIS K 275 12.60 -36.91 -41.78
C HIS K 275 12.11 -37.90 -40.74
N ALA K 276 13.01 -38.81 -40.37
CA ALA K 276 12.86 -39.67 -39.20
C ALA K 276 13.96 -39.34 -38.20
N ALA K 277 14.97 -38.64 -38.70
CA ALA K 277 16.09 -38.17 -37.89
C ALA K 277 16.86 -37.03 -38.56
N ASN K 278 17.26 -36.05 -37.76
CA ASN K 278 18.04 -34.92 -38.27
C ASN K 278 19.05 -34.37 -37.24
N PRO K 279 20.24 -35.01 -37.14
CA PRO K 279 21.37 -34.59 -36.27
C PRO K 279 21.92 -33.20 -36.57
N ASN K 280 21.67 -32.67 -37.77
CA ASN K 280 22.02 -31.29 -38.11
C ASN K 280 20.92 -30.28 -37.75
N GLY K 281 20.11 -30.64 -36.76
CA GLY K 281 18.97 -29.83 -36.36
C GLY K 281 19.38 -28.62 -35.55
N ARG K 282 18.66 -28.38 -34.45
CA ARG K 282 18.98 -27.28 -33.54
C ARG K 282 19.10 -27.81 -32.12
N TYR K 283 20.08 -27.29 -31.39
CA TYR K 283 20.44 -27.84 -30.09
C TYR K 283 19.53 -27.35 -28.94
N TYR K 284 18.30 -27.88 -28.87
CA TYR K 284 17.34 -27.49 -27.82
C TYR K 284 17.78 -28.02 -26.47
N TRP K 285 18.33 -27.14 -25.63
CA TRP K 285 18.75 -27.51 -24.28
C TRP K 285 17.63 -28.28 -23.54
N GLY K 286 17.98 -29.12 -22.58
CA GLY K 286 17.00 -29.87 -21.78
C GLY K 286 16.37 -31.06 -22.48
N GLY K 287 16.42 -31.04 -23.83
CA GLY K 287 15.92 -32.14 -24.66
C GLY K 287 14.51 -31.92 -25.15
N GLN K 288 13.54 -32.24 -24.28
CA GLN K 288 12.10 -32.08 -24.53
C GLN K 288 11.79 -30.70 -25.06
N TYR K 289 11.32 -30.61 -26.30
CA TYR K 289 10.87 -29.31 -26.80
C TYR K 289 9.47 -29.38 -27.40
N THR K 290 8.79 -28.24 -27.49
CA THR K 290 7.39 -28.23 -27.94
C THR K 290 7.18 -27.34 -29.15
N TRP K 291 6.00 -27.47 -29.76
CA TRP K 291 5.69 -26.82 -31.03
C TRP K 291 5.83 -25.29 -31.01
N ASP K 292 5.64 -24.71 -29.82
CA ASP K 292 5.75 -23.26 -29.63
C ASP K 292 7.19 -22.83 -29.33
N MET K 293 7.96 -23.75 -28.74
CA MET K 293 9.41 -23.54 -28.55
C MET K 293 10.12 -23.56 -29.90
N ALA K 294 9.49 -24.21 -30.89
CA ALA K 294 9.98 -24.24 -32.27
C ALA K 294 10.05 -22.84 -32.88
N LYS K 295 10.31 -22.76 -34.17
CA LYS K 295 10.28 -21.47 -34.84
C LYS K 295 9.36 -21.59 -36.04
N HIS K 296 9.02 -22.83 -36.40
CA HIS K 296 8.08 -23.11 -37.48
C HIS K 296 7.04 -24.16 -37.07
N GLY K 297 6.96 -24.44 -35.77
CA GLY K 297 6.08 -25.46 -35.24
C GLY K 297 6.65 -26.85 -35.54
N THR K 298 7.17 -26.99 -36.75
CA THR K 298 7.81 -28.21 -37.22
C THR K 298 8.97 -28.64 -36.34
N ASP K 299 9.23 -29.94 -36.36
CA ASP K 299 10.33 -30.53 -35.65
C ASP K 299 11.66 -30.25 -36.37
N ASP K 300 12.42 -29.29 -35.84
CA ASP K 300 13.68 -28.87 -36.48
C ASP K 300 14.89 -29.07 -35.56
N GLY K 301 14.75 -29.95 -34.58
CA GLY K 301 15.80 -30.20 -33.60
C GLY K 301 16.72 -31.35 -33.97
N VAL K 302 17.60 -31.69 -33.02
CA VAL K 302 18.55 -32.77 -33.19
C VAL K 302 17.88 -34.04 -32.68
N VAL K 303 17.21 -34.71 -33.60
CA VAL K 303 16.20 -35.70 -33.25
C VAL K 303 16.40 -37.03 -33.99
N TRP K 304 16.32 -38.12 -33.23
CA TRP K 304 16.32 -39.48 -33.74
C TRP K 304 14.97 -40.10 -33.36
N MET K 305 14.03 -40.09 -34.30
CA MET K 305 12.65 -40.50 -34.00
C MET K 305 12.59 -41.91 -33.40
N ASN K 306 13.27 -42.85 -34.05
CA ASN K 306 13.22 -44.28 -33.69
C ASN K 306 13.61 -44.65 -32.25
N TRP K 307 14.03 -43.67 -31.47
CA TRP K 307 14.47 -43.92 -30.11
C TRP K 307 13.82 -42.97 -29.11
N LYS K 308 13.44 -41.78 -29.56
CA LYS K 308 12.85 -40.79 -28.65
C LYS K 308 11.42 -40.34 -28.96
N GLY K 309 11.25 -39.23 -29.66
CA GLY K 309 9.92 -38.76 -30.00
C GLY K 309 9.94 -38.04 -31.33
N SER K 310 9.09 -37.04 -31.44
CA SER K 310 9.17 -36.06 -32.51
C SER K 310 9.58 -34.74 -31.86
N TRP K 311 9.86 -34.76 -30.56
CA TRP K 311 10.14 -33.53 -29.83
C TRP K 311 11.20 -33.77 -28.75
N TYR K 312 12.43 -34.06 -29.19
CA TYR K 312 13.57 -34.32 -28.31
C TYR K 312 14.90 -34.10 -29.04
N SER K 313 15.51 -32.94 -28.82
CA SER K 313 16.83 -32.66 -29.36
C SER K 313 17.90 -33.33 -28.51
N MET K 314 18.85 -33.96 -29.18
CA MET K 314 19.79 -34.85 -28.52
C MET K 314 20.89 -34.14 -27.73
N ARG K 315 21.23 -34.71 -26.57
CA ARG K 315 22.32 -34.22 -25.73
C ARG K 315 23.67 -34.28 -26.49
N LYS K 316 23.93 -35.39 -27.17
CA LYS K 316 25.13 -35.59 -28.00
C LYS K 316 24.81 -36.33 -29.31
N MET K 317 25.54 -36.02 -30.38
CA MET K 317 25.32 -36.63 -31.68
C MET K 317 26.57 -36.61 -32.54
N SER K 318 26.99 -37.77 -33.05
CA SER K 318 28.21 -37.89 -33.84
C SER K 318 28.08 -38.77 -35.09
N MET K 319 28.92 -38.50 -36.09
CA MET K 319 28.99 -39.32 -37.30
C MET K 319 30.44 -39.69 -37.65
N LYS K 320 30.81 -40.94 -37.35
CA LYS K 320 32.17 -41.43 -37.53
C LYS K 320 32.27 -42.46 -38.67
N ILE K 321 33.43 -42.50 -39.32
CA ILE K 321 33.62 -43.31 -40.52
C ILE K 321 34.93 -44.13 -40.53
N ARG K 322 34.90 -45.24 -41.27
CA ARG K 322 36.04 -46.14 -41.41
C ARG K 322 35.82 -46.93 -42.69
N PRO K 323 36.90 -47.33 -43.39
CA PRO K 323 36.73 -48.27 -44.52
C PRO K 323 36.24 -49.67 -44.07
N PHE K 324 35.68 -50.42 -45.01
CA PHE K 324 35.03 -51.70 -44.71
C PHE K 324 35.92 -52.92 -45.00
N PHE K 325 36.15 -53.72 -43.95
CA PHE K 325 36.92 -54.96 -44.06
C PHE K 325 36.23 -56.12 -43.34
N PRO K 326 35.81 -56.01 -42.19
N MET L 2 -33.55 3.80 -12.17
CA MET L 2 -33.79 5.05 -12.96
C MET L 2 -32.68 5.30 -13.99
N LEU L 3 -32.44 6.56 -14.32
CA LEU L 3 -31.33 6.94 -15.20
C LEU L 3 -30.01 6.96 -14.43
N GLU L 4 -30.10 6.88 -13.09
CA GLU L 4 -28.93 6.92 -12.19
C GLU L 4 -27.88 5.84 -12.49
N GLU L 5 -28.36 4.64 -12.85
CA GLU L 5 -27.48 3.54 -13.24
C GLU L 5 -26.89 3.80 -14.62
N ILE L 6 -27.74 4.20 -15.55
CA ILE L 6 -27.37 4.47 -16.94
C ILE L 6 -26.78 5.87 -17.10
N MET L 7 -25.89 6.24 -16.18
CA MET L 7 -25.23 7.54 -16.18
C MET L 7 -23.71 7.38 -16.11
N LYS L 8 -23.25 6.65 -15.09
CA LYS L 8 -21.85 6.18 -15.06
C LYS L 8 -21.77 4.80 -15.72
N TYR L 9 -22.41 4.71 -16.88
CA TYR L 9 -22.34 3.56 -17.78
C TYR L 9 -21.97 4.03 -19.19
N GLU L 10 -21.87 5.35 -19.35
CA GLU L 10 -21.17 5.94 -20.49
C GLU L 10 -19.95 6.71 -19.96
N ALA L 11 -19.92 6.88 -18.64
CA ALA L 11 -18.76 7.43 -17.93
C ALA L 11 -17.86 6.28 -17.45
N SER L 12 -18.36 5.06 -17.58
CA SER L 12 -17.57 3.86 -17.29
C SER L 12 -16.93 3.33 -18.57
N ILE L 13 -17.67 3.38 -19.67
CA ILE L 13 -17.22 2.88 -20.97
C ILE L 13 -16.54 3.98 -21.83
N LEU L 14 -16.23 5.11 -21.20
CA LEU L 14 -15.27 6.05 -21.76
C LEU L 14 -13.89 5.44 -21.43
N THR L 15 -13.75 5.03 -20.17
CA THR L 15 -12.54 4.39 -19.65
C THR L 15 -12.20 3.14 -20.46
N HIS L 16 -13.21 2.34 -20.75
CA HIS L 16 -13.02 1.06 -21.43
C HIS L 16 -12.78 1.20 -22.95
N ASP L 17 -13.15 2.34 -23.52
CA ASP L 17 -12.78 2.61 -24.90
C ASP L 17 -11.32 3.07 -24.96
N SER L 18 -10.88 3.78 -23.92
CA SER L 18 -9.51 4.30 -23.88
C SER L 18 -8.50 3.43 -23.12
N SER L 19 -8.97 2.37 -22.46
CA SER L 19 -8.05 1.32 -22.00
C SER L 19 -7.70 0.43 -23.18
N ILE L 20 -8.71 0.14 -24.01
CA ILE L 20 -8.54 -0.68 -25.21
C ILE L 20 -7.77 0.06 -26.32
N ARG L 21 -8.10 1.34 -26.56
CA ARG L 21 -7.33 2.13 -27.52
C ARG L 21 -5.87 2.27 -27.06
N TYR L 22 -5.59 1.81 -25.83
CA TYR L 22 -4.25 1.84 -25.24
C TYR L 22 -3.56 0.49 -25.13
N LEU L 23 -4.32 -0.56 -24.82
CA LEU L 23 -3.77 -1.91 -24.88
C LEU L 23 -3.36 -2.25 -26.32
N GLN L 24 -4.15 -1.80 -27.28
CA GLN L 24 -3.78 -1.90 -28.68
C GLN L 24 -2.67 -0.89 -29.00
N GLU L 25 -2.05 -0.34 -27.97
CA GLU L 25 -0.99 0.65 -28.14
C GLU L 25 0.34 0.18 -27.55
N ILE L 26 0.27 -0.56 -26.44
CA ILE L 26 1.39 -1.32 -25.91
C ILE L 26 1.78 -2.34 -26.95
N TYR L 27 0.82 -3.20 -27.28
CA TYR L 27 0.96 -4.21 -28.29
C TYR L 27 1.57 -3.69 -29.60
N ASN L 28 1.03 -2.61 -30.14
CA ASN L 28 1.55 -2.09 -31.41
C ASN L 28 3.00 -1.58 -31.30
N SER L 29 3.43 -1.27 -30.08
CA SER L 29 4.81 -0.91 -29.79
C SER L 29 5.67 -2.16 -29.69
N ASN L 30 5.16 -3.16 -28.96
CA ASN L 30 5.82 -4.46 -28.87
C ASN L 30 6.08 -5.10 -30.24
N ASN L 31 5.04 -5.18 -31.08
CA ASN L 31 5.19 -5.68 -32.44
C ASN L 31 5.95 -4.73 -33.37
N GLN L 32 6.74 -3.84 -32.78
CA GLN L 32 7.60 -2.92 -33.52
C GLN L 32 8.97 -2.87 -32.85
N LYS L 33 9.04 -3.43 -31.66
CA LYS L 33 10.28 -3.59 -30.92
C LYS L 33 10.78 -5.02 -31.13
N ILE L 34 9.84 -5.97 -31.13
CA ILE L 34 10.07 -7.36 -31.48
C ILE L 34 10.76 -7.44 -32.84
N VAL L 35 10.16 -6.79 -33.84
CA VAL L 35 10.72 -6.78 -35.19
C VAL L 35 12.04 -6.01 -35.23
N ASN L 36 12.19 -5.01 -34.37
CA ASN L 36 13.44 -4.25 -34.25
C ASN L 36 14.55 -4.89 -33.41
N LEU L 37 14.22 -6.01 -32.76
CA LEU L 37 15.19 -6.84 -32.03
C LEU L 37 15.67 -7.98 -32.92
N LYS L 38 14.78 -8.45 -33.80
CA LYS L 38 15.13 -9.50 -34.76
C LYS L 38 16.21 -9.04 -35.74
N GLU L 39 16.15 -7.78 -36.15
CA GLU L 39 17.13 -7.21 -37.07
C GLU L 39 18.52 -7.13 -36.44
N LYS L 40 18.56 -6.90 -35.13
CA LYS L 40 19.82 -6.87 -34.37
C LYS L 40 20.37 -8.28 -34.15
N VAL L 41 19.48 -9.27 -34.22
CA VAL L 41 19.87 -10.67 -34.14
C VAL L 41 20.52 -11.15 -35.44
N ALA L 42 19.98 -10.71 -36.58
CA ALA L 42 20.62 -10.96 -37.89
C ALA L 42 22.07 -10.49 -37.91
N GLN L 43 22.44 -9.69 -36.92
CA GLN L 43 23.80 -9.20 -36.80
C GLN L 43 24.59 -9.91 -35.70
N LEU L 44 23.90 -10.65 -34.84
CA LEU L 44 24.63 -11.57 -33.96
C LEU L 44 24.83 -12.88 -34.69
N GLU L 45 24.14 -13.06 -35.81
CA GLU L 45 24.36 -14.24 -36.63
C GLU L 45 25.73 -14.14 -37.33
N ALA L 46 25.82 -13.34 -38.39
CA ALA L 46 27.07 -13.18 -39.14
C ALA L 46 28.22 -12.63 -38.28
N GLN L 47 28.20 -12.98 -37.00
CA GLN L 47 29.30 -12.70 -36.08
C GLN L 47 29.71 -14.00 -35.41
N CYS L 48 28.96 -15.06 -35.69
CA CYS L 48 29.20 -16.37 -35.08
C CYS L 48 29.28 -17.46 -36.15
N GLN L 49 29.96 -17.14 -37.24
CA GLN L 49 30.17 -18.10 -38.33
C GLN L 49 31.62 -18.63 -38.35
N GLU L 50 32.59 -17.71 -38.25
CA GLU L 50 34.01 -18.05 -38.19
C GLU L 50 34.31 -18.86 -36.93
N PRO L 51 35.06 -19.99 -37.08
CA PRO L 51 35.43 -20.84 -35.94
C PRO L 51 36.74 -20.36 -35.30
N CYS L 52 37.00 -20.82 -34.08
CA CYS L 52 38.15 -20.39 -33.29
C CYS L 52 39.40 -20.07 -34.12
N LYS L 53 40.00 -18.91 -33.86
CA LYS L 53 41.24 -18.53 -34.53
C LYS L 53 42.40 -19.39 -34.02
N ASP L 54 43.19 -19.92 -34.95
CA ASP L 54 44.30 -20.82 -34.62
C ASP L 54 45.66 -20.14 -34.69
N THR L 55 46.43 -20.26 -33.61
CA THR L 55 47.81 -19.75 -33.54
C THR L 55 48.74 -20.45 -34.53
N VAL L 56 48.27 -21.60 -35.04
CA VAL L 56 49.05 -22.49 -35.89
C VAL L 56 48.57 -22.41 -37.35
N GLN L 57 49.50 -22.16 -38.27
CA GLN L 57 49.20 -22.21 -39.71
C GLN L 57 50.36 -22.74 -40.57
N ILE L 58 50.06 -23.03 -41.84
CA ILE L 58 50.98 -23.67 -42.76
C ILE L 58 51.17 -22.75 -43.96
N HIS L 59 52.41 -22.32 -44.20
CA HIS L 59 52.68 -21.31 -45.26
C HIS L 59 52.39 -21.83 -46.67
N ASP L 60 52.30 -20.94 -47.65
CA ASP L 60 51.97 -21.36 -49.02
C ASP L 60 53.20 -21.59 -49.90
N ILE L 61 54.37 -21.24 -49.37
CA ILE L 61 55.66 -21.52 -50.01
C ILE L 61 56.03 -22.99 -49.76
N THR L 62 56.18 -23.72 -50.87
CA THR L 62 56.53 -25.14 -50.84
C THR L 62 57.78 -25.43 -51.69
N GLY L 63 58.56 -26.42 -51.26
CA GLY L 63 59.77 -26.81 -51.97
C GLY L 63 60.12 -28.27 -51.83
N LYS L 64 61.41 -28.56 -51.96
CA LYS L 64 61.90 -29.93 -51.86
C LYS L 64 62.52 -30.18 -50.49
N ASP L 65 62.74 -29.10 -49.75
CA ASP L 65 63.20 -29.13 -48.35
C ASP L 65 63.29 -27.70 -47.82
N CYS L 66 63.44 -27.56 -46.51
CA CYS L 66 63.53 -26.25 -45.88
C CYS L 66 64.48 -25.25 -46.58
N GLN L 67 65.49 -25.75 -47.28
CA GLN L 67 66.36 -24.87 -48.03
C GLN L 67 65.83 -24.55 -49.44
N ASP L 68 64.99 -25.40 -50.03
CA ASP L 68 64.40 -25.05 -51.32
C ASP L 68 63.42 -23.91 -51.11
N ILE L 69 62.66 -24.03 -50.01
CA ILE L 69 61.80 -22.99 -49.50
C ILE L 69 62.56 -21.67 -49.45
N ALA L 70 63.56 -21.60 -48.56
CA ALA L 70 64.29 -20.38 -48.21
C ALA L 70 64.87 -19.59 -49.38
N ASN L 71 65.24 -20.26 -50.46
CA ASN L 71 65.68 -19.58 -51.67
C ASN L 71 64.52 -18.84 -52.33
N LYS L 72 63.35 -19.45 -52.25
CA LYS L 72 62.16 -18.97 -52.95
C LYS L 72 61.54 -17.73 -52.30
N GLY L 73 61.27 -17.80 -50.99
CA GLY L 73 60.65 -16.68 -50.30
C GLY L 73 60.71 -16.69 -48.79
N ALA L 74 60.01 -17.64 -48.19
CA ALA L 74 59.69 -17.60 -46.75
C ALA L 74 60.85 -17.22 -45.83
N LYS L 75 60.52 -16.66 -44.66
CA LYS L 75 61.51 -16.10 -43.74
C LYS L 75 61.27 -16.47 -42.28
N GLN L 76 60.20 -17.22 -42.03
CA GLN L 76 59.77 -17.53 -40.65
C GLN L 76 60.07 -18.97 -40.23
N SER L 77 60.75 -19.12 -39.10
CA SER L 77 60.96 -20.43 -38.50
C SER L 77 59.61 -21.07 -38.15
N GLY L 78 59.04 -21.83 -39.10
CA GLY L 78 57.76 -22.54 -38.87
C GLY L 78 57.43 -23.70 -39.79
N LEU L 79 56.30 -24.35 -39.51
CA LEU L 79 55.79 -25.52 -40.28
C LEU L 79 55.50 -25.22 -41.76
N TYR L 80 55.96 -26.10 -42.65
CA TYR L 80 55.64 -26.04 -44.10
C TYR L 80 55.47 -27.42 -44.74
N PHE L 81 54.95 -27.44 -45.96
CA PHE L 81 54.79 -28.68 -46.74
C PHE L 81 55.91 -28.87 -47.75
N ILE L 82 56.54 -30.04 -47.66
CA ILE L 82 57.70 -30.40 -48.49
C ILE L 82 57.44 -31.69 -49.29
N LYS L 83 57.74 -31.63 -50.59
CA LYS L 83 57.67 -32.82 -51.45
C LYS L 83 59.01 -33.04 -52.14
N PRO L 84 59.87 -33.92 -51.56
CA PRO L 84 61.18 -34.32 -52.11
C PRO L 84 61.10 -35.01 -53.49
N LEU L 85 62.24 -35.08 -54.17
CA LEU L 85 62.31 -35.46 -55.59
C LEU L 85 61.87 -36.89 -55.93
N LYS L 86 61.95 -37.79 -54.96
CA LYS L 86 61.59 -39.18 -55.16
C LYS L 86 60.25 -39.56 -54.50
N ALA L 87 59.78 -38.72 -53.56
CA ALA L 87 58.63 -39.06 -52.73
C ALA L 87 57.28 -38.94 -53.46
N ASN L 88 56.26 -39.59 -52.90
CA ASN L 88 54.92 -39.66 -53.51
C ASN L 88 53.96 -38.57 -53.01
N GLN L 89 53.75 -38.54 -51.70
CA GLN L 89 52.84 -37.60 -51.06
C GLN L 89 53.61 -36.66 -50.15
N GLN L 90 53.38 -35.36 -50.30
CA GLN L 90 53.98 -34.32 -49.42
C GLN L 90 53.77 -34.60 -47.93
N PHE L 91 54.65 -34.03 -47.11
CA PHE L 91 54.58 -34.19 -45.66
C PHE L 91 55.01 -32.91 -44.95
N LEU L 92 54.59 -32.77 -43.71
CA LEU L 92 54.74 -31.51 -43.00
C LEU L 92 55.99 -31.49 -42.14
N VAL L 93 56.80 -30.44 -42.32
CA VAL L 93 58.07 -30.30 -41.62
C VAL L 93 58.17 -28.95 -40.90
N TYR L 94 58.82 -28.95 -39.74
CA TYR L 94 59.28 -27.73 -39.10
C TYR L 94 60.57 -27.17 -39.79
N CYS L 95 60.50 -25.99 -40.36
CA CYS L 95 61.72 -25.36 -40.87
C CYS L 95 62.46 -24.59 -39.80
N GLU L 96 63.54 -23.92 -40.20
CA GLU L 96 64.36 -23.13 -39.30
C GLU L 96 65.24 -22.20 -40.11
N ILE L 97 64.69 -21.03 -40.42
CA ILE L 97 65.42 -20.06 -41.25
C ILE L 97 66.04 -18.95 -40.41
N ASP L 98 67.24 -18.51 -40.81
CA ASP L 98 67.91 -17.37 -40.17
C ASP L 98 68.20 -16.25 -41.18
N GLY L 99 68.88 -15.20 -40.72
CA GLY L 99 69.11 -13.99 -41.51
C GLY L 99 70.13 -14.13 -42.64
N SER L 100 70.23 -15.32 -43.22
CA SER L 100 71.17 -15.59 -44.30
C SER L 100 70.49 -16.25 -45.50
N GLY L 101 69.49 -17.09 -45.21
CA GLY L 101 68.77 -17.87 -46.24
C GLY L 101 68.88 -19.37 -46.03
N ASN L 102 69.13 -19.77 -44.78
CA ASN L 102 69.39 -21.17 -44.43
C ASN L 102 68.14 -22.01 -44.09
N GLY L 103 68.03 -23.19 -44.70
CA GLY L 103 66.85 -24.04 -44.51
C GLY L 103 67.05 -25.37 -43.81
N TRP L 104 67.28 -25.31 -42.50
CA TRP L 104 67.50 -26.51 -41.70
C TRP L 104 66.23 -27.29 -41.43
N THR L 105 65.91 -28.24 -42.31
CA THR L 105 64.80 -29.18 -42.03
C THR L 105 65.09 -30.01 -40.78
N VAL L 106 64.32 -29.82 -39.72
CA VAL L 106 64.56 -30.56 -38.49
C VAL L 106 63.90 -31.94 -38.57
N PHE L 107 64.34 -32.88 -37.72
CA PHE L 107 63.68 -34.19 -37.58
C PHE L 107 63.61 -34.71 -36.15
N GLN L 108 64.47 -34.20 -35.27
CA GLN L 108 64.39 -34.58 -33.86
C GLN L 108 64.52 -33.36 -32.94
N LYS L 109 63.65 -33.31 -31.92
CA LYS L 109 63.69 -32.28 -30.87
C LYS L 109 63.33 -32.84 -29.51
N ARG L 110 64.02 -32.39 -28.47
CA ARG L 110 63.72 -32.76 -27.08
C ARG L 110 63.79 -31.51 -26.20
N LEU L 111 62.87 -31.37 -25.24
CA LEU L 111 62.75 -30.17 -24.42
C LEU L 111 62.33 -30.46 -23.00
N ASP L 112 61.13 -31.01 -22.84
CA ASP L 112 60.46 -31.11 -21.55
C ASP L 112 60.20 -32.54 -21.09
N GLY L 113 60.18 -33.47 -22.05
CA GLY L 113 59.89 -34.89 -21.77
C GLY L 113 58.42 -35.20 -21.93
N SER L 114 57.76 -34.48 -22.83
CA SER L 114 56.33 -34.61 -23.08
C SER L 114 56.02 -35.93 -23.80
N VAL L 115 56.68 -36.12 -24.94
CA VAL L 115 56.59 -37.34 -25.73
C VAL L 115 57.52 -38.41 -25.17
N ASP L 116 56.98 -39.61 -24.97
CA ASP L 116 57.79 -40.76 -24.57
C ASP L 116 58.28 -41.50 -25.83
N PHE L 117 59.61 -41.66 -25.92
CA PHE L 117 60.27 -42.07 -27.16
C PHE L 117 60.44 -43.59 -27.35
N LYS L 118 60.30 -44.34 -26.26
CA LYS L 118 60.15 -45.81 -26.30
C LYS L 118 59.01 -46.24 -27.25
N LYS L 119 59.28 -46.20 -28.55
CA LYS L 119 58.29 -46.54 -29.58
C LYS L 119 58.70 -47.66 -30.53
N ASN L 120 57.70 -48.27 -31.18
CA ASN L 120 57.91 -49.41 -32.06
C ASN L 120 58.50 -49.06 -33.43
N TRP L 121 58.77 -50.10 -34.22
CA TRP L 121 59.35 -49.93 -35.55
C TRP L 121 58.42 -49.14 -36.47
N ILE L 122 57.16 -49.57 -36.57
CA ILE L 122 56.23 -48.99 -37.55
C ILE L 122 56.01 -47.50 -37.27
N GLN L 123 56.15 -47.12 -36.00
CA GLN L 123 56.10 -45.72 -35.58
C GLN L 123 57.28 -44.89 -36.13
N TYR L 124 58.49 -45.15 -35.63
CA TYR L 124 59.69 -44.46 -36.11
C TYR L 124 59.80 -44.46 -37.63
N LYS L 125 59.19 -45.45 -38.26
CA LYS L 125 59.18 -45.56 -39.71
C LYS L 125 58.41 -44.39 -40.32
N GLU L 126 57.27 -44.08 -39.67
CA GLU L 126 56.26 -43.14 -40.19
C GLU L 126 56.33 -41.70 -39.64
N GLY L 127 56.80 -41.58 -38.41
CA GLY L 127 56.81 -40.33 -37.68
C GLY L 127 56.02 -40.56 -36.41
N PHE L 128 56.34 -39.78 -35.37
CA PHE L 128 55.53 -39.72 -34.16
C PHE L 128 55.90 -38.49 -33.31
N GLY L 129 54.88 -37.67 -33.00
CA GLY L 129 55.07 -36.46 -32.21
C GLY L 129 54.23 -35.30 -32.73
N HIS L 130 54.59 -34.09 -32.34
CA HIS L 130 53.82 -32.89 -32.68
C HIS L 130 54.64 -31.71 -33.19
N LEU L 131 54.49 -31.40 -34.47
CA LEU L 131 55.16 -30.27 -35.07
C LEU L 131 54.55 -28.90 -34.66
N SER L 132 55.19 -28.19 -33.73
CA SER L 132 54.81 -26.80 -33.41
C SER L 132 55.53 -25.78 -34.31
N PRO L 133 54.84 -24.68 -34.70
CA PRO L 133 55.49 -23.63 -35.53
C PRO L 133 56.19 -22.58 -34.68
N THR L 134 55.87 -22.61 -33.38
CA THR L 134 56.66 -21.97 -32.35
C THR L 134 58.01 -22.69 -32.30
N GLY L 135 57.99 -23.99 -32.60
CA GLY L 135 59.19 -24.83 -32.54
C GLY L 135 59.47 -25.20 -31.11
N THR L 136 58.42 -25.55 -30.37
CA THR L 136 58.53 -25.78 -28.93
C THR L 136 57.88 -27.10 -28.48
N THR L 137 57.93 -28.12 -29.35
CA THR L 137 57.46 -29.48 -29.04
C THR L 137 58.46 -30.59 -29.39
N GLU L 138 58.38 -31.71 -28.66
CA GLU L 138 59.20 -32.90 -28.92
C GLU L 138 58.58 -33.77 -30.03
N PHE L 139 59.42 -34.26 -30.95
CA PHE L 139 58.92 -35.01 -32.11
C PHE L 139 60.00 -35.76 -32.89
N TRP L 140 59.66 -36.95 -33.39
CA TRP L 140 60.45 -37.66 -34.39
C TRP L 140 59.79 -37.56 -35.76
N LEU L 141 60.50 -36.99 -36.73
CA LEU L 141 59.89 -36.72 -38.04
C LEU L 141 59.51 -37.99 -38.78
N GLY L 142 60.23 -39.08 -38.49
CA GLY L 142 60.03 -40.37 -39.15
C GLY L 142 61.17 -40.76 -40.07
N ASN L 143 61.68 -41.97 -39.88
CA ASN L 143 62.79 -42.49 -40.67
C ASN L 143 62.56 -42.42 -42.19
N GLU L 144 61.44 -42.98 -42.65
CA GLU L 144 61.11 -43.01 -44.08
C GLU L 144 61.19 -41.61 -44.70
N LYS L 145 60.87 -40.61 -43.89
CA LYS L 145 60.94 -39.22 -44.29
C LYS L 145 62.39 -38.81 -44.42
N ILE L 146 63.14 -38.90 -43.31
CA ILE L 146 64.56 -38.56 -43.29
C ILE L 146 65.27 -39.17 -44.52
N HIS L 147 65.07 -40.47 -44.73
CA HIS L 147 65.62 -41.18 -45.88
C HIS L 147 65.28 -40.47 -47.19
N LEU L 148 64.02 -40.09 -47.36
CA LEU L 148 63.58 -39.52 -48.63
C LEU L 148 64.22 -38.18 -48.96
N ILE L 149 64.56 -37.43 -47.91
CA ILE L 149 65.21 -36.12 -48.04
C ILE L 149 66.70 -36.25 -48.29
N SER L 150 67.38 -36.97 -47.38
CA SER L 150 68.83 -37.10 -47.41
C SER L 150 69.31 -37.85 -48.66
N THR L 151 68.53 -38.84 -49.10
CA THR L 151 68.85 -39.63 -50.28
C THR L 151 68.22 -39.11 -51.57
N GLN L 152 68.27 -37.79 -51.77
CA GLN L 152 67.78 -37.18 -52.99
C GLN L 152 68.93 -36.93 -53.95
N SER L 153 68.60 -36.83 -55.24
CA SER L 153 69.60 -36.78 -56.32
C SER L 153 70.65 -35.67 -56.18
N ALA L 154 71.80 -35.91 -56.79
CA ALA L 154 72.92 -34.95 -56.91
C ALA L 154 73.53 -34.45 -55.59
N ILE L 155 72.84 -33.53 -54.91
CA ILE L 155 73.44 -32.87 -53.75
C ILE L 155 73.32 -33.66 -52.45
N PRO L 156 74.35 -33.58 -51.60
CA PRO L 156 74.40 -34.17 -50.27
C PRO L 156 73.98 -33.22 -49.15
N TYR L 157 73.57 -33.75 -48.01
CA TYR L 157 73.11 -32.92 -46.90
C TYR L 157 74.10 -32.96 -45.76
N ALA L 158 74.23 -31.84 -45.05
CA ALA L 158 74.93 -31.85 -43.77
C ALA L 158 73.93 -32.11 -42.67
N LEU L 159 74.37 -32.65 -41.55
CA LEU L 159 73.51 -32.76 -40.39
C LEU L 159 74.14 -31.96 -39.27
N ARG L 160 73.32 -31.25 -38.50
CA ARG L 160 73.82 -30.63 -37.27
C ARG L 160 73.05 -31.13 -36.07
N VAL L 161 73.78 -31.55 -35.06
CA VAL L 161 73.21 -31.72 -33.73
C VAL L 161 73.44 -30.41 -33.00
N GLU L 162 72.46 -30.02 -32.18
CA GLU L 162 72.64 -28.94 -31.21
C GLU L 162 72.20 -29.47 -29.85
N LEU L 163 73.00 -29.22 -28.82
CA LEU L 163 72.61 -29.62 -27.49
C LEU L 163 72.45 -28.40 -26.60
N GLU L 164 71.79 -28.59 -25.47
CA GLU L 164 71.77 -27.59 -24.40
C GLU L 164 71.65 -28.30 -23.07
N ASP L 165 72.54 -27.96 -22.15
CA ASP L 165 72.53 -28.56 -20.82
C ASP L 165 71.46 -27.95 -19.91
N TRP L 166 71.57 -28.24 -18.62
CA TRP L 166 70.68 -27.69 -17.61
C TRP L 166 71.31 -26.47 -16.92
N ASN L 167 72.24 -25.81 -17.63
CA ASN L 167 72.93 -24.63 -17.14
C ASN L 167 72.86 -23.45 -18.10
N GLY L 168 72.39 -23.70 -19.32
CA GLY L 168 72.24 -22.67 -20.34
C GLY L 168 73.24 -22.74 -21.47
N ARG L 169 74.32 -23.48 -21.27
CA ARG L 169 75.38 -23.62 -22.27
C ARG L 169 74.97 -24.53 -23.44
N THR L 170 75.35 -24.12 -24.64
CA THR L 170 75.02 -24.89 -25.85
C THR L 170 76.27 -25.32 -26.64
N SER L 171 76.14 -26.46 -27.31
CA SER L 171 77.23 -27.05 -28.10
C SER L 171 76.72 -27.60 -29.43
N THR L 172 77.56 -27.56 -30.45
CA THR L 172 77.17 -28.07 -31.76
C THR L 172 78.03 -29.28 -32.19
N ALA L 173 77.72 -29.82 -33.38
CA ALA L 173 78.34 -31.02 -33.95
C ALA L 173 77.81 -31.22 -35.37
N ASP L 174 78.68 -31.06 -36.35
CA ASP L 174 78.28 -31.21 -37.75
C ASP L 174 78.77 -32.53 -38.33
N TYR L 175 78.09 -33.00 -39.37
CA TYR L 175 78.45 -34.22 -40.10
C TYR L 175 78.22 -34.03 -41.61
N ALA L 176 79.19 -34.48 -42.41
CA ALA L 176 79.15 -34.28 -43.89
C ALA L 176 78.52 -35.46 -44.61
N MET L 177 78.21 -35.26 -45.91
CA MET L 177 77.44 -36.22 -46.72
C MET L 177 76.59 -37.20 -45.89
N PHE L 178 75.46 -36.69 -45.43
CA PHE L 178 74.55 -37.41 -44.52
C PHE L 178 73.46 -38.10 -45.32
N LYS L 179 73.19 -39.36 -44.96
CA LYS L 179 72.15 -40.15 -45.58
C LYS L 179 71.56 -41.13 -44.58
N VAL L 180 70.30 -41.48 -44.82
CA VAL L 180 69.71 -42.65 -44.21
C VAL L 180 69.14 -43.52 -45.35
N GLY L 181 69.48 -44.80 -45.33
CA GLY L 181 69.12 -45.71 -46.42
C GLY L 181 67.74 -46.29 -46.20
N PRO L 182 67.17 -46.93 -47.26
CA PRO L 182 65.79 -47.41 -47.28
C PRO L 182 65.47 -48.44 -46.21
N GLU L 183 64.23 -48.93 -46.22
CA GLU L 183 63.81 -49.88 -45.20
C GLU L 183 64.51 -51.21 -45.44
N ALA L 184 64.75 -51.49 -46.72
CA ALA L 184 65.63 -52.58 -47.16
C ALA L 184 66.86 -52.67 -46.27
N ASP L 185 67.75 -51.70 -46.41
CA ASP L 185 68.99 -51.60 -45.63
C ASP L 185 68.77 -51.32 -44.12
N LYS L 186 67.50 -51.30 -43.69
CA LYS L 186 67.09 -51.01 -42.29
C LYS L 186 67.40 -49.58 -41.81
N TYR L 187 67.27 -48.63 -42.74
CA TYR L 187 67.51 -47.21 -42.46
C TYR L 187 68.89 -46.98 -41.87
N ARG L 188 69.87 -46.86 -42.76
CA ARG L 188 71.28 -46.89 -42.35
C ARG L 188 71.92 -45.52 -42.35
N LEU L 189 72.31 -45.11 -41.16
CA LEU L 189 73.02 -43.85 -40.92
C LEU L 189 74.40 -43.93 -41.57
N THR L 190 74.63 -43.14 -42.61
CA THR L 190 75.89 -43.24 -43.35
C THR L 190 76.50 -41.87 -43.69
N TYR L 191 77.24 -41.28 -42.76
CA TYR L 191 77.93 -40.02 -43.06
C TYR L 191 79.33 -40.16 -43.67
N ALA L 192 79.99 -39.03 -43.91
CA ALA L 192 81.35 -39.01 -44.44
C ALA L 192 82.38 -38.61 -43.39
N TYR L 193 82.14 -37.49 -42.70
CA TYR L 193 83.04 -37.01 -41.64
C TYR L 193 82.40 -36.03 -40.68
N PHE L 194 82.80 -36.12 -39.42
CA PHE L 194 82.60 -35.05 -38.44
C PHE L 194 83.25 -33.78 -38.98
N ALA L 195 82.62 -32.63 -38.75
CA ALA L 195 83.16 -31.39 -39.30
C ALA L 195 83.20 -30.24 -38.28
N GLY L 196 83.43 -30.60 -37.02
CA GLY L 196 83.61 -29.60 -35.97
C GLY L 196 82.39 -29.39 -35.11
N GLY L 197 82.57 -28.61 -34.05
CA GLY L 197 81.51 -28.34 -33.08
C GLY L 197 81.98 -28.70 -31.69
N ASP L 198 81.89 -27.73 -30.78
CA ASP L 198 82.42 -27.86 -29.42
C ASP L 198 81.76 -28.92 -28.53
N ALA L 199 80.96 -29.81 -29.14
CA ALA L 199 80.39 -30.97 -28.44
C ALA L 199 81.28 -32.21 -28.58
N GLY L 200 81.83 -32.39 -29.78
CA GLY L 200 82.72 -33.53 -30.07
C GLY L 200 82.07 -34.58 -30.96
N ASP L 201 82.89 -35.52 -31.42
CA ASP L 201 82.42 -36.58 -32.30
C ASP L 201 82.11 -37.86 -31.53
N ALA L 202 80.86 -37.98 -31.09
CA ALA L 202 80.40 -39.17 -30.39
C ALA L 202 80.03 -40.28 -31.37
N PHE L 203 79.75 -39.91 -32.62
CA PHE L 203 79.47 -40.90 -33.66
C PHE L 203 80.74 -41.63 -34.10
N ASP L 204 81.84 -41.33 -33.41
CA ASP L 204 83.12 -41.99 -33.60
C ASP L 204 83.49 -42.70 -32.30
N GLY L 205 82.48 -42.95 -31.47
CA GLY L 205 82.64 -43.70 -30.22
C GLY L 205 83.38 -42.96 -29.13
N PHE L 206 83.63 -43.65 -28.03
CA PHE L 206 84.30 -43.06 -26.89
C PHE L 206 84.79 -44.16 -25.95
N ASP L 207 86.05 -44.06 -25.51
CA ASP L 207 86.58 -44.99 -24.54
C ASP L 207 86.09 -44.61 -23.14
N PHE L 208 85.04 -45.31 -22.70
CA PHE L 208 84.40 -45.00 -21.43
C PHE L 208 85.18 -45.57 -20.24
N GLY L 209 84.94 -46.84 -19.94
CA GLY L 209 85.56 -47.50 -18.79
C GLY L 209 86.91 -48.10 -19.14
N ASP L 210 87.19 -49.26 -18.55
CA ASP L 210 88.48 -49.92 -18.70
C ASP L 210 88.62 -50.66 -20.03
N ASP L 211 87.50 -51.02 -20.64
CA ASP L 211 87.48 -51.87 -21.83
C ASP L 211 88.28 -51.30 -23.00
N PRO L 212 89.23 -52.10 -23.53
CA PRO L 212 90.12 -51.67 -24.61
C PRO L 212 89.47 -51.69 -25.99
N SER L 213 88.22 -52.15 -26.06
CA SER L 213 87.55 -52.34 -27.34
C SER L 213 86.27 -51.51 -27.50
N ASP L 214 85.61 -51.19 -26.38
CA ASP L 214 84.27 -50.58 -26.38
C ASP L 214 84.08 -49.29 -27.21
N LYS L 215 85.19 -48.70 -27.65
CA LYS L 215 85.16 -47.57 -28.57
C LYS L 215 84.70 -48.03 -29.96
N PHE L 216 85.03 -49.27 -30.33
CA PHE L 216 84.53 -49.90 -31.55
C PHE L 216 83.04 -50.21 -31.38
N PHE L 217 82.66 -50.60 -30.17
CA PHE L 217 81.28 -50.96 -29.84
C PHE L 217 80.34 -49.76 -29.71
N THR L 218 80.88 -48.54 -29.72
CA THR L 218 80.06 -47.33 -29.51
C THR L 218 80.07 -46.34 -30.68
N SER L 219 80.88 -46.58 -31.70
CA SER L 219 80.82 -45.73 -32.89
C SER L 219 79.49 -45.96 -33.58
N HIS L 220 78.91 -44.90 -34.16
CA HIS L 220 77.57 -44.99 -34.76
C HIS L 220 77.56 -44.99 -36.28
N ASN L 221 78.65 -44.60 -36.91
CA ASN L 221 78.67 -44.51 -38.36
C ASN L 221 78.27 -45.83 -39.01
N GLY L 222 77.53 -45.74 -40.11
CA GLY L 222 77.15 -46.90 -40.92
C GLY L 222 76.27 -47.95 -40.28
N MET L 223 75.66 -47.64 -39.14
CA MET L 223 74.83 -48.62 -38.41
C MET L 223 73.39 -48.73 -38.91
N GLN L 224 72.62 -49.62 -38.31
CA GLN L 224 71.22 -49.80 -38.65
C GLN L 224 70.33 -49.46 -37.46
N PHE L 225 69.09 -49.04 -37.76
CA PHE L 225 68.16 -48.57 -36.74
C PHE L 225 67.52 -49.71 -35.94
N SER L 226 67.59 -49.61 -34.62
CA SER L 226 66.97 -50.58 -33.72
C SER L 226 65.69 -50.02 -33.08
N THR L 227 64.81 -50.93 -32.67
CA THR L 227 63.59 -50.62 -31.93
C THR L 227 63.40 -51.70 -30.86
N TRP L 228 62.44 -51.52 -29.96
CA TRP L 228 62.14 -52.57 -28.98
C TRP L 228 61.77 -53.88 -29.69
N ASP L 229 61.29 -53.75 -30.93
CA ASP L 229 60.86 -54.90 -31.73
C ASP L 229 61.67 -55.05 -33.04
N ASN L 230 62.94 -54.62 -33.01
CA ASN L 230 63.84 -54.79 -34.16
C ASN L 230 65.32 -54.73 -33.81
N ASP L 231 65.78 -55.72 -33.04
CA ASP L 231 67.20 -55.84 -32.68
C ASP L 231 68.06 -55.88 -33.93
N ASN L 232 68.54 -54.70 -34.35
CA ASN L 232 69.47 -54.57 -35.48
C ASN L 232 70.84 -54.11 -34.98
N ASP L 233 70.92 -53.92 -33.66
CA ASP L 233 72.15 -53.57 -32.98
C ASP L 233 73.10 -54.75 -32.99
N LYS L 234 74.38 -54.46 -33.22
CA LYS L 234 75.44 -55.46 -33.14
C LYS L 234 75.66 -55.86 -31.68
N PHE L 235 74.60 -56.28 -31.01
CA PHE L 235 74.67 -56.67 -29.60
C PHE L 235 73.85 -57.94 -29.34
N GLU L 236 74.34 -58.72 -28.37
CA GLU L 236 73.77 -60.00 -27.98
C GLU L 236 72.30 -59.89 -27.65
N GLY L 237 71.98 -59.19 -26.55
CA GLY L 237 70.61 -58.85 -26.20
C GLY L 237 70.09 -57.69 -27.04
N ASN L 238 69.11 -56.96 -26.52
CA ASN L 238 68.52 -55.83 -27.21
C ASN L 238 68.98 -54.49 -26.63
N CYS L 239 69.66 -53.69 -27.46
CA CYS L 239 70.09 -52.35 -27.07
C CYS L 239 68.86 -51.46 -26.89
N ALA L 240 68.03 -51.39 -27.94
CA ALA L 240 66.84 -50.53 -27.96
C ALA L 240 65.77 -50.85 -26.89
N GLU L 241 65.95 -51.96 -26.17
CA GLU L 241 64.97 -52.39 -25.19
C GLU L 241 65.38 -52.14 -23.74
N GLN L 242 66.68 -52.21 -23.45
CA GLN L 242 67.20 -51.87 -22.13
C GLN L 242 67.08 -50.38 -21.89
N ASP L 243 67.51 -49.60 -22.88
CA ASP L 243 67.33 -48.15 -22.88
C ASP L 243 65.87 -47.83 -23.00
N GLY L 244 65.19 -48.54 -23.90
CA GLY L 244 63.83 -48.22 -24.27
C GLY L 244 63.93 -47.02 -25.18
N SER L 245 64.11 -47.28 -26.47
CA SER L 245 64.23 -46.21 -27.44
C SER L 245 64.21 -46.76 -28.84
N GLY L 246 64.45 -45.88 -29.80
CA GLY L 246 64.80 -46.25 -31.16
C GLY L 246 66.02 -45.42 -31.45
N TRP L 247 67.01 -46.00 -32.11
CA TRP L 247 68.30 -45.33 -32.36
C TRP L 247 69.20 -46.22 -33.19
N TRP L 248 70.07 -45.63 -34.00
CA TRP L 248 71.12 -46.42 -34.65
C TRP L 248 72.12 -46.90 -33.61
N MET L 249 71.87 -48.07 -33.06
CA MET L 249 72.67 -48.60 -31.95
C MET L 249 73.90 -49.38 -32.44
N ASN L 250 74.63 -49.97 -31.49
CA ASN L 250 75.86 -50.71 -31.79
C ASN L 250 76.17 -51.73 -30.70
N LYS L 251 76.97 -51.33 -29.71
CA LYS L 251 77.13 -52.12 -28.49
C LYS L 251 77.53 -51.26 -27.27
N CYS L 252 76.68 -50.32 -26.86
CA CYS L 252 75.38 -50.00 -27.49
C CYS L 252 75.34 -48.63 -28.18
N HIS L 253 75.85 -47.59 -27.49
CA HIS L 253 75.78 -46.21 -27.99
C HIS L 253 76.84 -45.31 -27.35
N ALA L 254 77.22 -44.26 -28.06
CA ALA L 254 78.05 -43.19 -27.50
C ALA L 254 77.22 -41.91 -27.37
N GLY L 255 76.70 -41.43 -28.51
CA GLY L 255 75.80 -40.28 -28.53
C GLY L 255 74.36 -40.68 -28.80
N HIS L 256 73.60 -40.91 -27.73
CA HIS L 256 72.23 -41.41 -27.81
C HIS L 256 71.18 -40.33 -27.51
N LEU L 257 70.52 -39.85 -28.56
CA LEU L 257 69.62 -38.70 -28.44
C LEU L 257 68.15 -38.99 -28.10
N ASN L 258 67.63 -40.14 -28.54
CA ASN L 258 66.25 -40.56 -28.26
C ASN L 258 66.08 -41.27 -26.92
N GLY L 259 66.94 -40.97 -25.95
CA GLY L 259 66.88 -41.66 -24.66
C GLY L 259 65.78 -41.16 -23.74
N VAL L 260 65.61 -41.86 -22.61
CA VAL L 260 64.71 -41.44 -21.55
C VAL L 260 65.09 -40.04 -21.06
N TYR L 261 64.11 -39.12 -21.09
CA TYR L 261 64.29 -37.76 -20.55
C TYR L 261 64.45 -37.77 -19.03
N TYR L 262 65.67 -37.50 -18.57
CA TYR L 262 65.95 -37.47 -17.15
C TYR L 262 65.91 -36.05 -16.59
N GLN L 263 65.43 -35.94 -15.35
CA GLN L 263 65.05 -34.66 -14.75
C GLN L 263 66.17 -33.95 -13.97
N GLY L 264 66.61 -32.82 -14.52
CA GLY L 264 67.68 -32.02 -13.91
C GLY L 264 69.01 -32.23 -14.60
N GLY L 265 69.12 -33.33 -15.35
CA GLY L 265 70.35 -33.70 -16.03
C GLY L 265 70.98 -34.93 -15.41
N THR L 266 71.33 -34.82 -14.13
CA THR L 266 72.05 -35.88 -13.43
C THR L 266 71.14 -37.04 -13.04
N TYR L 267 71.68 -38.25 -13.23
CA TYR L 267 71.07 -39.48 -12.73
C TYR L 267 72.18 -40.49 -12.48
N SER L 268 72.00 -41.34 -11.47
CA SER L 268 73.00 -42.35 -11.17
C SER L 268 72.52 -43.76 -11.54
N LYS L 269 73.32 -44.76 -11.17
CA LYS L 269 72.98 -46.16 -11.38
C LYS L 269 71.68 -46.53 -10.64
N ALA L 270 71.38 -45.83 -9.56
CA ALA L 270 70.17 -46.06 -8.76
C ALA L 270 68.89 -45.57 -9.44
N SER L 271 69.03 -44.66 -10.41
CA SER L 271 67.89 -44.09 -11.14
C SER L 271 67.29 -45.04 -12.19
N THR L 272 67.60 -46.32 -12.04
CA THR L 272 67.15 -47.38 -12.94
C THR L 272 67.21 -48.75 -12.22
N PRO L 273 66.45 -49.74 -12.70
CA PRO L 273 66.56 -51.07 -12.08
C PRO L 273 67.73 -51.90 -12.64
N ASN L 274 67.88 -51.93 -13.97
CA ASN L 274 69.10 -52.45 -14.61
C ASN L 274 70.29 -51.65 -14.11
N GLY L 275 70.18 -50.33 -14.20
CA GLY L 275 71.21 -49.40 -13.77
C GLY L 275 71.99 -48.81 -14.92
N TYR L 276 71.36 -48.71 -16.08
CA TYR L 276 72.08 -48.38 -17.30
C TYR L 276 71.75 -47.02 -17.93
N ASP L 277 72.76 -46.43 -18.58
CA ASP L 277 72.67 -45.10 -19.19
C ASP L 277 71.71 -45.01 -20.37
N ASN L 278 70.43 -44.92 -20.06
CA ASN L 278 69.37 -44.82 -21.06
C ASN L 278 69.00 -43.37 -21.35
N GLY L 279 69.72 -42.44 -20.74
CA GLY L 279 69.42 -41.03 -20.87
C GLY L 279 69.75 -40.48 -22.23
N ILE L 280 69.46 -39.19 -22.42
CA ILE L 280 69.87 -38.48 -23.62
C ILE L 280 71.29 -38.01 -23.38
N ILE L 281 72.25 -38.88 -23.67
CA ILE L 281 73.65 -38.59 -23.42
C ILE L 281 74.36 -38.23 -24.71
N TRP L 282 75.58 -37.72 -24.56
CA TRP L 282 76.48 -37.44 -25.67
C TRP L 282 77.85 -37.21 -25.05
N ALA L 283 78.70 -38.23 -25.17
CA ALA L 283 79.86 -38.42 -24.29
C ALA L 283 81.07 -37.52 -24.53
N THR L 284 81.29 -37.14 -25.79
CA THR L 284 82.37 -36.21 -26.10
C THR L 284 82.15 -34.84 -25.44
N TRP L 285 80.94 -34.65 -24.91
CA TRP L 285 80.55 -33.37 -24.31
C TRP L 285 80.23 -33.43 -22.81
N LYS L 286 79.43 -34.40 -22.39
CA LYS L 286 79.10 -34.58 -20.97
C LYS L 286 79.11 -36.05 -20.58
N THR L 287 79.30 -36.33 -19.29
CA THR L 287 79.34 -37.71 -18.80
C THR L 287 78.07 -38.47 -19.16
N ARG L 288 78.18 -39.80 -19.23
CA ARG L 288 77.04 -40.67 -19.58
C ARG L 288 76.07 -40.82 -18.40
N TRP L 289 76.10 -39.85 -17.49
CA TRP L 289 75.14 -39.79 -16.40
C TRP L 289 74.57 -38.38 -16.31
N TYR L 290 74.70 -37.65 -17.41
CA TYR L 290 74.12 -36.33 -17.58
C TYR L 290 73.25 -36.32 -18.85
N SER L 291 71.94 -36.42 -18.63
CA SER L 291 70.96 -36.29 -19.70
C SER L 291 70.89 -34.81 -20.12
N MET L 292 70.70 -34.55 -21.41
CA MET L 292 70.52 -33.19 -21.92
C MET L 292 69.18 -32.57 -21.51
N LYS L 293 69.01 -31.28 -21.81
CA LYS L 293 67.76 -30.59 -21.54
C LYS L 293 67.08 -30.23 -22.85
N LYS L 294 67.86 -29.95 -23.89
CA LYS L 294 67.32 -29.53 -25.17
C LYS L 294 68.20 -30.00 -26.33
N THR L 295 67.63 -30.79 -27.24
CA THR L 295 68.37 -31.33 -28.39
C THR L 295 67.70 -31.02 -29.71
N THR L 296 68.47 -30.95 -30.78
CA THR L 296 67.93 -30.64 -32.09
C THR L 296 68.77 -31.30 -33.16
N MET L 297 68.11 -32.02 -34.06
CA MET L 297 68.79 -32.67 -35.18
C MET L 297 68.24 -32.13 -36.49
N LYS L 298 69.01 -31.26 -37.12
CA LYS L 298 68.59 -30.64 -38.35
C LYS L 298 69.57 -30.91 -39.49
N ILE L 299 69.03 -30.99 -40.70
CA ILE L 299 69.81 -31.29 -41.88
C ILE L 299 69.60 -30.18 -42.90
N ILE L 300 70.58 -29.98 -43.76
CA ILE L 300 70.58 -28.85 -44.69
C ILE L 300 71.58 -29.13 -45.81
N PRO L 301 71.21 -28.86 -47.07
CA PRO L 301 72.09 -29.05 -48.21
C PRO L 301 73.51 -28.56 -47.92
N PHE L 302 74.49 -29.15 -48.59
CA PHE L 302 75.87 -28.98 -48.14
C PHE L 302 76.52 -27.66 -48.53
N ASN L 303 76.08 -27.07 -49.64
CA ASN L 303 76.57 -25.75 -50.06
C ASN L 303 76.40 -24.65 -49.00
N ARG L 304 75.72 -24.99 -47.91
CA ARG L 304 75.40 -24.05 -46.86
C ARG L 304 76.36 -24.08 -45.67
N LEU L 305 77.50 -24.75 -45.84
CA LEU L 305 78.54 -24.69 -44.81
C LEU L 305 79.85 -24.19 -45.39
N THR L 306 80.30 -24.65 -46.45
N ARG M 7 6.54 18.90 -46.35
CA ARG M 7 7.51 17.82 -46.02
C ARG M 7 8.79 18.35 -45.36
N LEU M 8 9.15 19.60 -45.69
CA LEU M 8 10.35 20.25 -45.17
C LEU M 8 10.47 20.21 -43.65
N GLU M 9 9.33 20.34 -42.96
CA GLU M 9 9.28 20.36 -41.50
C GLU M 9 8.50 19.20 -40.91
N LYS M 10 7.46 18.78 -41.62
CA LYS M 10 6.55 17.73 -41.14
C LYS M 10 7.25 16.40 -40.82
N GLU M 11 8.39 16.16 -41.48
CA GLU M 11 9.14 14.92 -41.34
C GLU M 11 9.75 14.69 -39.95
N LEU M 12 10.46 15.70 -39.44
CA LEU M 12 11.18 15.59 -38.16
C LEU M 12 10.26 15.63 -36.94
N GLU M 13 9.23 16.48 -37.01
CA GLU M 13 8.27 16.64 -35.92
C GLU M 13 7.47 15.35 -35.68
N GLU M 14 7.38 14.52 -36.71
CA GLU M 14 6.69 13.24 -36.64
C GLU M 14 7.39 12.26 -35.69
N LYS M 15 8.71 12.15 -35.84
CA LYS M 15 9.52 11.21 -35.05
C LYS M 15 9.59 11.59 -33.57
N LYS M 16 9.42 12.89 -33.28
CA LYS M 16 9.32 13.38 -31.91
C LYS M 16 8.08 12.82 -31.24
N GLU M 17 7.01 12.69 -32.03
CA GLU M 17 5.77 12.09 -31.55
C GLU M 17 5.81 10.56 -31.51
N ALA M 18 6.77 9.95 -32.19
CA ALA M 18 7.13 8.57 -31.91
C ALA M 18 7.69 8.55 -30.48
N LEU M 19 6.81 8.30 -29.51
CA LEU M 19 7.09 8.64 -28.13
C LEU M 19 6.80 7.56 -27.08
N GLU M 20 7.89 6.97 -26.62
CA GLU M 20 7.85 5.77 -25.79
C GLU M 20 7.90 6.09 -24.30
N LEU M 21 8.78 7.02 -23.91
CA LEU M 21 8.99 7.36 -22.49
C LEU M 21 7.67 7.57 -21.75
N ALA M 22 6.63 7.96 -22.51
CA ALA M 22 5.27 7.97 -22.02
C ALA M 22 4.81 6.56 -21.63
N ILE M 23 4.76 5.67 -22.63
CA ILE M 23 4.35 4.28 -22.42
C ILE M 23 5.19 3.61 -21.33
N ASP M 24 6.49 3.91 -21.37
CA ASP M 24 7.46 3.39 -20.40
C ASP M 24 7.25 4.00 -19.02
N GLN M 25 6.83 5.26 -18.97
CA GLN M 25 6.50 5.90 -17.70
C GLN M 25 5.20 5.37 -17.12
N ALA M 26 4.30 4.94 -17.99
CA ALA M 26 3.09 4.21 -17.58
C ALA M 26 3.52 2.90 -16.95
N SER M 27 4.48 2.28 -17.63
CA SER M 27 5.06 1.00 -17.27
C SER M 27 5.90 1.13 -16.02
N ARG M 28 6.80 2.12 -15.98
CA ARG M 28 7.62 2.41 -14.79
C ARG M 28 6.76 2.54 -13.55
N ASP M 29 5.48 2.85 -13.79
CA ASP M 29 4.51 3.12 -12.72
C ASP M 29 3.56 1.95 -12.45
N TYR M 30 3.15 1.24 -13.50
CA TYR M 30 2.31 0.05 -13.33
C TYR M 30 2.96 -0.96 -12.37
N HIS M 31 4.20 -1.36 -12.70
CA HIS M 31 4.97 -2.29 -11.87
C HIS M 31 5.12 -1.74 -10.46
N ARG M 32 5.39 -0.42 -10.38
CA ARG M 32 5.53 0.27 -9.10
C ARG M 32 4.31 -0.02 -8.22
N ALA M 33 3.13 0.18 -8.82
CA ALA M 33 1.85 0.02 -8.14
C ALA M 33 1.62 -1.42 -7.68
N THR M 34 1.79 -2.36 -8.61
CA THR M 34 1.54 -3.78 -8.35
C THR M 34 2.43 -4.34 -7.24
N ALA M 35 3.60 -3.75 -7.07
CA ALA M 35 4.50 -4.07 -5.95
C ALA M 35 3.87 -3.64 -4.63
N LEU M 36 3.35 -2.42 -4.64
CA LEU M 36 2.74 -1.81 -3.47
C LEU M 36 1.51 -2.57 -2.99
N GLU M 37 0.66 -2.98 -3.93
CA GLU M 37 -0.50 -3.81 -3.63
C GLU M 37 -0.09 -4.97 -2.75
N LYS M 38 0.91 -5.73 -3.21
CA LYS M 38 1.38 -6.94 -2.56
C LYS M 38 1.98 -6.69 -1.19
N GLU M 39 2.76 -5.62 -1.05
CA GLU M 39 3.29 -5.24 0.25
C GLU M 39 2.15 -4.84 1.21
N LEU M 40 1.14 -4.15 0.67
CA LEU M 40 -0.02 -3.71 1.45
C LEU M 40 -0.88 -4.86 1.93
N GLU M 41 -1.26 -5.75 1.01
CA GLU M 41 -2.10 -6.90 1.37
C GLU M 41 -1.53 -7.62 2.57
N GLU M 42 -0.20 -7.74 2.60
CA GLU M 42 0.53 -8.35 3.71
C GLU M 42 0.42 -7.48 4.96
N LYS M 43 0.53 -6.17 4.75
CA LYS M 43 0.41 -5.21 5.84
C LYS M 43 -1.01 -5.19 6.42
N LYS M 44 -2.02 -5.27 5.56
CA LYS M 44 -3.40 -5.34 6.03
C LYS M 44 -3.59 -6.57 6.92
N LYS M 45 -2.98 -7.69 6.51
CA LYS M 45 -2.96 -8.91 7.31
C LYS M 45 -2.14 -8.72 8.59
N ALA M 46 -1.52 -7.55 8.72
CA ALA M 46 -0.45 -7.34 9.69
C ALA M 46 -0.69 -7.79 11.15
N LEU M 47 -1.35 -7.05 12.06
CA LEU M 47 -2.21 -5.84 12.00
C LEU M 47 -3.57 -6.35 12.44
N GLU M 48 -4.34 -6.85 11.47
CA GLU M 48 -5.60 -7.50 11.77
C GLU M 48 -5.27 -8.65 12.71
N LEU M 49 -4.05 -9.17 12.56
CA LEU M 49 -3.50 -10.21 13.41
C LEU M 49 -3.02 -9.63 14.75
N ALA M 50 -2.38 -8.47 14.67
CA ALA M 50 -1.83 -7.79 15.85
C ALA M 50 -2.95 -7.31 16.78
N ILE M 51 -3.94 -6.65 16.20
CA ILE M 51 -5.14 -6.20 16.91
C ILE M 51 -5.74 -7.37 17.68
N ASP M 52 -5.84 -8.52 16.99
CA ASP M 52 -6.33 -9.77 17.57
C ASP M 52 -5.48 -10.20 18.76
N GLN M 53 -4.19 -9.88 18.68
CA GLN M 53 -3.28 -10.13 19.79
C GLN M 53 -3.51 -9.17 20.95
N ALA M 54 -3.63 -7.88 20.62
CA ALA M 54 -3.90 -6.86 21.62
C ALA M 54 -5.14 -7.26 22.39
N SER M 55 -6.23 -7.40 21.64
CA SER M 55 -7.51 -7.81 22.17
C SER M 55 -7.39 -9.11 22.94
N GLN M 56 -6.57 -10.04 22.43
CA GLN M 56 -6.34 -11.31 23.13
C GLN M 56 -5.67 -11.09 24.50
N ASP M 57 -4.72 -10.16 24.53
CA ASP M 57 -4.01 -9.81 25.77
C ASP M 57 -4.84 -8.88 26.67
N TYR M 58 -6.08 -8.66 26.25
CA TYR M 58 -7.08 -8.02 27.06
C TYR M 58 -8.37 -8.87 26.96
N ASN M 59 -8.52 -9.94 27.76
CA ASN M 59 -7.70 -10.30 28.93
C ASN M 59 -7.51 -9.12 29.88
N ARG M 60 -6.26 -8.87 30.32
CA ARG M 60 -5.93 -7.79 31.24
C ARG M 60 -6.94 -7.64 32.41
N ALA M 61 -8.12 -7.10 32.10
CA ALA M 61 -9.20 -6.90 33.06
C ALA M 61 -9.52 -8.16 33.83
N ASN M 62 -9.40 -9.32 33.16
CA ASN M 62 -9.51 -10.63 33.80
C ASN M 62 -8.71 -10.71 35.11
N VAL M 63 -7.52 -10.12 35.08
CA VAL M 63 -6.60 -10.12 36.21
C VAL M 63 -6.85 -8.91 37.11
N LEU M 64 -7.16 -7.77 36.49
CA LEU M 64 -7.44 -6.51 37.20
C LEU M 64 -8.62 -6.65 38.15
N GLU M 65 -9.73 -7.19 37.65
CA GLU M 65 -10.96 -7.32 38.43
C GLU M 65 -10.96 -8.53 39.37
N LYS M 66 -9.88 -9.31 39.34
CA LYS M 66 -9.61 -10.29 40.39
C LYS M 66 -8.92 -9.63 41.58
N GLU M 67 -8.60 -8.35 41.43
CA GLU M 67 -8.12 -7.52 42.53
C GLU M 67 -9.20 -6.56 43.01
N LEU M 68 -9.91 -5.94 42.08
CA LEU M 68 -11.09 -5.14 42.42
C LEU M 68 -12.10 -5.98 43.19
N GLU M 69 -11.85 -7.29 43.23
CA GLU M 69 -12.66 -8.24 43.99
C GLU M 69 -11.84 -8.99 45.05
N ALA M 70 -10.69 -8.45 45.42
CA ALA M 70 -9.85 -9.01 46.48
C ALA M 70 -9.21 -7.93 47.33
N ILE M 71 -9.01 -6.75 46.73
CA ILE M 71 -8.49 -5.57 47.43
C ILE M 71 -9.54 -5.06 48.43
N THR M 72 -10.75 -4.82 47.95
CA THR M 72 -11.86 -4.37 48.80
C THR M 72 -12.16 -5.39 49.91
N ARG M 73 -11.95 -6.67 49.60
CA ARG M 73 -12.10 -7.75 50.58
C ARG M 73 -11.08 -7.59 51.71
N GLU M 74 -9.91 -7.09 51.36
CA GLU M 74 -8.86 -6.78 52.33
C GLU M 74 -9.08 -5.40 52.96
N GLN M 75 -9.92 -4.58 52.32
CA GLN M 75 -10.22 -3.22 52.82
C GLN M 75 -11.39 -3.18 53.79
N GLU M 76 -12.38 -4.05 53.56
CA GLU M 76 -13.50 -4.19 54.47
C GLU M 76 -12.99 -4.64 55.82
N ILE M 77 -11.98 -5.52 55.80
CA ILE M 77 -11.35 -6.01 57.01
C ILE M 77 -10.23 -5.08 57.53
N ASN M 78 -9.95 -4.00 56.79
CA ASN M 78 -9.01 -2.96 57.22
C ASN M 78 -9.62 -1.94 58.17
N ARG M 79 -10.95 -1.77 58.06
CA ARG M 79 -11.71 -0.98 59.03
C ARG M 79 -12.10 -1.88 60.21
N ASN M 80 -11.94 -3.20 60.03
CA ASN M 80 -12.07 -4.18 61.11
C ASN M 80 -10.77 -4.31 61.90
N LEU M 81 -9.74 -3.59 61.47
CA LEU M 81 -8.54 -3.39 62.27
C LEU M 81 -8.78 -2.24 63.25
N LEU M 82 -9.28 -1.11 62.73
CA LEU M 82 -9.58 0.08 63.52
C LEU M 82 -10.85 -0.08 64.37
N GLY M 83 -11.93 -0.52 63.73
CA GLY M 83 -13.22 -0.72 64.40
C GLY M 83 -13.23 -1.89 65.39
N ASN M 84 -12.05 -2.44 65.65
CA ASN M 84 -11.88 -3.54 66.61
C ASN M 84 -10.72 -3.33 67.58
N ALA M 85 -9.61 -2.77 67.08
CA ALA M 85 -8.48 -2.41 67.95
C ALA M 85 -8.79 -1.18 68.80
N LYS M 86 -9.89 -0.50 68.48
CA LYS M 86 -10.44 0.55 69.34
C LYS M 86 -11.32 -0.06 70.42
N LEU M 87 -12.26 -0.91 70.00
CA LEU M 87 -13.16 -1.61 70.93
C LEU M 87 -12.44 -2.63 71.80
N GLU M 88 -11.26 -3.07 71.37
CA GLU M 88 -10.40 -3.97 72.16
C GLU M 88 -9.70 -3.21 73.30
N LEU M 89 -9.21 -2.02 73.00
CA LEU M 89 -8.54 -1.16 74.00
C LEU M 89 -9.54 -0.30 74.76
N ASP M 90 -10.78 -0.23 74.25
CA ASP M 90 -11.92 0.36 74.94
C ASP M 90 -12.26 -0.52 76.14
N GLN M 91 -12.43 -1.81 75.86
CA GLN M 91 -12.67 -2.84 76.89
C GLN M 91 -11.62 -2.82 77.99
N LEU M 92 -10.43 -2.31 77.69
CA LEU M 92 -9.30 -2.36 78.62
C LEU M 92 -9.40 -1.29 79.72
N SER M 93 -9.64 -0.05 79.34
CA SER M 93 -9.65 1.08 80.27
C SER M 93 -10.72 0.95 81.36
N SER M 94 -11.91 0.49 80.96
CA SER M 94 -13.00 0.25 81.90
C SER M 94 -12.75 -1.03 82.72
N GLU M 95 -12.07 -2.00 82.11
CA GLU M 95 -11.65 -3.22 82.80
C GLU M 95 -10.65 -2.87 83.89
N LYS M 96 -9.75 -1.93 83.58
CA LYS M 96 -8.76 -1.47 84.54
C LYS M 96 -9.41 -0.63 85.64
N GLU M 97 -10.50 0.05 85.32
CA GLU M 97 -11.17 0.91 86.28
C GLU M 97 -12.10 0.17 87.24
N GLN M 98 -12.45 -1.06 86.90
CA GLN M 98 -13.21 -1.92 87.81
C GLN M 98 -12.27 -2.54 88.85
N LEU M 99 -11.00 -2.66 88.49
CA LEU M 99 -9.94 -3.08 89.42
C LEU M 99 -9.71 -2.03 90.51
N THR M 100 -9.77 -0.76 90.12
CA THR M 100 -9.55 0.37 91.03
C THR M 100 -10.72 0.59 91.99
N ILE M 101 -11.93 0.32 91.53
CA ILE M 101 -13.14 0.45 92.36
C ILE M 101 -13.17 -0.61 93.47
N GLU M 102 -12.57 -1.77 93.20
CA GLU M 102 -12.45 -2.84 94.19
C GLU M 102 -11.45 -2.53 95.31
N LYS M 103 -10.29 -2.02 94.93
CA LYS M 103 -9.22 -1.69 95.89
C LYS M 103 -9.62 -0.53 96.81
N ALA M 104 -10.11 0.55 96.20
CA ALA M 104 -10.62 1.70 96.95
C ALA M 104 -12.01 1.41 97.53
N LYS M 105 -12.15 0.20 98.07
CA LYS M 105 -13.42 -0.29 98.63
C LYS M 105 -13.15 -1.42 99.62
N LEU M 106 -12.22 -2.31 99.26
CA LEU M 106 -11.83 -3.43 100.12
C LEU M 106 -11.14 -2.97 101.40
N GLU M 107 -10.56 -1.77 101.36
CA GLU M 107 -9.90 -1.17 102.53
C GLU M 107 -10.89 -0.78 103.63
N GLU M 108 -12.14 -0.52 103.23
CA GLU M 108 -13.21 -0.18 104.17
C GLU M 108 -13.69 -1.38 104.98
N GLU M 109 -13.30 -2.58 104.55
CA GLU M 109 -13.59 -3.82 105.28
C GLU M 109 -12.67 -4.00 106.49
N LYS M 110 -11.53 -3.29 106.47
CA LYS M 110 -10.61 -3.23 107.60
C LYS M 110 -11.16 -2.36 108.72
N GLN M 111 -11.99 -1.37 108.36
CA GLN M 111 -12.59 -0.45 109.32
C GLN M 111 -13.81 -1.06 110.02
N ILE M 112 -14.28 -2.18 109.52
CA ILE M 112 -15.43 -2.89 110.08
C ILE M 112 -15.11 -3.50 111.44
N SER M 113 -13.97 -4.16 111.55
CA SER M 113 -13.55 -4.82 112.80
C SER M 113 -12.11 -4.50 113.17
N ASP M 114 -11.25 -4.26 112.32
N ARG N 7 -2.77 16.33 -46.70
CA ARG N 7 -3.46 15.02 -46.90
C ARG N 7 -2.47 13.86 -46.83
N LEU N 8 -1.48 13.87 -47.73
CA LEU N 8 -0.50 12.79 -47.85
C LEU N 8 0.11 12.38 -46.51
N GLU N 9 0.35 13.38 -45.66
CA GLU N 9 0.97 13.17 -44.35
C GLU N 9 -0.03 13.25 -43.20
N LYS N 10 -0.80 14.34 -43.17
CA LYS N 10 -1.60 14.73 -42.00
C LYS N 10 -2.51 13.65 -41.37
N GLU N 11 -2.79 12.57 -42.09
CA GLU N 11 -3.62 11.49 -41.57
C GLU N 11 -2.92 10.70 -40.45
N LEU N 12 -1.88 9.95 -40.82
CA LEU N 12 -1.10 9.15 -39.87
C LEU N 12 -0.53 10.05 -38.77
N GLU N 13 -0.29 11.30 -39.14
CA GLU N 13 0.17 12.33 -38.22
C GLU N 13 -0.71 12.43 -36.98
N GLU N 14 -1.98 12.77 -37.17
CA GLU N 14 -2.86 13.09 -36.06
C GLU N 14 -3.30 11.86 -35.27
N LYS N 15 -3.16 10.67 -35.87
CA LYS N 15 -3.41 9.41 -35.16
C LYS N 15 -2.33 9.16 -34.10
N LYS N 16 -1.18 9.80 -34.27
CA LYS N 16 -0.07 9.68 -33.34
C LYS N 16 -0.32 10.40 -32.01
N GLU N 17 -1.18 11.42 -32.02
CA GLU N 17 -1.65 12.04 -30.78
C GLU N 17 -2.44 10.98 -30.03
N ALA N 18 -1.68 10.08 -29.42
CA ALA N 18 -2.20 8.79 -28.97
C ALA N 18 -2.64 8.71 -27.50
N LEU N 19 -1.77 8.75 -26.49
CA LEU N 19 -0.43 9.34 -26.34
C LEU N 19 -0.68 10.17 -25.10
N GLU N 20 -1.55 11.16 -25.26
CA GLU N 20 -2.20 11.81 -24.15
C GLU N 20 -3.03 10.73 -23.48
N LEU N 21 -3.42 9.75 -24.30
CA LEU N 21 -4.03 8.52 -23.80
C LEU N 21 -3.11 7.87 -22.80
N ALA N 22 -1.84 7.77 -23.20
CA ALA N 22 -0.80 7.18 -22.37
C ALA N 22 -0.44 8.07 -21.18
N ILE N 23 -0.33 9.39 -21.41
CA ILE N 23 -0.05 10.32 -20.30
C ILE N 23 -1.15 10.17 -19.26
N ASP N 24 -2.39 10.14 -19.74
CA ASP N 24 -3.56 9.90 -18.88
C ASP N 24 -3.50 8.51 -18.29
N GLN N 25 -2.92 7.57 -19.06
CA GLN N 25 -2.75 6.22 -18.58
C GLN N 25 -1.68 6.18 -17.50
N ALA N 26 -0.60 6.91 -17.73
CA ALA N 26 0.41 7.12 -16.71
C ALA N 26 -0.25 7.70 -15.48
N SER N 27 -1.04 8.75 -15.71
CA SER N 27 -1.75 9.48 -14.67
C SER N 27 -2.61 8.54 -13.86
N ARG N 28 -3.51 7.82 -14.53
CA ARG N 28 -4.36 6.84 -13.86
C ARG N 28 -3.50 5.94 -12.97
N ASP N 29 -2.31 5.61 -13.48
CA ASP N 29 -1.44 4.64 -12.79
C ASP N 29 -0.67 5.29 -11.66
N TYR N 30 -0.14 6.48 -11.91
CA TYR N 30 0.46 7.31 -10.87
C TYR N 30 -0.48 7.37 -9.66
N HIS N 31 -1.70 7.84 -9.89
CA HIS N 31 -2.71 8.05 -8.85
C HIS N 31 -3.02 6.75 -8.11
N ARG N 32 -3.08 5.65 -8.87
CA ARG N 32 -3.27 4.32 -8.30
C ARG N 32 -2.08 3.90 -7.43
N ALA N 33 -0.91 4.43 -7.79
CA ALA N 33 0.29 4.19 -7.03
C ALA N 33 0.31 5.00 -5.74
N THR N 34 0.25 6.33 -5.87
CA THR N 34 0.33 7.22 -4.71
C THR N 34 -0.73 6.90 -3.67
N ALA N 35 -1.97 6.77 -4.11
CA ALA N 35 -3.07 6.38 -3.23
C ALA N 35 -2.69 5.15 -2.40
N LEU N 36 -1.88 4.28 -3.01
CA LEU N 36 -1.41 3.07 -2.34
C LEU N 36 -0.33 3.34 -1.31
N GLU N 37 0.60 4.23 -1.65
CA GLU N 37 1.66 4.62 -0.72
C GLU N 37 1.09 5.20 0.58
N LYS N 38 0.16 6.15 0.43
CA LYS N 38 -0.52 6.75 1.57
C LYS N 38 -1.10 5.66 2.45
N GLU N 39 -1.94 4.82 1.86
CA GLU N 39 -2.57 3.71 2.59
C GLU N 39 -1.53 2.90 3.34
N LEU N 40 -0.41 2.63 2.67
CA LEU N 40 0.65 1.80 3.23
C LEU N 40 1.17 2.34 4.55
N GLU N 41 1.77 3.54 4.49
CA GLU N 41 2.42 4.13 5.65
C GLU N 41 1.48 4.26 6.84
N GLU N 42 0.23 4.62 6.55
CA GLU N 42 -0.81 4.66 7.58
C GLU N 42 -0.88 3.31 8.30
N LYS N 43 -0.94 2.24 7.51
CA LYS N 43 -1.07 0.90 8.05
C LYS N 43 0.15 0.50 8.89
N LYS N 44 1.34 0.83 8.38
CA LYS N 44 2.58 0.59 9.12
C LYS N 44 2.49 1.20 10.52
N LYS N 45 2.12 2.48 10.59
CA LYS N 45 2.04 3.20 11.85
C LYS N 45 1.01 2.55 12.76
N ALA N 46 -0.15 2.26 12.17
CA ALA N 46 -1.23 1.58 12.86
C ALA N 46 -0.75 0.25 13.42
N LEU N 47 -0.05 -0.51 12.57
CA LEU N 47 0.53 -1.79 12.95
C LEU N 47 1.35 -1.61 14.22
N GLU N 48 2.33 -0.72 14.14
CA GLU N 48 3.23 -0.42 15.24
C GLU N 48 2.40 -0.04 16.44
N LEU N 49 1.46 0.87 16.22
CA LEU N 49 0.50 1.27 17.24
C LEU N 49 -0.09 0.05 17.91
N ALA N 50 -0.51 -0.91 17.07
CA ALA N 50 -1.16 -2.13 17.50
C ALA N 50 -0.29 -2.96 18.44
N ILE N 51 0.93 -3.24 17.99
CA ILE N 51 1.84 -4.05 18.78
C ILE N 51 2.13 -3.35 20.10
N ASP N 52 2.47 -2.06 20.02
CA ASP N 52 2.71 -1.24 21.21
C ASP N 52 1.66 -1.57 22.25
N GLN N 53 0.43 -1.70 21.78
CA GLN N 53 -0.70 -2.01 22.64
C GLN N 53 -0.63 -3.43 23.18
N ALA N 54 -0.40 -4.39 22.30
CA ALA N 54 -0.27 -5.79 22.70
C ALA N 54 0.71 -5.92 23.88
N SER N 55 1.91 -5.38 23.65
CA SER N 55 2.99 -5.39 24.63
C SER N 55 2.60 -4.70 25.94
N GLN N 56 2.04 -3.49 25.81
CA GLN N 56 1.63 -2.72 26.97
C GLN N 56 0.72 -3.57 27.86
N ASP N 57 -0.20 -4.29 27.21
CA ASP N 57 -1.18 -5.14 27.89
C ASP N 57 -0.54 -6.41 28.43
N TYR N 58 0.30 -7.04 27.61
CA TYR N 58 1.06 -8.22 28.00
C TYR N 58 1.72 -7.96 29.34
N ASN N 59 2.53 -6.90 29.39
CA ASN N 59 3.36 -6.62 30.54
C ASN N 59 2.56 -6.28 31.79
N ARG N 60 1.58 -5.38 31.64
CA ARG N 60 0.69 -5.03 32.74
C ARG N 60 -0.03 -6.25 33.30
N ALA N 61 -0.31 -7.22 32.43
CA ALA N 61 -0.84 -8.50 32.85
C ALA N 61 0.18 -9.25 33.70
N ASN N 62 1.42 -9.33 33.21
CA ASN N 62 2.48 -10.04 33.93
C ASN N 62 2.90 -9.38 35.23
N VAL N 63 2.72 -8.07 35.30
CA VAL N 63 2.89 -7.31 36.53
C VAL N 63 1.79 -7.68 37.53
N LEU N 64 0.56 -7.78 37.03
CA LEU N 64 -0.60 -8.16 37.84
C LEU N 64 -0.49 -9.58 38.41
N GLU N 65 0.00 -10.52 37.60
CA GLU N 65 0.29 -11.89 38.05
C GLU N 65 1.02 -11.89 39.40
N LYS N 66 1.99 -10.98 39.52
CA LYS N 66 2.88 -10.92 40.67
C LYS N 66 2.31 -10.10 41.83
N GLU N 67 1.23 -9.38 41.57
CA GLU N 67 0.58 -8.60 42.62
C GLU N 67 -0.53 -9.38 43.33
N LEU N 68 -1.16 -10.31 42.60
CA LEU N 68 -2.20 -11.18 43.17
C LEU N 68 -1.62 -12.18 44.17
N GLU N 69 -0.35 -12.54 43.96
CA GLU N 69 0.37 -13.41 44.88
C GLU N 69 0.86 -12.66 46.11
N ALA N 70 0.95 -11.33 45.98
CA ALA N 70 1.44 -10.45 47.07
C ALA N 70 0.35 -10.13 48.10
N ILE N 71 -0.89 -10.02 47.64
CA ILE N 71 -2.03 -9.73 48.51
C ILE N 71 -2.45 -10.97 49.32
N THR N 72 -2.26 -12.15 48.73
CA THR N 72 -2.68 -13.41 49.34
C THR N 72 -1.78 -13.91 50.49
N ARG N 73 -0.84 -13.07 50.91
CA ARG N 73 -0.08 -13.32 52.13
C ARG N 73 -0.63 -12.47 53.28
N GLU N 74 -1.47 -11.50 52.92
CA GLU N 74 -2.21 -10.69 53.90
C GLU N 74 -3.54 -11.37 54.24
N GLN N 75 -3.97 -12.28 53.37
CA GLN N 75 -5.13 -13.14 53.62
C GLN N 75 -4.80 -14.15 54.72
N GLU N 76 -3.51 -14.34 54.94
CA GLU N 76 -2.99 -15.13 56.07
C GLU N 76 -3.40 -14.46 57.38
N ILE N 77 -3.25 -13.13 57.41
CA ILE N 77 -3.50 -12.33 58.62
C ILE N 77 -5.01 -11.98 58.79
N ASN N 78 -5.85 -12.54 57.92
CA ASN N 78 -7.30 -12.48 58.08
C ASN N 78 -7.79 -13.36 59.24
N ARG N 79 -7.20 -14.56 59.34
CA ARG N 79 -7.53 -15.51 60.39
C ARG N 79 -6.91 -15.09 61.74
N ASN N 80 -6.38 -13.87 61.77
CA ASN N 80 -5.84 -13.26 62.98
C ASN N 80 -6.85 -12.29 63.60
N LEU N 81 -7.66 -11.66 62.74
CA LEU N 81 -8.77 -10.80 63.18
C LEU N 81 -9.95 -11.62 63.69
N LEU N 82 -10.25 -12.72 63.00
CA LEU N 82 -11.19 -13.73 63.49
C LEU N 82 -10.64 -14.41 64.76
N GLY N 83 -9.32 -14.30 64.93
CA GLY N 83 -8.64 -14.76 66.14
C GLY N 83 -8.58 -13.71 67.24
N ASN N 84 -9.35 -12.64 67.06
CA ASN N 84 -9.46 -11.56 68.05
C ASN N 84 -10.88 -11.39 68.58
N ALA N 85 -11.85 -11.93 67.85
CA ALA N 85 -13.22 -12.07 68.35
C ALA N 85 -13.25 -13.10 69.48
N LYS N 86 -12.27 -14.00 69.46
CA LYS N 86 -12.02 -14.94 70.55
C LYS N 86 -11.13 -14.31 71.63
N LEU N 87 -10.46 -13.22 71.28
CA LEU N 87 -9.68 -12.43 72.25
C LEU N 87 -10.48 -11.25 72.80
N GLU N 88 -11.60 -10.95 72.14
CA GLU N 88 -12.62 -10.04 72.68
C GLU N 88 -13.37 -10.76 73.79
N LEU N 89 -13.88 -11.95 73.46
CA LEU N 89 -14.55 -12.82 74.43
C LEU N 89 -13.62 -13.25 75.57
N ASP N 90 -12.33 -13.02 75.38
CA ASP N 90 -11.32 -13.26 76.40
C ASP N 90 -11.49 -12.25 77.54
N GLN N 91 -11.79 -11.00 77.18
CA GLN N 91 -11.94 -9.93 78.16
C GLN N 91 -13.40 -9.59 78.47
N LEU N 92 -14.29 -9.82 77.50
CA LEU N 92 -15.73 -9.68 77.69
C LEU N 92 -16.22 -10.57 78.81
N SER N 93 -15.69 -11.79 78.86
CA SER N 93 -16.05 -12.77 79.89
C SER N 93 -15.34 -12.49 81.22
N SER N 94 -14.19 -11.81 81.17
CA SER N 94 -13.46 -11.41 82.39
C SER N 94 -14.05 -10.12 82.97
N GLU N 95 -14.83 -9.41 82.15
CA GLU N 95 -15.61 -8.27 82.59
C GLU N 95 -16.86 -8.76 83.35
N LYS N 96 -17.64 -9.65 82.72
CA LYS N 96 -18.78 -10.31 83.37
C LYS N 96 -18.32 -11.01 84.66
N GLU N 97 -17.02 -11.28 84.72
CA GLU N 97 -16.39 -11.99 85.84
C GLU N 97 -15.94 -11.02 86.93
N GLN N 98 -15.51 -9.82 86.51
CA GLN N 98 -15.10 -8.79 87.44
C GLN N 98 -16.35 -8.09 88.00
N LEU N 99 -17.29 -7.78 87.12
CA LEU N 99 -18.55 -7.13 87.50
C LEU N 99 -19.26 -7.84 88.64
N THR N 100 -19.46 -9.14 88.47
CA THR N 100 -20.13 -9.95 89.49
C THR N 100 -19.32 -10.08 90.79
N ILE N 101 -18.02 -9.77 90.74
CA ILE N 101 -17.18 -9.73 91.94
C ILE N 101 -17.46 -8.45 92.73
N GLU N 102 -17.65 -7.34 92.02
CA GLU N 102 -17.90 -6.04 92.65
C GLU N 102 -19.18 -6.03 93.48
N LYS N 103 -20.32 -6.30 92.85
CA LYS N 103 -21.62 -6.28 93.53
C LYS N 103 -21.83 -7.44 94.51
N ALA N 104 -20.87 -8.37 94.55
CA ALA N 104 -20.82 -9.39 95.59
C ALA N 104 -20.19 -8.79 96.84
N LYS N 105 -19.30 -7.82 96.63
CA LYS N 105 -18.71 -7.04 97.72
C LYS N 105 -19.68 -5.97 98.22
N LEU N 106 -20.45 -5.38 97.29
CA LEU N 106 -21.48 -4.39 97.64
C LEU N 106 -22.53 -4.93 98.62
N GLU N 107 -22.99 -6.16 98.37
CA GLU N 107 -23.97 -6.82 99.23
C GLU N 107 -23.56 -6.83 100.71
N GLU N 108 -22.25 -6.70 100.96
CA GLU N 108 -21.70 -6.84 102.32
C GLU N 108 -21.57 -5.52 103.10
N GLU N 109 -21.25 -4.44 102.40
CA GLU N 109 -21.13 -3.12 103.03
C GLU N 109 -22.48 -2.54 103.42
N LYS N 110 -23.52 -2.91 102.66
CA LYS N 110 -24.89 -2.46 102.92
C LYS N 110 -25.53 -3.14 104.14
N GLN N 111 -24.86 -4.17 104.65
CA GLN N 111 -25.38 -4.97 105.77
C GLN N 111 -24.57 -4.82 107.06
N ILE N 112 -23.62 -3.89 107.06
CA ILE N 112 -22.84 -3.56 108.26
C ILE N 112 -23.26 -2.19 108.82
N SER N 113 -23.95 -1.41 107.98
CA SER N 113 -24.50 -0.12 108.39
C SER N 113 -25.60 -0.28 109.43
N ASP N 114 -26.55 -1.05 109.25
#